data_2KTV
#
_entry.id   2KTV
#
_cell.length_a   1.000
_cell.length_b   1.000
_cell.length_c   1.000
_cell.angle_alpha   90.00
_cell.angle_beta   90.00
_cell.angle_gamma   90.00
#
_symmetry.space_group_name_H-M   'P 1'
#
_entity_poly.entity_id   1
_entity_poly.type   'polypeptide(L)'
_entity_poly.pdbx_seq_one_letter_code
;SNVKFIQEKKLIGRYFDEISQDTGKYCFGVEDTLKALEMGAVEILIVYENLDIMRYVLHCQGTEEEKILYLTPEQEKDKS
HFTDKETGQEHELIESMPLLEWFANNYKKFGATLEIVTDKSQEGSQFVKGFGGIGGILRYRVDFQGMEYQGGDDEFFDLD
DYLEHHHHHH
;
_entity_poly.pdbx_strand_id   A
#
# COMPACT_ATOMS: atom_id res chain seq x y z
N ASN A 2 8.29 -11.13 23.48
CA ASN A 2 7.40 -10.31 22.62
C ASN A 2 7.09 -11.02 21.30
N VAL A 3 5.82 -11.11 20.96
CA VAL A 3 5.41 -11.74 19.71
C VAL A 3 6.03 -11.03 18.51
N LYS A 4 6.31 -9.75 18.67
CA LYS A 4 6.89 -8.95 17.59
C LYS A 4 8.09 -9.66 16.95
N PHE A 5 9.01 -10.12 17.79
CA PHE A 5 10.22 -10.77 17.31
C PHE A 5 9.90 -12.01 16.46
N ILE A 6 9.02 -12.87 16.96
CA ILE A 6 8.65 -14.07 16.22
C ILE A 6 7.63 -13.80 15.12
N GLN A 7 6.74 -12.86 15.37
CA GLN A 7 5.71 -12.50 14.41
C GLN A 7 6.36 -12.02 13.12
N GLU A 8 7.35 -11.16 13.28
CA GLU A 8 8.06 -10.59 12.14
C GLU A 8 8.91 -11.64 11.44
N LYS A 9 9.32 -12.67 12.18
CA LYS A 9 10.15 -13.72 11.60
C LYS A 9 9.37 -14.59 10.61
N LYS A 10 8.30 -15.23 11.10
CA LYS A 10 7.50 -16.11 10.25
C LYS A 10 6.71 -15.36 9.18
N LEU A 11 6.15 -14.21 9.57
CA LEU A 11 5.35 -13.41 8.64
C LEU A 11 6.18 -12.81 7.52
N ILE A 12 7.14 -11.98 7.90
CA ILE A 12 8.01 -11.32 6.93
C ILE A 12 8.70 -12.33 6.03
N GLY A 13 9.17 -13.43 6.62
CA GLY A 13 9.84 -14.44 5.82
C GLY A 13 8.89 -15.10 4.85
N ARG A 14 7.67 -15.37 5.30
CA ARG A 14 6.66 -15.99 4.47
C ARG A 14 6.26 -15.09 3.31
N TYR A 15 6.56 -13.81 3.44
CA TYR A 15 6.24 -12.87 2.39
C TYR A 15 7.28 -12.94 1.28
N PHE A 16 8.53 -12.71 1.66
CA PHE A 16 9.63 -12.72 0.71
C PHE A 16 9.97 -14.12 0.22
N ASP A 17 9.57 -15.17 0.95
CA ASP A 17 9.87 -16.53 0.53
C ASP A 17 8.91 -17.02 -0.54
N GLU A 18 7.62 -16.85 -0.30
CA GLU A 18 6.62 -17.28 -1.26
C GLU A 18 6.80 -16.54 -2.57
N ILE A 19 7.10 -15.25 -2.47
CA ILE A 19 7.35 -14.44 -3.65
C ILE A 19 8.50 -15.05 -4.43
N SER A 20 9.43 -15.65 -3.70
CA SER A 20 10.58 -16.29 -4.32
C SER A 20 10.14 -17.39 -5.29
N GLN A 21 8.88 -17.80 -5.16
CA GLN A 21 8.32 -18.84 -6.01
C GLN A 21 7.53 -18.25 -7.19
N ASP A 22 7.64 -16.94 -7.38
CA ASP A 22 6.92 -16.26 -8.47
C ASP A 22 5.42 -16.54 -8.38
N THR A 23 4.92 -16.56 -7.15
CA THR A 23 3.50 -16.84 -6.90
C THR A 23 2.67 -15.56 -6.96
N GLY A 24 3.32 -14.40 -7.02
CA GLY A 24 2.60 -13.15 -7.09
C GLY A 24 1.49 -13.03 -6.06
N LYS A 25 1.62 -13.74 -4.95
CA LYS A 25 0.63 -13.70 -3.89
C LYS A 25 1.05 -12.71 -2.81
N TYR A 26 1.80 -11.69 -3.20
CA TYR A 26 2.29 -10.71 -2.24
C TYR A 26 2.54 -9.36 -2.90
N CYS A 27 2.59 -8.29 -2.09
CA CYS A 27 2.86 -6.96 -2.62
C CYS A 27 3.54 -6.10 -1.56
N PHE A 28 4.28 -5.06 -1.99
CA PHE A 28 4.97 -4.20 -1.03
C PHE A 28 4.64 -2.73 -1.26
N GLY A 29 4.77 -1.94 -0.20
CA GLY A 29 4.47 -0.53 -0.28
C GLY A 29 3.11 -0.19 0.27
N VAL A 30 2.80 1.09 0.29
CA VAL A 30 1.50 1.54 0.79
C VAL A 30 0.42 1.32 -0.26
N GLU A 31 0.57 2.00 -1.39
CA GLU A 31 -0.39 1.89 -2.49
C GLU A 31 -0.76 0.44 -2.76
N ASP A 32 0.24 -0.39 -3.06
CA ASP A 32 0.00 -1.80 -3.35
C ASP A 32 -0.64 -2.50 -2.15
N THR A 33 0.02 -2.45 -1.00
CA THR A 33 -0.49 -3.11 0.19
C THR A 33 -1.93 -2.65 0.48
N LEU A 34 -2.22 -1.39 0.18
CA LEU A 34 -3.55 -0.84 0.39
C LEU A 34 -4.52 -1.37 -0.67
N LYS A 35 -4.13 -1.24 -1.94
CA LYS A 35 -4.95 -1.70 -3.05
C LYS A 35 -5.34 -3.16 -2.88
N ALA A 36 -4.36 -3.99 -2.58
CA ALA A 36 -4.62 -5.41 -2.40
C ALA A 36 -5.60 -5.64 -1.26
N LEU A 37 -5.51 -4.81 -0.21
CA LEU A 37 -6.43 -4.91 0.91
C LEU A 37 -7.83 -4.59 0.41
N GLU A 38 -7.89 -3.62 -0.51
CA GLU A 38 -9.14 -3.21 -1.11
C GLU A 38 -9.62 -4.33 -2.03
N MET A 39 -8.67 -5.05 -2.61
CA MET A 39 -8.94 -6.17 -3.50
C MET A 39 -9.43 -7.39 -2.75
N GLY A 40 -9.25 -7.40 -1.43
CA GLY A 40 -9.66 -8.53 -0.64
C GLY A 40 -8.78 -9.74 -0.93
N ALA A 41 -7.71 -9.51 -1.70
CA ALA A 41 -6.78 -10.56 -2.07
C ALA A 41 -5.82 -10.86 -0.92
N VAL A 42 -5.56 -9.84 -0.11
CA VAL A 42 -4.64 -9.97 1.01
C VAL A 42 -5.13 -10.94 2.07
N GLU A 43 -4.26 -11.86 2.44
CA GLU A 43 -4.55 -12.84 3.47
C GLU A 43 -3.98 -12.33 4.79
N ILE A 44 -2.79 -11.74 4.70
CA ILE A 44 -2.10 -11.17 5.87
C ILE A 44 -1.41 -9.85 5.49
N LEU A 45 -1.46 -8.88 6.38
CA LEU A 45 -0.83 -7.58 6.13
C LEU A 45 0.46 -7.43 6.94
N ILE A 46 1.52 -6.96 6.28
CA ILE A 46 2.80 -6.75 6.94
C ILE A 46 3.13 -5.26 7.03
N VAL A 47 2.96 -4.69 8.21
CA VAL A 47 3.23 -3.27 8.44
C VAL A 47 4.07 -3.10 9.71
N TYR A 48 5.14 -2.31 9.68
CA TYR A 48 6.01 -2.17 10.84
C TYR A 48 5.55 -1.08 11.81
N GLU A 49 5.87 -1.31 13.08
CA GLU A 49 5.53 -0.36 14.14
C GLU A 49 6.21 0.98 13.89
N ASN A 50 7.43 0.92 13.37
CA ASN A 50 8.20 2.12 13.07
C ASN A 50 7.99 2.53 11.62
N LEU A 51 6.74 2.78 11.26
CA LEU A 51 6.39 3.19 9.91
C LEU A 51 6.40 4.70 9.78
N ASP A 52 7.24 5.21 8.89
CA ASP A 52 7.37 6.65 8.67
C ASP A 52 6.39 7.14 7.59
N ILE A 53 5.58 6.23 7.07
CA ILE A 53 4.62 6.58 6.02
C ILE A 53 3.25 6.91 6.62
N MET A 54 2.75 8.06 6.22
CA MET A 54 1.46 8.56 6.70
C MET A 54 0.50 8.87 5.54
N ARG A 55 -0.78 9.00 5.86
CA ARG A 55 -1.79 9.30 4.86
C ARG A 55 -2.34 10.71 5.01
N TYR A 56 -2.12 11.52 3.99
CA TYR A 56 -2.61 12.89 3.98
C TYR A 56 -3.53 13.11 2.79
N VAL A 57 -4.60 13.85 2.99
CA VAL A 57 -5.56 14.09 1.92
C VAL A 57 -5.46 15.50 1.37
N LEU A 58 -5.11 15.60 0.10
CA LEU A 58 -4.96 16.89 -0.57
C LEU A 58 -6.14 17.16 -1.50
N HIS A 59 -6.89 18.25 -1.26
CA HIS A 59 -8.03 18.58 -2.11
C HIS A 59 -8.08 20.08 -2.42
N CYS A 60 -8.75 20.41 -3.52
CA CYS A 60 -8.91 21.80 -3.94
C CYS A 60 -10.39 22.14 -4.05
N GLN A 61 -10.75 23.39 -3.73
CA GLN A 61 -12.14 23.82 -3.78
C GLN A 61 -12.78 23.45 -5.12
N GLY A 62 -11.99 23.53 -6.19
CA GLY A 62 -12.51 23.20 -7.50
C GLY A 62 -13.02 21.78 -7.60
N THR A 63 -12.66 20.94 -6.63
CA THR A 63 -13.10 19.55 -6.60
C THR A 63 -12.92 18.88 -7.96
N GLU A 64 -11.93 19.33 -8.72
CA GLU A 64 -11.66 18.77 -10.04
C GLU A 64 -10.36 17.95 -10.04
N GLU A 65 -9.73 17.82 -8.89
CA GLU A 65 -8.48 17.08 -8.79
C GLU A 65 -8.13 16.75 -7.34
N GLU A 66 -8.70 15.65 -6.85
CA GLU A 66 -8.44 15.22 -5.47
C GLU A 66 -7.22 14.30 -5.43
N LYS A 67 -6.35 14.53 -4.46
CA LYS A 67 -5.14 13.73 -4.32
C LYS A 67 -4.89 13.28 -2.89
N ILE A 68 -4.67 11.97 -2.72
CA ILE A 68 -4.38 11.39 -1.42
C ILE A 68 -3.27 10.35 -1.57
N LEU A 69 -2.08 10.66 -1.06
CA LEU A 69 -0.96 9.73 -1.17
C LEU A 69 -0.03 9.81 0.04
N TYR A 70 0.93 8.88 0.06
CA TYR A 70 1.91 8.79 1.14
C TYR A 70 3.07 9.75 0.92
N LEU A 71 3.62 10.26 2.01
CA LEU A 71 4.77 11.17 1.95
C LEU A 71 5.74 10.89 3.09
N THR A 72 7.02 10.82 2.76
CA THR A 72 8.06 10.61 3.76
C THR A 72 8.53 11.96 4.30
N PRO A 73 9.40 11.97 5.33
CA PRO A 73 9.89 13.23 5.91
C PRO A 73 10.33 14.24 4.86
N GLU A 74 10.96 13.77 3.80
CA GLU A 74 11.44 14.65 2.74
C GLU A 74 10.33 15.01 1.76
N GLN A 75 9.40 14.09 1.54
CA GLN A 75 8.30 14.34 0.59
C GLN A 75 7.40 15.49 1.06
N GLU A 76 6.89 15.39 2.30
CA GLU A 76 6.03 16.43 2.85
C GLU A 76 6.74 17.78 2.86
N LYS A 77 8.06 17.74 3.00
CA LYS A 77 8.86 18.96 3.04
C LYS A 77 8.90 19.63 1.67
N ASP A 78 9.05 18.82 0.63
CA ASP A 78 9.11 19.33 -0.74
C ASP A 78 7.81 20.06 -1.08
N LYS A 79 6.69 19.40 -0.83
CA LYS A 79 5.36 19.96 -1.09
C LYS A 79 5.07 20.11 -2.58
N SER A 80 6.06 19.87 -3.44
CA SER A 80 5.87 19.99 -4.88
C SER A 80 4.81 18.99 -5.37
N HIS A 81 4.85 17.78 -4.81
CA HIS A 81 3.91 16.74 -5.19
C HIS A 81 2.47 17.16 -4.92
N PHE A 82 2.25 17.92 -3.84
CA PHE A 82 0.92 18.38 -3.48
C PHE A 82 0.27 19.11 -4.66
N THR A 83 1.09 19.80 -5.45
CA THR A 83 0.60 20.54 -6.62
C THR A 83 0.82 19.74 -7.90
N ASP A 84 0.19 20.17 -8.98
CA ASP A 84 0.33 19.47 -10.27
C ASP A 84 0.42 20.46 -11.43
N LYS A 85 1.16 20.08 -12.46
CA LYS A 85 1.32 20.91 -13.65
C LYS A 85 0.07 20.85 -14.53
N GLU A 86 -0.89 20.01 -14.15
CA GLU A 86 -2.13 19.85 -14.90
C GLU A 86 -3.27 20.62 -14.24
N THR A 87 -2.94 21.31 -13.16
CA THR A 87 -3.91 22.11 -12.43
C THR A 87 -3.28 23.44 -12.04
N GLY A 88 -1.98 23.38 -11.72
CA GLY A 88 -1.27 24.59 -11.35
C GLY A 88 -1.85 25.26 -10.12
N GLN A 89 -2.58 24.48 -9.33
CA GLN A 89 -3.19 25.00 -8.11
C GLN A 89 -2.62 24.30 -6.88
N GLU A 90 -2.62 24.99 -5.75
CA GLU A 90 -2.11 24.42 -4.51
C GLU A 90 -3.22 23.68 -3.78
N HIS A 91 -3.02 22.39 -3.56
CA HIS A 91 -4.00 21.57 -2.87
C HIS A 91 -4.18 22.06 -1.44
N GLU A 92 -5.21 21.56 -0.76
CA GLU A 92 -5.49 21.96 0.60
C GLU A 92 -5.71 20.74 1.46
N LEU A 93 -4.74 20.44 2.32
CA LEU A 93 -4.83 19.28 3.18
C LEU A 93 -6.06 19.39 4.08
N ILE A 94 -6.89 18.35 4.07
CA ILE A 94 -8.09 18.32 4.89
C ILE A 94 -7.82 17.65 6.22
N GLU A 95 -7.03 16.58 6.18
CA GLU A 95 -6.70 15.84 7.39
C GLU A 95 -5.43 15.03 7.19
N SER A 96 -4.86 14.58 8.31
CA SER A 96 -3.65 13.78 8.31
C SER A 96 -3.83 12.61 9.26
N MET A 97 -3.66 11.41 8.76
CA MET A 97 -3.83 10.21 9.59
C MET A 97 -2.61 9.29 9.53
N PRO A 98 -2.11 8.88 10.72
CA PRO A 98 -0.98 7.95 10.79
C PRO A 98 -1.33 6.65 10.10
N LEU A 99 -0.78 6.44 8.91
CA LEU A 99 -1.05 5.25 8.13
C LEU A 99 -0.92 3.96 8.94
N LEU A 100 0.24 3.72 9.53
CA LEU A 100 0.44 2.52 10.33
C LEU A 100 -0.67 2.39 11.36
N GLU A 101 -0.95 3.49 12.05
CA GLU A 101 -2.01 3.52 13.04
C GLU A 101 -3.34 3.19 12.37
N TRP A 102 -3.51 3.74 11.17
CA TRP A 102 -4.72 3.52 10.39
C TRP A 102 -4.86 2.04 10.02
N PHE A 103 -3.74 1.41 9.64
CA PHE A 103 -3.76 0.01 9.25
C PHE A 103 -4.36 -0.87 10.34
N ALA A 104 -4.00 -0.60 11.59
CA ALA A 104 -4.50 -1.38 12.71
C ALA A 104 -5.89 -0.92 13.14
N ASN A 105 -6.34 0.22 12.61
CA ASN A 105 -7.63 0.76 12.97
C ASN A 105 -8.80 0.01 12.33
N ASN A 106 -8.70 -0.29 11.04
CA ASN A 106 -9.80 -0.96 10.34
C ASN A 106 -9.36 -2.16 9.49
N TYR A 107 -8.18 -2.73 9.74
CA TYR A 107 -7.71 -3.87 8.97
C TYR A 107 -8.73 -5.01 8.96
N LYS A 108 -9.67 -4.99 9.90
CA LYS A 108 -10.69 -6.02 9.97
C LYS A 108 -11.70 -5.85 8.85
N LYS A 109 -11.92 -4.59 8.46
CA LYS A 109 -12.86 -4.25 7.40
C LYS A 109 -12.38 -4.79 6.06
N PHE A 110 -11.07 -4.69 5.82
CA PHE A 110 -10.47 -5.16 4.57
C PHE A 110 -10.35 -6.68 4.56
N GLY A 111 -10.41 -7.29 5.74
CA GLY A 111 -10.29 -8.74 5.82
C GLY A 111 -8.85 -9.20 5.78
N ALA A 112 -7.93 -8.31 6.14
CA ALA A 112 -6.51 -8.62 6.15
C ALA A 112 -6.00 -8.69 7.58
N THR A 113 -4.98 -9.52 7.81
CA THR A 113 -4.40 -9.67 9.13
C THR A 113 -3.34 -8.60 9.35
N LEU A 114 -3.70 -7.57 10.10
CA LEU A 114 -2.74 -6.49 10.37
C LEU A 114 -1.74 -6.96 11.41
N GLU A 115 -0.55 -7.29 10.94
CA GLU A 115 0.52 -7.75 11.81
C GLU A 115 1.66 -6.75 11.82
N ILE A 116 2.09 -6.37 13.01
CA ILE A 116 3.19 -5.41 13.14
C ILE A 116 4.53 -6.12 13.21
N VAL A 117 5.56 -5.47 12.68
CA VAL A 117 6.90 -6.03 12.66
C VAL A 117 7.97 -4.94 12.75
N THR A 118 9.21 -5.34 13.03
CA THR A 118 10.30 -4.38 13.14
C THR A 118 11.51 -4.79 12.29
N ASP A 119 12.45 -3.87 12.14
CA ASP A 119 13.66 -4.13 11.36
C ASP A 119 14.77 -4.73 12.22
N LYS A 120 14.45 -5.04 13.47
CA LYS A 120 15.44 -5.63 14.38
C LYS A 120 15.95 -6.95 13.83
N SER A 121 15.05 -7.74 13.26
CA SER A 121 15.42 -9.03 12.69
C SER A 121 15.93 -8.87 11.26
N GLN A 122 16.69 -9.84 10.79
CA GLN A 122 17.24 -9.80 9.43
C GLN A 122 16.13 -9.72 8.40
N GLU A 123 15.05 -10.47 8.64
CA GLU A 123 13.91 -10.49 7.73
C GLU A 123 13.28 -9.11 7.61
N GLY A 124 13.20 -8.41 8.73
CA GLY A 124 12.61 -7.08 8.74
C GLY A 124 13.28 -6.14 7.76
N SER A 125 14.60 -6.20 7.70
CA SER A 125 15.37 -5.34 6.80
C SER A 125 14.95 -5.59 5.35
N GLN A 126 14.74 -6.85 5.02
CA GLN A 126 14.34 -7.24 3.67
C GLN A 126 13.10 -6.46 3.23
N PHE A 127 12.29 -6.06 4.21
CA PHE A 127 11.08 -5.29 3.94
C PHE A 127 11.36 -3.80 3.85
N VAL A 128 11.93 -3.25 4.91
CA VAL A 128 12.24 -1.83 4.97
C VAL A 128 13.25 -1.43 3.89
N LYS A 129 14.35 -2.18 3.82
CA LYS A 129 15.40 -1.90 2.84
C LYS A 129 14.97 -2.26 1.43
N GLY A 130 14.19 -3.33 1.30
CA GLY A 130 13.74 -3.77 -0.01
C GLY A 130 12.46 -3.07 -0.43
N PHE A 131 11.68 -2.63 0.54
CA PHE A 131 10.43 -1.95 0.25
C PHE A 131 10.36 -0.61 1.00
N GLY A 132 9.82 -0.61 2.22
CA GLY A 132 9.72 0.62 2.98
C GLY A 132 9.11 0.44 4.36
N GLY A 133 8.42 -0.69 4.57
CA GLY A 133 7.80 -0.95 5.87
C GLY A 133 6.31 -1.24 5.75
N ILE A 134 5.86 -1.53 4.54
CA ILE A 134 4.45 -1.84 4.28
C ILE A 134 4.36 -2.93 3.22
N GLY A 135 3.70 -4.03 3.53
CA GLY A 135 3.57 -5.11 2.56
C GLY A 135 2.21 -5.74 2.63
N GLY A 136 1.87 -6.55 1.63
CA GLY A 136 0.56 -7.18 1.63
C GLY A 136 0.59 -8.56 1.00
N ILE A 137 0.27 -9.56 1.80
CA ILE A 137 0.23 -10.95 1.35
C ILE A 137 -1.15 -11.26 0.77
N LEU A 138 -1.17 -11.88 -0.41
CA LEU A 138 -2.43 -12.25 -1.05
C LEU A 138 -2.68 -13.75 -0.94
N ARG A 139 -3.93 -14.15 -1.09
CA ARG A 139 -4.29 -15.56 -1.01
C ARG A 139 -3.84 -16.32 -2.25
N TYR A 140 -4.04 -15.71 -3.42
CA TYR A 140 -3.66 -16.33 -4.68
C TYR A 140 -3.32 -15.29 -5.73
N ARG A 141 -2.77 -15.73 -6.85
CA ARG A 141 -2.40 -14.83 -7.94
C ARG A 141 -3.59 -13.94 -8.32
N VAL A 142 -3.34 -12.64 -8.39
CA VAL A 142 -4.39 -11.69 -8.73
C VAL A 142 -3.94 -10.75 -9.85
N ASP A 143 -4.91 -10.14 -10.52
CA ASP A 143 -4.62 -9.21 -11.60
C ASP A 143 -4.21 -7.85 -11.06
N PHE A 144 -3.03 -7.38 -11.48
CA PHE A 144 -2.52 -6.10 -11.03
C PHE A 144 -2.58 -5.06 -12.15
N GLN A 145 -2.82 -3.81 -11.79
CA GLN A 145 -2.90 -2.73 -12.78
C GLN A 145 -1.88 -1.63 -12.48
N GLY A 146 -1.28 -1.11 -13.54
CA GLY A 146 -0.29 -0.06 -13.41
C GLY A 146 -0.29 0.87 -14.61
N MET A 147 0.50 0.52 -15.62
CA MET A 147 0.58 1.32 -16.84
C MET A 147 -0.68 1.13 -17.67
N GLU A 148 -0.84 1.95 -18.70
CA GLU A 148 -2.01 1.88 -19.57
C GLU A 148 -2.02 0.59 -20.39
N TYR A 149 -3.22 0.12 -20.70
CA TYR A 149 -3.40 -1.10 -21.49
C TYR A 149 -2.86 -2.33 -20.77
N GLN A 150 -3.14 -2.42 -19.47
CA GLN A 150 -2.69 -3.57 -18.68
C GLN A 150 -3.29 -4.87 -19.19
N GLY A 151 -4.61 -4.86 -19.37
CA GLY A 151 -5.30 -6.03 -19.85
C GLY A 151 -4.94 -6.36 -21.30
N GLY A 152 -3.77 -6.95 -21.48
CA GLY A 152 -3.33 -7.30 -22.82
C GLY A 152 -1.83 -7.17 -22.99
N ASP A 153 -1.33 -5.95 -22.84
CA ASP A 153 0.10 -5.71 -22.97
C ASP A 153 0.87 -6.46 -21.89
N ASP A 154 0.17 -6.87 -20.83
CA ASP A 154 0.79 -7.60 -19.74
C ASP A 154 2.00 -6.85 -19.17
N GLU A 155 1.74 -5.68 -18.61
CA GLU A 155 2.79 -4.85 -18.03
C GLU A 155 3.54 -5.60 -16.93
N PHE A 156 2.79 -6.17 -16.00
CA PHE A 156 3.37 -6.91 -14.88
C PHE A 156 3.18 -8.41 -15.05
N PHE A 157 2.50 -8.81 -16.14
CA PHE A 157 2.24 -10.21 -16.41
C PHE A 157 3.31 -10.81 -17.31
N ASP A 158 4.06 -11.77 -16.78
CA ASP A 158 5.08 -12.45 -17.55
C ASP A 158 4.43 -13.41 -18.55
N LEU A 159 3.12 -13.60 -18.38
CA LEU A 159 2.34 -14.48 -19.24
C LEU A 159 2.38 -14.05 -20.70
N ASP A 160 2.82 -12.82 -20.94
CA ASP A 160 2.90 -12.29 -22.31
C ASP A 160 3.69 -13.24 -23.20
N ASP A 161 4.76 -13.81 -22.66
CA ASP A 161 5.59 -14.73 -23.40
C ASP A 161 4.84 -16.03 -23.68
N TYR A 162 3.96 -16.41 -22.76
CA TYR A 162 3.17 -17.62 -22.92
C TYR A 162 2.31 -17.52 -24.17
N LEU A 163 1.85 -16.31 -24.47
CA LEU A 163 1.03 -16.07 -25.64
C LEU A 163 1.77 -16.45 -26.92
N GLU A 164 3.04 -16.07 -26.98
CA GLU A 164 3.87 -16.37 -28.15
C GLU A 164 3.97 -17.87 -28.38
N HIS A 165 4.09 -18.62 -27.29
CA HIS A 165 4.19 -20.07 -27.37
C HIS A 165 4.08 -20.71 -26.00
N ASN A 2 7.47 -9.00 22.21
CA ASN A 2 7.65 -10.47 22.37
C ASN A 2 7.34 -11.20 21.06
N VAL A 3 6.08 -11.14 20.64
CA VAL A 3 5.67 -11.81 19.41
C VAL A 3 6.34 -11.18 18.19
N LYS A 4 6.66 -9.89 18.28
CA LYS A 4 7.30 -9.19 17.17
C LYS A 4 8.50 -9.96 16.63
N PHE A 5 9.34 -10.45 17.52
CA PHE A 5 10.53 -11.20 17.12
C PHE A 5 10.17 -12.40 16.25
N ILE A 6 9.22 -13.21 16.72
CA ILE A 6 8.81 -14.40 15.98
C ILE A 6 7.86 -14.04 14.84
N GLN A 7 7.00 -13.06 15.07
CA GLN A 7 6.06 -12.63 14.06
C GLN A 7 6.80 -12.16 12.82
N GLU A 8 7.84 -11.37 13.05
CA GLU A 8 8.65 -10.81 11.98
C GLU A 8 9.28 -11.90 11.13
N LYS A 9 9.78 -12.93 11.80
CA LYS A 9 10.46 -14.02 11.10
C LYS A 9 9.51 -14.80 10.19
N LYS A 10 8.47 -15.40 10.76
CA LYS A 10 7.54 -16.20 9.98
C LYS A 10 6.75 -15.38 8.97
N LEU A 11 6.15 -14.28 9.42
CA LEU A 11 5.33 -13.45 8.56
C LEU A 11 6.15 -12.82 7.44
N ILE A 12 7.09 -11.96 7.81
CA ILE A 12 7.92 -11.27 6.84
C ILE A 12 8.67 -12.25 5.95
N GLY A 13 9.14 -13.35 6.53
CA GLY A 13 9.84 -14.35 5.74
C GLY A 13 8.92 -15.04 4.76
N ARG A 14 7.70 -15.33 5.21
CA ARG A 14 6.70 -15.98 4.37
C ARG A 14 6.32 -15.12 3.17
N TYR A 15 6.63 -13.85 3.27
CA TYR A 15 6.33 -12.92 2.20
C TYR A 15 7.41 -12.99 1.12
N PHE A 16 8.65 -12.80 1.54
CA PHE A 16 9.78 -12.81 0.62
C PHE A 16 10.19 -14.22 0.21
N ASP A 17 9.74 -15.24 0.95
CA ASP A 17 10.09 -16.62 0.61
C ASP A 17 9.23 -17.14 -0.53
N GLU A 18 7.92 -16.94 -0.41
CA GLU A 18 7.00 -17.39 -1.44
C GLU A 18 7.33 -16.72 -2.76
N ILE A 19 7.71 -15.45 -2.69
CA ILE A 19 8.10 -14.71 -3.88
C ILE A 19 9.26 -15.43 -4.56
N SER A 20 10.09 -16.07 -3.73
CA SER A 20 11.23 -16.82 -4.21
C SER A 20 10.79 -17.91 -5.18
N GLN A 21 9.54 -18.33 -5.03
CA GLN A 21 8.95 -19.36 -5.86
C GLN A 21 8.21 -18.79 -7.07
N ASP A 22 8.23 -17.46 -7.20
CA ASP A 22 7.55 -16.80 -8.31
C ASP A 22 6.06 -17.12 -8.28
N THR A 23 5.55 -17.35 -7.07
CA THR A 23 4.14 -17.67 -6.89
C THR A 23 3.32 -16.43 -6.55
N GLY A 24 4.00 -15.29 -6.41
CA GLY A 24 3.30 -14.06 -6.08
C GLY A 24 2.55 -14.17 -4.77
N LYS A 25 1.35 -13.63 -4.72
CA LYS A 25 0.53 -13.67 -3.51
C LYS A 25 1.08 -12.73 -2.45
N TYR A 26 1.79 -11.68 -2.89
CA TYR A 26 2.37 -10.72 -1.96
C TYR A 26 2.59 -9.37 -2.63
N CYS A 27 2.52 -8.29 -1.85
CA CYS A 27 2.74 -6.94 -2.41
C CYS A 27 3.45 -6.07 -1.39
N PHE A 28 4.20 -5.06 -1.85
CA PHE A 28 4.93 -4.18 -0.94
C PHE A 28 4.62 -2.71 -1.20
N GLY A 29 4.74 -1.91 -0.16
CA GLY A 29 4.48 -0.49 -0.28
C GLY A 29 3.09 -0.11 0.19
N VAL A 30 2.84 1.17 0.30
CA VAL A 30 1.53 1.65 0.73
C VAL A 30 0.50 1.40 -0.35
N GLU A 31 0.73 2.01 -1.51
CA GLU A 31 -0.18 1.87 -2.65
C GLU A 31 -0.56 0.41 -2.89
N ASP A 32 0.42 -0.44 -3.15
CA ASP A 32 0.17 -1.85 -3.41
C ASP A 32 -0.49 -2.53 -2.21
N THR A 33 0.18 -2.48 -1.06
CA THR A 33 -0.34 -3.11 0.14
C THR A 33 -1.79 -2.68 0.39
N LEU A 34 -2.13 -1.47 -0.03
CA LEU A 34 -3.48 -0.97 0.15
C LEU A 34 -4.40 -1.48 -0.96
N LYS A 35 -3.94 -1.38 -2.21
CA LYS A 35 -4.72 -1.80 -3.35
C LYS A 35 -5.18 -3.25 -3.20
N ALA A 36 -4.24 -4.13 -2.86
CA ALA A 36 -4.59 -5.54 -2.70
C ALA A 36 -5.50 -5.75 -1.50
N LEU A 37 -5.40 -4.85 -0.51
CA LEU A 37 -6.25 -4.93 0.66
C LEU A 37 -7.68 -4.60 0.27
N GLU A 38 -7.80 -3.62 -0.62
CA GLU A 38 -9.10 -3.21 -1.13
C GLU A 38 -9.66 -4.31 -2.03
N MET A 39 -8.74 -5.09 -2.61
CA MET A 39 -9.10 -6.18 -3.50
C MET A 39 -9.55 -7.42 -2.72
N GLY A 40 -9.32 -7.42 -1.41
CA GLY A 40 -9.68 -8.57 -0.61
C GLY A 40 -8.76 -9.75 -0.88
N ALA A 41 -7.80 -9.53 -1.78
CA ALA A 41 -6.83 -10.55 -2.14
C ALA A 41 -5.87 -10.81 -0.99
N VAL A 42 -5.77 -9.84 -0.09
CA VAL A 42 -4.86 -9.94 1.05
C VAL A 42 -5.37 -10.87 2.14
N GLU A 43 -4.50 -11.75 2.59
CA GLU A 43 -4.84 -12.68 3.66
C GLU A 43 -4.23 -12.19 4.97
N ILE A 44 -3.02 -11.63 4.87
CA ILE A 44 -2.32 -11.10 6.04
C ILE A 44 -1.58 -9.80 5.69
N LEU A 45 -1.87 -8.73 6.42
CA LEU A 45 -1.20 -7.46 6.18
C LEU A 45 0.04 -7.33 7.05
N ILE A 46 1.09 -6.75 6.49
CA ILE A 46 2.35 -6.59 7.22
C ILE A 46 2.78 -5.12 7.20
N VAL A 47 2.69 -4.49 8.36
CA VAL A 47 3.06 -3.09 8.52
C VAL A 47 3.90 -2.92 9.78
N TYR A 48 4.98 -2.13 9.73
CA TYR A 48 5.85 -1.98 10.89
C TYR A 48 5.41 -0.90 11.86
N GLU A 49 5.75 -1.12 13.13
CA GLU A 49 5.42 -0.17 14.19
C GLU A 49 6.19 1.13 14.01
N ASN A 50 7.37 1.03 13.39
CA ASN A 50 8.22 2.20 13.16
C ASN A 50 7.89 2.87 11.83
N LEU A 51 6.91 2.33 11.11
CA LEU A 51 6.51 2.87 9.81
C LEU A 51 6.42 4.40 9.86
N ASP A 52 7.17 5.05 8.98
CA ASP A 52 7.18 6.51 8.92
C ASP A 52 6.29 7.04 7.81
N ILE A 53 5.50 6.16 7.20
CA ILE A 53 4.61 6.56 6.12
C ILE A 53 3.23 6.91 6.65
N MET A 54 2.75 8.07 6.23
CA MET A 54 1.46 8.58 6.66
C MET A 54 0.56 8.95 5.48
N ARG A 55 -0.73 9.13 5.77
CA ARG A 55 -1.69 9.46 4.73
C ARG A 55 -2.13 10.92 4.85
N TYR A 56 -1.69 11.72 3.88
CA TYR A 56 -2.03 13.13 3.84
C TYR A 56 -2.79 13.44 2.55
N VAL A 57 -3.82 14.26 2.65
CA VAL A 57 -4.61 14.61 1.46
C VAL A 57 -4.39 16.06 1.04
N LEU A 58 -3.81 16.23 -0.13
CA LEU A 58 -3.54 17.56 -0.68
C LEU A 58 -4.59 17.90 -1.74
N HIS A 59 -5.26 19.06 -1.59
CA HIS A 59 -6.27 19.45 -2.57
C HIS A 59 -6.02 20.86 -3.11
N CYS A 60 -6.40 21.08 -4.36
CA CYS A 60 -6.24 22.37 -5.00
C CYS A 60 -7.60 23.01 -5.26
N GLN A 61 -7.75 24.27 -4.84
CA GLN A 61 -9.01 24.99 -5.02
C GLN A 61 -9.57 24.80 -6.43
N GLY A 62 -10.82 24.38 -6.50
CA GLY A 62 -11.46 24.15 -7.79
C GLY A 62 -11.67 22.68 -8.09
N THR A 63 -11.07 21.82 -7.27
CA THR A 63 -11.20 20.37 -7.46
C THR A 63 -10.79 19.96 -8.87
N GLU A 64 -9.99 20.80 -9.53
CA GLU A 64 -9.54 20.52 -10.88
C GLU A 64 -8.54 19.36 -10.90
N GLU A 65 -7.70 19.31 -9.87
CA GLU A 65 -6.69 18.25 -9.78
C GLU A 65 -6.30 18.03 -8.33
N GLU A 66 -6.79 16.94 -7.75
CA GLU A 66 -6.49 16.62 -6.36
C GLU A 66 -5.39 15.56 -6.28
N LYS A 67 -4.46 15.76 -5.36
CA LYS A 67 -3.35 14.84 -5.18
C LYS A 67 -3.30 14.29 -3.76
N ILE A 68 -3.35 12.97 -3.65
CA ILE A 68 -3.27 12.31 -2.35
C ILE A 68 -2.22 11.20 -2.40
N LEU A 69 -1.08 11.40 -1.74
CA LEU A 69 -0.03 10.40 -1.76
C LEU A 69 0.73 10.32 -0.45
N TYR A 70 1.61 9.32 -0.36
CA TYR A 70 2.43 9.09 0.82
C TYR A 70 3.74 9.89 0.77
N LEU A 71 4.14 10.41 1.92
CA LEU A 71 5.38 11.18 2.00
C LEU A 71 6.18 10.78 3.24
N THR A 72 7.47 10.54 3.03
CA THR A 72 8.38 10.19 4.11
C THR A 72 8.90 11.47 4.77
N PRO A 73 9.65 11.37 5.87
CA PRO A 73 10.18 12.55 6.56
C PRO A 73 10.76 13.59 5.61
N GLU A 74 11.45 13.13 4.57
CA GLU A 74 12.05 14.03 3.59
C GLU A 74 11.04 14.51 2.55
N GLN A 75 10.14 13.62 2.13
CA GLN A 75 9.13 13.97 1.13
C GLN A 75 8.26 15.12 1.60
N GLU A 76 7.76 15.02 2.84
CA GLU A 76 6.91 16.05 3.42
C GLU A 76 7.65 17.39 3.45
N LYS A 77 8.97 17.31 3.62
CA LYS A 77 9.80 18.51 3.65
C LYS A 77 9.79 19.19 2.29
N ASP A 78 9.84 18.37 1.24
CA ASP A 78 9.83 18.87 -0.13
C ASP A 78 8.41 19.25 -0.54
N LYS A 79 8.21 20.51 -0.91
CA LYS A 79 6.90 20.98 -1.32
C LYS A 79 6.66 20.81 -2.82
N SER A 80 7.67 20.30 -3.52
CA SER A 80 7.57 20.08 -4.96
C SER A 80 6.50 19.04 -5.27
N HIS A 81 6.45 18.00 -4.45
CA HIS A 81 5.47 16.92 -4.64
C HIS A 81 4.04 17.41 -4.46
N PHE A 82 3.82 18.29 -3.48
CA PHE A 82 2.50 18.82 -3.22
C PHE A 82 2.00 19.65 -4.41
N THR A 83 2.94 20.35 -5.06
CA THR A 83 2.60 21.19 -6.22
C THR A 83 2.89 20.44 -7.52
N ASP A 84 2.32 20.92 -8.62
CA ASP A 84 2.53 20.28 -9.93
C ASP A 84 2.68 21.32 -11.03
N LYS A 85 3.42 20.96 -12.06
CA LYS A 85 3.64 21.85 -13.20
C LYS A 85 2.40 21.88 -14.11
N GLU A 86 1.43 21.04 -13.81
CA GLU A 86 0.19 20.95 -14.59
C GLU A 86 -0.94 21.69 -13.89
N THR A 87 -0.62 22.32 -12.77
CA THR A 87 -1.58 23.10 -12.01
C THR A 87 -0.91 24.40 -11.56
N GLY A 88 0.37 24.29 -11.22
CA GLY A 88 1.12 25.46 -10.79
C GLY A 88 0.49 26.14 -9.59
N GLN A 89 -0.30 25.39 -8.84
CA GLN A 89 -0.96 25.92 -7.66
C GLN A 89 -0.52 25.18 -6.42
N GLU A 90 -0.62 25.84 -5.27
CA GLU A 90 -0.23 25.23 -4.00
C GLU A 90 -1.39 24.43 -3.43
N HIS A 91 -1.17 23.13 -3.25
CA HIS A 91 -2.21 22.27 -2.71
C HIS A 91 -2.56 22.68 -1.28
N GLU A 92 -3.61 22.08 -0.74
CA GLU A 92 -4.05 22.39 0.60
C GLU A 92 -4.41 21.11 1.34
N LEU A 93 -3.67 20.82 2.39
CA LEU A 93 -3.91 19.63 3.18
C LEU A 93 -5.26 19.72 3.88
N ILE A 94 -6.04 18.66 3.77
CA ILE A 94 -7.36 18.62 4.39
C ILE A 94 -7.31 17.83 5.70
N GLU A 95 -6.62 16.71 5.68
CA GLU A 95 -6.49 15.86 6.85
C GLU A 95 -5.19 15.06 6.78
N SER A 96 -4.72 14.64 7.94
CA SER A 96 -3.49 13.86 8.03
C SER A 96 -3.67 12.76 9.07
N MET A 97 -3.49 11.52 8.65
CA MET A 97 -3.65 10.38 9.57
C MET A 97 -2.48 9.41 9.50
N PRO A 98 -1.97 8.99 10.68
CA PRO A 98 -0.87 8.04 10.75
C PRO A 98 -1.27 6.72 10.08
N LEU A 99 -0.72 6.48 8.91
CA LEU A 99 -1.03 5.28 8.13
C LEU A 99 -0.93 4.01 8.96
N LEU A 100 0.23 3.77 9.58
CA LEU A 100 0.40 2.57 10.40
C LEU A 100 -0.73 2.47 11.42
N GLU A 101 -0.96 3.56 12.13
CA GLU A 101 -2.02 3.61 13.12
C GLU A 101 -3.35 3.33 12.45
N TRP A 102 -3.50 3.86 11.23
CA TRP A 102 -4.72 3.66 10.46
C TRP A 102 -4.86 2.20 10.06
N PHE A 103 -3.74 1.56 9.68
CA PHE A 103 -3.75 0.17 9.27
C PHE A 103 -4.33 -0.73 10.34
N ALA A 104 -3.94 -0.50 11.59
CA ALA A 104 -4.44 -1.29 12.70
C ALA A 104 -5.81 -0.81 13.16
N ASN A 105 -6.24 0.33 12.64
CA ASN A 105 -7.53 0.91 13.01
C ASN A 105 -8.71 0.14 12.42
N ASN A 106 -8.65 -0.15 11.13
CA ASN A 106 -9.76 -0.84 10.47
C ASN A 106 -9.34 -2.04 9.61
N TYR A 107 -8.15 -2.60 9.86
CA TYR A 107 -7.69 -3.75 9.07
C TYR A 107 -8.70 -4.89 9.06
N LYS A 108 -9.64 -4.87 10.01
CA LYS A 108 -10.66 -5.90 10.08
C LYS A 108 -11.69 -5.72 8.97
N LYS A 109 -11.92 -4.47 8.60
CA LYS A 109 -12.88 -4.14 7.56
C LYS A 109 -12.43 -4.66 6.20
N PHE A 110 -11.13 -4.56 5.94
CA PHE A 110 -10.57 -5.02 4.67
C PHE A 110 -10.42 -6.54 4.66
N GLY A 111 -10.43 -7.15 5.84
CA GLY A 111 -10.29 -8.59 5.94
C GLY A 111 -8.84 -9.03 5.89
N ALA A 112 -7.94 -8.11 6.23
CA ALA A 112 -6.51 -8.41 6.23
C ALA A 112 -5.99 -8.46 7.65
N THR A 113 -5.02 -9.33 7.90
CA THR A 113 -4.43 -9.47 9.23
C THR A 113 -3.33 -8.44 9.40
N LEU A 114 -3.64 -7.38 10.12
CA LEU A 114 -2.65 -6.35 10.36
C LEU A 114 -1.62 -6.84 11.36
N GLU A 115 -0.45 -7.22 10.86
CA GLU A 115 0.61 -7.71 11.72
C GLU A 115 1.75 -6.72 11.79
N ILE A 116 2.07 -6.28 13.00
CA ILE A 116 3.15 -5.31 13.18
C ILE A 116 4.50 -6.01 13.23
N VAL A 117 5.51 -5.32 12.69
CA VAL A 117 6.86 -5.86 12.64
C VAL A 117 7.92 -4.77 12.69
N THR A 118 9.16 -5.15 12.96
CA THR A 118 10.27 -4.22 13.02
C THR A 118 11.45 -4.70 12.18
N ASP A 119 12.42 -3.81 11.97
CA ASP A 119 13.59 -4.14 11.16
C ASP A 119 14.67 -4.83 11.99
N LYS A 120 14.36 -5.11 13.25
CA LYS A 120 15.32 -5.77 14.13
C LYS A 120 15.74 -7.13 13.58
N SER A 121 14.77 -7.87 13.03
CA SER A 121 15.04 -9.18 12.47
C SER A 121 15.61 -9.07 11.05
N GLN A 122 16.27 -10.14 10.60
CA GLN A 122 16.87 -10.17 9.27
C GLN A 122 15.80 -9.98 8.19
N GLU A 123 14.66 -10.63 8.39
CA GLU A 123 13.56 -10.54 7.43
C GLU A 123 13.02 -9.11 7.37
N GLY A 124 12.95 -8.46 8.53
CA GLY A 124 12.45 -7.10 8.59
C GLY A 124 13.03 -6.19 7.52
N SER A 125 14.35 -6.24 7.36
CA SER A 125 15.02 -5.40 6.36
C SER A 125 14.42 -5.63 4.98
N GLN A 126 14.10 -6.88 4.67
CA GLN A 126 13.52 -7.25 3.39
C GLN A 126 12.30 -6.38 3.10
N PHE A 127 11.55 -6.07 4.15
CA PHE A 127 10.35 -5.24 4.03
C PHE A 127 10.68 -3.75 4.09
N VAL A 128 11.26 -3.32 5.21
CA VAL A 128 11.60 -1.92 5.41
C VAL A 128 12.65 -1.43 4.42
N LYS A 129 13.78 -2.11 4.39
CA LYS A 129 14.87 -1.75 3.49
C LYS A 129 14.56 -2.14 2.06
N GLY A 130 13.81 -3.22 1.89
CA GLY A 130 13.46 -3.67 0.56
C GLY A 130 12.25 -2.96 0.02
N PHE A 131 11.39 -2.50 0.93
CA PHE A 131 10.17 -1.80 0.55
C PHE A 131 10.03 -0.48 1.31
N GLY A 132 9.38 -0.50 2.48
CA GLY A 132 9.20 0.70 3.25
C GLY A 132 8.30 0.49 4.46
N GLY A 133 8.49 -0.64 5.13
CA GLY A 133 7.71 -0.95 6.32
C GLY A 133 6.23 -1.16 6.05
N ILE A 134 5.89 -1.43 4.78
CA ILE A 134 4.51 -1.68 4.40
C ILE A 134 4.45 -2.76 3.33
N GLY A 135 3.76 -3.84 3.63
CA GLY A 135 3.64 -4.92 2.66
C GLY A 135 2.33 -5.65 2.83
N GLY A 136 2.01 -6.53 1.89
CA GLY A 136 0.78 -7.27 1.98
C GLY A 136 0.90 -8.66 1.42
N ILE A 137 0.18 -9.58 2.03
CA ILE A 137 0.16 -10.96 1.60
C ILE A 137 -1.20 -11.27 1.00
N LEU A 138 -1.22 -11.87 -0.18
CA LEU A 138 -2.49 -12.20 -0.83
C LEU A 138 -2.73 -13.71 -0.81
N ARG A 139 -3.99 -14.11 -0.96
CA ARG A 139 -4.34 -15.52 -0.93
C ARG A 139 -3.84 -16.25 -2.18
N TYR A 140 -3.97 -15.62 -3.33
CA TYR A 140 -3.54 -16.21 -4.59
C TYR A 140 -2.92 -15.17 -5.51
N ARG A 141 -2.31 -15.64 -6.60
CA ARG A 141 -1.67 -14.76 -7.56
C ARG A 141 -2.64 -13.67 -8.03
N VAL A 142 -2.20 -12.42 -7.93
CA VAL A 142 -3.02 -11.28 -8.33
C VAL A 142 -2.23 -9.98 -8.19
N ASP A 143 -1.38 -9.69 -9.16
CA ASP A 143 -0.59 -8.48 -9.16
C ASP A 143 -1.45 -7.28 -9.50
N PHE A 144 -2.34 -7.47 -10.47
CA PHE A 144 -3.24 -6.42 -10.92
C PHE A 144 -4.28 -6.96 -11.89
N GLN A 145 -4.67 -8.21 -11.70
CA GLN A 145 -5.65 -8.85 -12.57
C GLN A 145 -7.04 -8.25 -12.35
N GLY A 146 -7.76 -8.03 -13.44
CA GLY A 146 -9.10 -7.46 -13.35
C GLY A 146 -10.10 -8.19 -14.22
N MET A 147 -10.02 -7.95 -15.53
CA MET A 147 -10.94 -8.59 -16.47
C MET A 147 -10.17 -9.26 -17.60
N GLU A 148 -10.75 -10.29 -18.20
CA GLU A 148 -10.11 -11.01 -19.29
C GLU A 148 -9.82 -10.07 -20.46
N TYR A 149 -10.78 -9.20 -20.76
CA TYR A 149 -10.63 -8.25 -21.86
C TYR A 149 -10.55 -6.82 -21.30
N GLN A 150 -9.34 -6.38 -20.98
CA GLN A 150 -9.13 -5.05 -20.44
C GLN A 150 -9.44 -3.97 -21.47
N GLY A 151 -9.04 -4.21 -22.71
CA GLY A 151 -9.28 -3.24 -23.77
C GLY A 151 -10.76 -2.92 -23.94
N GLY A 152 -11.08 -1.63 -24.02
CA GLY A 152 -12.46 -1.23 -24.19
C GLY A 152 -13.16 -1.00 -22.86
N ASP A 153 -12.99 -1.95 -21.94
CA ASP A 153 -13.60 -1.85 -20.62
C ASP A 153 -12.95 -0.74 -19.78
N ASP A 154 -11.90 -0.12 -20.34
CA ASP A 154 -11.19 0.94 -19.65
C ASP A 154 -10.55 0.44 -18.37
N GLU A 155 -10.17 -0.84 -18.35
CA GLU A 155 -9.52 -1.43 -17.19
C GLU A 155 -8.24 -0.69 -16.86
N PHE A 156 -7.41 -0.48 -17.87
CA PHE A 156 -6.16 0.25 -17.70
C PHE A 156 -6.45 1.72 -17.45
N PHE A 157 -7.55 2.20 -18.01
CA PHE A 157 -7.96 3.58 -17.86
C PHE A 157 -8.66 3.78 -16.52
N ASP A 158 -8.02 4.52 -15.62
CA ASP A 158 -8.58 4.81 -14.32
C ASP A 158 -9.86 5.63 -14.47
N LEU A 159 -10.05 6.20 -15.66
CA LEU A 159 -11.21 7.02 -15.97
C LEU A 159 -12.51 6.26 -15.70
N ASP A 160 -12.43 4.93 -15.65
CA ASP A 160 -13.62 4.12 -15.39
C ASP A 160 -14.23 4.48 -14.05
N ASP A 161 -13.37 4.70 -13.06
CA ASP A 161 -13.83 5.08 -11.72
C ASP A 161 -14.14 6.57 -11.66
N TYR A 162 -13.57 7.33 -12.60
CA TYR A 162 -13.78 8.77 -12.66
C TYR A 162 -15.27 9.08 -12.84
N LEU A 163 -15.94 8.26 -13.62
CA LEU A 163 -17.37 8.44 -13.87
C LEU A 163 -18.16 8.35 -12.58
N GLU A 164 -17.89 7.33 -11.78
CA GLU A 164 -18.59 7.13 -10.52
C GLU A 164 -18.36 8.32 -9.58
N HIS A 165 -17.14 8.83 -9.57
CA HIS A 165 -16.79 9.96 -8.73
C HIS A 165 -16.33 11.15 -9.57
N ASN A 2 5.33 -9.64 23.42
CA ASN A 2 6.50 -9.45 22.51
C ASN A 2 6.43 -10.38 21.31
N VAL A 3 5.21 -10.62 20.82
CA VAL A 3 5.02 -11.50 19.66
C VAL A 3 5.63 -10.89 18.40
N LYS A 4 5.65 -9.57 18.34
CA LYS A 4 6.20 -8.87 17.19
C LYS A 4 7.58 -9.41 16.78
N PHE A 5 8.43 -9.65 17.77
CA PHE A 5 9.78 -10.15 17.50
C PHE A 5 9.74 -11.44 16.70
N ILE A 6 8.92 -12.39 17.15
CA ILE A 6 8.80 -13.68 16.47
C ILE A 6 7.83 -13.58 15.29
N GLN A 7 6.85 -12.70 15.43
CA GLN A 7 5.84 -12.50 14.40
C GLN A 7 6.51 -12.04 13.11
N GLU A 8 7.49 -11.16 13.26
CA GLU A 8 8.21 -10.62 12.11
C GLU A 8 9.10 -11.66 11.46
N LYS A 9 9.49 -12.67 12.22
CA LYS A 9 10.35 -13.73 11.69
C LYS A 9 9.60 -14.60 10.67
N LYS A 10 8.53 -15.23 11.11
CA LYS A 10 7.75 -16.12 10.24
C LYS A 10 6.95 -15.35 9.17
N LEU A 11 6.31 -14.26 9.58
CA LEU A 11 5.49 -13.47 8.66
C LEU A 11 6.33 -12.84 7.56
N ILE A 12 7.24 -11.98 7.93
CA ILE A 12 8.09 -11.27 6.97
C ILE A 12 8.81 -12.24 6.04
N GLY A 13 9.31 -13.34 6.60
CA GLY A 13 9.98 -14.32 5.79
C GLY A 13 9.02 -15.00 4.83
N ARG A 14 7.82 -15.28 5.32
CA ARG A 14 6.79 -15.93 4.52
C ARG A 14 6.34 -15.04 3.37
N TYR A 15 6.54 -13.75 3.51
CA TYR A 15 6.15 -12.82 2.47
C TYR A 15 7.21 -12.81 1.37
N PHE A 16 8.44 -12.50 1.76
CA PHE A 16 9.54 -12.44 0.83
C PHE A 16 9.90 -13.81 0.28
N ASP A 17 9.60 -14.88 1.02
CA ASP A 17 9.90 -16.23 0.56
C ASP A 17 8.88 -16.68 -0.46
N GLU A 18 7.61 -16.48 -0.15
CA GLU A 18 6.54 -16.87 -1.06
C GLU A 18 6.69 -16.13 -2.38
N ILE A 19 7.05 -14.85 -2.29
CA ILE A 19 7.24 -14.03 -3.49
C ILE A 19 8.40 -14.59 -4.31
N SER A 20 9.40 -15.12 -3.61
CA SER A 20 10.56 -15.70 -4.25
C SER A 20 10.16 -16.86 -5.18
N GLN A 21 8.91 -17.32 -5.02
CA GLN A 21 8.39 -18.42 -5.82
C GLN A 21 7.69 -17.91 -7.08
N ASP A 22 7.75 -16.60 -7.32
CA ASP A 22 7.11 -16.01 -8.50
C ASP A 22 5.61 -16.27 -8.48
N THR A 23 5.05 -16.36 -7.27
CA THR A 23 3.64 -16.63 -7.10
C THR A 23 2.80 -15.37 -7.30
N GLY A 24 3.42 -14.20 -7.18
CA GLY A 24 2.69 -12.96 -7.37
C GLY A 24 1.44 -12.88 -6.50
N LYS A 25 1.53 -13.35 -5.26
CA LYS A 25 0.41 -13.34 -4.34
C LYS A 25 0.67 -12.42 -3.15
N TYR A 26 1.62 -11.50 -3.31
CA TYR A 26 2.00 -10.56 -2.24
C TYR A 26 2.52 -9.27 -2.84
N CYS A 27 2.45 -8.15 -2.11
CA CYS A 27 2.93 -6.89 -2.67
C CYS A 27 3.64 -6.05 -1.61
N PHE A 28 4.45 -5.08 -2.05
CA PHE A 28 5.18 -4.22 -1.12
C PHE A 28 4.85 -2.75 -1.37
N GLY A 29 4.85 -1.96 -0.31
CA GLY A 29 4.56 -0.55 -0.43
C GLY A 29 3.19 -0.20 0.11
N VAL A 30 2.92 1.08 0.25
CA VAL A 30 1.62 1.53 0.76
C VAL A 30 0.54 1.36 -0.30
N GLU A 31 0.70 2.05 -1.42
CA GLU A 31 -0.28 1.98 -2.50
C GLU A 31 -0.67 0.53 -2.82
N ASP A 32 0.32 -0.29 -3.18
CA ASP A 32 0.07 -1.69 -3.52
C ASP A 32 -0.52 -2.47 -2.35
N THR A 33 0.23 -2.52 -1.24
CA THR A 33 -0.23 -3.25 -0.06
C THR A 33 -1.65 -2.85 0.32
N LEU A 34 -2.03 -1.61 0.03
CA LEU A 34 -3.37 -1.12 0.34
C LEU A 34 -4.37 -1.61 -0.70
N LYS A 35 -4.02 -1.45 -1.98
CA LYS A 35 -4.89 -1.86 -3.08
C LYS A 35 -5.34 -3.30 -2.90
N ALA A 36 -4.40 -4.19 -2.62
CA ALA A 36 -4.73 -5.60 -2.42
C ALA A 36 -5.63 -5.77 -1.21
N LEU A 37 -5.51 -4.88 -0.23
CA LEU A 37 -6.37 -4.94 0.95
C LEU A 37 -7.77 -4.55 0.53
N GLU A 38 -7.85 -3.59 -0.37
CA GLU A 38 -9.11 -3.13 -0.91
C GLU A 38 -9.70 -4.22 -1.80
N MET A 39 -8.81 -5.03 -2.36
CA MET A 39 -9.19 -6.13 -3.24
C MET A 39 -9.66 -7.34 -2.45
N GLY A 40 -9.46 -7.31 -1.13
CA GLY A 40 -9.86 -8.44 -0.32
C GLY A 40 -9.04 -9.68 -0.65
N ALA A 41 -7.99 -9.48 -1.45
CA ALA A 41 -7.11 -10.55 -1.86
C ALA A 41 -6.06 -10.83 -0.80
N VAL A 42 -5.81 -9.84 0.06
CA VAL A 42 -4.81 -9.96 1.11
C VAL A 42 -5.23 -10.94 2.19
N GLU A 43 -4.35 -11.88 2.49
CA GLU A 43 -4.59 -12.85 3.54
C GLU A 43 -4.02 -12.34 4.85
N ILE A 44 -2.81 -11.80 4.78
CA ILE A 44 -2.13 -11.25 5.94
C ILE A 44 -1.39 -9.97 5.55
N LEU A 45 -1.48 -8.95 6.39
CA LEU A 45 -0.81 -7.69 6.11
C LEU A 45 0.50 -7.58 6.89
N ILE A 46 1.57 -7.16 6.20
CA ILE A 46 2.87 -6.99 6.84
C ILE A 46 3.25 -5.52 6.88
N VAL A 47 3.09 -4.91 8.04
CA VAL A 47 3.41 -3.49 8.23
C VAL A 47 4.24 -3.31 9.50
N TYR A 48 5.32 -2.52 9.46
CA TYR A 48 6.17 -2.36 10.63
C TYR A 48 5.69 -1.26 11.57
N GLU A 49 5.97 -1.45 12.85
CA GLU A 49 5.60 -0.49 13.89
C GLU A 49 6.33 0.84 13.66
N ASN A 50 7.51 0.75 13.07
CA ASN A 50 8.31 1.93 12.79
C ASN A 50 7.87 2.63 11.50
N LEU A 51 6.80 2.11 10.87
CA LEU A 51 6.30 2.68 9.63
C LEU A 51 6.23 4.20 9.71
N ASP A 52 7.02 4.85 8.89
CA ASP A 52 7.06 6.31 8.86
C ASP A 52 6.16 6.87 7.77
N ILE A 53 5.34 6.01 7.16
CA ILE A 53 4.44 6.43 6.10
C ILE A 53 3.06 6.77 6.64
N MET A 54 2.59 7.95 6.25
CA MET A 54 1.30 8.46 6.69
C MET A 54 0.37 8.76 5.52
N ARG A 55 -0.92 8.91 5.81
CA ARG A 55 -1.91 9.19 4.78
C ARG A 55 -2.36 10.64 4.82
N TYR A 56 -1.86 11.42 3.86
CA TYR A 56 -2.23 12.82 3.74
C TYR A 56 -3.07 13.00 2.49
N VAL A 57 -4.17 13.73 2.60
CA VAL A 57 -5.05 13.94 1.46
C VAL A 57 -4.97 15.37 0.92
N LEU A 58 -4.58 15.48 -0.35
CA LEU A 58 -4.45 16.78 -1.01
C LEU A 58 -5.61 17.03 -1.97
N HIS A 59 -6.36 18.09 -1.75
CA HIS A 59 -7.48 18.42 -2.63
C HIS A 59 -7.32 19.82 -3.23
N CYS A 60 -7.76 19.98 -4.47
CA CYS A 60 -7.67 21.25 -5.17
C CYS A 60 -9.05 21.79 -5.52
N GLN A 61 -9.26 23.08 -5.25
CA GLN A 61 -10.54 23.72 -5.54
C GLN A 61 -11.68 23.03 -4.80
N GLY A 62 -11.34 22.30 -3.74
CA GLY A 62 -12.36 21.61 -2.97
C GLY A 62 -12.48 20.14 -3.35
N THR A 63 -12.68 19.88 -4.64
CA THR A 63 -12.83 18.51 -5.13
C THR A 63 -12.61 18.41 -6.65
N GLU A 64 -12.01 19.44 -7.24
CA GLU A 64 -11.75 19.45 -8.68
C GLU A 64 -10.67 18.44 -9.04
N GLU A 65 -9.78 18.16 -8.09
CA GLU A 65 -8.69 17.22 -8.31
C GLU A 65 -8.18 16.71 -6.98
N GLU A 66 -8.57 15.50 -6.62
CA GLU A 66 -8.15 14.91 -5.35
C GLU A 66 -6.89 14.09 -5.51
N LYS A 67 -5.87 14.48 -4.75
CA LYS A 67 -4.58 13.80 -4.79
C LYS A 67 -4.20 13.30 -3.40
N ILE A 68 -3.92 12.01 -3.31
CA ILE A 68 -3.50 11.41 -2.05
C ILE A 68 -2.04 11.04 -2.15
N LEU A 69 -1.25 11.40 -1.15
CA LEU A 69 0.18 11.11 -1.19
C LEU A 69 0.72 10.60 0.14
N TYR A 70 1.81 9.82 0.03
CA TYR A 70 2.48 9.24 1.18
C TYR A 70 3.82 9.93 1.44
N LEU A 71 3.94 10.58 2.58
CA LEU A 71 5.17 11.27 2.93
C LEU A 71 5.67 10.90 4.31
N THR A 72 6.96 10.57 4.38
CA THR A 72 7.59 10.22 5.65
C THR A 72 7.94 11.50 6.39
N PRO A 73 8.42 11.42 7.65
CA PRO A 73 8.76 12.62 8.43
C PRO A 73 9.58 13.63 7.63
N GLU A 74 10.51 13.12 6.82
CA GLU A 74 11.34 13.98 5.99
C GLU A 74 10.57 14.51 4.77
N GLN A 75 9.85 13.62 4.10
CA GLN A 75 9.08 14.01 2.92
C GLN A 75 8.04 15.08 3.26
N GLU A 76 7.32 14.87 4.36
CA GLU A 76 6.30 15.83 4.80
C GLU A 76 6.91 17.22 4.95
N LYS A 77 8.20 17.26 5.25
CA LYS A 77 8.91 18.52 5.42
C LYS A 77 9.04 19.22 4.06
N ASP A 78 9.29 18.41 3.02
CA ASP A 78 9.43 18.93 1.66
C ASP A 78 8.06 19.11 1.02
N LYS A 79 7.74 20.33 0.63
CA LYS A 79 6.45 20.62 0.01
C LYS A 79 6.55 20.66 -1.51
N SER A 80 7.74 20.42 -2.05
CA SER A 80 7.96 20.45 -3.49
C SER A 80 7.09 19.42 -4.22
N HIS A 81 6.94 18.22 -3.63
CA HIS A 81 6.16 17.16 -4.25
C HIS A 81 4.65 17.35 -4.09
N PHE A 82 4.22 18.05 -3.04
CA PHE A 82 2.79 18.26 -2.84
C PHE A 82 2.18 19.01 -4.03
N THR A 83 2.97 19.91 -4.61
CA THR A 83 2.53 20.69 -5.76
C THR A 83 2.74 19.90 -7.06
N ASP A 84 2.07 20.33 -8.13
CA ASP A 84 2.19 19.65 -9.42
C ASP A 84 2.36 20.66 -10.56
N LYS A 85 3.14 20.26 -11.56
CA LYS A 85 3.37 21.11 -12.72
C LYS A 85 2.16 21.11 -13.65
N GLU A 86 1.16 20.31 -13.31
CA GLU A 86 -0.06 20.21 -14.11
C GLU A 86 -1.19 21.01 -13.48
N THR A 87 -0.87 21.69 -12.40
CA THR A 87 -1.83 22.52 -11.70
C THR A 87 -1.15 23.84 -11.31
N GLY A 88 0.13 23.73 -10.95
CA GLY A 88 0.90 24.90 -10.58
C GLY A 88 0.33 25.63 -9.39
N GLN A 89 -0.38 24.90 -8.53
CA GLN A 89 -0.99 25.50 -7.35
C GLN A 89 -0.72 24.65 -6.11
N GLU A 90 -0.89 25.23 -4.94
CA GLU A 90 -0.68 24.52 -3.69
C GLU A 90 -1.95 23.79 -3.29
N HIS A 91 -1.82 22.49 -3.05
CA HIS A 91 -2.97 21.68 -2.65
C HIS A 91 -3.47 22.09 -1.28
N GLU A 92 -4.66 21.63 -0.94
CA GLU A 92 -5.26 21.95 0.36
C GLU A 92 -5.47 20.67 1.14
N LEU A 93 -4.56 20.40 2.06
CA LEU A 93 -4.64 19.18 2.84
C LEU A 93 -5.94 19.13 3.62
N ILE A 94 -6.67 18.03 3.44
CA ILE A 94 -7.95 17.84 4.12
C ILE A 94 -7.76 17.21 5.50
N GLU A 95 -6.81 16.30 5.59
CA GLU A 95 -6.54 15.61 6.84
C GLU A 95 -5.24 14.80 6.75
N SER A 96 -4.74 14.41 7.91
CA SER A 96 -3.53 13.61 8.00
C SER A 96 -3.70 12.54 9.07
N MET A 97 -3.53 11.29 8.70
CA MET A 97 -3.70 10.19 9.66
C MET A 97 -2.56 9.19 9.62
N PRO A 98 -2.05 8.80 10.80
CA PRO A 98 -0.97 7.81 10.89
C PRO A 98 -1.39 6.52 10.20
N LEU A 99 -0.87 6.30 9.00
CA LEU A 99 -1.21 5.13 8.21
C LEU A 99 -1.11 3.84 9.01
N LEU A 100 0.04 3.60 9.62
CA LEU A 100 0.24 2.39 10.41
C LEU A 100 -0.85 2.29 11.47
N GLU A 101 -1.07 3.39 12.19
CA GLU A 101 -2.09 3.43 13.22
C GLU A 101 -3.45 3.15 12.60
N TRP A 102 -3.66 3.72 11.41
CA TRP A 102 -4.91 3.54 10.68
C TRP A 102 -5.07 2.10 10.22
N PHE A 103 -3.97 1.49 9.79
CA PHE A 103 -3.99 0.12 9.31
C PHE A 103 -4.55 -0.84 10.35
N ALA A 104 -4.13 -0.66 11.59
CA ALA A 104 -4.59 -1.52 12.68
C ALA A 104 -5.98 -1.10 13.14
N ASN A 105 -6.41 0.09 12.77
CA ASN A 105 -7.70 0.60 13.17
C ASN A 105 -8.87 -0.08 12.45
N ASN A 106 -8.71 -0.34 11.15
CA ASN A 106 -9.79 -0.94 10.38
C ASN A 106 -9.37 -2.17 9.55
N TYR A 107 -8.23 -2.77 9.85
CA TYR A 107 -7.78 -3.94 9.09
C TYR A 107 -8.82 -5.06 9.09
N LYS A 108 -9.77 -5.00 10.01
CA LYS A 108 -10.80 -6.01 10.11
C LYS A 108 -11.81 -5.85 8.97
N LYS A 109 -12.03 -4.60 8.57
CA LYS A 109 -12.96 -4.28 7.50
C LYS A 109 -12.46 -4.81 6.15
N PHE A 110 -11.15 -4.69 5.93
CA PHE A 110 -10.55 -5.14 4.69
C PHE A 110 -10.40 -6.66 4.65
N GLY A 111 -10.46 -7.29 5.83
CA GLY A 111 -10.33 -8.73 5.91
C GLY A 111 -8.89 -9.19 5.85
N ALA A 112 -7.97 -8.29 6.17
CA ALA A 112 -6.54 -8.59 6.16
C ALA A 112 -6.02 -8.65 7.59
N THR A 113 -5.06 -9.54 7.84
CA THR A 113 -4.49 -9.67 9.17
C THR A 113 -3.40 -8.63 9.36
N LEU A 114 -3.73 -7.57 10.08
CA LEU A 114 -2.76 -6.51 10.33
C LEU A 114 -1.74 -6.97 11.35
N GLU A 115 -0.57 -7.33 10.85
CA GLU A 115 0.51 -7.79 11.71
C GLU A 115 1.64 -6.77 11.73
N ILE A 116 2.13 -6.47 12.93
CA ILE A 116 3.20 -5.51 13.06
C ILE A 116 4.56 -6.18 13.15
N VAL A 117 5.57 -5.52 12.60
CA VAL A 117 6.93 -6.06 12.59
C VAL A 117 7.98 -4.95 12.67
N THR A 118 9.22 -5.33 12.99
CA THR A 118 10.31 -4.37 13.09
C THR A 118 11.51 -4.79 12.24
N ASP A 119 12.45 -3.88 12.06
CA ASP A 119 13.64 -4.14 11.27
C ASP A 119 14.77 -4.73 12.12
N LYS A 120 14.49 -4.98 13.39
CA LYS A 120 15.49 -5.54 14.29
C LYS A 120 15.97 -6.90 13.79
N SER A 121 15.04 -7.71 13.29
CA SER A 121 15.37 -9.04 12.78
C SER A 121 15.93 -8.95 11.36
N GLN A 122 16.62 -10.01 10.93
CA GLN A 122 17.20 -10.05 9.59
C GLN A 122 16.10 -9.92 8.53
N GLU A 123 14.98 -10.58 8.78
CA GLU A 123 13.86 -10.54 7.84
C GLU A 123 13.33 -9.12 7.71
N GLY A 124 13.27 -8.41 8.82
CA GLY A 124 12.79 -7.04 8.83
C GLY A 124 13.42 -6.20 7.73
N SER A 125 14.73 -6.32 7.57
CA SER A 125 15.46 -5.56 6.56
C SER A 125 14.94 -5.86 5.17
N GLN A 126 14.59 -7.12 4.92
CA GLN A 126 14.09 -7.54 3.62
C GLN A 126 12.94 -6.65 3.15
N PHE A 127 12.16 -6.14 4.10
CA PHE A 127 11.04 -5.25 3.78
C PHE A 127 11.49 -3.80 3.65
N VAL A 128 12.13 -3.30 4.70
CA VAL A 128 12.59 -1.92 4.75
C VAL A 128 13.63 -1.64 3.67
N LYS A 129 14.65 -2.48 3.59
CA LYS A 129 15.72 -2.30 2.61
C LYS A 129 15.25 -2.64 1.20
N GLY A 130 14.37 -3.64 1.08
CA GLY A 130 13.87 -4.04 -0.22
C GLY A 130 12.67 -3.23 -0.64
N PHE A 131 11.91 -2.75 0.33
CA PHE A 131 10.73 -1.95 0.07
C PHE A 131 10.74 -0.66 0.89
N GLY A 132 10.17 -0.70 2.10
CA GLY A 132 10.15 0.49 2.93
C GLY A 132 9.47 0.26 4.29
N GLY A 133 8.78 -0.86 4.45
CA GLY A 133 8.11 -1.14 5.71
C GLY A 133 6.63 -1.45 5.54
N ILE A 134 6.23 -1.77 4.31
CA ILE A 134 4.84 -2.10 4.00
C ILE A 134 4.81 -3.15 2.89
N GLY A 135 4.00 -4.18 3.04
CA GLY A 135 3.92 -5.22 2.03
C GLY A 135 2.87 -6.24 2.39
N GLY A 136 1.82 -6.33 1.57
CA GLY A 136 0.75 -7.25 1.88
C GLY A 136 0.89 -8.61 1.25
N ILE A 137 0.21 -9.57 1.85
CA ILE A 137 0.19 -10.93 1.39
C ILE A 137 -1.23 -11.29 0.94
N LEU A 138 -1.36 -11.93 -0.21
CA LEU A 138 -2.67 -12.30 -0.72
C LEU A 138 -2.92 -13.80 -0.56
N ARG A 139 -4.19 -14.20 -0.60
CA ARG A 139 -4.55 -15.61 -0.44
C ARG A 139 -4.11 -16.43 -1.65
N TYR A 140 -4.27 -15.86 -2.84
CA TYR A 140 -3.90 -16.55 -4.06
C TYR A 140 -3.60 -15.57 -5.18
N ARG A 141 -3.10 -16.08 -6.31
CA ARG A 141 -2.75 -15.23 -7.45
C ARG A 141 -3.96 -14.42 -7.90
N VAL A 142 -3.76 -13.12 -8.09
CA VAL A 142 -4.83 -12.23 -8.52
C VAL A 142 -4.40 -11.38 -9.71
N ASP A 143 -5.38 -10.85 -10.43
CA ASP A 143 -5.12 -10.01 -11.57
C ASP A 143 -4.43 -8.72 -11.14
N PHE A 144 -3.46 -8.29 -11.95
CA PHE A 144 -2.72 -7.08 -11.66
C PHE A 144 -3.10 -5.95 -12.60
N GLN A 145 -3.11 -4.72 -12.10
CA GLN A 145 -3.44 -3.55 -12.90
C GLN A 145 -2.30 -2.55 -12.92
N GLY A 146 -2.02 -2.00 -14.10
CA GLY A 146 -0.93 -1.04 -14.23
C GLY A 146 -1.39 0.38 -13.93
N MET A 147 -2.17 0.95 -14.84
CA MET A 147 -2.68 2.31 -14.67
C MET A 147 -4.19 2.32 -14.53
N GLU A 148 -4.75 3.48 -14.19
CA GLU A 148 -6.19 3.61 -14.02
C GLU A 148 -6.91 3.28 -15.32
N TYR A 149 -6.27 3.59 -16.45
CA TYR A 149 -6.84 3.31 -17.76
C TYR A 149 -6.15 2.10 -18.39
N GLN A 150 -6.91 1.03 -18.62
CA GLN A 150 -6.35 -0.18 -19.20
C GLN A 150 -7.30 -0.82 -20.21
N GLY A 151 -6.74 -1.59 -21.12
CA GLY A 151 -7.55 -2.26 -22.13
C GLY A 151 -7.03 -3.65 -22.46
N GLY A 152 -5.73 -3.85 -22.28
CA GLY A 152 -5.12 -5.15 -22.57
C GLY A 152 -3.62 -5.13 -22.37
N ASP A 153 -2.88 -5.51 -23.41
CA ASP A 153 -1.43 -5.53 -23.35
C ASP A 153 -0.83 -4.23 -23.92
N ASP A 154 -1.71 -3.30 -24.30
CA ASP A 154 -1.25 -2.03 -24.86
C ASP A 154 -1.52 -0.89 -23.88
N GLU A 155 -1.46 -1.18 -22.59
CA GLU A 155 -1.70 -0.18 -21.56
C GLU A 155 -0.69 0.96 -21.67
N PHE A 156 0.56 0.61 -21.96
CA PHE A 156 1.62 1.60 -22.10
C PHE A 156 1.88 1.94 -23.57
N PHE A 157 1.37 1.10 -24.47
CA PHE A 157 1.55 1.31 -25.90
C PHE A 157 0.34 2.02 -26.51
N ASP A 158 0.59 3.19 -27.11
CA ASP A 158 -0.46 3.95 -27.76
C ASP A 158 -1.02 3.16 -28.94
N LEU A 159 -0.28 2.15 -29.35
CA LEU A 159 -0.68 1.30 -30.47
C LEU A 159 -2.06 0.67 -30.24
N ASP A 160 -2.52 0.68 -29.00
CA ASP A 160 -3.83 0.11 -28.67
C ASP A 160 -4.89 0.60 -29.65
N ASP A 161 -4.86 1.89 -29.96
CA ASP A 161 -5.81 2.49 -30.89
C ASP A 161 -5.70 1.84 -32.27
N TYR A 162 -4.46 1.57 -32.67
CA TYR A 162 -4.21 0.95 -33.97
C TYR A 162 -4.98 -0.37 -34.09
N LEU A 163 -5.12 -1.06 -32.97
CA LEU A 163 -5.85 -2.33 -32.93
C LEU A 163 -7.30 -2.13 -33.38
N GLU A 164 -7.96 -1.15 -32.79
CA GLU A 164 -9.35 -0.86 -33.12
C GLU A 164 -9.48 -0.38 -34.57
N HIS A 165 -10.52 -0.84 -35.25
CA HIS A 165 -10.75 -0.46 -36.64
C HIS A 165 -12.04 0.35 -36.77
N ASN A 2 5.32 -9.61 23.25
CA ASN A 2 6.43 -9.31 22.30
C ASN A 2 6.42 -10.29 21.11
N VAL A 3 5.27 -10.40 20.46
CA VAL A 3 5.13 -11.30 19.32
C VAL A 3 5.92 -10.78 18.12
N LYS A 4 6.07 -9.47 18.02
CA LYS A 4 6.79 -8.84 16.92
C LYS A 4 8.12 -9.54 16.65
N PHE A 5 8.83 -9.93 17.71
CA PHE A 5 10.13 -10.59 17.54
C PHE A 5 10.00 -11.84 16.67
N ILE A 6 9.08 -12.72 17.03
CA ILE A 6 8.88 -13.95 16.26
C ILE A 6 7.97 -13.70 15.06
N GLN A 7 7.01 -12.81 15.24
CA GLN A 7 6.07 -12.45 14.19
C GLN A 7 6.82 -11.97 12.97
N GLU A 8 7.79 -11.11 13.21
CA GLU A 8 8.61 -10.53 12.14
C GLU A 8 9.49 -11.58 11.48
N LYS A 9 9.73 -12.69 12.15
CA LYS A 9 10.57 -13.75 11.59
C LYS A 9 9.81 -14.61 10.59
N LYS A 10 8.74 -15.26 11.03
CA LYS A 10 7.98 -16.15 10.15
C LYS A 10 7.14 -15.40 9.11
N LEU A 11 6.38 -14.40 9.54
CA LEU A 11 5.52 -13.64 8.63
C LEU A 11 6.31 -12.96 7.52
N ILE A 12 7.18 -12.04 7.91
CA ILE A 12 7.99 -11.28 6.96
C ILE A 12 8.72 -12.20 5.99
N GLY A 13 9.29 -13.29 6.50
CA GLY A 13 9.99 -14.22 5.65
C GLY A 13 9.05 -14.92 4.70
N ARG A 14 7.86 -15.26 5.21
CA ARG A 14 6.84 -15.95 4.42
C ARG A 14 6.37 -15.10 3.26
N TYR A 15 6.53 -13.80 3.37
CA TYR A 15 6.11 -12.89 2.31
C TYR A 15 7.14 -12.89 1.20
N PHE A 16 8.37 -12.54 1.55
CA PHE A 16 9.46 -12.47 0.59
C PHE A 16 9.89 -13.86 0.10
N ASP A 17 9.59 -14.91 0.87
CA ASP A 17 9.97 -16.26 0.45
C ASP A 17 9.00 -16.79 -0.59
N GLU A 18 7.71 -16.58 -0.33
CA GLU A 18 6.67 -17.03 -1.24
C GLU A 18 6.86 -16.38 -2.61
N ILE A 19 7.22 -15.09 -2.59
CA ILE A 19 7.45 -14.34 -3.82
C ILE A 19 8.61 -14.95 -4.58
N SER A 20 9.56 -15.51 -3.84
CA SER A 20 10.74 -16.13 -4.42
C SER A 20 10.35 -17.27 -5.37
N GLN A 21 9.11 -17.72 -5.26
CA GLN A 21 8.61 -18.81 -6.10
C GLN A 21 7.98 -18.27 -7.39
N ASP A 22 8.03 -16.95 -7.58
CA ASP A 22 7.46 -16.34 -8.77
C ASP A 22 5.96 -16.62 -8.84
N THR A 23 5.35 -16.81 -7.67
CA THR A 23 3.93 -17.10 -7.59
C THR A 23 3.12 -15.87 -7.20
N GLY A 24 3.81 -14.77 -6.91
CA GLY A 24 3.11 -13.55 -6.52
C GLY A 24 2.18 -13.78 -5.34
N LYS A 25 1.04 -13.09 -5.34
CA LYS A 25 0.06 -13.20 -4.26
C LYS A 25 0.45 -12.34 -3.06
N TYR A 26 1.35 -11.39 -3.29
CA TYR A 26 1.83 -10.49 -2.23
C TYR A 26 2.24 -9.17 -2.85
N CYS A 27 2.15 -8.07 -2.11
CA CYS A 27 2.54 -6.77 -2.66
C CYS A 27 3.31 -5.96 -1.63
N PHE A 28 4.04 -4.94 -2.08
CA PHE A 28 4.82 -4.11 -1.17
C PHE A 28 4.54 -2.63 -1.40
N GLY A 29 4.62 -1.86 -0.31
CA GLY A 29 4.37 -0.43 -0.39
C GLY A 29 3.01 -0.07 0.17
N VAL A 30 2.81 1.21 0.46
CA VAL A 30 1.53 1.65 0.99
C VAL A 30 0.43 1.52 -0.05
N GLU A 31 0.57 2.26 -1.14
CA GLU A 31 -0.41 2.22 -2.21
C GLU A 31 -0.76 0.79 -2.62
N ASP A 32 0.25 0.02 -3.00
CA ASP A 32 0.05 -1.37 -3.42
C ASP A 32 -0.57 -2.21 -2.30
N THR A 33 0.14 -2.31 -1.18
CA THR A 33 -0.33 -3.11 -0.05
C THR A 33 -1.76 -2.76 0.32
N LEU A 34 -2.15 -1.51 0.10
CA LEU A 34 -3.52 -1.07 0.40
C LEU A 34 -4.50 -1.54 -0.67
N LYS A 35 -4.09 -1.41 -1.93
CA LYS A 35 -4.94 -1.79 -3.05
C LYS A 35 -5.42 -3.24 -2.92
N ALA A 36 -4.50 -4.17 -2.68
CA ALA A 36 -4.88 -5.56 -2.54
C ALA A 36 -5.69 -5.79 -1.26
N LEU A 37 -5.53 -4.88 -0.30
CA LEU A 37 -6.28 -4.98 0.95
C LEU A 37 -7.72 -4.60 0.69
N GLU A 38 -7.89 -3.58 -0.15
CA GLU A 38 -9.19 -3.10 -0.54
C GLU A 38 -9.87 -4.14 -1.40
N MET A 39 -9.04 -4.96 -2.06
CA MET A 39 -9.51 -6.02 -2.94
C MET A 39 -9.88 -7.28 -2.17
N GLY A 40 -9.62 -7.29 -0.87
CA GLY A 40 -9.92 -8.47 -0.08
C GLY A 40 -9.10 -9.67 -0.50
N ALA A 41 -8.15 -9.44 -1.42
CA ALA A 41 -7.29 -10.49 -1.91
C ALA A 41 -6.19 -10.79 -0.91
N VAL A 42 -5.98 -9.86 0.01
CA VAL A 42 -4.94 -10.01 1.04
C VAL A 42 -5.34 -11.00 2.12
N GLU A 43 -4.43 -11.92 2.43
CA GLU A 43 -4.66 -12.90 3.47
C GLU A 43 -4.06 -12.41 4.77
N ILE A 44 -2.88 -11.80 4.67
CA ILE A 44 -2.18 -11.25 5.82
C ILE A 44 -1.44 -9.97 5.43
N LEU A 45 -1.48 -8.98 6.32
CA LEU A 45 -0.81 -7.71 6.06
C LEU A 45 0.48 -7.59 6.86
N ILE A 46 1.53 -7.09 6.21
CA ILE A 46 2.82 -6.90 6.86
C ILE A 46 3.21 -5.43 6.88
N VAL A 47 3.04 -4.80 8.04
CA VAL A 47 3.36 -3.38 8.23
C VAL A 47 4.21 -3.25 9.50
N TYR A 48 5.29 -2.47 9.48
CA TYR A 48 6.15 -2.36 10.66
C TYR A 48 5.71 -1.30 11.65
N GLU A 49 6.05 -1.55 12.91
CA GLU A 49 5.73 -0.64 14.01
C GLU A 49 6.40 0.71 13.77
N ASN A 50 7.64 0.67 13.28
CA ASN A 50 8.40 1.87 13.01
C ASN A 50 8.13 2.36 11.59
N LEU A 51 6.86 2.63 11.31
CA LEU A 51 6.45 3.10 9.99
C LEU A 51 6.34 4.62 9.98
N ASP A 52 7.22 5.27 9.20
CA ASP A 52 7.23 6.72 9.10
C ASP A 52 6.33 7.21 7.97
N ILE A 53 5.53 6.29 7.40
CA ILE A 53 4.64 6.63 6.30
C ILE A 53 3.25 6.98 6.79
N MET A 54 2.77 8.11 6.33
CA MET A 54 1.45 8.62 6.70
C MET A 54 0.59 8.90 5.48
N ARG A 55 -0.72 9.03 5.72
CA ARG A 55 -1.67 9.28 4.64
C ARG A 55 -2.21 10.70 4.71
N TYR A 56 -1.88 11.50 3.70
CA TYR A 56 -2.35 12.87 3.62
C TYR A 56 -3.16 13.05 2.34
N VAL A 57 -4.27 13.77 2.43
CA VAL A 57 -5.11 13.99 1.26
C VAL A 57 -4.88 15.37 0.66
N LEU A 58 -4.32 15.38 -0.55
CA LEU A 58 -4.02 16.62 -1.25
C LEU A 58 -5.03 16.88 -2.38
N HIS A 59 -5.74 18.00 -2.30
CA HIS A 59 -6.72 18.34 -3.33
C HIS A 59 -6.55 19.77 -3.82
N CYS A 60 -6.95 20.02 -5.06
CA CYS A 60 -6.86 21.34 -5.67
C CYS A 60 -8.25 21.86 -5.99
N GLN A 61 -8.50 23.14 -5.69
CA GLN A 61 -9.81 23.75 -5.94
C GLN A 61 -10.30 23.43 -7.35
N GLY A 62 -11.54 22.97 -7.43
CA GLY A 62 -12.12 22.63 -8.72
C GLY A 62 -12.17 21.12 -8.97
N THR A 63 -11.44 20.37 -8.14
CA THR A 63 -11.39 18.91 -8.27
C THR A 63 -10.90 18.51 -9.65
N GLU A 64 -10.14 19.39 -10.28
CA GLU A 64 -9.59 19.14 -11.61
C GLU A 64 -8.51 18.07 -11.57
N GLU A 65 -7.75 18.04 -10.49
CA GLU A 65 -6.68 17.07 -10.33
C GLU A 65 -6.37 16.83 -8.85
N GLU A 66 -6.92 15.75 -8.31
CA GLU A 66 -6.71 15.42 -6.90
C GLU A 66 -5.60 14.40 -6.74
N LYS A 67 -4.73 14.63 -5.77
CA LYS A 67 -3.61 13.74 -5.51
C LYS A 67 -3.53 13.37 -4.04
N ILE A 68 -3.64 12.08 -3.75
CA ILE A 68 -3.55 11.58 -2.39
C ILE A 68 -2.46 10.52 -2.30
N LEU A 69 -1.35 10.84 -1.64
CA LEU A 69 -0.24 9.89 -1.55
C LEU A 69 0.49 9.99 -0.21
N TYR A 70 1.43 9.06 -0.03
CA TYR A 70 2.25 8.97 1.17
C TYR A 70 3.47 9.89 1.08
N LEU A 71 3.88 10.43 2.22
CA LEU A 71 5.05 11.30 2.26
C LEU A 71 5.90 11.00 3.49
N THR A 72 7.21 10.87 3.28
CA THR A 72 8.14 10.61 4.37
C THR A 72 8.56 11.93 5.01
N PRO A 73 9.29 11.90 6.13
CA PRO A 73 9.73 13.13 6.82
C PRO A 73 10.32 14.16 5.86
N GLU A 74 11.12 13.69 4.90
CA GLU A 74 11.74 14.59 3.92
C GLU A 74 10.75 15.03 2.85
N GLN A 75 9.81 14.15 2.52
CA GLN A 75 8.82 14.44 1.49
C GLN A 75 7.91 15.59 1.93
N GLU A 76 7.24 15.40 3.06
CA GLU A 76 6.34 16.42 3.59
C GLU A 76 7.10 17.69 3.98
N LYS A 77 8.32 17.51 4.45
CA LYS A 77 9.16 18.64 4.85
C LYS A 77 9.61 19.45 3.64
N ASP A 78 9.97 18.76 2.57
CA ASP A 78 10.43 19.42 1.34
C ASP A 78 9.34 20.33 0.78
N LYS A 79 8.12 19.83 0.73
CA LYS A 79 6.97 20.57 0.21
C LYS A 79 6.98 20.68 -1.32
N SER A 80 8.13 20.44 -1.93
CA SER A 80 8.23 20.52 -3.39
C SER A 80 7.48 19.37 -4.04
N HIS A 81 7.51 18.21 -3.41
CA HIS A 81 6.84 17.03 -3.93
C HIS A 81 5.33 17.26 -4.08
N PHE A 82 4.74 17.95 -3.10
CA PHE A 82 3.30 18.23 -3.14
C PHE A 82 2.94 18.95 -4.44
N THR A 83 3.73 19.95 -4.79
CA THR A 83 3.50 20.72 -6.00
C THR A 83 3.80 19.90 -7.25
N ASP A 84 3.25 20.32 -8.39
CA ASP A 84 3.46 19.62 -9.65
C ASP A 84 3.64 20.59 -10.80
N LYS A 85 4.40 20.18 -11.81
CA LYS A 85 4.63 20.99 -12.99
C LYS A 85 3.40 20.99 -13.90
N GLU A 86 2.40 20.20 -13.53
CA GLU A 86 1.16 20.09 -14.30
C GLU A 86 0.04 20.86 -13.63
N THR A 87 0.37 21.53 -12.55
CA THR A 87 -0.59 22.32 -11.80
C THR A 87 0.04 23.65 -11.41
N GLY A 88 1.34 23.60 -11.09
CA GLY A 88 2.08 24.79 -10.74
C GLY A 88 1.54 25.50 -9.51
N GLN A 89 0.76 24.78 -8.71
CA GLN A 89 0.19 25.36 -7.50
C GLN A 89 0.34 24.40 -6.33
N GLU A 90 0.14 24.90 -5.12
CA GLU A 90 0.25 24.07 -3.93
C GLU A 90 -1.10 23.48 -3.56
N HIS A 91 -1.17 22.15 -3.54
CA HIS A 91 -2.39 21.45 -3.20
C HIS A 91 -2.89 21.91 -1.82
N GLU A 92 -4.08 21.46 -1.44
CA GLU A 92 -4.64 21.83 -0.15
C GLU A 92 -4.93 20.58 0.64
N LEU A 93 -4.06 20.27 1.60
CA LEU A 93 -4.25 19.08 2.40
C LEU A 93 -5.59 19.14 3.13
N ILE A 94 -6.37 18.08 2.97
CA ILE A 94 -7.68 18.01 3.59
C ILE A 94 -7.62 17.40 4.98
N GLU A 95 -6.85 16.32 5.10
CA GLU A 95 -6.70 15.64 6.38
C GLU A 95 -5.38 14.88 6.43
N SER A 96 -4.96 14.53 7.64
CA SER A 96 -3.74 13.79 7.84
C SER A 96 -3.95 12.69 8.88
N MET A 97 -3.46 11.50 8.61
CA MET A 97 -3.64 10.39 9.53
C MET A 97 -2.46 9.41 9.51
N PRO A 98 -2.03 8.94 10.70
CA PRO A 98 -0.93 7.98 10.79
C PRO A 98 -1.30 6.67 10.11
N LEU A 99 -0.72 6.44 8.94
CA LEU A 99 -1.01 5.25 8.15
C LEU A 99 -0.87 3.97 8.96
N LEU A 100 0.29 3.75 9.56
CA LEU A 100 0.49 2.53 10.36
C LEU A 100 -0.67 2.37 11.35
N GLU A 101 -0.97 3.45 12.05
CA GLU A 101 -2.06 3.46 13.01
C GLU A 101 -3.36 3.14 12.30
N TRP A 102 -3.51 3.70 11.10
CA TRP A 102 -4.70 3.48 10.29
C TRP A 102 -4.83 2.02 9.90
N PHE A 103 -3.72 1.39 9.55
CA PHE A 103 -3.71 -0.01 9.14
C PHE A 103 -4.37 -0.89 10.20
N ALA A 104 -4.05 -0.63 11.46
CA ALA A 104 -4.61 -1.40 12.57
C ALA A 104 -6.01 -0.92 12.95
N ASN A 105 -6.41 0.24 12.44
CA ASN A 105 -7.71 0.80 12.77
C ASN A 105 -8.86 0.06 12.08
N ASN A 106 -8.71 -0.24 10.79
CA ASN A 106 -9.79 -0.90 10.06
C ASN A 106 -9.35 -2.13 9.27
N TYR A 107 -8.22 -2.74 9.62
CA TYR A 107 -7.74 -3.92 8.90
C TYR A 107 -8.77 -5.05 8.93
N LYS A 108 -9.73 -4.95 9.85
CA LYS A 108 -10.76 -5.96 9.97
C LYS A 108 -11.77 -5.83 8.84
N LYS A 109 -12.02 -4.59 8.44
CA LYS A 109 -12.97 -4.28 7.37
C LYS A 109 -12.45 -4.80 6.03
N PHE A 110 -11.16 -4.65 5.80
CA PHE A 110 -10.53 -5.09 4.56
C PHE A 110 -10.36 -6.61 4.52
N GLY A 111 -10.47 -7.24 5.68
CA GLY A 111 -10.33 -8.68 5.76
C GLY A 111 -8.88 -9.15 5.70
N ALA A 112 -7.97 -8.27 6.09
CA ALA A 112 -6.54 -8.59 6.10
C ALA A 112 -6.02 -8.66 7.52
N THR A 113 -4.99 -9.46 7.75
CA THR A 113 -4.41 -9.59 9.07
C THR A 113 -3.34 -8.53 9.27
N LEU A 114 -3.68 -7.48 10.01
CA LEU A 114 -2.73 -6.42 10.27
C LEU A 114 -1.68 -6.91 11.25
N GLU A 115 -0.51 -7.24 10.73
CA GLU A 115 0.59 -7.72 11.54
C GLU A 115 1.69 -6.70 11.62
N ILE A 116 2.08 -6.34 12.84
CA ILE A 116 3.13 -5.37 13.03
C ILE A 116 4.50 -6.04 13.16
N VAL A 117 5.52 -5.37 12.68
CA VAL A 117 6.88 -5.89 12.72
C VAL A 117 7.92 -4.78 12.82
N THR A 118 9.16 -5.16 13.12
CA THR A 118 10.24 -4.21 13.25
C THR A 118 11.48 -4.68 12.47
N ASP A 119 12.43 -3.77 12.28
CA ASP A 119 13.65 -4.08 11.54
C ASP A 119 14.71 -4.73 12.44
N LYS A 120 14.35 -5.02 13.68
CA LYS A 120 15.29 -5.63 14.61
C LYS A 120 15.77 -6.98 14.10
N SER A 121 14.86 -7.75 13.50
CA SER A 121 15.19 -9.06 12.98
C SER A 121 15.74 -8.96 11.54
N GLN A 122 16.43 -10.01 11.12
CA GLN A 122 17.01 -10.04 9.78
C GLN A 122 15.93 -9.93 8.71
N GLU A 123 14.80 -10.59 8.93
CA GLU A 123 13.70 -10.56 7.98
C GLU A 123 13.20 -9.14 7.77
N GLY A 124 13.14 -8.37 8.86
CA GLY A 124 12.68 -7.00 8.78
C GLY A 124 13.33 -6.22 7.65
N SER A 125 14.64 -6.37 7.51
CA SER A 125 15.38 -5.68 6.46
C SER A 125 14.87 -6.06 5.08
N GLN A 126 14.55 -7.34 4.91
CA GLN A 126 14.04 -7.83 3.63
C GLN A 126 12.83 -7.01 3.18
N PHE A 127 12.05 -6.57 4.16
CA PHE A 127 10.87 -5.75 3.89
C PHE A 127 11.19 -4.27 3.77
N VAL A 128 11.70 -3.71 4.86
CA VAL A 128 12.04 -2.28 4.91
C VAL A 128 13.09 -1.91 3.87
N LYS A 129 14.15 -2.71 3.78
CA LYS A 129 15.22 -2.45 2.83
C LYS A 129 14.88 -2.98 1.45
N GLY A 130 14.05 -4.02 1.40
CA GLY A 130 13.67 -4.60 0.12
C GLY A 130 12.44 -3.92 -0.45
N PHE A 131 11.67 -3.26 0.42
CA PHE A 131 10.46 -2.57 -0.01
C PHE A 131 10.31 -1.23 0.71
N GLY A 132 9.66 -1.22 1.87
CA GLY A 132 9.47 0.03 2.59
C GLY A 132 8.57 -0.12 3.82
N GLY A 133 8.81 -1.15 4.61
CA GLY A 133 8.04 -1.36 5.82
C GLY A 133 6.55 -1.60 5.58
N ILE A 134 6.18 -1.86 4.33
CA ILE A 134 4.79 -2.13 3.97
C ILE A 134 4.73 -3.15 2.85
N GLY A 135 3.91 -4.18 3.03
CA GLY A 135 3.78 -5.21 2.01
C GLY A 135 2.74 -6.23 2.40
N GLY A 136 1.66 -6.31 1.62
CA GLY A 136 0.60 -7.22 1.95
C GLY A 136 0.71 -8.57 1.29
N ILE A 137 0.11 -9.55 1.93
CA ILE A 137 0.08 -10.92 1.43
C ILE A 137 -1.34 -11.22 0.94
N LEU A 138 -1.45 -11.82 -0.23
CA LEU A 138 -2.74 -12.16 -0.79
C LEU A 138 -2.91 -13.68 -0.85
N ARG A 139 -4.15 -14.15 -0.80
CA ARG A 139 -4.42 -15.58 -0.83
C ARG A 139 -4.13 -16.18 -2.21
N TYR A 140 -4.49 -15.45 -3.26
CA TYR A 140 -4.28 -15.93 -4.62
C TYR A 140 -3.54 -14.90 -5.46
N ARG A 141 -3.15 -15.31 -6.67
CA ARG A 141 -2.42 -14.43 -7.57
C ARG A 141 -3.30 -13.28 -8.03
N VAL A 142 -2.79 -12.05 -7.86
CA VAL A 142 -3.53 -10.85 -8.23
C VAL A 142 -2.73 -9.59 -7.92
N ASP A 143 -1.83 -9.22 -8.84
CA ASP A 143 -0.99 -8.04 -8.67
C ASP A 143 -1.82 -6.76 -8.77
N PHE A 144 -2.66 -6.69 -9.80
CA PHE A 144 -3.50 -5.53 -10.02
C PHE A 144 -4.92 -5.95 -10.37
N GLN A 145 -5.88 -5.06 -10.10
CA GLN A 145 -7.28 -5.33 -10.39
C GLN A 145 -7.88 -4.24 -11.25
N GLY A 146 -8.81 -4.62 -12.13
CA GLY A 146 -9.45 -3.66 -13.00
C GLY A 146 -10.96 -3.79 -12.99
N MET A 147 -11.46 -4.83 -13.65
CA MET A 147 -12.90 -5.08 -13.71
C MET A 147 -13.24 -6.43 -13.12
N GLU A 148 -14.53 -6.66 -12.89
CA GLU A 148 -14.98 -7.93 -12.31
C GLU A 148 -15.09 -9.00 -13.40
N TYR A 149 -14.62 -10.21 -13.09
CA TYR A 149 -14.66 -11.31 -14.04
C TYR A 149 -13.82 -11.01 -15.28
N GLN A 150 -12.58 -10.59 -15.07
CA GLN A 150 -11.68 -10.27 -16.18
C GLN A 150 -11.48 -11.49 -17.07
N GLY A 151 -11.45 -11.25 -18.38
CA GLY A 151 -11.27 -12.34 -19.32
C GLY A 151 -11.59 -11.92 -20.76
N GLY A 152 -12.79 -11.40 -20.95
CA GLY A 152 -13.20 -10.97 -22.29
C GLY A 152 -13.86 -9.61 -22.30
N ASP A 153 -13.79 -8.91 -21.17
CA ASP A 153 -14.38 -7.58 -21.08
C ASP A 153 -13.44 -6.54 -21.68
N ASP A 154 -12.33 -7.01 -22.27
CA ASP A 154 -11.35 -6.13 -22.89
C ASP A 154 -10.77 -5.13 -21.89
N GLU A 155 -10.47 -5.61 -20.68
CA GLU A 155 -9.91 -4.76 -19.65
C GLU A 155 -8.58 -4.14 -20.09
N PHE A 156 -7.70 -4.99 -20.63
CA PHE A 156 -6.39 -4.54 -21.08
C PHE A 156 -6.39 -4.25 -22.59
N PHE A 157 -7.53 -4.43 -23.24
CA PHE A 157 -7.65 -4.18 -24.67
C PHE A 157 -8.19 -2.79 -24.94
N ASP A 158 -7.40 -1.98 -25.64
CA ASP A 158 -7.80 -0.63 -25.99
C ASP A 158 -8.99 -0.68 -26.93
N LEU A 159 -9.23 -1.86 -27.52
CA LEU A 159 -10.33 -2.07 -28.43
C LEU A 159 -11.68 -1.74 -27.79
N ASP A 160 -11.71 -1.65 -26.47
CA ASP A 160 -12.94 -1.34 -25.74
C ASP A 160 -13.62 -0.11 -26.32
N ASP A 161 -12.81 0.90 -26.65
CA ASP A 161 -13.34 2.14 -27.22
C ASP A 161 -13.93 1.90 -28.60
N TYR A 162 -13.32 0.98 -29.35
CA TYR A 162 -13.79 0.65 -30.69
C TYR A 162 -15.24 0.18 -30.63
N LEU A 163 -15.57 -0.53 -29.56
CA LEU A 163 -16.92 -1.05 -29.36
C LEU A 163 -17.94 0.07 -29.34
N GLU A 164 -17.64 1.13 -28.58
CA GLU A 164 -18.54 2.26 -28.46
C GLU A 164 -18.78 2.91 -29.82
N HIS A 165 -17.73 3.00 -30.62
CA HIS A 165 -17.83 3.60 -31.94
C HIS A 165 -18.30 5.05 -31.85
N ASN A 2 5.65 -8.85 22.42
CA ASN A 2 6.74 -9.86 22.26
C ASN A 2 6.58 -10.68 20.99
N VAL A 3 5.34 -11.03 20.64
CA VAL A 3 5.08 -11.82 19.45
C VAL A 3 5.70 -11.18 18.20
N LYS A 4 5.82 -9.86 18.21
CA LYS A 4 6.39 -9.14 17.07
C LYS A 4 7.72 -9.75 16.63
N PHE A 5 8.56 -10.06 17.62
CA PHE A 5 9.88 -10.64 17.33
C PHE A 5 9.77 -11.87 16.44
N ILE A 6 8.90 -12.80 16.81
CA ILE A 6 8.70 -14.02 16.02
C ILE A 6 7.73 -13.78 14.88
N GLN A 7 6.77 -12.91 15.12
CA GLN A 7 5.75 -12.58 14.12
C GLN A 7 6.42 -12.08 12.85
N GLU A 8 7.40 -11.20 13.04
CA GLU A 8 8.13 -10.62 11.92
C GLU A 8 8.99 -11.66 11.21
N LYS A 9 9.39 -12.70 11.95
CA LYS A 9 10.23 -13.75 11.37
C LYS A 9 9.46 -14.61 10.37
N LYS A 10 8.40 -15.25 10.83
CA LYS A 10 7.59 -16.13 9.97
C LYS A 10 6.79 -15.36 8.93
N LEU A 11 6.22 -14.22 9.32
CA LEU A 11 5.41 -13.43 8.40
C LEU A 11 6.23 -12.81 7.29
N ILE A 12 7.19 -11.98 7.66
CA ILE A 12 8.04 -11.31 6.68
C ILE A 12 8.78 -12.34 5.82
N GLY A 13 9.24 -13.41 6.44
CA GLY A 13 9.95 -14.44 5.70
C GLY A 13 9.02 -15.11 4.70
N ARG A 14 7.80 -15.37 5.13
CA ARG A 14 6.80 -15.99 4.28
C ARG A 14 6.41 -15.06 3.15
N TYR A 15 6.65 -13.78 3.33
CA TYR A 15 6.34 -12.79 2.31
C TYR A 15 7.40 -12.82 1.22
N PHE A 16 8.64 -12.57 1.61
CA PHE A 16 9.76 -12.54 0.67
C PHE A 16 10.08 -13.93 0.12
N ASP A 17 9.65 -14.99 0.81
CA ASP A 17 9.94 -16.35 0.34
C ASP A 17 9.02 -16.75 -0.81
N GLU A 18 7.72 -16.56 -0.63
CA GLU A 18 6.77 -16.90 -1.68
C GLU A 18 7.06 -16.11 -2.93
N ILE A 19 7.41 -14.84 -2.74
CA ILE A 19 7.76 -13.99 -3.85
C ILE A 19 8.96 -14.61 -4.55
N SER A 20 9.85 -15.19 -3.75
CA SER A 20 11.03 -15.85 -4.28
C SER A 20 10.62 -17.03 -5.16
N GLN A 21 9.40 -17.52 -4.91
CA GLN A 21 8.85 -18.66 -5.64
C GLN A 21 8.06 -18.18 -6.88
N ASP A 22 8.08 -16.88 -7.13
CA ASP A 22 7.36 -16.32 -8.27
C ASP A 22 5.87 -16.61 -8.15
N THR A 23 5.39 -16.68 -6.91
CA THR A 23 3.98 -16.95 -6.64
C THR A 23 3.13 -15.71 -6.90
N GLY A 24 3.75 -14.54 -6.90
CA GLY A 24 3.01 -13.31 -7.15
C GLY A 24 1.80 -13.16 -6.25
N LYS A 25 1.81 -13.84 -5.11
CA LYS A 25 0.70 -13.77 -4.17
C LYS A 25 1.01 -12.77 -3.06
N TYR A 26 1.97 -11.89 -3.31
CA TYR A 26 2.38 -10.90 -2.32
C TYR A 26 2.63 -9.55 -2.97
N CYS A 27 2.69 -8.50 -2.15
CA CYS A 27 2.95 -7.15 -2.66
C CYS A 27 3.48 -6.26 -1.55
N PHE A 28 4.30 -5.27 -1.91
CA PHE A 28 4.88 -4.36 -0.93
C PHE A 28 4.35 -2.94 -1.13
N GLY A 29 4.91 -2.01 -0.37
CA GLY A 29 4.52 -0.62 -0.48
C GLY A 29 3.15 -0.33 0.11
N VAL A 30 2.86 0.95 0.27
CA VAL A 30 1.58 1.39 0.81
C VAL A 30 0.49 1.24 -0.24
N GLU A 31 0.66 1.96 -1.34
CA GLU A 31 -0.30 1.93 -2.43
C GLU A 31 -0.72 0.50 -2.76
N ASP A 32 0.24 -0.34 -3.11
CA ASP A 32 -0.03 -1.73 -3.45
C ASP A 32 -0.68 -2.47 -2.28
N THR A 33 -0.02 -2.44 -1.12
CA THR A 33 -0.55 -3.14 0.05
C THR A 33 -1.99 -2.69 0.34
N LEU A 34 -2.25 -1.40 0.17
CA LEU A 34 -3.58 -0.86 0.40
C LEU A 34 -4.55 -1.38 -0.65
N LYS A 35 -4.14 -1.32 -1.92
CA LYS A 35 -4.97 -1.79 -3.02
C LYS A 35 -5.38 -3.24 -2.81
N ALA A 36 -4.40 -4.09 -2.52
CA ALA A 36 -4.67 -5.50 -2.30
C ALA A 36 -5.62 -5.70 -1.12
N LEU A 37 -5.55 -4.79 -0.14
CA LEU A 37 -6.43 -4.86 1.01
C LEU A 37 -7.84 -4.53 0.55
N GLU A 38 -7.91 -3.56 -0.35
CA GLU A 38 -9.18 -3.15 -0.94
C GLU A 38 -9.70 -4.27 -1.83
N MET A 39 -8.76 -5.04 -2.37
CA MET A 39 -9.07 -6.17 -3.23
C MET A 39 -9.52 -7.39 -2.43
N GLY A 40 -9.33 -7.35 -1.12
CA GLY A 40 -9.71 -8.48 -0.31
C GLY A 40 -8.87 -9.70 -0.63
N ALA A 41 -7.83 -9.49 -1.42
CA ALA A 41 -6.92 -10.55 -1.83
C ALA A 41 -5.91 -10.85 -0.72
N VAL A 42 -5.61 -9.83 0.08
CA VAL A 42 -4.65 -9.97 1.15
C VAL A 42 -5.12 -10.91 2.25
N GLU A 43 -4.24 -11.83 2.62
CA GLU A 43 -4.52 -12.78 3.68
C GLU A 43 -3.94 -12.25 4.99
N ILE A 44 -2.76 -11.64 4.88
CA ILE A 44 -2.08 -11.04 6.02
C ILE A 44 -1.36 -9.76 5.61
N LEU A 45 -1.54 -8.71 6.40
CA LEU A 45 -0.90 -7.42 6.12
C LEU A 45 0.43 -7.30 6.87
N ILE A 46 1.48 -6.88 6.17
CA ILE A 46 2.80 -6.71 6.78
C ILE A 46 3.14 -5.23 6.91
N VAL A 47 3.01 -4.70 8.13
CA VAL A 47 3.29 -3.30 8.41
C VAL A 47 4.13 -3.17 9.67
N TYR A 48 5.21 -2.39 9.65
CA TYR A 48 6.08 -2.26 10.82
C TYR A 48 5.62 -1.19 11.80
N GLU A 49 5.96 -1.39 13.07
CA GLU A 49 5.61 -0.44 14.13
C GLU A 49 6.36 0.87 13.95
N ASN A 50 7.55 0.79 13.36
CA ASN A 50 8.36 1.98 13.14
C ASN A 50 7.99 2.68 11.82
N LEU A 51 6.99 2.14 11.13
CA LEU A 51 6.57 2.72 9.85
C LEU A 51 6.38 4.24 9.97
N ASP A 52 7.16 4.97 9.20
CA ASP A 52 7.08 6.43 9.21
C ASP A 52 6.24 6.94 8.04
N ILE A 53 5.48 6.04 7.43
CA ILE A 53 4.65 6.39 6.29
C ILE A 53 3.24 6.78 6.73
N MET A 54 2.78 7.90 6.19
CA MET A 54 1.49 8.44 6.54
C MET A 54 0.66 8.74 5.29
N ARG A 55 -0.65 8.92 5.48
CA ARG A 55 -1.55 9.21 4.38
C ARG A 55 -1.97 10.67 4.38
N TYR A 56 -1.35 11.44 3.49
CA TYR A 56 -1.67 12.85 3.37
C TYR A 56 -2.37 13.11 2.04
N VAL A 57 -3.47 13.87 2.07
CA VAL A 57 -4.20 14.16 0.84
C VAL A 57 -3.87 15.57 0.34
N LEU A 58 -3.18 15.62 -0.79
CA LEU A 58 -2.78 16.88 -1.40
C LEU A 58 -3.70 17.25 -2.56
N HIS A 59 -4.32 18.43 -2.49
CA HIS A 59 -5.21 18.88 -3.56
C HIS A 59 -4.82 20.26 -4.07
N CYS A 60 -5.03 20.48 -5.36
CA CYS A 60 -4.73 21.76 -5.98
C CYS A 60 -6.01 22.47 -6.41
N GLN A 61 -6.09 23.77 -6.14
CA GLN A 61 -7.28 24.56 -6.50
C GLN A 61 -7.73 24.26 -7.92
N GLY A 62 -9.04 24.12 -8.10
CA GLY A 62 -9.58 23.83 -9.41
C GLY A 62 -9.83 22.35 -9.64
N THR A 63 -9.29 21.52 -8.75
CA THR A 63 -9.45 20.07 -8.86
C THR A 63 -8.99 19.56 -10.23
N GLU A 64 -8.15 20.35 -10.90
CA GLU A 64 -7.64 19.98 -12.21
C GLU A 64 -6.66 18.81 -12.10
N GLU A 65 -5.87 18.81 -11.03
CA GLU A 65 -4.88 17.76 -10.80
C GLU A 65 -4.61 17.58 -9.32
N GLU A 66 -5.19 16.53 -8.74
CA GLU A 66 -5.01 16.24 -7.33
C GLU A 66 -3.97 15.15 -7.13
N LYS A 67 -3.14 15.32 -6.10
CA LYS A 67 -2.09 14.35 -5.81
C LYS A 67 -2.17 13.87 -4.37
N ILE A 68 -2.36 12.57 -4.20
CA ILE A 68 -2.43 11.97 -2.87
C ILE A 68 -1.41 10.84 -2.76
N LEU A 69 -0.35 11.04 -1.99
CA LEU A 69 0.67 10.01 -1.85
C LEU A 69 1.30 10.00 -0.47
N TYR A 70 2.12 8.98 -0.24
CA TYR A 70 2.81 8.79 1.04
C TYR A 70 4.12 9.57 1.09
N LEU A 71 4.37 10.21 2.23
CA LEU A 71 5.60 10.98 2.41
C LEU A 71 6.30 10.57 3.71
N THR A 72 7.61 10.30 3.61
CA THR A 72 8.41 9.94 4.76
C THR A 72 8.82 11.20 5.52
N PRO A 73 9.46 11.05 6.70
CA PRO A 73 9.88 12.20 7.51
C PRO A 73 10.60 13.26 6.68
N GLU A 74 11.45 12.81 5.76
CA GLU A 74 12.20 13.73 4.90
C GLU A 74 11.31 14.30 3.80
N GLN A 75 10.47 13.44 3.22
CA GLN A 75 9.58 13.86 2.15
C GLN A 75 8.64 14.97 2.62
N GLU A 76 7.98 14.75 3.75
CA GLU A 76 7.06 15.76 4.30
C GLU A 76 7.81 17.05 4.59
N LYS A 77 9.07 16.93 5.01
CA LYS A 77 9.89 18.08 5.31
C LYS A 77 10.25 18.85 4.04
N ASP A 78 10.45 18.11 2.95
CA ASP A 78 10.80 18.72 1.68
C ASP A 78 9.57 19.30 0.98
N LYS A 79 9.46 20.63 1.00
CA LYS A 79 8.33 21.31 0.37
C LYS A 79 8.43 21.25 -1.15
N SER A 80 9.63 21.01 -1.67
CA SER A 80 9.84 20.95 -3.11
C SER A 80 9.07 19.78 -3.72
N HIS A 81 9.06 18.65 -3.01
CA HIS A 81 8.37 17.46 -3.49
C HIS A 81 6.88 17.72 -3.68
N PHE A 82 6.25 18.40 -2.71
CA PHE A 82 4.83 18.71 -2.80
C PHE A 82 4.53 19.57 -4.01
N THR A 83 5.43 20.51 -4.30
CA THR A 83 5.27 21.41 -5.45
C THR A 83 5.70 20.71 -6.74
N ASP A 84 5.27 21.26 -7.87
CA ASP A 84 5.62 20.68 -9.17
C ASP A 84 5.84 21.77 -10.22
N LYS A 85 6.63 21.44 -11.23
CA LYS A 85 6.92 22.36 -12.33
C LYS A 85 5.74 22.43 -13.29
N GLU A 86 4.74 21.57 -13.06
CA GLU A 86 3.55 21.52 -13.90
C GLU A 86 2.36 22.18 -13.20
N THR A 87 2.65 22.76 -12.04
CA THR A 87 1.64 23.46 -11.26
C THR A 87 2.23 24.77 -10.77
N GLY A 88 3.52 24.72 -10.41
CA GLY A 88 4.21 25.91 -9.96
C GLY A 88 3.63 26.49 -8.68
N GLN A 89 2.81 25.71 -8.00
CA GLN A 89 2.19 26.18 -6.76
C GLN A 89 2.24 25.08 -5.71
N GLU A 90 2.04 25.46 -4.45
CA GLU A 90 2.06 24.50 -3.36
C GLU A 90 0.66 23.97 -3.07
N HIS A 91 0.50 22.66 -3.13
CA HIS A 91 -0.78 22.02 -2.87
C HIS A 91 -1.27 22.38 -1.47
N GLU A 92 -2.49 22.00 -1.16
CA GLU A 92 -3.07 22.27 0.15
C GLU A 92 -3.54 20.98 0.78
N LEU A 93 -2.79 20.48 1.75
CA LEU A 93 -3.14 19.24 2.40
C LEU A 93 -4.54 19.32 2.98
N ILE A 94 -5.30 18.24 2.83
CA ILE A 94 -6.67 18.20 3.32
C ILE A 94 -6.81 17.29 4.54
N GLU A 95 -6.22 16.10 4.46
CA GLU A 95 -6.28 15.15 5.55
C GLU A 95 -4.93 14.50 5.79
N SER A 96 -4.62 14.27 7.06
CA SER A 96 -3.37 13.64 7.45
C SER A 96 -3.62 12.63 8.56
N MET A 97 -3.26 11.38 8.31
CA MET A 97 -3.47 10.34 9.31
C MET A 97 -2.33 9.31 9.33
N PRO A 98 -1.84 8.95 10.53
CA PRO A 98 -0.76 7.96 10.67
C PRO A 98 -1.18 6.64 10.05
N LEU A 99 -0.64 6.35 8.88
CA LEU A 99 -0.96 5.13 8.15
C LEU A 99 -0.84 3.88 9.01
N LEU A 100 0.30 3.68 9.65
CA LEU A 100 0.49 2.50 10.49
C LEU A 100 -0.62 2.41 11.53
N GLU A 101 -0.89 3.53 12.18
CA GLU A 101 -1.95 3.59 13.18
C GLU A 101 -3.28 3.25 12.52
N TRP A 102 -3.47 3.77 11.30
CA TRP A 102 -4.69 3.54 10.54
C TRP A 102 -4.83 2.08 10.16
N PHE A 103 -3.73 1.45 9.79
CA PHE A 103 -3.74 0.05 9.37
C PHE A 103 -4.33 -0.85 10.45
N ALA A 104 -3.97 -0.58 11.70
CA ALA A 104 -4.47 -1.37 12.82
C ALA A 104 -5.86 -0.91 13.26
N ASN A 105 -6.29 0.24 12.77
CA ASN A 105 -7.58 0.79 13.14
C ASN A 105 -8.76 0.06 12.46
N ASN A 106 -8.64 -0.21 11.17
CA ASN A 106 -9.74 -0.84 10.44
C ASN A 106 -9.32 -2.05 9.59
N TYR A 107 -8.18 -2.67 9.89
CA TYR A 107 -7.72 -3.82 9.11
C TYR A 107 -8.75 -4.94 9.08
N LYS A 108 -9.73 -4.89 9.98
CA LYS A 108 -10.78 -5.91 10.02
C LYS A 108 -11.75 -5.69 8.87
N LYS A 109 -11.95 -4.44 8.50
CA LYS A 109 -12.85 -4.07 7.42
C LYS A 109 -12.35 -4.60 6.07
N PHE A 110 -11.04 -4.51 5.87
CA PHE A 110 -10.42 -4.98 4.63
C PHE A 110 -10.31 -6.50 4.60
N GLY A 111 -10.38 -7.12 5.78
CA GLY A 111 -10.28 -8.56 5.86
C GLY A 111 -8.84 -9.04 5.83
N ALA A 112 -7.92 -8.15 6.20
CA ALA A 112 -6.50 -8.49 6.21
C ALA A 112 -6.00 -8.55 7.65
N THR A 113 -5.01 -9.40 7.90
CA THR A 113 -4.46 -9.54 9.23
C THR A 113 -3.38 -8.50 9.46
N LEU A 114 -3.71 -7.46 10.21
CA LEU A 114 -2.76 -6.41 10.48
C LEU A 114 -1.72 -6.89 11.47
N GLU A 115 -0.55 -7.24 10.96
CA GLU A 115 0.53 -7.72 11.78
C GLU A 115 1.68 -6.73 11.79
N ILE A 116 2.20 -6.44 12.98
CA ILE A 116 3.29 -5.50 13.11
C ILE A 116 4.64 -6.23 13.17
N VAL A 117 5.66 -5.58 12.62
CA VAL A 117 7.01 -6.16 12.59
C VAL A 117 8.08 -5.08 12.62
N THR A 118 9.33 -5.50 12.86
CA THR A 118 10.45 -4.57 12.92
C THR A 118 11.60 -5.02 12.02
N ASP A 119 12.58 -4.14 11.82
CA ASP A 119 13.72 -4.44 10.97
C ASP A 119 14.85 -5.12 11.76
N LYS A 120 14.61 -5.39 13.04
CA LYS A 120 15.61 -6.05 13.88
C LYS A 120 15.98 -7.42 13.32
N SER A 121 14.98 -8.15 12.83
CA SER A 121 15.20 -9.47 12.27
C SER A 121 15.73 -9.38 10.83
N GLN A 122 16.34 -10.46 10.37
CA GLN A 122 16.90 -10.50 9.01
C GLN A 122 15.79 -10.29 7.99
N GLU A 123 14.64 -10.92 8.23
CA GLU A 123 13.50 -10.81 7.33
C GLU A 123 13.04 -9.36 7.23
N GLY A 124 13.05 -8.66 8.35
CA GLY A 124 12.64 -7.26 8.37
C GLY A 124 13.31 -6.44 7.28
N SER A 125 14.62 -6.60 7.15
CA SER A 125 15.38 -5.86 6.14
C SER A 125 14.84 -6.12 4.75
N GLN A 126 14.28 -7.30 4.53
CA GLN A 126 13.73 -7.65 3.23
C GLN A 126 12.58 -6.71 2.89
N PHE A 127 11.83 -6.34 3.93
CA PHE A 127 10.70 -5.44 3.79
C PHE A 127 11.10 -3.97 3.84
N VAL A 128 11.60 -3.55 5.00
CA VAL A 128 11.99 -2.16 5.21
C VAL A 128 13.09 -1.73 4.24
N LYS A 129 14.18 -2.46 4.21
CA LYS A 129 15.30 -2.13 3.32
C LYS A 129 14.99 -2.50 1.87
N GLY A 130 14.24 -3.58 1.69
CA GLY A 130 13.89 -4.01 0.35
C GLY A 130 12.72 -3.22 -0.20
N PHE A 131 11.89 -2.71 0.70
CA PHE A 131 10.73 -1.94 0.32
C PHE A 131 10.60 -0.68 1.18
N GLY A 132 9.90 -0.78 2.30
CA GLY A 132 9.73 0.38 3.17
C GLY A 132 9.07 0.05 4.50
N GLY A 133 8.42 -1.12 4.60
CA GLY A 133 7.77 -1.50 5.83
C GLY A 133 6.27 -1.70 5.68
N ILE A 134 5.81 -1.91 4.45
CA ILE A 134 4.40 -2.12 4.16
C ILE A 134 4.22 -3.16 3.07
N GLY A 135 3.50 -4.24 3.37
CA GLY A 135 3.27 -5.28 2.37
C GLY A 135 1.90 -5.86 2.53
N GLY A 136 1.42 -6.59 1.52
CA GLY A 136 0.10 -7.17 1.61
C GLY A 136 0.02 -8.56 1.03
N ILE A 137 0.26 -9.56 1.88
CA ILE A 137 0.22 -10.95 1.47
C ILE A 137 -1.17 -11.28 0.93
N LEU A 138 -1.23 -11.92 -0.22
CA LEU A 138 -2.51 -12.30 -0.82
C LEU A 138 -2.76 -13.79 -0.64
N ARG A 139 -4.02 -14.18 -0.70
CA ARG A 139 -4.38 -15.59 -0.53
C ARG A 139 -3.95 -16.43 -1.74
N TYR A 140 -4.10 -15.86 -2.93
CA TYR A 140 -3.72 -16.56 -4.15
C TYR A 140 -3.22 -15.58 -5.22
N ARG A 141 -2.75 -16.12 -6.33
CA ARG A 141 -2.24 -15.29 -7.43
C ARG A 141 -3.33 -14.40 -8.00
N VAL A 142 -3.07 -13.09 -8.00
CA VAL A 142 -4.03 -12.13 -8.53
C VAL A 142 -3.36 -11.17 -9.53
N ASP A 143 -4.08 -10.80 -10.57
CA ASP A 143 -3.56 -9.88 -11.57
C ASP A 143 -3.86 -8.44 -11.20
N PHE A 144 -5.09 -8.01 -11.46
CA PHE A 144 -5.51 -6.65 -11.15
C PHE A 144 -6.97 -6.42 -11.57
N GLN A 145 -7.83 -6.11 -10.61
CA GLN A 145 -9.24 -5.87 -10.90
C GLN A 145 -9.77 -4.69 -10.10
N GLY A 146 -10.85 -4.09 -10.58
CA GLY A 146 -11.46 -2.97 -9.88
C GLY A 146 -12.85 -3.28 -9.37
N MET A 147 -13.67 -3.89 -10.23
CA MET A 147 -15.02 -4.25 -9.88
C MET A 147 -15.39 -5.62 -10.46
N GLU A 148 -16.47 -6.20 -9.98
CA GLU A 148 -16.92 -7.50 -10.44
C GLU A 148 -17.20 -7.47 -11.95
N TYR A 149 -17.82 -6.39 -12.41
CA TYR A 149 -18.14 -6.25 -13.83
C TYR A 149 -17.64 -4.90 -14.36
N GLN A 150 -16.51 -4.92 -15.05
CA GLN A 150 -15.94 -3.71 -15.60
C GLN A 150 -16.84 -3.12 -16.69
N GLY A 151 -17.41 -3.99 -17.52
CA GLY A 151 -18.28 -3.54 -18.59
C GLY A 151 -19.76 -3.61 -18.21
N GLY A 152 -20.05 -4.11 -17.01
CA GLY A 152 -21.43 -4.23 -16.56
C GLY A 152 -21.76 -3.27 -15.44
N ASP A 153 -20.84 -3.16 -14.47
CA ASP A 153 -21.04 -2.27 -13.34
C ASP A 153 -20.67 -0.83 -13.71
N ASP A 154 -20.46 -0.59 -15.00
CA ASP A 154 -20.10 0.75 -15.47
C ASP A 154 -18.77 1.20 -14.88
N GLU A 155 -17.80 0.29 -14.82
CA GLU A 155 -16.48 0.60 -14.29
C GLU A 155 -15.82 1.71 -15.09
N PHE A 156 -15.88 1.59 -16.41
CA PHE A 156 -15.29 2.57 -17.30
C PHE A 156 -16.35 3.55 -17.82
N PHE A 157 -17.60 3.34 -17.43
CA PHE A 157 -18.68 4.20 -17.87
C PHE A 157 -19.05 5.21 -16.79
N ASP A 158 -18.98 6.49 -17.15
CA ASP A 158 -19.33 7.55 -16.21
C ASP A 158 -20.81 7.46 -15.84
N LEU A 159 -21.55 6.68 -16.63
CA LEU A 159 -22.98 6.48 -16.41
C LEU A 159 -23.26 5.85 -15.04
N ASP A 160 -22.22 5.37 -14.36
CA ASP A 160 -22.38 4.75 -13.05
C ASP A 160 -23.12 5.68 -12.10
N ASP A 161 -22.81 6.97 -12.15
CA ASP A 161 -23.45 7.96 -11.30
C ASP A 161 -24.97 7.97 -11.55
N TYR A 162 -25.35 7.85 -12.81
CA TYR A 162 -26.75 7.84 -13.19
C TYR A 162 -27.49 6.72 -12.48
N LEU A 163 -26.78 5.62 -12.23
CA LEU A 163 -27.36 4.47 -11.55
C LEU A 163 -27.87 4.83 -10.17
N GLU A 164 -27.07 5.60 -9.43
CA GLU A 164 -27.44 6.02 -8.08
C GLU A 164 -28.74 6.83 -8.10
N HIS A 165 -28.88 7.69 -9.11
CA HIS A 165 -30.08 8.52 -9.23
C HIS A 165 -30.57 8.53 -10.67
N ASN A 2 7.98 -10.40 22.99
CA ASN A 2 6.71 -10.03 22.30
C ASN A 2 6.49 -10.90 21.05
N VAL A 3 5.28 -10.85 20.51
CA VAL A 3 4.95 -11.63 19.32
C VAL A 3 5.71 -11.12 18.11
N LYS A 4 6.12 -9.86 18.14
CA LYS A 4 6.84 -9.25 17.02
C LYS A 4 8.06 -10.09 16.64
N PHE A 5 8.77 -10.61 17.63
CA PHE A 5 9.97 -11.41 17.37
C PHE A 5 9.66 -12.62 16.50
N ILE A 6 8.63 -13.38 16.87
CA ILE A 6 8.26 -14.56 16.10
C ILE A 6 7.36 -14.20 14.93
N GLN A 7 6.47 -13.25 15.16
CA GLN A 7 5.54 -12.81 14.14
C GLN A 7 6.30 -12.24 12.96
N GLU A 8 7.28 -11.41 13.26
CA GLU A 8 8.12 -10.77 12.27
C GLU A 8 8.88 -11.79 11.42
N LYS A 9 9.35 -12.84 12.06
CA LYS A 9 10.11 -13.88 11.38
C LYS A 9 9.27 -14.72 10.43
N LYS A 10 8.24 -15.39 10.95
CA LYS A 10 7.41 -16.26 10.13
C LYS A 10 6.66 -15.52 9.04
N LEU A 11 5.97 -14.45 9.42
CA LEU A 11 5.18 -13.68 8.47
C LEU A 11 6.02 -13.04 7.37
N ILE A 12 6.95 -12.19 7.76
CA ILE A 12 7.80 -11.50 6.81
C ILE A 12 8.59 -12.48 5.94
N GLY A 13 9.07 -13.55 6.55
CA GLY A 13 9.81 -14.54 5.80
C GLY A 13 8.95 -15.20 4.73
N ARG A 14 7.70 -15.49 5.09
CA ARG A 14 6.76 -16.10 4.17
C ARG A 14 6.41 -15.18 3.02
N TYR A 15 6.63 -13.90 3.24
CA TYR A 15 6.37 -12.91 2.21
C TYR A 15 7.45 -12.94 1.15
N PHE A 16 8.68 -12.69 1.57
CA PHE A 16 9.81 -12.65 0.66
C PHE A 16 10.24 -14.05 0.19
N ASP A 17 9.89 -15.10 0.93
CA ASP A 17 10.27 -16.45 0.52
C ASP A 17 9.30 -17.00 -0.50
N GLU A 18 8.01 -16.88 -0.20
CA GLU A 18 6.98 -17.37 -1.10
C GLU A 18 7.09 -16.66 -2.43
N ILE A 19 7.37 -15.36 -2.39
CA ILE A 19 7.54 -14.57 -3.61
C ILE A 19 8.72 -15.10 -4.40
N SER A 20 9.75 -15.57 -3.67
CA SER A 20 10.94 -16.12 -4.30
C SER A 20 10.59 -17.32 -5.18
N GLN A 21 9.39 -17.85 -4.98
CA GLN A 21 8.91 -18.99 -5.74
C GLN A 21 8.16 -18.55 -6.99
N ASP A 22 8.19 -17.25 -7.28
CA ASP A 22 7.49 -16.71 -8.44
C ASP A 22 6.00 -17.02 -8.35
N THR A 23 5.52 -17.18 -7.13
CA THR A 23 4.11 -17.48 -6.89
C THR A 23 3.32 -16.23 -6.51
N GLY A 24 3.99 -15.08 -6.44
CA GLY A 24 3.31 -13.86 -6.08
C GLY A 24 2.57 -14.01 -4.77
N LYS A 25 1.37 -13.46 -4.70
CA LYS A 25 0.56 -13.54 -3.48
C LYS A 25 1.10 -12.60 -2.42
N TYR A 26 1.78 -11.54 -2.83
CA TYR A 26 2.34 -10.58 -1.87
C TYR A 26 2.53 -9.23 -2.53
N CYS A 27 2.44 -8.15 -1.74
CA CYS A 27 2.63 -6.81 -2.29
C CYS A 27 3.48 -5.98 -1.34
N PHE A 28 4.22 -5.01 -1.85
CA PHE A 28 5.07 -4.18 -1.00
C PHE A 28 4.77 -2.70 -1.20
N GLY A 29 4.90 -1.93 -0.14
CA GLY A 29 4.64 -0.51 -0.21
C GLY A 29 3.25 -0.17 0.29
N VAL A 30 2.96 1.11 0.37
CA VAL A 30 1.64 1.55 0.83
C VAL A 30 0.60 1.32 -0.26
N GLU A 31 0.81 1.98 -1.40
CA GLU A 31 -0.11 1.86 -2.53
C GLU A 31 -0.48 0.41 -2.83
N ASP A 32 0.52 -0.42 -3.15
CA ASP A 32 0.27 -1.81 -3.46
C ASP A 32 -0.39 -2.55 -2.30
N THR A 33 0.24 -2.47 -1.12
CA THR A 33 -0.30 -3.15 0.05
C THR A 33 -1.72 -2.69 0.35
N LEU A 34 -1.98 -1.40 0.17
CA LEU A 34 -3.31 -0.85 0.41
C LEU A 34 -4.30 -1.36 -0.64
N LYS A 35 -3.91 -1.22 -1.91
CA LYS A 35 -4.75 -1.66 -3.01
C LYS A 35 -5.16 -3.12 -2.87
N ALA A 36 -4.19 -3.97 -2.57
CA ALA A 36 -4.49 -5.39 -2.40
C ALA A 36 -5.47 -5.61 -1.27
N LEU A 37 -5.38 -4.77 -0.23
CA LEU A 37 -6.30 -4.87 0.89
C LEU A 37 -7.71 -4.54 0.41
N GLU A 38 -7.77 -3.54 -0.46
CA GLU A 38 -9.02 -3.12 -1.06
C GLU A 38 -9.51 -4.20 -2.01
N MET A 39 -8.57 -4.93 -2.58
CA MET A 39 -8.85 -6.01 -3.51
C MET A 39 -9.35 -7.26 -2.79
N GLY A 40 -9.21 -7.28 -1.46
CA GLY A 40 -9.63 -8.43 -0.70
C GLY A 40 -8.74 -9.62 -0.97
N ALA A 41 -7.67 -9.39 -1.73
CA ALA A 41 -6.71 -10.43 -2.09
C ALA A 41 -5.78 -10.72 -0.93
N VAL A 42 -5.61 -9.73 -0.05
CA VAL A 42 -4.73 -9.86 1.09
C VAL A 42 -5.24 -10.84 2.14
N GLU A 43 -4.36 -11.75 2.55
CA GLU A 43 -4.70 -12.72 3.57
C GLU A 43 -4.12 -12.24 4.90
N ILE A 44 -2.93 -11.64 4.82
CA ILE A 44 -2.24 -11.10 6.00
C ILE A 44 -1.49 -9.82 5.64
N LEU A 45 -1.79 -8.73 6.35
CA LEU A 45 -1.11 -7.46 6.11
C LEU A 45 0.13 -7.35 6.98
N ILE A 46 1.23 -6.89 6.40
CA ILE A 46 2.48 -6.73 7.12
C ILE A 46 2.93 -5.28 7.09
N VAL A 47 2.85 -4.64 8.25
CA VAL A 47 3.22 -3.23 8.39
C VAL A 47 4.07 -3.05 9.65
N TYR A 48 5.13 -2.24 9.60
CA TYR A 48 5.99 -2.06 10.76
C TYR A 48 5.51 -0.98 11.71
N GLU A 49 5.85 -1.15 12.98
CA GLU A 49 5.48 -0.19 14.03
C GLU A 49 6.21 1.13 13.82
N ASN A 50 7.40 1.05 13.23
CA ASN A 50 8.22 2.22 12.97
C ASN A 50 7.82 2.90 11.66
N LEU A 51 6.82 2.36 10.98
CA LEU A 51 6.35 2.91 9.72
C LEU A 51 6.21 4.43 9.79
N ASP A 52 6.94 5.13 8.93
CA ASP A 52 6.91 6.59 8.90
C ASP A 52 6.02 7.09 7.77
N ILE A 53 5.25 6.19 7.16
CA ILE A 53 4.37 6.57 6.07
C ILE A 53 2.97 6.90 6.58
N MET A 54 2.47 8.04 6.13
CA MET A 54 1.16 8.52 6.55
C MET A 54 0.28 8.86 5.35
N ARG A 55 -1.01 9.00 5.61
CA ARG A 55 -1.98 9.31 4.57
C ARG A 55 -2.47 10.76 4.68
N TYR A 56 -2.09 11.57 3.70
CA TYR A 56 -2.50 12.97 3.67
C TYR A 56 -3.32 13.23 2.42
N VAL A 57 -4.36 14.04 2.55
CA VAL A 57 -5.23 14.33 1.41
C VAL A 57 -5.09 15.77 0.93
N LEU A 58 -4.62 15.92 -0.31
CA LEU A 58 -4.43 17.24 -0.93
C LEU A 58 -5.55 17.53 -1.93
N HIS A 59 -6.31 18.60 -1.70
CA HIS A 59 -7.39 18.95 -2.61
C HIS A 59 -7.24 20.38 -3.14
N CYS A 60 -7.67 20.58 -4.38
CA CYS A 60 -7.60 21.90 -5.00
C CYS A 60 -9.01 22.38 -5.35
N GLN A 61 -9.28 23.67 -5.11
CA GLN A 61 -10.58 24.25 -5.39
C GLN A 61 -11.10 23.84 -6.77
N GLY A 62 -12.33 23.35 -6.82
CA GLY A 62 -12.92 22.94 -8.08
C GLY A 62 -13.02 21.42 -8.20
N THR A 63 -12.34 20.71 -7.30
CA THR A 63 -12.35 19.25 -7.32
C THR A 63 -11.99 18.70 -8.70
N GLU A 64 -11.32 19.52 -9.50
CA GLU A 64 -10.92 19.11 -10.84
C GLU A 64 -9.80 18.07 -10.80
N GLU A 65 -8.97 18.15 -9.76
CA GLU A 65 -7.86 17.23 -9.61
C GLU A 65 -7.39 17.19 -8.16
N GLU A 66 -7.74 16.13 -7.45
CA GLU A 66 -7.36 15.98 -6.07
C GLU A 66 -6.10 15.11 -5.95
N LYS A 67 -5.17 15.56 -5.12
CA LYS A 67 -3.91 14.84 -4.92
C LYS A 67 -3.86 14.22 -3.54
N ILE A 68 -3.69 12.92 -3.48
CA ILE A 68 -3.63 12.22 -2.20
C ILE A 68 -2.59 11.12 -2.26
N LEU A 69 -1.46 11.31 -1.59
CA LEU A 69 -0.40 10.33 -1.60
C LEU A 69 0.39 10.29 -0.29
N TYR A 70 1.28 9.32 -0.19
CA TYR A 70 2.12 9.11 0.98
C TYR A 70 3.39 9.99 0.95
N LEU A 71 3.74 10.55 2.09
CA LEU A 71 4.93 11.37 2.20
C LEU A 71 5.68 11.07 3.50
N THR A 72 6.98 10.87 3.39
CA THR A 72 7.82 10.61 4.54
C THR A 72 8.24 11.92 5.18
N PRO A 73 8.85 11.90 6.38
CA PRO A 73 9.28 13.11 7.06
C PRO A 73 9.90 14.13 6.10
N GLU A 74 10.71 13.63 5.17
CA GLU A 74 11.36 14.49 4.18
C GLU A 74 10.39 14.93 3.08
N GLN A 75 9.56 14.01 2.61
CA GLN A 75 8.61 14.32 1.54
C GLN A 75 7.66 15.42 1.96
N GLU A 76 7.04 15.26 3.14
CA GLU A 76 6.11 16.26 3.65
C GLU A 76 6.82 17.57 3.92
N LYS A 77 8.09 17.48 4.30
CA LYS A 77 8.88 18.66 4.58
C LYS A 77 9.05 19.48 3.30
N ASP A 78 9.20 18.76 2.19
CA ASP A 78 9.37 19.40 0.88
C ASP A 78 8.00 19.70 0.26
N LYS A 79 7.73 20.99 0.04
CA LYS A 79 6.46 21.41 -0.54
C LYS A 79 6.44 21.22 -2.06
N SER A 80 7.57 20.79 -2.62
CA SER A 80 7.67 20.57 -4.06
C SER A 80 6.86 19.36 -4.49
N HIS A 81 6.89 18.31 -3.68
CA HIS A 81 6.17 17.08 -3.98
C HIS A 81 4.66 17.29 -3.95
N PHE A 82 4.17 18.07 -3.00
CA PHE A 82 2.75 18.34 -2.88
C PHE A 82 2.23 19.05 -4.13
N THR A 83 3.03 19.99 -4.65
CA THR A 83 2.67 20.74 -5.84
C THR A 83 2.93 19.92 -7.11
N ASP A 84 2.30 20.32 -8.21
CA ASP A 84 2.48 19.61 -9.47
C ASP A 84 2.66 20.59 -10.64
N LYS A 85 3.42 20.15 -11.64
CA LYS A 85 3.67 20.95 -12.82
C LYS A 85 2.44 20.95 -13.74
N GLU A 86 1.43 20.16 -13.37
CA GLU A 86 0.20 20.05 -14.15
C GLU A 86 -0.92 20.87 -13.51
N THR A 87 -0.56 21.58 -12.45
CA THR A 87 -1.50 22.43 -11.75
C THR A 87 -0.82 23.75 -11.39
N GLY A 88 0.46 23.65 -11.06
CA GLY A 88 1.24 24.83 -10.71
C GLY A 88 0.64 25.58 -9.55
N GLN A 89 -0.13 24.88 -8.73
CA GLN A 89 -0.76 25.48 -7.57
C GLN A 89 -0.47 24.67 -6.33
N GLU A 90 -0.66 25.27 -5.16
CA GLU A 90 -0.43 24.58 -3.90
C GLU A 90 -1.72 23.96 -3.39
N HIS A 91 -1.71 22.64 -3.24
CA HIS A 91 -2.88 21.92 -2.76
C HIS A 91 -3.24 22.36 -1.35
N GLU A 92 -4.41 21.93 -0.88
CA GLU A 92 -4.86 22.28 0.45
C GLU A 92 -5.15 21.01 1.23
N LEU A 93 -4.24 20.65 2.12
CA LEU A 93 -4.41 19.45 2.91
C LEU A 93 -5.69 19.54 3.73
N ILE A 94 -6.49 18.48 3.68
CA ILE A 94 -7.75 18.43 4.40
C ILE A 94 -7.60 17.71 5.72
N GLU A 95 -6.80 16.64 5.72
CA GLU A 95 -6.58 15.86 6.92
C GLU A 95 -5.31 15.04 6.80
N SER A 96 -4.82 14.58 7.94
CA SER A 96 -3.62 13.77 7.99
C SER A 96 -3.79 12.67 9.04
N MET A 97 -3.66 11.44 8.60
CA MET A 97 -3.83 10.30 9.50
C MET A 97 -2.66 9.33 9.44
N PRO A 98 -2.10 8.95 10.60
CA PRO A 98 -0.99 7.99 10.65
C PRO A 98 -1.39 6.66 10.04
N LEU A 99 -0.88 6.39 8.85
CA LEU A 99 -1.20 5.17 8.12
C LEU A 99 -1.04 3.92 8.98
N LEU A 100 0.13 3.76 9.61
CA LEU A 100 0.35 2.60 10.45
C LEU A 100 -0.74 2.48 11.49
N GLU A 101 -1.02 3.59 12.17
CA GLU A 101 -2.08 3.62 13.18
C GLU A 101 -3.40 3.26 12.53
N TRP A 102 -3.61 3.78 11.31
CA TRP A 102 -4.83 3.52 10.57
C TRP A 102 -4.94 2.05 10.18
N PHE A 103 -3.80 1.46 9.78
CA PHE A 103 -3.79 0.06 9.38
C PHE A 103 -4.34 -0.84 10.47
N ALA A 104 -3.97 -0.56 11.72
CA ALA A 104 -4.43 -1.34 12.85
C ALA A 104 -5.82 -0.92 13.30
N ASN A 105 -6.27 0.24 12.85
CA ASN A 105 -7.57 0.75 13.24
C ASN A 105 -8.73 0.01 12.58
N ASN A 106 -8.63 -0.27 11.29
CA ASN A 106 -9.72 -0.94 10.58
C ASN A 106 -9.29 -2.14 9.74
N TYR A 107 -8.13 -2.72 10.02
CA TYR A 107 -7.67 -3.88 9.24
C TYR A 107 -8.69 -5.01 9.25
N LYS A 108 -9.65 -4.97 10.18
CA LYS A 108 -10.66 -6.00 10.25
C LYS A 108 -11.68 -5.82 9.13
N LYS A 109 -11.93 -4.57 8.76
CA LYS A 109 -12.87 -4.25 7.70
C LYS A 109 -12.39 -4.78 6.36
N PHE A 110 -11.09 -4.66 6.12
CA PHE A 110 -10.50 -5.13 4.87
C PHE A 110 -10.29 -6.64 4.86
N GLY A 111 -10.46 -7.27 6.03
CA GLY A 111 -10.28 -8.69 6.13
C GLY A 111 -8.82 -9.11 6.03
N ALA A 112 -7.92 -8.18 6.31
CA ALA A 112 -6.49 -8.45 6.26
C ALA A 112 -5.93 -8.53 7.68
N THR A 113 -4.98 -9.44 7.87
CA THR A 113 -4.36 -9.60 9.18
C THR A 113 -3.26 -8.57 9.36
N LEU A 114 -3.56 -7.51 10.10
CA LEU A 114 -2.59 -6.47 10.34
C LEU A 114 -1.54 -6.94 11.34
N GLU A 115 -0.37 -7.29 10.84
CA GLU A 115 0.69 -7.77 11.70
C GLU A 115 1.84 -6.77 11.73
N ILE A 116 2.17 -6.29 12.93
CA ILE A 116 3.24 -5.32 13.10
C ILE A 116 4.60 -6.00 13.18
N VAL A 117 5.62 -5.30 12.69
CA VAL A 117 6.98 -5.83 12.70
C VAL A 117 8.02 -4.71 12.74
N THR A 118 9.28 -5.09 12.98
CA THR A 118 10.37 -4.11 13.05
C THR A 118 11.56 -4.56 12.20
N ASP A 119 12.56 -3.68 12.08
CA ASP A 119 13.74 -3.97 11.29
C ASP A 119 14.83 -4.63 12.14
N LYS A 120 14.48 -5.03 13.36
CA LYS A 120 15.44 -5.68 14.25
C LYS A 120 15.99 -6.95 13.64
N SER A 121 15.12 -7.72 12.98
CA SER A 121 15.54 -8.97 12.35
C SER A 121 15.95 -8.75 10.90
N GLN A 122 16.72 -9.68 10.35
CA GLN A 122 17.19 -9.59 8.97
C GLN A 122 16.00 -9.54 8.00
N GLU A 123 14.98 -10.35 8.29
CA GLU A 123 13.79 -10.40 7.45
C GLU A 123 13.11 -9.04 7.36
N GLY A 124 13.08 -8.33 8.48
CA GLY A 124 12.46 -7.02 8.50
C GLY A 124 13.02 -6.08 7.45
N SER A 125 14.35 -6.08 7.32
CA SER A 125 15.02 -5.22 6.35
C SER A 125 14.49 -5.48 4.94
N GLN A 126 14.21 -6.75 4.64
CA GLN A 126 13.68 -7.13 3.35
C GLN A 126 12.48 -6.26 2.98
N PHE A 127 11.71 -5.89 4.01
CA PHE A 127 10.53 -5.05 3.83
C PHE A 127 10.88 -3.58 3.84
N VAL A 128 11.41 -3.12 4.97
CA VAL A 128 11.77 -1.70 5.15
C VAL A 128 12.86 -1.26 4.18
N LYS A 129 13.95 -2.01 4.13
CA LYS A 129 15.06 -1.69 3.24
C LYS A 129 14.75 -2.09 1.80
N GLY A 130 13.98 -3.16 1.64
CA GLY A 130 13.62 -3.63 0.32
C GLY A 130 12.41 -2.92 -0.22
N PHE A 131 11.57 -2.43 0.68
CA PHE A 131 10.35 -1.73 0.29
C PHE A 131 10.19 -0.43 1.09
N GLY A 132 9.50 -0.48 2.23
CA GLY A 132 9.30 0.71 3.04
C GLY A 132 8.42 0.46 4.25
N GLY A 133 8.63 -0.67 4.91
CA GLY A 133 7.87 -1.00 6.11
C GLY A 133 6.40 -1.30 5.82
N ILE A 134 6.10 -1.63 4.58
CA ILE A 134 4.73 -1.96 4.19
C ILE A 134 4.75 -3.03 3.11
N GLY A 135 3.97 -4.09 3.29
CA GLY A 135 3.93 -5.16 2.31
C GLY A 135 2.93 -6.23 2.71
N GLY A 136 1.86 -6.38 1.93
CA GLY A 136 0.84 -7.34 2.27
C GLY A 136 1.03 -8.69 1.65
N ILE A 137 0.20 -9.63 2.11
CA ILE A 137 0.20 -11.00 1.63
C ILE A 137 -1.16 -11.29 1.01
N LEU A 138 -1.18 -11.87 -0.19
CA LEU A 138 -2.44 -12.20 -0.85
C LEU A 138 -2.70 -13.70 -0.79
N ARG A 139 -3.94 -14.10 -0.97
CA ARG A 139 -4.30 -15.52 -0.94
C ARG A 139 -3.80 -16.26 -2.17
N TYR A 140 -3.91 -15.61 -3.33
CA TYR A 140 -3.47 -16.21 -4.58
C TYR A 140 -3.01 -15.15 -5.57
N ARG A 141 -2.28 -15.59 -6.60
CA ARG A 141 -1.76 -14.67 -7.61
C ARG A 141 -2.88 -13.76 -8.14
N VAL A 142 -2.56 -12.50 -8.31
CA VAL A 142 -3.52 -11.53 -8.82
C VAL A 142 -2.94 -10.72 -9.98
N ASP A 143 -3.81 -10.12 -10.78
CA ASP A 143 -3.38 -9.33 -11.89
C ASP A 143 -2.74 -8.04 -11.40
N PHE A 144 -1.90 -7.45 -12.23
CA PHE A 144 -1.22 -6.22 -11.88
C PHE A 144 -1.73 -5.06 -12.74
N GLN A 145 -1.66 -3.84 -12.21
CA GLN A 145 -2.11 -2.66 -12.92
C GLN A 145 -1.33 -2.47 -14.22
N GLY A 146 -2.01 -1.99 -15.25
CA GLY A 146 -1.36 -1.77 -16.53
C GLY A 146 -1.94 -0.58 -17.27
N MET A 147 -2.89 -0.86 -18.15
CA MET A 147 -3.54 0.19 -18.93
C MET A 147 -4.61 0.90 -18.08
N GLU A 148 -5.09 2.03 -18.57
CA GLU A 148 -6.10 2.79 -17.87
C GLU A 148 -7.49 2.23 -18.14
N TYR A 149 -8.30 2.13 -17.09
CA TYR A 149 -9.66 1.61 -17.22
C TYR A 149 -9.65 0.16 -17.73
N GLN A 150 -8.82 -0.68 -17.12
CA GLN A 150 -8.72 -2.08 -17.51
C GLN A 150 -10.06 -2.78 -17.35
N GLY A 151 -10.76 -2.49 -16.25
CA GLY A 151 -12.04 -3.11 -16.00
C GLY A 151 -11.96 -4.62 -16.00
N GLY A 152 -12.81 -5.25 -16.81
CA GLY A 152 -12.80 -6.70 -16.89
C GLY A 152 -12.81 -7.19 -18.32
N ASP A 153 -12.03 -6.53 -19.16
CA ASP A 153 -11.94 -6.89 -20.57
C ASP A 153 -10.78 -7.85 -20.81
N ASP A 154 -10.31 -8.49 -19.74
CA ASP A 154 -9.20 -9.44 -19.85
C ASP A 154 -7.96 -8.76 -20.41
N GLU A 155 -7.57 -7.65 -19.79
CA GLU A 155 -6.40 -6.89 -20.23
C GLU A 155 -5.14 -7.76 -20.15
N PHE A 156 -5.01 -8.52 -19.07
CA PHE A 156 -3.86 -9.38 -18.88
C PHE A 156 -4.22 -10.86 -19.13
N PHE A 157 -5.49 -11.11 -19.43
CA PHE A 157 -5.97 -12.46 -19.68
C PHE A 157 -6.08 -12.73 -21.17
N ASP A 158 -5.36 -13.75 -21.64
CA ASP A 158 -5.39 -14.13 -23.04
C ASP A 158 -6.83 -14.51 -23.44
N LEU A 159 -7.64 -14.80 -22.43
CA LEU A 159 -9.03 -15.18 -22.62
C LEU A 159 -9.82 -14.07 -23.32
N ASP A 160 -9.24 -12.87 -23.40
CA ASP A 160 -9.91 -11.74 -24.03
C ASP A 160 -10.38 -12.11 -25.45
N ASP A 161 -9.54 -12.84 -26.17
CA ASP A 161 -9.87 -13.26 -27.53
C ASP A 161 -11.14 -14.11 -27.52
N TYR A 162 -11.26 -14.97 -26.52
CA TYR A 162 -12.43 -15.83 -26.39
C TYR A 162 -13.70 -15.00 -26.34
N LEU A 163 -13.59 -13.82 -25.72
CA LEU A 163 -14.73 -12.91 -25.60
C LEU A 163 -15.25 -12.50 -26.97
N GLU A 164 -14.34 -12.07 -27.84
CA GLU A 164 -14.71 -11.65 -29.19
C GLU A 164 -15.39 -12.79 -29.95
N HIS A 165 -14.86 -14.00 -29.78
CA HIS A 165 -15.41 -15.17 -30.46
C HIS A 165 -15.90 -16.20 -29.44
N ASN A 2 6.88 -9.00 22.23
CA ASN A 2 7.10 -10.46 22.33
C ASN A 2 6.82 -11.16 21.00
N VAL A 3 5.57 -11.09 20.56
CA VAL A 3 5.18 -11.72 19.30
C VAL A 3 5.89 -11.07 18.12
N LYS A 4 6.18 -9.78 18.24
CA LYS A 4 6.84 -9.05 17.15
C LYS A 4 8.05 -9.81 16.62
N PHE A 5 8.91 -10.27 17.52
CA PHE A 5 10.11 -10.99 17.10
C PHE A 5 9.78 -12.23 16.28
N ILE A 6 8.87 -13.05 16.80
CA ILE A 6 8.48 -14.27 16.09
C ILE A 6 7.62 -13.95 14.89
N GLN A 7 6.78 -12.93 15.04
CA GLN A 7 5.89 -12.50 13.96
C GLN A 7 6.72 -12.10 12.75
N GLU A 8 7.79 -11.36 13.03
CA GLU A 8 8.68 -10.86 12.00
C GLU A 8 9.32 -11.99 11.21
N LYS A 9 9.69 -13.05 11.90
CA LYS A 9 10.35 -14.17 11.26
C LYS A 9 9.41 -14.93 10.32
N LYS A 10 8.32 -15.47 10.86
CA LYS A 10 7.39 -16.26 10.06
C LYS A 10 6.64 -15.43 9.02
N LEU A 11 6.02 -14.34 9.45
CA LEU A 11 5.25 -13.49 8.52
C LEU A 11 6.11 -12.89 7.44
N ILE A 12 7.07 -12.06 7.84
CA ILE A 12 7.95 -11.39 6.90
C ILE A 12 8.65 -12.40 6.01
N GLY A 13 9.06 -13.52 6.60
CA GLY A 13 9.73 -14.55 5.83
C GLY A 13 8.77 -15.20 4.84
N ARG A 14 7.54 -15.45 5.30
CA ARG A 14 6.51 -16.06 4.46
C ARG A 14 6.16 -15.17 3.28
N TYR A 15 6.49 -13.90 3.39
CA TYR A 15 6.21 -12.96 2.33
C TYR A 15 7.26 -13.06 1.23
N PHE A 16 8.52 -12.87 1.62
CA PHE A 16 9.63 -12.90 0.69
C PHE A 16 9.99 -14.32 0.26
N ASP A 17 9.51 -15.34 0.98
CA ASP A 17 9.83 -16.72 0.63
C ASP A 17 9.00 -17.20 -0.56
N GLU A 18 7.69 -16.96 -0.50
CA GLU A 18 6.81 -17.37 -1.59
C GLU A 18 7.23 -16.71 -2.88
N ILE A 19 7.59 -15.43 -2.79
CA ILE A 19 8.05 -14.69 -3.94
C ILE A 19 9.23 -15.43 -4.55
N SER A 20 10.01 -16.06 -3.67
CA SER A 20 11.18 -16.82 -4.11
C SER A 20 10.75 -17.92 -5.07
N GLN A 21 9.48 -18.32 -4.95
CA GLN A 21 8.91 -19.37 -5.79
C GLN A 21 8.20 -18.79 -7.01
N ASP A 22 8.25 -17.47 -7.16
CA ASP A 22 7.60 -16.81 -8.28
C ASP A 22 6.10 -17.07 -8.26
N THR A 23 5.57 -17.32 -7.06
CA THR A 23 4.15 -17.60 -6.90
C THR A 23 3.38 -16.34 -6.52
N GLY A 24 4.08 -15.22 -6.39
CA GLY A 24 3.43 -13.98 -6.03
C GLY A 24 2.60 -14.11 -4.78
N LYS A 25 1.40 -13.56 -4.80
CA LYS A 25 0.51 -13.61 -3.64
C LYS A 25 1.04 -12.69 -2.56
N TYR A 26 1.76 -11.65 -2.96
CA TYR A 26 2.36 -10.70 -2.03
C TYR A 26 2.63 -9.38 -2.72
N CYS A 27 2.62 -8.29 -1.95
CA CYS A 27 2.89 -6.96 -2.54
C CYS A 27 3.60 -6.08 -1.52
N PHE A 28 4.30 -5.03 -1.97
CA PHE A 28 5.02 -4.15 -1.05
C PHE A 28 4.71 -2.68 -1.32
N GLY A 29 4.85 -1.86 -0.29
CA GLY A 29 4.60 -0.44 -0.41
C GLY A 29 3.24 -0.05 0.09
N VAL A 30 2.97 1.25 0.12
CA VAL A 30 1.68 1.75 0.59
C VAL A 30 0.61 1.50 -0.47
N GLU A 31 0.84 2.05 -1.66
CA GLU A 31 -0.10 1.91 -2.76
C GLU A 31 -0.51 0.45 -2.97
N ASP A 32 0.46 -0.41 -3.26
CA ASP A 32 0.19 -1.82 -3.49
C ASP A 32 -0.46 -2.48 -2.27
N THR A 33 0.20 -2.38 -1.12
CA THR A 33 -0.31 -2.99 0.11
C THR A 33 -1.73 -2.53 0.38
N LEU A 34 -2.02 -1.27 0.07
CA LEU A 34 -3.37 -0.72 0.27
C LEU A 34 -4.34 -1.26 -0.77
N LYS A 35 -3.95 -1.16 -2.04
CA LYS A 35 -4.79 -1.62 -3.13
C LYS A 35 -5.21 -3.08 -2.94
N ALA A 36 -4.26 -3.94 -2.65
CA ALA A 36 -4.55 -5.36 -2.45
C ALA A 36 -5.52 -5.55 -1.29
N LEU A 37 -5.39 -4.72 -0.26
CA LEU A 37 -6.29 -4.80 0.89
C LEU A 37 -7.69 -4.46 0.42
N GLU A 38 -7.76 -3.47 -0.45
CA GLU A 38 -9.02 -3.04 -1.03
C GLU A 38 -9.54 -4.14 -1.95
N MET A 39 -8.61 -4.89 -2.53
CA MET A 39 -8.92 -5.99 -3.42
C MET A 39 -9.44 -7.21 -2.67
N GLY A 40 -9.25 -7.22 -1.34
CA GLY A 40 -9.67 -8.36 -0.56
C GLY A 40 -8.80 -9.58 -0.83
N ALA A 41 -7.75 -9.36 -1.63
CA ALA A 41 -6.81 -10.42 -1.98
C ALA A 41 -5.85 -10.71 -0.83
N VAL A 42 -5.65 -9.69 0.01
CA VAL A 42 -4.73 -9.82 1.14
C VAL A 42 -5.22 -10.78 2.21
N GLU A 43 -4.35 -11.71 2.58
CA GLU A 43 -4.66 -12.66 3.63
C GLU A 43 -4.10 -12.14 4.94
N ILE A 44 -2.90 -11.58 4.86
CA ILE A 44 -2.23 -10.98 6.02
C ILE A 44 -1.51 -9.70 5.61
N LEU A 45 -1.60 -8.68 6.45
CA LEU A 45 -0.94 -7.41 6.16
C LEU A 45 0.36 -7.27 6.95
N ILE A 46 1.40 -6.76 6.28
CA ILE A 46 2.70 -6.57 6.92
C ILE A 46 3.03 -5.08 7.00
N VAL A 47 2.87 -4.51 8.19
CA VAL A 47 3.16 -3.09 8.41
C VAL A 47 3.99 -2.96 9.69
N TYR A 48 5.06 -2.17 9.68
CA TYR A 48 5.93 -2.05 10.85
C TYR A 48 5.48 -1.00 11.84
N GLU A 49 5.82 -1.24 13.11
CA GLU A 49 5.50 -0.32 14.20
C GLU A 49 6.25 1.00 14.01
N ASN A 50 7.40 0.94 13.35
CA ASN A 50 8.22 2.12 13.11
C ASN A 50 7.84 2.80 11.79
N LEU A 51 6.85 2.26 11.09
CA LEU A 51 6.42 2.82 9.81
C LEU A 51 6.21 4.32 9.92
N ASP A 52 6.95 5.07 9.09
CA ASP A 52 6.86 6.53 9.08
C ASP A 52 5.97 7.03 7.94
N ILE A 53 5.21 6.12 7.33
CA ILE A 53 4.34 6.47 6.23
C ILE A 53 2.93 6.77 6.73
N MET A 54 2.39 7.86 6.23
CA MET A 54 1.07 8.32 6.63
C MET A 54 0.15 8.54 5.44
N ARG A 55 -1.14 8.63 5.71
CA ARG A 55 -2.15 8.84 4.67
C ARG A 55 -2.70 10.24 4.72
N TYR A 56 -2.42 11.01 3.68
CA TYR A 56 -2.90 12.38 3.58
C TYR A 56 -3.76 12.52 2.33
N VAL A 57 -4.87 13.22 2.46
CA VAL A 57 -5.77 13.40 1.33
C VAL A 57 -5.75 14.83 0.79
N LEU A 58 -5.38 14.96 -0.48
CA LEU A 58 -5.32 16.27 -1.14
C LEU A 58 -6.49 16.46 -2.09
N HIS A 59 -7.18 17.60 -1.97
CA HIS A 59 -8.30 17.89 -2.85
C HIS A 59 -8.09 19.22 -3.56
N CYS A 60 -8.50 19.27 -4.82
CA CYS A 60 -8.36 20.47 -5.62
C CYS A 60 -9.71 21.12 -5.91
N GLN A 61 -9.83 22.39 -5.56
CA GLN A 61 -11.07 23.14 -5.78
C GLN A 61 -12.23 22.50 -5.04
N GLY A 62 -11.93 21.70 -4.02
CA GLY A 62 -12.97 21.06 -3.25
C GLY A 62 -13.02 19.56 -3.48
N THR A 63 -13.33 19.16 -4.71
CA THR A 63 -13.41 17.74 -5.04
C THR A 63 -13.34 17.50 -6.55
N GLU A 64 -12.88 18.51 -7.29
CA GLU A 64 -12.76 18.40 -8.74
C GLU A 64 -11.63 17.43 -9.12
N GLU A 65 -10.68 17.28 -8.22
CA GLU A 65 -9.54 16.39 -8.44
C GLU A 65 -8.96 15.97 -7.10
N GLU A 66 -9.32 14.78 -6.65
CA GLU A 66 -8.84 14.27 -5.37
C GLU A 66 -7.55 13.50 -5.54
N LYS A 67 -6.52 13.93 -4.83
CA LYS A 67 -5.22 13.31 -4.88
C LYS A 67 -4.78 12.81 -3.50
N ILE A 68 -4.45 11.53 -3.43
CA ILE A 68 -3.99 10.94 -2.18
C ILE A 68 -2.50 10.64 -2.30
N LEU A 69 -1.71 11.08 -1.32
CA LEU A 69 -0.28 10.88 -1.40
C LEU A 69 0.32 10.35 -0.08
N TYR A 70 1.50 9.77 -0.21
CA TYR A 70 2.24 9.20 0.92
C TYR A 70 3.53 9.97 1.17
N LEU A 71 3.58 10.71 2.27
CA LEU A 71 4.78 11.48 2.59
C LEU A 71 5.26 11.20 4.01
N THR A 72 6.55 10.91 4.14
CA THR A 72 7.16 10.65 5.43
C THR A 72 7.39 11.97 6.16
N PRO A 73 7.86 11.95 7.42
CA PRO A 73 8.10 13.18 8.19
C PRO A 73 8.88 14.22 7.39
N GLU A 74 9.87 13.76 6.63
CA GLU A 74 10.68 14.66 5.81
C GLU A 74 9.92 15.12 4.56
N GLN A 75 9.24 14.20 3.90
CA GLN A 75 8.49 14.52 2.69
C GLN A 75 7.42 15.57 2.99
N GLU A 76 6.65 15.33 4.04
CA GLU A 76 5.59 16.26 4.44
C GLU A 76 6.19 17.58 4.92
N LYS A 77 7.37 17.51 5.50
CA LYS A 77 8.05 18.71 5.99
C LYS A 77 8.32 19.67 4.84
N ASP A 78 8.87 19.13 3.76
CA ASP A 78 9.19 19.93 2.58
C ASP A 78 7.91 20.56 2.01
N LYS A 79 6.88 19.74 1.86
CA LYS A 79 5.59 20.18 1.34
C LYS A 79 5.65 20.48 -0.17
N SER A 80 6.84 20.38 -0.76
CA SER A 80 7.00 20.66 -2.19
C SER A 80 6.34 19.58 -3.04
N HIS A 81 6.49 18.33 -2.62
CA HIS A 81 5.93 17.21 -3.35
C HIS A 81 4.40 17.31 -3.47
N PHE A 82 3.78 17.91 -2.46
CA PHE A 82 2.33 18.09 -2.44
C PHE A 82 1.88 18.92 -3.64
N THR A 83 2.66 19.95 -3.97
CA THR A 83 2.36 20.83 -5.10
C THR A 83 2.61 20.12 -6.42
N ASP A 84 2.05 20.64 -7.50
CA ASP A 84 2.24 20.04 -8.82
C ASP A 84 2.42 21.10 -9.90
N LYS A 85 3.14 20.71 -10.96
CA LYS A 85 3.38 21.60 -12.09
C LYS A 85 2.13 21.72 -12.96
N GLU A 86 1.12 20.91 -12.64
CA GLU A 86 -0.14 20.90 -13.39
C GLU A 86 -1.23 21.63 -12.63
N THR A 87 -0.83 22.23 -11.52
CA THR A 87 -1.74 22.99 -10.68
C THR A 87 -1.03 24.27 -10.25
N GLY A 88 0.27 24.15 -9.99
CA GLY A 88 1.07 25.29 -9.60
C GLY A 88 0.48 26.05 -8.44
N GLN A 89 -0.32 25.36 -7.63
CA GLN A 89 -0.93 25.99 -6.48
C GLN A 89 -0.98 25.04 -5.29
N GLU A 90 -1.38 25.56 -4.14
CA GLU A 90 -1.46 24.76 -2.93
C GLU A 90 -2.77 24.00 -2.88
N HIS A 91 -2.68 22.70 -2.63
CA HIS A 91 -3.85 21.84 -2.55
C HIS A 91 -4.66 22.14 -1.28
N GLU A 92 -5.71 21.36 -1.08
CA GLU A 92 -6.56 21.52 0.09
C GLU A 92 -6.63 20.22 0.88
N LEU A 93 -5.67 20.03 1.78
CA LEU A 93 -5.62 18.82 2.59
C LEU A 93 -6.91 18.65 3.38
N ILE A 94 -7.55 17.50 3.22
CA ILE A 94 -8.79 17.21 3.91
C ILE A 94 -8.54 16.66 5.30
N GLU A 95 -7.46 15.88 5.43
CA GLU A 95 -7.12 15.29 6.71
C GLU A 95 -5.80 14.53 6.61
N SER A 96 -5.25 14.17 7.77
CA SER A 96 -4.01 13.42 7.85
C SER A 96 -4.13 12.36 8.92
N MET A 97 -3.86 11.11 8.55
CA MET A 97 -3.99 10.01 9.49
C MET A 97 -2.77 9.08 9.46
N PRO A 98 -2.25 8.71 10.64
CA PRO A 98 -1.13 7.79 10.74
C PRO A 98 -1.48 6.46 10.10
N LEU A 99 -0.91 6.21 8.93
CA LEU A 99 -1.19 4.99 8.18
C LEU A 99 -1.05 3.74 9.03
N LEU A 100 0.12 3.53 9.62
CA LEU A 100 0.34 2.37 10.47
C LEU A 100 -0.77 2.28 11.51
N GLU A 101 -1.02 3.39 12.18
CA GLU A 101 -2.07 3.45 13.19
C GLU A 101 -3.41 3.12 12.56
N TRP A 102 -3.62 3.63 11.34
CA TRP A 102 -4.85 3.41 10.60
C TRP A 102 -4.98 1.94 10.19
N PHE A 103 -3.86 1.34 9.77
CA PHE A 103 -3.85 -0.05 9.35
C PHE A 103 -4.44 -0.96 10.43
N ALA A 104 -4.00 -0.77 11.66
CA ALA A 104 -4.49 -1.56 12.78
C ALA A 104 -5.85 -1.07 13.27
N ASN A 105 -6.27 0.09 12.79
CA ASN A 105 -7.54 0.68 13.19
C ASN A 105 -8.75 -0.05 12.61
N ASN A 106 -8.71 -0.32 11.30
CA ASN A 106 -9.84 -0.96 10.64
C ASN A 106 -9.45 -2.17 9.77
N TYR A 107 -8.28 -2.75 10.01
CA TYR A 107 -7.84 -3.91 9.22
C TYR A 107 -8.89 -5.02 9.16
N LYS A 108 -9.85 -4.99 10.09
CA LYS A 108 -10.88 -6.00 10.13
C LYS A 108 -11.91 -5.74 9.02
N LYS A 109 -12.09 -4.47 8.68
CA LYS A 109 -13.03 -4.07 7.65
C LYS A 109 -12.60 -4.59 6.28
N PHE A 110 -11.29 -4.52 6.01
CA PHE A 110 -10.75 -4.97 4.74
C PHE A 110 -10.59 -6.49 4.71
N GLY A 111 -10.59 -7.12 5.88
CA GLY A 111 -10.45 -8.56 5.96
C GLY A 111 -9.00 -9.00 5.91
N ALA A 112 -8.08 -8.09 6.23
CA ALA A 112 -6.66 -8.40 6.23
C ALA A 112 -6.14 -8.45 7.66
N THR A 113 -5.16 -9.31 7.90
CA THR A 113 -4.59 -9.44 9.23
C THR A 113 -3.50 -8.40 9.43
N LEU A 114 -3.81 -7.35 10.19
CA LEU A 114 -2.84 -6.31 10.43
C LEU A 114 -1.79 -6.78 11.41
N GLU A 115 -0.62 -7.11 10.89
CA GLU A 115 0.48 -7.60 11.71
C GLU A 115 1.58 -6.55 11.76
N ILE A 116 2.11 -6.32 12.96
CA ILE A 116 3.17 -5.34 13.13
C ILE A 116 4.54 -6.02 13.21
N VAL A 117 5.54 -5.36 12.64
CA VAL A 117 6.90 -5.89 12.63
C VAL A 117 7.95 -4.77 12.71
N THR A 118 9.19 -5.16 12.99
CA THR A 118 10.29 -4.20 13.09
C THR A 118 11.47 -4.62 12.23
N ASP A 119 12.40 -3.71 12.01
CA ASP A 119 13.58 -3.99 11.19
C ASP A 119 14.73 -4.54 12.04
N LYS A 120 14.45 -4.86 13.30
CA LYS A 120 15.46 -5.40 14.19
C LYS A 120 16.02 -6.71 13.65
N SER A 121 15.14 -7.54 13.09
CA SER A 121 15.54 -8.82 12.52
C SER A 121 16.02 -8.66 11.09
N GLN A 122 16.79 -9.63 10.61
CA GLN A 122 17.31 -9.60 9.24
C GLN A 122 16.18 -9.55 8.22
N GLU A 123 15.13 -10.34 8.49
CA GLU A 123 13.98 -10.41 7.61
C GLU A 123 13.31 -9.05 7.50
N GLY A 124 13.22 -8.34 8.62
CA GLY A 124 12.60 -7.05 8.64
C GLY A 124 13.18 -6.09 7.60
N SER A 125 14.51 -6.12 7.46
CA SER A 125 15.19 -5.25 6.51
C SER A 125 14.69 -5.53 5.09
N GLN A 126 14.49 -6.81 4.78
CA GLN A 126 13.99 -7.20 3.48
C GLN A 126 12.72 -6.43 3.14
N PHE A 127 11.93 -6.15 4.16
CA PHE A 127 10.69 -5.41 4.02
C PHE A 127 10.90 -3.90 4.07
N VAL A 128 11.32 -3.40 5.23
CA VAL A 128 11.52 -1.97 5.42
C VAL A 128 12.58 -1.42 4.46
N LYS A 129 13.75 -2.02 4.47
CA LYS A 129 14.84 -1.58 3.61
C LYS A 129 14.60 -2.01 2.16
N GLY A 130 13.95 -3.15 1.97
CA GLY A 130 13.69 -3.63 0.63
C GLY A 130 12.44 -3.04 0.03
N PHE A 131 11.55 -2.56 0.89
CA PHE A 131 10.30 -1.96 0.43
C PHE A 131 10.10 -0.57 1.05
N GLY A 132 9.45 -0.51 2.21
CA GLY A 132 9.20 0.77 2.86
C GLY A 132 8.35 0.64 4.10
N GLY A 133 8.57 -0.44 4.84
CA GLY A 133 7.82 -0.67 6.07
C GLY A 133 6.35 -0.95 5.84
N ILE A 134 5.99 -1.29 4.60
CA ILE A 134 4.60 -1.60 4.26
C ILE A 134 4.56 -2.68 3.19
N GLY A 135 3.81 -3.74 3.44
CA GLY A 135 3.69 -4.80 2.47
C GLY A 135 2.40 -5.54 2.65
N GLY A 136 2.08 -6.45 1.75
CA GLY A 136 0.86 -7.20 1.86
C GLY A 136 0.97 -8.60 1.32
N ILE A 137 0.20 -9.50 1.90
CA ILE A 137 0.18 -10.90 1.50
C ILE A 137 -1.19 -11.20 0.89
N LEU A 138 -1.21 -11.82 -0.29
CA LEU A 138 -2.48 -12.16 -0.93
C LEU A 138 -2.73 -13.65 -0.85
N ARG A 139 -3.99 -14.05 -0.96
CA ARG A 139 -4.36 -15.47 -0.88
C ARG A 139 -3.88 -16.22 -2.12
N TYR A 140 -4.00 -15.59 -3.28
CA TYR A 140 -3.58 -16.21 -4.54
C TYR A 140 -3.17 -15.15 -5.55
N ARG A 141 -2.44 -15.57 -6.58
CA ARG A 141 -1.98 -14.67 -7.62
C ARG A 141 -3.15 -13.84 -8.16
N VAL A 142 -2.90 -12.55 -8.35
CA VAL A 142 -3.93 -11.65 -8.86
C VAL A 142 -3.40 -10.82 -10.04
N ASP A 143 -4.32 -10.29 -10.83
CA ASP A 143 -3.96 -9.47 -11.99
C ASP A 143 -4.22 -8.00 -11.70
N PHE A 144 -3.19 -7.18 -11.85
CA PHE A 144 -3.29 -5.75 -11.61
C PHE A 144 -4.33 -5.14 -12.53
N GLN A 145 -5.11 -4.21 -11.98
CA GLN A 145 -6.16 -3.54 -12.75
C GLN A 145 -5.73 -2.13 -13.15
N GLY A 146 -6.07 -1.74 -14.37
CA GLY A 146 -5.73 -0.42 -14.86
C GLY A 146 -6.70 0.07 -15.92
N MET A 147 -6.56 -0.47 -17.14
CA MET A 147 -7.43 -0.09 -18.24
C MET A 147 -7.74 -1.31 -19.11
N GLU A 148 -8.73 -1.16 -20.00
CA GLU A 148 -9.12 -2.25 -20.88
C GLU A 148 -7.95 -2.67 -21.77
N TYR A 149 -7.26 -1.69 -22.32
CA TYR A 149 -6.11 -1.96 -23.18
C TYR A 149 -4.85 -1.30 -22.62
N GLN A 150 -3.80 -2.10 -22.44
CA GLN A 150 -2.53 -1.59 -21.91
C GLN A 150 -1.48 -1.46 -23.01
N GLY A 151 -1.88 -1.62 -24.26
CA GLY A 151 -0.95 -1.50 -25.36
C GLY A 151 -0.56 -0.06 -25.64
N GLY A 152 0.10 0.55 -24.66
CA GLY A 152 0.52 1.94 -24.82
C GLY A 152 -0.66 2.87 -24.95
N ASP A 153 -1.77 2.51 -24.34
CA ASP A 153 -2.97 3.33 -24.38
C ASP A 153 -3.02 4.27 -23.18
N ASP A 154 -1.86 4.58 -22.63
CA ASP A 154 -1.78 5.46 -21.46
C ASP A 154 -2.55 4.87 -20.29
N GLU A 155 -2.35 3.58 -20.04
CA GLU A 155 -3.02 2.90 -18.94
C GLU A 155 -2.67 3.54 -17.61
N PHE A 156 -1.37 3.72 -17.38
CA PHE A 156 -0.89 4.34 -16.15
C PHE A 156 -0.89 5.86 -16.26
N PHE A 157 -0.90 6.36 -17.50
CA PHE A 157 -0.90 7.78 -17.76
C PHE A 157 -2.31 8.36 -17.75
N ASP A 158 -2.59 9.20 -16.75
CA ASP A 158 -3.89 9.84 -16.64
C ASP A 158 -3.91 11.13 -17.46
N LEU A 159 -2.87 11.31 -18.28
CA LEU A 159 -2.73 12.48 -19.12
C LEU A 159 -3.71 12.46 -20.30
N ASP A 160 -4.47 11.38 -20.44
CA ASP A 160 -5.43 11.26 -21.53
C ASP A 160 -6.46 12.38 -21.47
N ASP A 161 -6.89 12.70 -20.26
CA ASP A 161 -7.87 13.77 -20.06
C ASP A 161 -7.32 15.10 -20.54
N TYR A 162 -6.03 15.35 -20.27
CA TYR A 162 -5.38 16.58 -20.68
C TYR A 162 -5.51 16.78 -22.20
N LEU A 163 -5.51 15.67 -22.91
CA LEU A 163 -5.62 15.70 -24.37
C LEU A 163 -6.93 16.35 -24.80
N GLU A 164 -8.01 16.00 -24.11
CA GLU A 164 -9.32 16.56 -24.42
C GLU A 164 -9.33 18.08 -24.29
N HIS A 165 -8.65 18.58 -23.26
CA HIS A 165 -8.57 20.02 -23.02
C HIS A 165 -7.20 20.41 -22.50
N ASN A 2 5.49 -8.98 22.35
CA ASN A 2 6.32 -10.21 22.48
C ASN A 2 6.28 -11.04 21.20
N VAL A 3 5.08 -11.32 20.70
CA VAL A 3 4.92 -12.10 19.48
C VAL A 3 5.60 -11.42 18.30
N LYS A 4 5.66 -10.10 18.33
CA LYS A 4 6.26 -9.34 17.25
C LYS A 4 7.64 -9.89 16.87
N PHE A 5 8.48 -10.13 17.88
CA PHE A 5 9.82 -10.66 17.65
C PHE A 5 9.79 -11.87 16.72
N ILE A 6 8.96 -12.86 17.05
CA ILE A 6 8.85 -14.06 16.23
C ILE A 6 7.94 -13.81 15.03
N GLN A 7 6.99 -12.91 15.20
CA GLN A 7 6.06 -12.57 14.13
C GLN A 7 6.82 -12.07 12.91
N GLU A 8 7.82 -11.24 13.17
CA GLU A 8 8.64 -10.66 12.12
C GLU A 8 9.33 -11.72 11.29
N LYS A 9 9.88 -12.71 11.98
CA LYS A 9 10.61 -13.79 11.31
C LYS A 9 9.73 -14.62 10.38
N LYS A 10 8.70 -15.24 10.94
CA LYS A 10 7.81 -16.10 10.16
C LYS A 10 6.98 -15.33 9.13
N LEU A 11 6.37 -14.23 9.55
CA LEU A 11 5.53 -13.45 8.66
C LEU A 11 6.32 -12.80 7.53
N ILE A 12 7.21 -11.89 7.91
CA ILE A 12 8.02 -11.16 6.94
C ILE A 12 8.69 -12.12 5.96
N GLY A 13 9.15 -13.27 6.44
CA GLY A 13 9.79 -14.22 5.57
C GLY A 13 8.79 -14.90 4.65
N ARG A 14 7.61 -15.18 5.18
CA ARG A 14 6.54 -15.83 4.42
C ARG A 14 6.08 -14.97 3.25
N TYR A 15 6.27 -13.67 3.37
CA TYR A 15 5.88 -12.75 2.31
C TYR A 15 6.89 -12.82 1.18
N PHE A 16 8.13 -12.52 1.50
CA PHE A 16 9.20 -12.50 0.52
C PHE A 16 9.53 -13.90 0.02
N ASP A 17 9.17 -14.95 0.78
CA ASP A 17 9.45 -16.31 0.36
C ASP A 17 8.42 -16.77 -0.67
N GLU A 18 7.16 -16.48 -0.39
CA GLU A 18 6.08 -16.87 -1.29
C GLU A 18 6.29 -16.22 -2.66
N ILE A 19 6.73 -14.95 -2.63
CA ILE A 19 7.01 -14.23 -3.86
C ILE A 19 8.17 -14.89 -4.60
N SER A 20 9.11 -15.42 -3.83
CA SER A 20 10.26 -16.10 -4.40
C SER A 20 9.81 -17.32 -5.21
N GLN A 21 8.64 -17.83 -4.85
CA GLN A 21 8.08 -19.00 -5.52
C GLN A 21 7.24 -18.60 -6.73
N ASP A 22 7.19 -17.30 -7.01
CA ASP A 22 6.41 -16.81 -8.15
C ASP A 22 4.95 -17.19 -7.97
N THR A 23 4.52 -17.28 -6.71
CA THR A 23 3.14 -17.63 -6.39
C THR A 23 2.23 -16.40 -6.41
N GLY A 24 2.80 -15.23 -6.70
CA GLY A 24 2.03 -14.01 -6.78
C GLY A 24 1.10 -13.79 -5.61
N LYS A 25 0.39 -12.68 -5.65
CA LYS A 25 -0.56 -12.31 -4.60
C LYS A 25 0.15 -11.80 -3.34
N TYR A 26 1.15 -10.96 -3.55
CA TYR A 26 1.90 -10.32 -2.46
C TYR A 26 2.48 -9.01 -2.98
N CYS A 27 2.48 -7.93 -2.17
CA CYS A 27 3.03 -6.68 -2.69
C CYS A 27 3.66 -5.85 -1.58
N PHE A 28 4.47 -4.87 -1.98
CA PHE A 28 5.14 -3.99 -1.03
C PHE A 28 4.64 -2.57 -1.19
N GLY A 29 5.25 -1.64 -0.46
CA GLY A 29 4.87 -0.25 -0.55
C GLY A 29 3.46 0.02 -0.02
N VAL A 30 3.15 1.30 0.12
CA VAL A 30 1.84 1.70 0.62
C VAL A 30 0.77 1.51 -0.45
N GLU A 31 0.89 2.23 -1.55
CA GLU A 31 -0.08 2.16 -2.64
C GLU A 31 -0.43 0.70 -2.96
N ASP A 32 0.57 -0.11 -3.26
CA ASP A 32 0.35 -1.51 -3.61
C ASP A 32 -0.23 -2.30 -2.44
N THR A 33 0.48 -2.33 -1.31
CA THR A 33 0.03 -3.09 -0.14
C THR A 33 -1.43 -2.75 0.20
N LEU A 34 -1.84 -1.53 -0.11
CA LEU A 34 -3.21 -1.10 0.15
C LEU A 34 -4.17 -1.61 -0.92
N LYS A 35 -3.74 -1.51 -2.18
CA LYS A 35 -4.56 -1.93 -3.30
C LYS A 35 -5.05 -3.36 -3.14
N ALA A 36 -4.15 -4.27 -2.80
CA ALA A 36 -4.54 -5.67 -2.62
C ALA A 36 -5.39 -5.85 -1.37
N LEU A 37 -5.28 -4.92 -0.42
CA LEU A 37 -6.09 -5.00 0.79
C LEU A 37 -7.51 -4.60 0.45
N GLU A 38 -7.61 -3.59 -0.40
CA GLU A 38 -8.90 -3.11 -0.88
C GLU A 38 -9.55 -4.21 -1.71
N MET A 39 -8.70 -5.05 -2.31
CA MET A 39 -9.13 -6.15 -3.15
C MET A 39 -9.55 -7.36 -2.32
N GLY A 40 -9.36 -7.29 -1.00
CA GLY A 40 -9.72 -8.42 -0.16
C GLY A 40 -8.90 -9.65 -0.47
N ALA A 41 -7.94 -9.50 -1.39
CA ALA A 41 -7.07 -10.58 -1.80
C ALA A 41 -6.02 -10.86 -0.72
N VAL A 42 -5.82 -9.88 0.14
CA VAL A 42 -4.82 -9.96 1.20
C VAL A 42 -5.18 -10.96 2.29
N GLU A 43 -4.25 -11.86 2.56
CA GLU A 43 -4.44 -12.86 3.59
C GLU A 43 -3.85 -12.33 4.90
N ILE A 44 -2.66 -11.74 4.79
CA ILE A 44 -1.97 -11.17 5.94
C ILE A 44 -1.25 -9.88 5.54
N LEU A 45 -1.42 -8.83 6.33
CA LEU A 45 -0.76 -7.55 6.04
C LEU A 45 0.51 -7.41 6.86
N ILE A 46 1.59 -7.00 6.20
CA ILE A 46 2.87 -6.81 6.88
C ILE A 46 3.23 -5.32 6.90
N VAL A 47 3.05 -4.71 8.07
CA VAL A 47 3.35 -3.29 8.25
C VAL A 47 4.15 -3.13 9.54
N TYR A 48 5.22 -2.35 9.54
CA TYR A 48 6.06 -2.20 10.73
C TYR A 48 5.57 -1.10 11.68
N GLU A 49 5.84 -1.31 12.96
CA GLU A 49 5.48 -0.35 14.00
C GLU A 49 6.15 0.98 13.73
N ASN A 50 7.39 0.90 13.28
CA ASN A 50 8.17 2.08 12.96
C ASN A 50 7.87 2.53 11.53
N LEU A 51 6.60 2.75 11.24
CA LEU A 51 6.18 3.17 9.92
C LEU A 51 6.07 4.69 9.87
N ASP A 52 6.92 5.31 9.08
CA ASP A 52 6.94 6.75 8.95
C ASP A 52 6.00 7.22 7.83
N ILE A 53 5.22 6.30 7.29
CA ILE A 53 4.30 6.61 6.20
C ILE A 53 2.91 6.94 6.70
N MET A 54 2.39 8.05 6.20
CA MET A 54 1.07 8.53 6.57
C MET A 54 0.18 8.77 5.37
N ARG A 55 -1.13 8.88 5.62
CA ARG A 55 -2.10 9.11 4.55
C ARG A 55 -2.58 10.55 4.56
N TYR A 56 -2.06 11.34 3.62
CA TYR A 56 -2.45 12.73 3.50
C TYR A 56 -3.21 12.96 2.20
N VAL A 57 -4.29 13.73 2.26
CA VAL A 57 -5.09 13.98 1.07
C VAL A 57 -4.83 15.38 0.51
N LEU A 58 -4.21 15.43 -0.66
CA LEU A 58 -3.90 16.70 -1.32
C LEU A 58 -4.91 17.00 -2.42
N HIS A 59 -5.59 18.13 -2.32
CA HIS A 59 -6.57 18.51 -3.34
C HIS A 59 -6.34 19.94 -3.83
N CYS A 60 -6.70 20.19 -5.09
CA CYS A 60 -6.54 21.51 -5.68
C CYS A 60 -7.91 22.13 -5.93
N GLN A 61 -8.08 23.37 -5.49
CA GLN A 61 -9.34 24.09 -5.66
C GLN A 61 -9.86 23.97 -7.09
N GLY A 62 -8.94 23.95 -8.05
CA GLY A 62 -9.33 23.83 -9.45
C GLY A 62 -10.10 22.55 -9.73
N THR A 63 -10.04 21.59 -8.81
CA THR A 63 -10.74 20.32 -8.96
C THR A 63 -10.49 19.70 -10.33
N GLU A 64 -9.34 20.01 -10.92
CA GLU A 64 -8.97 19.46 -12.23
C GLU A 64 -7.92 18.37 -12.10
N GLU A 65 -7.45 18.12 -10.88
CA GLU A 65 -6.43 17.10 -10.65
C GLU A 65 -6.21 16.88 -9.16
N GLU A 66 -6.80 15.82 -8.61
CA GLU A 66 -6.64 15.51 -7.20
C GLU A 66 -5.58 14.43 -7.03
N LYS A 67 -4.74 14.60 -6.01
CA LYS A 67 -3.68 13.64 -5.74
C LYS A 67 -3.58 13.34 -4.26
N ILE A 68 -3.63 12.07 -3.91
CA ILE A 68 -3.53 11.63 -2.53
C ILE A 68 -2.36 10.66 -2.39
N LEU A 69 -1.28 11.10 -1.74
CA LEU A 69 -0.10 10.26 -1.63
C LEU A 69 0.50 10.27 -0.21
N TYR A 70 1.25 9.22 0.10
CA TYR A 70 1.90 9.05 1.39
C TYR A 70 3.24 9.78 1.40
N LEU A 71 3.58 10.39 2.52
CA LEU A 71 4.84 11.11 2.64
C LEU A 71 5.55 10.82 3.97
N THR A 72 6.86 10.62 3.90
CA THR A 72 7.67 10.36 5.09
C THR A 72 8.02 11.69 5.78
N PRO A 73 8.67 11.64 6.95
CA PRO A 73 9.03 12.86 7.70
C PRO A 73 9.75 13.88 6.83
N GLU A 74 10.63 13.41 5.95
CA GLU A 74 11.38 14.31 5.07
C GLU A 74 10.52 14.74 3.90
N GLN A 75 9.70 13.82 3.39
CA GLN A 75 8.84 14.11 2.24
C GLN A 75 7.80 15.18 2.59
N GLU A 76 7.09 15.00 3.70
CA GLU A 76 6.07 15.96 4.12
C GLU A 76 6.68 17.33 4.35
N LYS A 77 7.93 17.35 4.80
CA LYS A 77 8.63 18.60 5.06
C LYS A 77 8.98 19.31 3.75
N ASP A 78 9.40 18.53 2.76
CA ASP A 78 9.76 19.09 1.46
C ASP A 78 8.53 19.63 0.73
N LYS A 79 7.47 18.84 0.73
CA LYS A 79 6.21 19.20 0.08
C LYS A 79 6.35 19.25 -1.45
N SER A 80 7.54 18.94 -1.96
CA SER A 80 7.77 18.94 -3.40
C SER A 80 6.93 17.87 -4.08
N HIS A 81 6.80 16.71 -3.43
CA HIS A 81 6.03 15.60 -3.98
C HIS A 81 4.57 16.01 -4.18
N PHE A 82 4.03 16.77 -3.23
CA PHE A 82 2.64 17.22 -3.33
C PHE A 82 2.41 17.98 -4.63
N THR A 83 3.35 18.85 -4.98
CA THR A 83 3.26 19.65 -6.20
C THR A 83 3.66 18.82 -7.42
N ASP A 84 3.26 19.30 -8.61
CA ASP A 84 3.59 18.61 -9.85
C ASP A 84 3.90 19.59 -10.98
N LYS A 85 4.72 19.15 -11.93
CA LYS A 85 5.08 19.98 -13.08
C LYS A 85 3.92 20.03 -14.08
N GLU A 86 2.89 19.24 -13.83
CA GLU A 86 1.72 19.17 -14.70
C GLU A 86 0.56 19.96 -14.11
N THR A 87 0.84 20.65 -13.02
CA THR A 87 -0.15 21.48 -12.34
C THR A 87 0.52 22.79 -11.93
N GLY A 88 1.79 22.67 -11.52
CA GLY A 88 2.55 23.84 -11.11
C GLY A 88 1.88 24.59 -9.97
N GLN A 89 1.01 23.89 -9.25
CA GLN A 89 0.31 24.50 -8.12
C GLN A 89 0.52 23.66 -6.87
N GLU A 90 0.34 24.28 -5.71
CA GLU A 90 0.50 23.57 -4.45
C GLU A 90 -0.86 23.17 -3.89
N HIS A 91 -1.08 21.88 -3.78
CA HIS A 91 -2.34 21.36 -3.26
C HIS A 91 -2.57 21.84 -1.83
N GLU A 92 -3.77 21.60 -1.32
CA GLU A 92 -4.11 22.00 0.03
C GLU A 92 -4.59 20.78 0.80
N LEU A 93 -3.74 20.28 1.68
CA LEU A 93 -4.09 19.10 2.45
C LEU A 93 -5.40 19.31 3.19
N ILE A 94 -6.27 18.32 3.10
CA ILE A 94 -7.57 18.38 3.75
C ILE A 94 -7.56 17.64 5.08
N GLU A 95 -6.95 16.47 5.09
CA GLU A 95 -6.85 15.66 6.29
C GLU A 95 -5.57 14.85 6.30
N SER A 96 -5.15 14.43 7.49
CA SER A 96 -3.95 13.65 7.68
C SER A 96 -4.18 12.59 8.75
N MET A 97 -3.76 11.36 8.47
CA MET A 97 -3.95 10.26 9.42
C MET A 97 -2.76 9.30 9.43
N PRO A 98 -2.26 8.91 10.61
CA PRO A 98 -1.16 7.96 10.72
C PRO A 98 -1.54 6.63 10.07
N LEU A 99 -1.00 6.40 8.88
CA LEU A 99 -1.30 5.20 8.13
C LEU A 99 -1.16 3.92 8.95
N LEU A 100 0.00 3.74 9.58
CA LEU A 100 0.20 2.55 10.40
C LEU A 100 -0.91 2.42 11.43
N GLU A 101 -1.20 3.52 12.11
CA GLU A 101 -2.24 3.53 13.12
C GLU A 101 -3.57 3.18 12.46
N TRP A 102 -3.78 3.70 11.25
CA TRP A 102 -5.00 3.45 10.50
C TRP A 102 -5.11 1.97 10.13
N PHE A 103 -3.98 1.38 9.74
CA PHE A 103 -3.96 -0.02 9.34
C PHE A 103 -4.52 -0.93 10.44
N ALA A 104 -4.13 -0.66 11.68
CA ALA A 104 -4.60 -1.45 12.81
C ALA A 104 -6.00 -1.06 13.25
N ASN A 105 -6.47 0.10 12.78
CA ASN A 105 -7.78 0.60 13.14
C ASN A 105 -8.93 -0.18 12.49
N ASN A 106 -8.80 -0.47 11.19
CA ASN A 106 -9.87 -1.16 10.47
C ASN A 106 -9.40 -2.36 9.65
N TYR A 107 -8.23 -2.92 9.95
CA TYR A 107 -7.73 -4.06 9.19
C TYR A 107 -8.70 -5.25 9.23
N LYS A 108 -9.64 -5.23 10.17
CA LYS A 108 -10.62 -6.29 10.26
C LYS A 108 -11.66 -6.17 9.16
N LYS A 109 -11.95 -4.94 8.77
CA LYS A 109 -12.92 -4.68 7.72
C LYS A 109 -12.43 -5.18 6.36
N PHE A 110 -11.14 -4.99 6.11
CA PHE A 110 -10.53 -5.43 4.86
C PHE A 110 -10.30 -6.94 4.84
N GLY A 111 -10.40 -7.56 6.01
CA GLY A 111 -10.19 -8.98 6.12
C GLY A 111 -8.72 -9.36 6.04
N ALA A 112 -7.85 -8.38 6.24
CA ALA A 112 -6.41 -8.60 6.20
C ALA A 112 -5.85 -8.67 7.62
N THR A 113 -4.92 -9.56 7.85
CA THR A 113 -4.32 -9.70 9.16
C THR A 113 -3.26 -8.63 9.35
N LEU A 114 -3.62 -7.58 10.08
CA LEU A 114 -2.67 -6.50 10.31
C LEU A 114 -1.66 -6.93 11.34
N GLU A 115 -0.46 -7.25 10.86
CA GLU A 115 0.61 -7.68 11.72
C GLU A 115 1.73 -6.64 11.73
N ILE A 116 2.22 -6.33 12.92
CA ILE A 116 3.26 -5.34 13.06
C ILE A 116 4.64 -6.01 13.16
N VAL A 117 5.64 -5.35 12.60
CA VAL A 117 7.01 -5.87 12.60
C VAL A 117 8.05 -4.77 12.69
N THR A 118 9.29 -5.14 13.02
CA THR A 118 10.38 -4.17 13.15
C THR A 118 11.60 -4.60 12.34
N ASP A 119 12.54 -3.67 12.18
CA ASP A 119 13.76 -3.95 11.42
C ASP A 119 14.79 -4.70 12.26
N LYS A 120 14.45 -4.95 13.53
CA LYS A 120 15.35 -5.66 14.43
C LYS A 120 15.67 -7.05 13.90
N SER A 121 14.67 -7.72 13.35
CA SER A 121 14.85 -9.06 12.80
C SER A 121 15.51 -9.00 11.43
N GLN A 122 16.17 -10.09 11.05
CA GLN A 122 16.84 -10.16 9.76
C GLN A 122 15.85 -9.96 8.62
N GLU A 123 14.67 -10.55 8.76
CA GLU A 123 13.63 -10.44 7.76
C GLU A 123 13.17 -8.98 7.63
N GLY A 124 13.06 -8.31 8.78
CA GLY A 124 12.63 -6.94 8.79
C GLY A 124 13.35 -6.07 7.78
N SER A 125 14.68 -6.20 7.73
CA SER A 125 15.49 -5.42 6.81
C SER A 125 15.12 -5.70 5.36
N GLN A 126 14.84 -6.96 5.05
CA GLN A 126 14.47 -7.36 3.70
C GLN A 126 13.30 -6.54 3.18
N PHE A 127 12.45 -6.06 4.08
CA PHE A 127 11.31 -5.24 3.71
C PHE A 127 11.67 -3.78 3.59
N VAL A 128 12.25 -3.23 4.66
CA VAL A 128 12.63 -1.83 4.69
C VAL A 128 13.67 -1.51 3.62
N LYS A 129 14.70 -2.36 3.52
CA LYS A 129 15.77 -2.18 2.54
C LYS A 129 15.28 -2.41 1.11
N GLY A 130 14.44 -3.43 0.92
CA GLY A 130 13.94 -3.73 -0.39
C GLY A 130 12.68 -2.97 -0.73
N PHE A 131 11.89 -2.66 0.29
CA PHE A 131 10.66 -1.92 0.10
C PHE A 131 10.68 -0.60 0.87
N GLY A 132 10.21 -0.60 2.12
CA GLY A 132 10.20 0.61 2.91
C GLY A 132 9.51 0.44 4.26
N GLY A 133 8.82 -0.68 4.45
CA GLY A 133 8.14 -0.91 5.72
C GLY A 133 6.66 -1.26 5.55
N ILE A 134 6.26 -1.61 4.33
CA ILE A 134 4.88 -1.97 4.02
C ILE A 134 4.84 -2.98 2.89
N GLY A 135 4.12 -4.09 3.10
CA GLY A 135 4.03 -5.11 2.08
C GLY A 135 2.96 -6.11 2.41
N GLY A 136 1.91 -6.16 1.59
CA GLY A 136 0.81 -7.06 1.88
C GLY A 136 0.95 -8.42 1.24
N ILE A 137 0.31 -9.39 1.86
CA ILE A 137 0.29 -10.75 1.40
C ILE A 137 -1.13 -11.13 1.02
N LEU A 138 -1.31 -11.79 -0.11
CA LEU A 138 -2.62 -12.20 -0.54
C LEU A 138 -2.79 -13.71 -0.34
N ARG A 139 -4.04 -14.17 -0.46
CA ARG A 139 -4.37 -15.58 -0.21
C ARG A 139 -3.62 -16.57 -1.12
N TYR A 140 -3.43 -16.25 -2.41
CA TYR A 140 -2.75 -17.18 -3.32
C TYR A 140 -2.26 -16.52 -4.62
N ARG A 141 -3.17 -16.37 -5.60
CA ARG A 141 -2.81 -15.79 -6.91
C ARG A 141 -3.93 -14.93 -7.50
N VAL A 142 -3.60 -13.69 -7.85
CA VAL A 142 -4.58 -12.76 -8.45
C VAL A 142 -4.16 -12.35 -9.85
N ASP A 143 -5.11 -11.83 -10.61
CA ASP A 143 -4.85 -11.38 -11.96
C ASP A 143 -4.41 -9.92 -11.99
N PHE A 144 -5.17 -9.06 -11.33
CA PHE A 144 -4.85 -7.64 -11.28
C PHE A 144 -5.45 -6.98 -10.03
N GLN A 145 -5.12 -5.72 -9.81
CA GLN A 145 -5.62 -4.99 -8.64
C GLN A 145 -6.94 -4.28 -8.95
N GLY A 146 -7.36 -4.31 -10.21
CA GLY A 146 -8.61 -3.66 -10.60
C GLY A 146 -9.75 -3.98 -9.65
N MET A 147 -10.41 -5.11 -9.88
CA MET A 147 -11.52 -5.53 -9.03
C MET A 147 -11.17 -6.77 -8.25
N GLU A 148 -12.05 -7.16 -7.33
CA GLU A 148 -11.83 -8.34 -6.51
C GLU A 148 -12.32 -9.60 -7.22
N TYR A 149 -11.51 -10.65 -7.20
CA TYR A 149 -11.88 -11.91 -7.84
C TYR A 149 -12.09 -11.69 -9.34
N GLN A 150 -11.15 -11.03 -9.98
CA GLN A 150 -11.23 -10.76 -11.41
C GLN A 150 -11.32 -12.05 -12.21
N GLY A 151 -12.03 -11.99 -13.33
CA GLY A 151 -12.18 -13.16 -14.18
C GLY A 151 -13.63 -13.40 -14.58
N GLY A 152 -14.37 -12.31 -14.80
CA GLY A 152 -15.76 -12.42 -15.18
C GLY A 152 -16.47 -11.09 -15.11
N ASP A 153 -16.08 -10.26 -14.16
CA ASP A 153 -16.68 -8.94 -14.01
C ASP A 153 -16.36 -8.04 -15.21
N ASP A 154 -15.48 -8.54 -16.08
CA ASP A 154 -15.09 -7.79 -17.28
C ASP A 154 -14.39 -6.48 -16.91
N GLU A 155 -13.39 -6.58 -16.04
CA GLU A 155 -12.64 -5.41 -15.61
C GLU A 155 -11.97 -4.73 -16.80
N PHE A 156 -11.34 -5.53 -17.66
CA PHE A 156 -10.67 -5.01 -18.83
C PHE A 156 -11.48 -5.22 -20.10
N PHE A 157 -12.66 -5.83 -19.96
CA PHE A 157 -13.53 -6.08 -21.10
C PHE A 157 -14.61 -5.02 -21.22
N ASP A 158 -14.56 -4.26 -22.30
CA ASP A 158 -15.55 -3.22 -22.55
C ASP A 158 -16.91 -3.86 -22.87
N LEU A 159 -16.89 -5.17 -23.10
CA LEU A 159 -18.09 -5.92 -23.41
C LEU A 159 -19.16 -5.78 -22.33
N ASP A 160 -18.77 -5.27 -21.16
CA ASP A 160 -19.71 -5.09 -20.07
C ASP A 160 -20.89 -4.23 -20.50
N ASP A 161 -20.59 -3.19 -21.28
CA ASP A 161 -21.62 -2.29 -21.78
C ASP A 161 -22.49 -2.99 -22.81
N TYR A 162 -21.88 -3.92 -23.55
CA TYR A 162 -22.60 -4.68 -24.58
C TYR A 162 -23.79 -5.40 -23.97
N LEU A 163 -23.63 -5.86 -22.73
CA LEU A 163 -24.68 -6.57 -22.02
C LEU A 163 -25.92 -5.70 -21.87
N GLU A 164 -25.71 -4.47 -21.42
CA GLU A 164 -26.82 -3.53 -21.24
C GLU A 164 -27.55 -3.28 -22.54
N HIS A 165 -26.79 -3.16 -23.63
CA HIS A 165 -27.38 -2.91 -24.94
C HIS A 165 -26.36 -3.20 -26.05
N ASN A 2 5.72 -9.92 23.19
CA ASN A 2 6.82 -9.57 22.23
C ASN A 2 6.74 -10.43 20.97
N VAL A 3 5.54 -10.60 20.45
CA VAL A 3 5.33 -11.40 19.25
C VAL A 3 6.11 -10.82 18.07
N LYS A 4 6.36 -9.51 18.11
CA LYS A 4 7.09 -8.84 17.02
C LYS A 4 8.34 -9.63 16.61
N PHE A 5 9.09 -10.08 17.61
CA PHE A 5 10.32 -10.82 17.35
C PHE A 5 10.07 -12.05 16.47
N ILE A 6 9.08 -12.86 16.84
CA ILE A 6 8.77 -14.06 16.06
C ILE A 6 7.86 -13.74 14.88
N GLN A 7 6.93 -12.81 15.08
CA GLN A 7 6.00 -12.41 14.04
C GLN A 7 6.77 -11.93 12.81
N GLU A 8 7.75 -11.07 13.07
CA GLU A 8 8.57 -10.51 12.01
C GLU A 8 9.44 -11.57 11.35
N LYS A 9 9.72 -12.66 12.06
CA LYS A 9 10.54 -13.72 11.53
C LYS A 9 9.79 -14.59 10.51
N LYS A 10 8.70 -15.22 10.95
CA LYS A 10 7.92 -16.10 10.08
C LYS A 10 7.11 -15.33 9.03
N LEU A 11 6.40 -14.30 9.45
CA LEU A 11 5.56 -13.53 8.54
C LEU A 11 6.38 -12.86 7.44
N ILE A 12 7.28 -11.98 7.82
CA ILE A 12 8.11 -11.24 6.87
C ILE A 12 8.82 -12.18 5.92
N GLY A 13 9.37 -13.27 6.44
CA GLY A 13 10.06 -14.23 5.58
C GLY A 13 9.10 -14.93 4.65
N ARG A 14 7.91 -15.24 5.18
CA ARG A 14 6.88 -15.92 4.42
C ARG A 14 6.39 -15.09 3.25
N TYR A 15 6.57 -13.77 3.35
CA TYR A 15 6.15 -12.89 2.28
C TYR A 15 7.15 -12.94 1.13
N PHE A 16 8.40 -12.62 1.45
CA PHE A 16 9.46 -12.59 0.46
C PHE A 16 9.83 -13.99 -0.03
N ASP A 17 9.54 -15.03 0.75
CA ASP A 17 9.86 -16.39 0.33
C ASP A 17 8.83 -16.93 -0.65
N GLU A 18 7.56 -16.68 -0.35
CA GLU A 18 6.49 -17.14 -1.21
C GLU A 18 6.63 -16.49 -2.59
N ILE A 19 7.00 -15.21 -2.59
CA ILE A 19 7.19 -14.48 -3.83
C ILE A 19 8.33 -15.10 -4.64
N SER A 20 9.31 -15.65 -3.93
CA SER A 20 10.46 -16.28 -4.56
C SER A 20 10.04 -17.47 -5.43
N GLN A 21 8.81 -17.93 -5.24
CA GLN A 21 8.29 -19.06 -6.01
C GLN A 21 7.66 -18.61 -7.32
N ASP A 22 7.74 -17.30 -7.61
CA ASP A 22 7.17 -16.75 -8.83
C ASP A 22 5.66 -17.00 -8.88
N THR A 23 5.06 -17.13 -7.70
CA THR A 23 3.62 -17.38 -7.59
C THR A 23 2.86 -16.10 -7.27
N GLY A 24 3.57 -15.00 -7.07
CA GLY A 24 2.91 -13.75 -6.75
C GLY A 24 2.05 -13.87 -5.51
N LYS A 25 0.88 -13.22 -5.51
CA LYS A 25 -0.03 -13.27 -4.36
C LYS A 25 0.48 -12.39 -3.23
N TYR A 26 1.41 -11.50 -3.52
CA TYR A 26 1.96 -10.61 -2.51
C TYR A 26 2.38 -9.30 -3.15
N CYS A 27 2.49 -8.25 -2.34
CA CYS A 27 2.89 -6.94 -2.86
C CYS A 27 3.53 -6.11 -1.75
N PHE A 28 4.28 -5.08 -2.13
CA PHE A 28 4.96 -4.24 -1.15
C PHE A 28 4.71 -2.76 -1.41
N GLY A 29 4.75 -1.97 -0.34
CA GLY A 29 4.55 -0.54 -0.44
C GLY A 29 3.19 -0.10 0.08
N VAL A 30 3.02 1.20 0.20
CA VAL A 30 1.76 1.76 0.70
C VAL A 30 0.66 1.62 -0.35
N GLU A 31 0.99 1.96 -1.58
CA GLU A 31 0.02 1.87 -2.67
C GLU A 31 -0.43 0.44 -2.92
N ASP A 32 0.53 -0.44 -3.19
CA ASP A 32 0.23 -1.85 -3.45
C ASP A 32 -0.44 -2.50 -2.25
N THR A 33 0.18 -2.40 -1.08
CA THR A 33 -0.36 -3.02 0.13
C THR A 33 -1.80 -2.56 0.38
N LEU A 34 -2.06 -1.27 0.15
CA LEU A 34 -3.40 -0.74 0.34
C LEU A 34 -4.37 -1.29 -0.70
N LYS A 35 -3.93 -1.27 -1.96
CA LYS A 35 -4.75 -1.77 -3.05
C LYS A 35 -5.15 -3.21 -2.82
N ALA A 36 -4.17 -4.05 -2.50
CA ALA A 36 -4.44 -5.45 -2.25
C ALA A 36 -5.41 -5.62 -1.08
N LEU A 37 -5.31 -4.74 -0.09
CA LEU A 37 -6.22 -4.78 1.05
C LEU A 37 -7.60 -4.41 0.55
N GLU A 38 -7.63 -3.44 -0.35
CA GLU A 38 -8.86 -3.00 -0.97
C GLU A 38 -9.41 -4.12 -1.85
N MET A 39 -8.49 -4.94 -2.36
CA MET A 39 -8.82 -6.07 -3.21
C MET A 39 -9.29 -7.26 -2.40
N GLY A 40 -9.10 -7.21 -1.09
CA GLY A 40 -9.49 -8.32 -0.24
C GLY A 40 -8.67 -9.56 -0.52
N ALA A 41 -7.63 -9.40 -1.35
CA ALA A 41 -6.75 -10.50 -1.71
C ALA A 41 -5.79 -10.80 -0.57
N VAL A 42 -5.41 -9.76 0.15
CA VAL A 42 -4.47 -9.90 1.25
C VAL A 42 -4.95 -10.86 2.32
N GLU A 43 -4.10 -11.82 2.64
CA GLU A 43 -4.40 -12.79 3.69
C GLU A 43 -3.87 -12.25 5.01
N ILE A 44 -2.66 -11.67 4.95
CA ILE A 44 -2.02 -11.09 6.11
C ILE A 44 -1.29 -9.80 5.71
N LEU A 45 -1.54 -8.72 6.43
CA LEU A 45 -0.90 -7.44 6.14
C LEU A 45 0.41 -7.31 6.92
N ILE A 46 1.48 -6.92 6.21
CA ILE A 46 2.79 -6.75 6.86
C ILE A 46 3.14 -5.26 6.96
N VAL A 47 2.96 -4.70 8.15
CA VAL A 47 3.24 -3.29 8.39
C VAL A 47 4.03 -3.15 9.70
N TYR A 48 5.11 -2.37 9.70
CA TYR A 48 5.94 -2.25 10.90
C TYR A 48 5.45 -1.17 11.85
N GLU A 49 5.70 -1.41 13.14
CA GLU A 49 5.32 -0.47 14.19
C GLU A 49 6.06 0.85 14.03
N ASN A 50 7.27 0.77 13.48
CA ASN A 50 8.10 1.95 13.26
C ASN A 50 7.76 2.61 11.92
N LEU A 51 6.78 2.06 11.21
CA LEU A 51 6.39 2.60 9.90
C LEU A 51 6.35 4.11 9.93
N ASP A 52 7.19 4.73 9.11
CA ASP A 52 7.27 6.17 9.03
C ASP A 52 6.36 6.73 7.94
N ILE A 53 5.53 5.88 7.35
CA ILE A 53 4.64 6.29 6.29
C ILE A 53 3.26 6.65 6.83
N MET A 54 2.79 7.81 6.42
CA MET A 54 1.51 8.34 6.86
C MET A 54 0.60 8.68 5.68
N ARG A 55 -0.69 8.85 5.95
CA ARG A 55 -1.66 9.17 4.91
C ARG A 55 -2.09 10.62 4.96
N TYR A 56 -1.63 11.39 3.99
CA TYR A 56 -1.98 12.80 3.89
C TYR A 56 -2.75 13.04 2.60
N VAL A 57 -3.80 13.84 2.69
CA VAL A 57 -4.60 14.14 1.51
C VAL A 57 -4.38 15.57 1.06
N LEU A 58 -3.86 15.73 -0.15
CA LEU A 58 -3.57 17.04 -0.72
C LEU A 58 -4.53 17.37 -1.85
N HIS A 59 -5.39 18.36 -1.64
CA HIS A 59 -6.36 18.75 -2.67
C HIS A 59 -6.35 20.25 -2.94
N CYS A 60 -6.95 20.64 -4.07
CA CYS A 60 -7.05 22.04 -4.45
C CYS A 60 -8.52 22.43 -4.59
N GLN A 61 -8.85 23.67 -4.25
CA GLN A 61 -10.23 24.13 -4.33
C GLN A 61 -10.83 23.83 -5.70
N GLY A 62 -12.01 23.23 -5.70
CA GLY A 62 -12.68 22.88 -6.95
C GLY A 62 -12.72 21.39 -7.21
N THR A 63 -11.98 20.63 -6.40
CA THR A 63 -11.95 19.18 -6.54
C THR A 63 -11.65 18.76 -7.99
N GLU A 64 -10.97 19.66 -8.72
CA GLU A 64 -10.62 19.40 -10.11
C GLU A 64 -9.55 18.32 -10.22
N GLU A 65 -8.68 18.23 -9.22
CA GLU A 65 -7.61 17.24 -9.21
C GLU A 65 -7.13 16.97 -7.80
N GLU A 66 -7.52 15.82 -7.26
CA GLU A 66 -7.15 15.44 -5.92
C GLU A 66 -5.91 14.56 -5.92
N LYS A 67 -4.94 14.89 -5.07
CA LYS A 67 -3.70 14.14 -4.99
C LYS A 67 -3.46 13.60 -3.59
N ILE A 68 -3.12 12.32 -3.52
CA ILE A 68 -2.83 11.67 -2.24
C ILE A 68 -1.41 11.11 -2.29
N LEU A 69 -0.64 11.35 -1.24
CA LEU A 69 0.73 10.87 -1.20
C LEU A 69 1.17 10.52 0.22
N TYR A 70 2.21 9.70 0.31
CA TYR A 70 2.75 9.27 1.59
C TYR A 70 4.12 9.91 1.83
N LEU A 71 4.29 10.51 3.00
CA LEU A 71 5.56 11.15 3.32
C LEU A 71 6.04 10.76 4.71
N THR A 72 7.31 10.38 4.80
CA THR A 72 7.91 10.01 6.07
C THR A 72 8.34 11.27 6.82
N PRO A 73 8.86 11.14 8.05
CA PRO A 73 9.29 12.31 8.84
C PRO A 73 10.10 13.30 8.02
N GLU A 74 10.97 12.78 7.15
CA GLU A 74 11.80 13.63 6.30
C GLU A 74 11.02 14.12 5.09
N GLN A 75 10.27 13.22 4.47
CA GLN A 75 9.49 13.57 3.29
C GLN A 75 8.48 14.66 3.62
N GLU A 76 7.79 14.51 4.75
CA GLU A 76 6.80 15.49 5.17
C GLU A 76 7.45 16.87 5.32
N LYS A 77 8.74 16.87 5.64
CA LYS A 77 9.49 18.11 5.79
C LYS A 77 9.66 18.78 4.43
N ASP A 78 9.97 17.97 3.43
CA ASP A 78 10.13 18.45 2.06
C ASP A 78 8.79 18.84 1.47
N LYS A 79 8.68 20.09 1.01
CA LYS A 79 7.44 20.57 0.44
C LYS A 79 7.43 20.49 -1.08
N SER A 80 8.56 20.11 -1.66
CA SER A 80 8.68 19.99 -3.11
C SER A 80 7.88 18.80 -3.64
N HIS A 81 7.92 17.68 -2.92
CA HIS A 81 7.21 16.47 -3.32
C HIS A 81 5.70 16.70 -3.40
N PHE A 82 5.15 17.45 -2.45
CA PHE A 82 3.72 17.72 -2.42
C PHE A 82 3.27 18.40 -3.71
N THR A 83 4.08 19.34 -4.20
CA THR A 83 3.76 20.06 -5.43
C THR A 83 4.05 19.22 -6.67
N ASP A 84 3.53 19.65 -7.81
CA ASP A 84 3.76 18.93 -9.06
C ASP A 84 3.99 19.87 -10.23
N LYS A 85 4.78 19.43 -11.20
CA LYS A 85 5.08 20.22 -12.39
C LYS A 85 3.90 20.20 -13.35
N GLU A 86 2.89 19.39 -13.04
CA GLU A 86 1.69 19.28 -13.88
C GLU A 86 0.55 20.11 -13.31
N THR A 87 0.84 20.83 -12.24
CA THR A 87 -0.13 21.69 -11.60
C THR A 87 0.54 23.00 -11.22
N GLY A 88 1.81 22.90 -10.81
CA GLY A 88 2.57 24.08 -10.43
C GLY A 88 1.86 24.87 -9.34
N GLN A 89 1.04 24.17 -8.57
CA GLN A 89 0.29 24.82 -7.49
C GLN A 89 0.50 24.08 -6.18
N GLU A 90 0.24 24.74 -5.06
CA GLU A 90 0.39 24.13 -3.76
C GLU A 90 -0.94 23.54 -3.28
N HIS A 91 -0.96 22.23 -3.11
CA HIS A 91 -2.16 21.54 -2.66
C HIS A 91 -2.57 22.03 -1.27
N GLU A 92 -3.74 21.60 -0.81
CA GLU A 92 -4.23 21.99 0.49
C GLU A 92 -4.54 20.75 1.31
N LEU A 93 -3.67 20.43 2.25
CA LEU A 93 -3.85 19.25 3.07
C LEU A 93 -5.20 19.30 3.77
N ILE A 94 -6.04 18.31 3.48
CA ILE A 94 -7.37 18.22 4.06
C ILE A 94 -7.34 17.51 5.41
N GLU A 95 -6.47 16.50 5.51
CA GLU A 95 -6.35 15.74 6.74
C GLU A 95 -5.06 14.92 6.74
N SER A 96 -4.64 14.53 7.93
CA SER A 96 -3.45 13.73 8.10
C SER A 96 -3.71 12.62 9.10
N MET A 97 -3.40 11.39 8.71
CA MET A 97 -3.63 10.25 9.59
C MET A 97 -2.47 9.25 9.56
N PRO A 98 -1.98 8.83 10.74
CA PRO A 98 -0.91 7.85 10.83
C PRO A 98 -1.31 6.54 10.14
N LEU A 99 -0.75 6.31 8.97
CA LEU A 99 -1.04 5.12 8.18
C LEU A 99 -0.97 3.85 9.00
N LEU A 100 0.18 3.61 9.63
CA LEU A 100 0.35 2.41 10.44
C LEU A 100 -0.78 2.32 11.45
N GLU A 101 -1.04 3.42 12.13
CA GLU A 101 -2.12 3.48 13.10
C GLU A 101 -3.45 3.17 12.41
N TRP A 102 -3.60 3.71 11.20
CA TRP A 102 -4.80 3.50 10.41
C TRP A 102 -4.94 2.04 10.01
N PHE A 103 -3.82 1.41 9.66
CA PHE A 103 -3.84 0.00 9.25
C PHE A 103 -4.46 -0.88 10.32
N ALA A 104 -4.09 -0.64 11.58
CA ALA A 104 -4.60 -1.43 12.69
C ALA A 104 -6.00 -0.97 13.12
N ASN A 105 -6.40 0.22 12.68
CA ASN A 105 -7.70 0.76 13.04
C ASN A 105 -8.86 0.04 12.37
N ASN A 106 -8.71 -0.30 11.09
CA ASN A 106 -9.80 -0.95 10.35
C ASN A 106 -9.36 -2.16 9.52
N TYR A 107 -8.21 -2.75 9.83
CA TYR A 107 -7.74 -3.91 9.07
C TYR A 107 -8.76 -5.04 9.02
N LYS A 108 -9.75 -4.99 9.91
CA LYS A 108 -10.79 -6.01 9.93
C LYS A 108 -11.76 -5.80 8.78
N LYS A 109 -11.94 -4.55 8.38
CA LYS A 109 -12.85 -4.21 7.30
C LYS A 109 -12.33 -4.73 5.96
N PHE A 110 -11.02 -4.64 5.76
CA PHE A 110 -10.39 -5.12 4.53
C PHE A 110 -10.27 -6.63 4.52
N GLY A 111 -10.38 -7.24 5.70
CA GLY A 111 -10.26 -8.68 5.80
C GLY A 111 -8.81 -9.14 5.79
N ALA A 112 -7.91 -8.23 6.12
CA ALA A 112 -6.48 -8.53 6.17
C ALA A 112 -6.00 -8.58 7.61
N THR A 113 -5.04 -9.46 7.87
CA THR A 113 -4.50 -9.58 9.21
C THR A 113 -3.42 -8.54 9.44
N LEU A 114 -3.78 -7.46 10.12
CA LEU A 114 -2.81 -6.41 10.38
C LEU A 114 -1.73 -6.93 11.30
N GLU A 115 -0.59 -7.28 10.71
CA GLU A 115 0.53 -7.82 11.47
C GLU A 115 1.65 -6.80 11.56
N ILE A 116 2.02 -6.46 12.79
CA ILE A 116 3.06 -5.48 13.01
C ILE A 116 4.41 -6.18 13.18
N VAL A 117 5.46 -5.54 12.67
CA VAL A 117 6.81 -6.09 12.73
C VAL A 117 7.86 -4.99 12.82
N THR A 118 9.09 -5.36 13.17
CA THR A 118 10.17 -4.39 13.28
C THR A 118 11.37 -4.78 12.42
N ASP A 119 12.28 -3.84 12.24
CA ASP A 119 13.47 -4.07 11.41
C ASP A 119 14.63 -4.65 12.24
N LYS A 120 14.37 -4.92 13.52
CA LYS A 120 15.40 -5.47 14.40
C LYS A 120 15.90 -6.81 13.87
N SER A 121 14.97 -7.62 13.36
CA SER A 121 15.32 -8.94 12.82
C SER A 121 15.83 -8.81 11.39
N GLN A 122 16.54 -9.83 10.93
CA GLN A 122 17.09 -9.84 9.57
C GLN A 122 15.96 -9.76 8.54
N GLU A 123 14.89 -10.49 8.80
CA GLU A 123 13.74 -10.50 7.90
C GLU A 123 13.15 -9.10 7.76
N GLY A 124 13.10 -8.38 8.87
CA GLY A 124 12.56 -7.04 8.85
C GLY A 124 13.14 -6.19 7.74
N SER A 125 14.47 -6.24 7.59
CA SER A 125 15.16 -5.47 6.56
C SER A 125 14.62 -5.81 5.18
N GLN A 126 14.17 -7.04 5.00
CA GLN A 126 13.65 -7.48 3.71
C GLN A 126 12.45 -6.62 3.30
N PHE A 127 11.66 -6.22 4.28
CA PHE A 127 10.48 -5.39 4.03
C PHE A 127 10.82 -3.90 4.04
N VAL A 128 11.33 -3.42 5.17
CA VAL A 128 11.68 -2.01 5.32
C VAL A 128 12.78 -1.56 4.35
N LYS A 129 13.86 -2.33 4.31
CA LYS A 129 14.97 -2.01 3.44
C LYS A 129 14.75 -2.53 2.03
N GLY A 130 13.99 -3.61 1.91
CA GLY A 130 13.71 -4.18 0.61
C GLY A 130 12.50 -3.52 -0.04
N PHE A 131 11.63 -2.95 0.78
CA PHE A 131 10.44 -2.29 0.28
C PHE A 131 10.22 -0.95 0.99
N GLY A 132 9.47 -0.94 2.10
CA GLY A 132 9.20 0.30 2.80
C GLY A 132 8.35 0.09 4.05
N GLY A 133 8.58 -1.02 4.75
CA GLY A 133 7.85 -1.30 5.97
C GLY A 133 6.36 -1.49 5.76
N ILE A 134 5.96 -1.76 4.52
CA ILE A 134 4.55 -1.96 4.21
C ILE A 134 4.40 -3.01 3.11
N GLY A 135 3.60 -4.05 3.36
CA GLY A 135 3.39 -5.09 2.38
C GLY A 135 2.01 -5.69 2.53
N GLY A 136 1.56 -6.43 1.52
CA GLY A 136 0.23 -7.02 1.63
C GLY A 136 0.15 -8.41 1.05
N ILE A 137 0.44 -9.41 1.88
CA ILE A 137 0.37 -10.80 1.46
C ILE A 137 -1.05 -11.14 1.03
N LEU A 138 -1.18 -11.80 -0.11
CA LEU A 138 -2.49 -12.20 -0.63
C LEU A 138 -2.70 -13.69 -0.45
N ARG A 139 -3.96 -14.11 -0.43
CA ARG A 139 -4.29 -15.53 -0.28
C ARG A 139 -3.98 -16.29 -1.56
N TYR A 140 -4.28 -15.66 -2.70
CA TYR A 140 -4.04 -16.27 -4.00
C TYR A 140 -3.81 -15.19 -5.06
N ARG A 141 -3.27 -15.59 -6.21
CA ARG A 141 -3.00 -14.67 -7.30
C ARG A 141 -4.27 -13.96 -7.73
N VAL A 142 -4.21 -12.64 -7.83
CA VAL A 142 -5.36 -11.83 -8.23
C VAL A 142 -5.02 -10.88 -9.37
N ASP A 143 -6.06 -10.42 -10.06
CA ASP A 143 -5.89 -9.50 -11.16
C ASP A 143 -5.50 -8.13 -10.61
N PHE A 144 -4.77 -7.37 -11.42
CA PHE A 144 -4.33 -6.04 -11.00
C PHE A 144 -5.52 -5.14 -10.69
N GLN A 145 -6.49 -5.11 -11.60
CA GLN A 145 -7.67 -4.28 -11.41
C GLN A 145 -7.32 -2.82 -11.20
N GLY A 146 -7.13 -2.08 -12.28
CA GLY A 146 -6.78 -0.68 -12.19
C GLY A 146 -7.72 0.10 -11.29
N MET A 147 -9.02 -0.22 -11.38
CA MET A 147 -10.01 0.46 -10.57
C MET A 147 -10.92 -0.55 -9.88
N GLU A 148 -11.58 -0.11 -8.81
CA GLU A 148 -12.49 -0.98 -8.06
C GLU A 148 -13.62 -1.49 -8.96
N TYR A 149 -14.13 -0.60 -9.81
CA TYR A 149 -15.21 -0.96 -10.72
C TYR A 149 -14.89 -0.54 -12.14
N GLN A 150 -14.20 -1.40 -12.87
CA GLN A 150 -13.82 -1.12 -14.25
C GLN A 150 -15.04 -1.01 -15.15
N GLY A 151 -16.01 -1.90 -14.93
CA GLY A 151 -17.22 -1.89 -15.73
C GLY A 151 -17.98 -0.58 -15.61
N GLY A 152 -18.21 0.08 -16.74
CA GLY A 152 -18.93 1.34 -16.72
C GLY A 152 -18.00 2.54 -16.77
N ASP A 153 -17.03 2.57 -15.88
CA ASP A 153 -16.06 3.65 -15.83
C ASP A 153 -15.19 3.65 -17.08
N ASP A 154 -15.26 2.57 -17.85
CA ASP A 154 -14.48 2.45 -19.07
C ASP A 154 -12.98 2.53 -18.78
N GLU A 155 -12.57 1.99 -17.63
CA GLU A 155 -11.17 2.00 -17.24
C GLU A 155 -10.32 1.27 -18.27
N PHE A 156 -10.75 0.06 -18.62
CA PHE A 156 -10.04 -0.75 -19.60
C PHE A 156 -10.33 -0.26 -21.01
N PHE A 157 -11.47 0.42 -21.18
CA PHE A 157 -11.88 0.94 -22.47
C PHE A 157 -11.31 2.34 -22.71
N ASP A 158 -10.52 2.47 -23.76
CA ASP A 158 -9.93 3.75 -24.11
C ASP A 158 -11.02 4.71 -24.59
N LEU A 159 -12.21 4.16 -24.83
CA LEU A 159 -13.35 4.93 -25.28
C LEU A 159 -13.72 6.04 -24.30
N ASP A 160 -13.17 5.99 -23.09
CA ASP A 160 -13.46 6.99 -22.08
C ASP A 160 -13.09 8.39 -22.60
N ASP A 161 -11.97 8.48 -23.28
CA ASP A 161 -11.50 9.76 -23.84
C ASP A 161 -12.41 10.19 -24.99
N TYR A 162 -12.99 9.21 -25.68
CA TYR A 162 -13.86 9.48 -26.80
C TYR A 162 -15.05 10.35 -26.36
N LEU A 163 -15.51 10.11 -25.13
CA LEU A 163 -16.63 10.86 -24.58
C LEU A 163 -16.31 12.36 -24.54
N GLU A 164 -15.10 12.68 -24.09
CA GLU A 164 -14.68 14.08 -24.01
C GLU A 164 -14.72 14.75 -25.37
N HIS A 165 -14.30 14.01 -26.40
CA HIS A 165 -14.30 14.53 -27.76
C HIS A 165 -13.40 15.77 -27.87
N ASN A 2 5.75 -8.67 22.55
CA ASN A 2 6.91 -9.58 22.35
C ASN A 2 6.72 -10.46 21.11
N VAL A 3 5.48 -10.69 20.74
CA VAL A 3 5.17 -11.52 19.57
C VAL A 3 5.78 -10.92 18.31
N LYS A 4 6.02 -9.62 18.32
CA LYS A 4 6.59 -8.93 17.17
C LYS A 4 7.87 -9.61 16.70
N PHE A 5 8.72 -10.00 17.64
CA PHE A 5 9.98 -10.64 17.31
C PHE A 5 9.78 -11.94 16.53
N ILE A 6 8.86 -12.79 16.99
CA ILE A 6 8.60 -14.05 16.31
C ILE A 6 7.63 -13.85 15.15
N GLN A 7 6.70 -12.93 15.34
CA GLN A 7 5.70 -12.63 14.32
C GLN A 7 6.38 -12.15 13.05
N GLU A 8 7.37 -11.28 13.25
CA GLU A 8 8.12 -10.70 12.14
C GLU A 8 8.98 -11.75 11.44
N LYS A 9 9.31 -12.82 12.14
CA LYS A 9 10.15 -13.87 11.57
C LYS A 9 9.38 -14.74 10.57
N LYS A 10 8.32 -15.40 11.04
CA LYS A 10 7.54 -16.29 10.18
C LYS A 10 6.74 -15.55 9.11
N LEU A 11 6.12 -14.43 9.50
CA LEU A 11 5.31 -13.65 8.56
C LEU A 11 6.14 -13.04 7.45
N ILE A 12 7.09 -12.20 7.84
CA ILE A 12 7.94 -11.51 6.87
C ILE A 12 8.67 -12.50 5.97
N GLY A 13 9.18 -13.59 6.55
CA GLY A 13 9.86 -14.58 5.76
C GLY A 13 8.96 -15.21 4.72
N ARG A 14 7.72 -15.48 5.12
CA ARG A 14 6.74 -16.08 4.24
C ARG A 14 6.37 -15.13 3.11
N TYR A 15 6.60 -13.85 3.35
CA TYR A 15 6.30 -12.84 2.35
C TYR A 15 7.38 -12.85 1.28
N PHE A 16 8.61 -12.59 1.70
CA PHE A 16 9.74 -12.54 0.79
C PHE A 16 10.15 -13.93 0.27
N ASP A 17 9.83 -14.99 1.01
CA ASP A 17 10.20 -16.34 0.57
C ASP A 17 9.18 -16.91 -0.41
N GLU A 18 7.90 -16.79 -0.06
CA GLU A 18 6.86 -17.31 -0.93
C GLU A 18 6.92 -16.59 -2.28
N ILE A 19 7.20 -15.30 -2.24
CA ILE A 19 7.33 -14.50 -3.46
C ILE A 19 8.45 -15.08 -4.33
N SER A 20 9.48 -15.60 -3.68
CA SER A 20 10.61 -16.20 -4.39
C SER A 20 10.14 -17.30 -5.34
N GLN A 21 8.91 -17.78 -5.12
CA GLN A 21 8.33 -18.82 -5.95
C GLN A 21 7.54 -18.24 -7.12
N ASP A 22 7.62 -16.92 -7.29
CA ASP A 22 6.90 -16.24 -8.37
C ASP A 22 5.40 -16.49 -8.24
N THR A 23 4.93 -16.55 -7.00
CA THR A 23 3.52 -16.78 -6.72
C THR A 23 2.72 -15.49 -6.77
N GLY A 24 3.38 -14.35 -6.86
CA GLY A 24 2.68 -13.07 -6.94
C GLY A 24 1.58 -12.96 -5.90
N LYS A 25 1.75 -13.64 -4.78
CA LYS A 25 0.78 -13.61 -3.70
C LYS A 25 1.19 -12.62 -2.61
N TYR A 26 1.84 -11.54 -3.00
CA TYR A 26 2.30 -10.54 -2.05
C TYR A 26 2.49 -9.18 -2.69
N CYS A 27 2.52 -8.13 -1.87
CA CYS A 27 2.71 -6.77 -2.39
C CYS A 27 3.41 -5.90 -1.36
N PHE A 28 4.05 -4.80 -1.80
CA PHE A 28 4.76 -3.92 -0.87
C PHE A 28 4.41 -2.45 -1.14
N GLY A 29 4.49 -1.64 -0.08
CA GLY A 29 4.19 -0.23 -0.19
C GLY A 29 2.83 0.11 0.37
N VAL A 30 2.57 1.39 0.55
CA VAL A 30 1.29 1.84 1.07
C VAL A 30 0.20 1.66 0.02
N GLU A 31 0.47 2.20 -1.16
CA GLU A 31 -0.48 2.12 -2.26
C GLU A 31 -0.85 0.66 -2.58
N ASP A 32 0.15 -0.13 -2.93
CA ASP A 32 -0.07 -1.54 -3.27
C ASP A 32 -0.67 -2.31 -2.10
N THR A 33 0.04 -2.33 -0.97
CA THR A 33 -0.42 -3.05 0.21
C THR A 33 -1.87 -2.70 0.53
N LEU A 34 -2.29 -1.48 0.18
CA LEU A 34 -3.66 -1.04 0.42
C LEU A 34 -4.58 -1.55 -0.69
N LYS A 35 -4.16 -1.34 -1.93
CA LYS A 35 -4.96 -1.75 -3.08
C LYS A 35 -5.34 -3.22 -2.97
N ALA A 36 -4.36 -4.08 -2.71
CA ALA A 36 -4.62 -5.50 -2.58
C ALA A 36 -5.56 -5.76 -1.41
N LEU A 37 -5.49 -4.91 -0.38
CA LEU A 37 -6.37 -5.05 0.77
C LEU A 37 -7.80 -4.80 0.32
N GLU A 38 -7.95 -3.82 -0.54
CA GLU A 38 -9.23 -3.46 -1.11
C GLU A 38 -9.70 -4.56 -2.06
N MET A 39 -8.73 -5.27 -2.62
CA MET A 39 -8.99 -6.36 -3.55
C MET A 39 -9.45 -7.62 -2.83
N GLY A 40 -9.27 -7.66 -1.51
CA GLY A 40 -9.65 -8.85 -0.76
C GLY A 40 -8.67 -9.98 -1.01
N ALA A 41 -7.67 -9.71 -1.84
CA ALA A 41 -6.65 -10.69 -2.18
C ALA A 41 -5.75 -10.95 -0.99
N VAL A 42 -5.55 -9.92 -0.18
CA VAL A 42 -4.68 -10.01 0.99
C VAL A 42 -5.17 -10.99 2.03
N GLU A 43 -4.29 -11.89 2.44
CA GLU A 43 -4.60 -12.86 3.48
C GLU A 43 -4.02 -12.36 4.79
N ILE A 44 -2.83 -11.75 4.70
CA ILE A 44 -2.14 -11.20 5.85
C ILE A 44 -1.45 -9.88 5.48
N LEU A 45 -1.51 -8.91 6.38
CA LEU A 45 -0.88 -7.61 6.13
C LEU A 45 0.42 -7.47 6.93
N ILE A 46 1.48 -7.00 6.25
CA ILE A 46 2.77 -6.80 6.91
C ILE A 46 3.11 -5.32 6.99
N VAL A 47 2.96 -4.75 8.18
CA VAL A 47 3.24 -3.35 8.43
C VAL A 47 4.09 -3.20 9.69
N TYR A 48 5.17 -2.43 9.66
CA TYR A 48 6.04 -2.30 10.82
C TYR A 48 5.58 -1.23 11.80
N GLU A 49 5.91 -1.45 13.07
CA GLU A 49 5.58 -0.52 14.14
C GLU A 49 6.39 0.77 13.99
N ASN A 50 7.58 0.63 13.41
CA ASN A 50 8.47 1.75 13.19
C ASN A 50 8.07 2.56 11.95
N LEU A 51 7.05 2.11 11.24
CA LEU A 51 6.59 2.79 10.03
C LEU A 51 6.47 4.29 10.27
N ASP A 52 7.31 5.07 9.59
CA ASP A 52 7.31 6.51 9.72
C ASP A 52 6.55 7.19 8.58
N ILE A 53 5.83 6.41 7.80
CA ILE A 53 5.07 6.97 6.69
C ILE A 53 3.62 7.24 7.09
N MET A 54 3.12 8.38 6.63
CA MET A 54 1.76 8.81 6.93
C MET A 54 0.96 9.02 5.65
N ARG A 55 -0.36 9.10 5.81
CA ARG A 55 -1.25 9.29 4.69
C ARG A 55 -1.71 10.73 4.59
N TYR A 56 -1.06 11.51 3.72
CA TYR A 56 -1.42 12.90 3.52
C TYR A 56 -2.16 13.05 2.19
N VAL A 57 -3.29 13.74 2.22
CA VAL A 57 -4.08 13.94 1.01
C VAL A 57 -3.85 15.31 0.40
N LEU A 58 -3.29 15.33 -0.80
CA LEU A 58 -2.99 16.56 -1.52
C LEU A 58 -4.05 16.87 -2.58
N HIS A 59 -4.79 17.97 -2.40
CA HIS A 59 -5.81 18.35 -3.36
C HIS A 59 -5.67 19.81 -3.78
N CYS A 60 -6.14 20.12 -4.99
CA CYS A 60 -6.09 21.48 -5.50
C CYS A 60 -7.51 22.02 -5.68
N GLN A 61 -7.74 23.26 -5.25
CA GLN A 61 -9.07 23.86 -5.36
C GLN A 61 -9.66 23.64 -6.76
N GLY A 62 -10.93 23.25 -6.80
CA GLY A 62 -11.60 23.01 -8.06
C GLY A 62 -11.64 21.54 -8.42
N THR A 63 -10.91 20.71 -7.66
CA THR A 63 -10.87 19.28 -7.90
C THR A 63 -10.29 18.99 -9.30
N GLU A 64 -9.39 19.86 -9.74
CA GLU A 64 -8.77 19.71 -11.05
C GLU A 64 -7.87 18.48 -11.10
N GLU A 65 -7.19 18.21 -9.99
CA GLU A 65 -6.30 17.06 -9.90
C GLU A 65 -6.01 16.71 -8.44
N GLU A 66 -6.59 15.62 -7.98
CA GLU A 66 -6.42 15.18 -6.60
C GLU A 66 -5.31 14.13 -6.51
N LYS A 67 -4.45 14.28 -5.49
CA LYS A 67 -3.34 13.35 -5.31
C LYS A 67 -3.09 13.01 -3.84
N ILE A 68 -2.98 11.73 -3.56
CA ILE A 68 -2.71 11.22 -2.21
C ILE A 68 -1.54 10.24 -2.28
N LEU A 69 -0.39 10.61 -1.73
CA LEU A 69 0.78 9.74 -1.79
C LEU A 69 1.41 9.51 -0.42
N TYR A 70 2.36 8.58 -0.37
CA TYR A 70 3.08 8.25 0.84
C TYR A 70 4.41 9.00 0.91
N LEU A 71 4.71 9.57 2.06
CA LEU A 71 5.96 10.30 2.24
C LEU A 71 6.67 9.89 3.52
N THR A 72 7.95 9.61 3.39
CA THR A 72 8.76 9.22 4.53
C THR A 72 9.23 10.49 5.27
N PRO A 73 9.90 10.36 6.42
CA PRO A 73 10.36 11.53 7.17
C PRO A 73 11.02 12.59 6.29
N GLU A 74 11.81 12.14 5.31
CA GLU A 74 12.49 13.06 4.41
C GLU A 74 11.57 13.60 3.32
N GLN A 75 10.69 12.73 2.79
CA GLN A 75 9.79 13.12 1.73
C GLN A 75 8.85 14.25 2.16
N GLU A 76 8.30 14.14 3.36
CA GLU A 76 7.40 15.17 3.89
C GLU A 76 8.10 16.51 3.96
N LYS A 77 9.41 16.48 4.18
CA LYS A 77 10.20 17.69 4.25
C LYS A 77 10.30 18.32 2.87
N ASP A 78 10.32 17.47 1.85
CA ASP A 78 10.39 17.91 0.46
C ASP A 78 9.00 17.98 -0.15
N LYS A 79 8.53 19.19 -0.39
CA LYS A 79 7.21 19.39 -0.97
C LYS A 79 7.28 19.60 -2.48
N SER A 80 8.48 19.49 -3.04
CA SER A 80 8.67 19.69 -4.48
C SER A 80 7.84 18.67 -5.26
N HIS A 81 7.81 17.45 -4.78
CA HIS A 81 7.06 16.37 -5.43
C HIS A 81 5.55 16.58 -5.28
N PHE A 82 5.15 17.34 -4.26
CA PHE A 82 3.74 17.60 -4.01
C PHE A 82 3.09 18.29 -5.20
N THR A 83 3.83 19.23 -5.81
CA THR A 83 3.34 19.96 -6.98
C THR A 83 3.54 19.12 -8.24
N ASP A 84 2.82 19.47 -9.31
CA ASP A 84 2.94 18.74 -10.57
C ASP A 84 3.11 19.69 -11.75
N LYS A 85 3.91 19.26 -12.72
CA LYS A 85 4.15 20.05 -13.92
C LYS A 85 2.95 20.02 -14.86
N GLU A 86 1.95 19.20 -14.51
CA GLU A 86 0.74 19.06 -15.31
C GLU A 86 -0.40 19.87 -14.72
N THR A 87 -0.09 20.61 -13.66
CA THR A 87 -1.06 21.46 -13.00
C THR A 87 -0.41 22.80 -12.65
N GLY A 88 0.88 22.73 -12.30
CA GLY A 88 1.61 23.94 -11.95
C GLY A 88 0.98 24.67 -10.80
N GLN A 89 0.26 23.93 -9.96
CA GLN A 89 -0.39 24.50 -8.79
C GLN A 89 0.08 23.81 -7.53
N GLU A 90 0.04 24.51 -6.41
CA GLU A 90 0.47 23.93 -5.14
C GLU A 90 -0.72 23.28 -4.44
N HIS A 91 -0.64 21.97 -4.26
CA HIS A 91 -1.71 21.23 -3.59
C HIS A 91 -1.90 21.76 -2.17
N GLU A 92 -3.06 21.47 -1.60
CA GLU A 92 -3.37 21.90 -0.25
C GLU A 92 -3.79 20.72 0.57
N LEU A 93 -2.92 20.30 1.47
CA LEU A 93 -3.20 19.16 2.32
C LEU A 93 -4.54 19.32 3.03
N ILE A 94 -5.37 18.30 2.95
CA ILE A 94 -6.68 18.33 3.57
C ILE A 94 -6.68 17.62 4.91
N GLU A 95 -5.94 16.53 4.98
CA GLU A 95 -5.83 15.74 6.19
C GLU A 95 -4.61 14.83 6.14
N SER A 96 -4.22 14.32 7.29
CA SER A 96 -3.09 13.42 7.40
C SER A 96 -3.34 12.41 8.50
N MET A 97 -3.42 11.15 8.14
CA MET A 97 -3.68 10.09 9.12
C MET A 97 -2.47 9.18 9.28
N PRO A 98 -2.14 8.81 10.54
CA PRO A 98 -1.01 7.91 10.79
C PRO A 98 -1.22 6.60 10.08
N LEU A 99 -0.50 6.42 8.98
CA LEU A 99 -0.62 5.23 8.16
C LEU A 99 -0.58 3.94 8.96
N LEU A 100 0.52 3.68 9.67
CA LEU A 100 0.62 2.46 10.45
C LEU A 100 -0.60 2.32 11.36
N GLU A 101 -0.96 3.42 12.01
CA GLU A 101 -2.12 3.44 12.89
C GLU A 101 -3.36 3.12 12.08
N TRP A 102 -3.42 3.66 10.87
CA TRP A 102 -4.54 3.43 9.96
C TRP A 102 -4.66 1.95 9.63
N PHE A 103 -3.53 1.31 9.34
CA PHE A 103 -3.52 -0.10 8.99
C PHE A 103 -4.14 -0.94 10.09
N ALA A 104 -3.83 -0.61 11.34
CA ALA A 104 -4.37 -1.35 12.47
C ALA A 104 -5.75 -0.82 12.89
N ASN A 105 -6.14 0.32 12.32
CA ASN A 105 -7.43 0.92 12.66
C ASN A 105 -8.60 0.12 12.11
N ASN A 106 -8.57 -0.22 10.83
CA ASN A 106 -9.68 -0.94 10.21
C ASN A 106 -9.26 -2.18 9.42
N TYR A 107 -8.10 -2.75 9.70
CA TYR A 107 -7.64 -3.93 8.98
C TYR A 107 -8.65 -5.07 9.03
N LYS A 108 -9.59 -5.00 9.98
CA LYS A 108 -10.62 -6.02 10.11
C LYS A 108 -11.64 -5.88 8.99
N LYS A 109 -11.92 -4.64 8.61
CA LYS A 109 -12.88 -4.34 7.57
C LYS A 109 -12.40 -4.85 6.22
N PHE A 110 -11.10 -4.69 5.96
CA PHE A 110 -10.50 -5.12 4.70
C PHE A 110 -10.36 -6.65 4.66
N GLY A 111 -10.43 -7.29 5.83
CA GLY A 111 -10.31 -8.73 5.90
C GLY A 111 -8.87 -9.19 5.83
N ALA A 112 -7.95 -8.30 6.18
CA ALA A 112 -6.53 -8.62 6.17
C ALA A 112 -6.00 -8.69 7.59
N THR A 113 -4.99 -9.53 7.80
CA THR A 113 -4.40 -9.68 9.12
C THR A 113 -3.34 -8.63 9.33
N LEU A 114 -3.67 -7.59 10.08
CA LEU A 114 -2.72 -6.53 10.35
C LEU A 114 -1.70 -7.02 11.36
N GLU A 115 -0.54 -7.38 10.88
CA GLU A 115 0.53 -7.88 11.73
C GLU A 115 1.69 -6.90 11.76
N ILE A 116 2.05 -6.47 12.95
CA ILE A 116 3.15 -5.54 13.10
C ILE A 116 4.49 -6.26 13.15
N VAL A 117 5.51 -5.64 12.57
CA VAL A 117 6.85 -6.21 12.53
C VAL A 117 7.91 -5.13 12.64
N THR A 118 9.14 -5.53 12.92
CA THR A 118 10.24 -4.59 13.06
C THR A 118 11.43 -4.98 12.18
N ASP A 119 12.35 -4.04 11.98
CA ASP A 119 13.53 -4.27 11.16
C ASP A 119 14.69 -4.82 11.98
N LYS A 120 14.45 -5.13 13.26
CA LYS A 120 15.49 -5.65 14.13
C LYS A 120 16.04 -6.97 13.57
N SER A 121 15.15 -7.81 13.05
CA SER A 121 15.55 -9.09 12.49
C SER A 121 16.01 -8.93 11.04
N GLN A 122 16.75 -9.92 10.54
CA GLN A 122 17.25 -9.89 9.18
C GLN A 122 16.10 -9.81 8.18
N GLU A 123 15.03 -10.55 8.47
CA GLU A 123 13.86 -10.57 7.61
C GLU A 123 13.21 -9.20 7.54
N GLY A 124 13.16 -8.50 8.66
CA GLY A 124 12.56 -7.18 8.70
C GLY A 124 13.19 -6.22 7.70
N SER A 125 14.51 -6.22 7.64
CA SER A 125 15.24 -5.34 6.72
C SER A 125 14.78 -5.56 5.28
N GLN A 126 14.42 -6.80 4.97
CA GLN A 126 13.98 -7.15 3.64
C GLN A 126 12.77 -6.29 3.21
N PHE A 127 11.99 -5.85 4.18
CA PHE A 127 10.82 -5.01 3.92
C PHE A 127 11.20 -3.54 3.82
N VAL A 128 11.81 -3.04 4.89
CA VAL A 128 12.21 -1.63 4.97
C VAL A 128 13.24 -1.27 3.90
N LYS A 129 14.30 -2.07 3.80
CA LYS A 129 15.36 -1.81 2.83
C LYS A 129 14.90 -2.13 1.40
N GLY A 130 14.07 -3.15 1.27
CA GLY A 130 13.60 -3.54 -0.04
C GLY A 130 12.37 -2.76 -0.46
N PHE A 131 11.61 -2.31 0.53
CA PHE A 131 10.40 -1.53 0.28
C PHE A 131 10.38 -0.26 1.12
N GLY A 132 9.81 -0.33 2.32
CA GLY A 132 9.75 0.84 3.18
C GLY A 132 9.12 0.59 4.55
N GLY A 133 8.48 -0.57 4.72
CA GLY A 133 7.85 -0.88 6.00
C GLY A 133 6.35 -1.13 5.87
N ILE A 134 5.90 -1.35 4.65
CA ILE A 134 4.49 -1.62 4.36
C ILE A 134 4.41 -2.70 3.30
N GLY A 135 3.76 -3.82 3.61
CA GLY A 135 3.65 -4.88 2.64
C GLY A 135 2.38 -5.67 2.83
N GLY A 136 2.07 -6.55 1.90
CA GLY A 136 0.87 -7.34 2.03
C GLY A 136 1.01 -8.71 1.42
N ILE A 137 0.25 -9.65 1.94
CA ILE A 137 0.24 -11.02 1.47
C ILE A 137 -1.11 -11.32 0.82
N LEU A 138 -1.10 -11.89 -0.38
CA LEU A 138 -2.33 -12.22 -1.08
C LEU A 138 -2.57 -13.73 -1.06
N ARG A 139 -3.81 -14.15 -1.33
CA ARG A 139 -4.15 -15.56 -1.35
C ARG A 139 -3.64 -16.23 -2.62
N TYR A 140 -3.75 -15.53 -3.75
CA TYR A 140 -3.31 -16.06 -5.03
C TYR A 140 -2.74 -14.96 -5.92
N ARG A 141 -2.27 -15.35 -7.10
CA ARG A 141 -1.68 -14.39 -8.04
C ARG A 141 -2.65 -13.27 -8.36
N VAL A 142 -2.23 -12.03 -8.12
CA VAL A 142 -3.05 -10.86 -8.39
C VAL A 142 -2.24 -9.57 -8.22
N ASP A 143 -1.60 -9.13 -9.31
CA ASP A 143 -0.80 -7.92 -9.28
C ASP A 143 -1.67 -6.67 -9.38
N PHE A 144 -2.60 -6.67 -10.34
CA PHE A 144 -3.49 -5.54 -10.53
C PHE A 144 -4.81 -5.99 -11.17
N GLN A 145 -5.91 -5.49 -10.64
CA GLN A 145 -7.23 -5.83 -11.15
C GLN A 145 -8.07 -4.57 -11.38
N GLY A 146 -9.02 -4.66 -12.31
CA GLY A 146 -9.87 -3.52 -12.60
C GLY A 146 -11.34 -3.87 -12.46
N MET A 147 -11.83 -4.68 -13.39
CA MET A 147 -13.23 -5.10 -13.37
C MET A 147 -13.34 -6.60 -13.62
N GLU A 148 -14.27 -7.24 -12.91
CA GLU A 148 -14.47 -8.68 -13.05
C GLU A 148 -14.84 -9.03 -14.49
N TYR A 149 -14.22 -10.09 -15.02
CA TYR A 149 -14.48 -10.52 -16.39
C TYR A 149 -14.14 -9.40 -17.38
N GLN A 150 -12.88 -8.96 -17.34
CA GLN A 150 -12.42 -7.90 -18.22
C GLN A 150 -12.55 -8.29 -19.69
N GLY A 151 -12.12 -9.52 -20.01
CA GLY A 151 -12.19 -9.99 -21.38
C GLY A 151 -11.13 -9.35 -22.26
N GLY A 152 -11.17 -8.02 -22.36
CA GLY A 152 -10.20 -7.31 -23.17
C GLY A 152 -10.56 -5.85 -23.35
N ASP A 153 -10.72 -5.43 -24.60
CA ASP A 153 -11.08 -4.05 -24.90
C ASP A 153 -10.10 -3.06 -24.27
N ASP A 154 -8.82 -3.45 -24.22
CA ASP A 154 -7.79 -2.59 -23.65
C ASP A 154 -8.12 -2.19 -22.21
N GLU A 155 -8.71 -3.12 -21.46
CA GLU A 155 -9.06 -2.83 -20.07
C GLU A 155 -7.83 -2.47 -19.27
N PHE A 156 -6.79 -3.31 -19.37
CA PHE A 156 -5.54 -3.08 -18.66
C PHE A 156 -4.72 -2.01 -19.36
N PHE A 157 -4.96 -1.84 -20.67
CA PHE A 157 -4.24 -0.87 -21.47
C PHE A 157 -4.92 0.49 -21.41
N ASP A 158 -4.26 1.45 -20.77
CA ASP A 158 -4.78 2.81 -20.67
C ASP A 158 -4.67 3.53 -22.01
N LEU A 159 -4.02 2.87 -22.97
CA LEU A 159 -3.83 3.41 -24.31
C LEU A 159 -5.16 3.74 -25.00
N ASP A 160 -6.26 3.24 -24.44
CA ASP A 160 -7.58 3.49 -25.01
C ASP A 160 -7.82 4.98 -25.21
N ASP A 161 -7.39 5.77 -24.24
CA ASP A 161 -7.55 7.22 -24.31
C ASP A 161 -6.67 7.80 -25.41
N TYR A 162 -5.50 7.20 -25.60
CA TYR A 162 -4.56 7.65 -26.62
C TYR A 162 -5.21 7.58 -28.00
N LEU A 163 -6.08 6.59 -28.18
CA LEU A 163 -6.78 6.40 -29.45
C LEU A 163 -7.59 7.63 -29.81
N GLU A 164 -8.32 8.17 -28.84
CA GLU A 164 -9.16 9.34 -29.07
C GLU A 164 -8.31 10.52 -29.54
N HIS A 165 -7.13 10.67 -28.93
CA HIS A 165 -6.23 11.76 -29.28
C HIS A 165 -6.89 13.11 -29.05
N ASN A 2 5.19 -8.38 21.65
CA ASN A 2 5.35 -9.80 22.03
C ASN A 2 5.44 -10.70 20.80
N VAL A 3 4.36 -10.74 20.03
CA VAL A 3 4.31 -11.55 18.81
C VAL A 3 5.35 -11.09 17.80
N LYS A 4 5.66 -9.80 17.83
CA LYS A 4 6.63 -9.21 16.89
C LYS A 4 7.88 -10.08 16.72
N PHE A 5 8.41 -10.59 17.83
CA PHE A 5 9.62 -11.41 17.76
C PHE A 5 9.48 -12.53 16.73
N ILE A 6 8.50 -13.41 16.93
CA ILE A 6 8.28 -14.51 16.00
C ILE A 6 7.50 -14.06 14.78
N GLN A 7 6.51 -13.20 15.00
CA GLN A 7 5.69 -12.67 13.94
C GLN A 7 6.56 -12.09 12.85
N GLU A 8 7.53 -11.29 13.27
CA GLU A 8 8.45 -10.63 12.36
C GLU A 8 9.24 -11.64 11.55
N LYS A 9 9.62 -12.74 12.19
CA LYS A 9 10.41 -13.78 11.53
C LYS A 9 9.58 -14.61 10.56
N LYS A 10 8.53 -15.28 11.06
CA LYS A 10 7.71 -16.15 10.22
C LYS A 10 6.92 -15.40 9.15
N LEU A 11 6.17 -14.37 9.54
CA LEU A 11 5.35 -13.61 8.61
C LEU A 11 6.17 -12.99 7.49
N ILE A 12 7.09 -12.11 7.87
CA ILE A 12 7.92 -11.41 6.90
C ILE A 12 8.65 -12.37 5.97
N GLY A 13 9.16 -13.47 6.52
CA GLY A 13 9.85 -14.45 5.70
C GLY A 13 8.90 -15.10 4.73
N ARG A 14 7.69 -15.38 5.20
CA ARG A 14 6.66 -16.00 4.38
C ARG A 14 6.23 -15.08 3.25
N TYR A 15 6.42 -13.79 3.44
CA TYR A 15 6.07 -12.81 2.44
C TYR A 15 7.09 -12.84 1.30
N PHE A 16 8.34 -12.57 1.65
CA PHE A 16 9.42 -12.52 0.69
C PHE A 16 9.76 -13.91 0.13
N ASP A 17 9.42 -14.97 0.86
CA ASP A 17 9.70 -16.32 0.39
C ASP A 17 8.71 -16.75 -0.68
N GLU A 18 7.43 -16.48 -0.44
CA GLU A 18 6.39 -16.82 -1.39
C GLU A 18 6.64 -16.13 -2.72
N ILE A 19 7.06 -14.87 -2.63
CA ILE A 19 7.37 -14.08 -3.81
C ILE A 19 8.57 -14.68 -4.54
N SER A 20 9.53 -15.17 -3.76
CA SER A 20 10.73 -15.78 -4.31
C SER A 20 10.38 -17.00 -5.16
N GLN A 21 9.19 -17.55 -4.94
CA GLN A 21 8.74 -18.72 -5.68
C GLN A 21 7.99 -18.35 -6.95
N ASP A 22 7.93 -17.05 -7.25
CA ASP A 22 7.23 -16.58 -8.44
C ASP A 22 5.75 -16.97 -8.38
N THR A 23 5.25 -17.11 -7.16
CA THR A 23 3.86 -17.50 -6.94
C THR A 23 2.96 -16.26 -6.84
N GLY A 24 3.56 -15.08 -6.96
CA GLY A 24 2.79 -13.85 -6.86
C GLY A 24 1.83 -13.87 -5.69
N LYS A 25 0.87 -12.95 -5.69
CA LYS A 25 -0.13 -12.87 -4.62
C LYS A 25 0.42 -12.16 -3.38
N TYR A 26 1.46 -11.36 -3.59
CA TYR A 26 2.07 -10.61 -2.50
C TYR A 26 2.70 -9.35 -3.07
N CYS A 27 2.58 -8.23 -2.37
CA CYS A 27 3.16 -6.98 -2.88
C CYS A 27 3.72 -6.12 -1.76
N PHE A 28 4.53 -5.13 -2.12
CA PHE A 28 5.14 -4.23 -1.14
C PHE A 28 4.75 -2.78 -1.39
N GLY A 29 4.84 -1.97 -0.35
CA GLY A 29 4.51 -0.57 -0.46
C GLY A 29 3.13 -0.26 0.08
N VAL A 30 2.84 1.02 0.24
CA VAL A 30 1.54 1.44 0.74
C VAL A 30 0.47 1.23 -0.31
N GLU A 31 0.63 1.90 -1.44
CA GLU A 31 -0.32 1.80 -2.54
C GLU A 31 -0.67 0.34 -2.83
N ASP A 32 0.33 -0.47 -3.13
CA ASP A 32 0.12 -1.88 -3.43
C ASP A 32 -0.52 -2.61 -2.25
N THR A 33 0.09 -2.49 -1.08
CA THR A 33 -0.43 -3.15 0.12
C THR A 33 -1.88 -2.74 0.37
N LEU A 34 -2.17 -1.46 0.14
CA LEU A 34 -3.54 -0.95 0.33
C LEU A 34 -4.47 -1.51 -0.74
N LYS A 35 -4.03 -1.45 -1.99
CA LYS A 35 -4.83 -1.93 -3.12
C LYS A 35 -5.27 -3.38 -2.93
N ALA A 36 -4.32 -4.26 -2.64
CA ALA A 36 -4.65 -5.66 -2.44
C ALA A 36 -5.57 -5.82 -1.23
N LEU A 37 -5.56 -4.81 -0.34
CA LEU A 37 -6.44 -4.84 0.83
C LEU A 37 -7.85 -4.50 0.37
N GLU A 38 -7.93 -3.44 -0.44
CA GLU A 38 -9.19 -3.01 -1.01
C GLU A 38 -9.76 -4.15 -1.85
N MET A 39 -8.84 -4.94 -2.38
CA MET A 39 -9.15 -6.10 -3.20
C MET A 39 -9.67 -7.27 -2.38
N GLY A 40 -9.57 -7.15 -1.05
CA GLY A 40 -10.01 -8.22 -0.19
C GLY A 40 -9.25 -9.50 -0.52
N ALA A 41 -8.08 -9.33 -1.12
CA ALA A 41 -7.23 -10.44 -1.53
C ALA A 41 -6.18 -10.75 -0.46
N VAL A 42 -5.75 -9.71 0.25
CA VAL A 42 -4.74 -9.85 1.30
C VAL A 42 -5.15 -10.84 2.38
N GLU A 43 -4.23 -11.72 2.73
CA GLU A 43 -4.45 -12.70 3.77
C GLU A 43 -3.86 -12.17 5.07
N ILE A 44 -2.67 -11.56 4.97
CA ILE A 44 -1.99 -10.98 6.11
C ILE A 44 -1.28 -9.68 5.71
N LEU A 45 -1.61 -8.59 6.40
CA LEU A 45 -0.97 -7.30 6.10
C LEU A 45 0.35 -7.19 6.84
N ILE A 46 1.41 -6.79 6.12
CA ILE A 46 2.72 -6.65 6.73
C ILE A 46 3.09 -5.16 6.86
N VAL A 47 2.98 -4.63 8.07
CA VAL A 47 3.27 -3.23 8.34
C VAL A 47 4.11 -3.10 9.60
N TYR A 48 5.18 -2.31 9.57
CA TYR A 48 6.06 -2.17 10.73
C TYR A 48 5.58 -1.09 11.69
N GLU A 49 5.92 -1.29 12.96
CA GLU A 49 5.56 -0.34 14.01
C GLU A 49 6.30 0.99 13.83
N ASN A 50 7.49 0.91 13.25
CA ASN A 50 8.31 2.10 13.02
C ASN A 50 7.91 2.80 11.72
N LEU A 51 6.93 2.25 11.02
CA LEU A 51 6.47 2.83 9.76
C LEU A 51 6.32 4.34 9.85
N ASP A 52 7.05 5.05 9.00
CA ASP A 52 7.02 6.51 8.99
C ASP A 52 6.13 7.03 7.86
N ILE A 53 5.37 6.13 7.24
CA ILE A 53 4.49 6.50 6.14
C ILE A 53 3.09 6.83 6.64
N MET A 54 2.60 7.97 6.21
CA MET A 54 1.28 8.46 6.61
C MET A 54 0.39 8.76 5.41
N ARG A 55 -0.91 8.88 5.68
CA ARG A 55 -1.87 9.16 4.63
C ARG A 55 -2.36 10.60 4.70
N TYR A 56 -1.83 11.42 3.80
CA TYR A 56 -2.21 12.83 3.72
C TYR A 56 -3.07 13.06 2.49
N VAL A 57 -4.13 13.84 2.62
CA VAL A 57 -5.02 14.11 1.50
C VAL A 57 -4.88 15.53 0.96
N LEU A 58 -4.31 15.63 -0.25
CA LEU A 58 -4.12 16.93 -0.89
C LEU A 58 -5.23 17.20 -1.90
N HIS A 59 -6.00 18.26 -1.69
CA HIS A 59 -7.08 18.59 -2.62
C HIS A 59 -7.00 20.04 -3.08
N CYS A 60 -7.46 20.29 -4.30
CA CYS A 60 -7.46 21.63 -4.87
C CYS A 60 -8.88 22.06 -5.18
N GLN A 61 -9.19 23.33 -4.94
CA GLN A 61 -10.53 23.86 -5.20
C GLN A 61 -11.03 23.46 -6.59
N GLY A 62 -12.25 22.97 -6.65
CA GLY A 62 -12.83 22.56 -7.91
C GLY A 62 -12.91 21.04 -8.05
N THR A 63 -12.22 20.33 -7.16
CA THR A 63 -12.23 18.86 -7.17
C THR A 63 -11.92 18.31 -8.57
N GLU A 64 -11.30 19.13 -9.41
CA GLU A 64 -10.96 18.73 -10.77
C GLU A 64 -9.82 17.72 -10.76
N GLU A 65 -8.96 17.81 -9.76
CA GLU A 65 -7.82 16.90 -9.65
C GLU A 65 -7.34 16.82 -8.20
N GLU A 66 -7.65 15.72 -7.55
CA GLU A 66 -7.26 15.53 -6.16
C GLU A 66 -6.05 14.61 -6.06
N LYS A 67 -5.11 14.97 -5.19
CA LYS A 67 -3.90 14.18 -5.00
C LYS A 67 -3.82 13.60 -3.59
N ILE A 68 -3.76 12.27 -3.51
CA ILE A 68 -3.66 11.59 -2.22
C ILE A 68 -2.55 10.54 -2.29
N LEU A 69 -1.44 10.79 -1.62
CA LEU A 69 -0.33 9.84 -1.64
C LEU A 69 0.44 9.84 -0.31
N TYR A 70 1.37 8.89 -0.21
CA TYR A 70 2.21 8.73 0.97
C TYR A 70 3.45 9.63 0.93
N LEU A 71 3.77 10.22 2.08
CA LEU A 71 4.95 11.07 2.17
C LEU A 71 5.74 10.77 3.44
N THR A 72 7.06 10.62 3.28
CA THR A 72 7.95 10.35 4.40
C THR A 72 8.34 11.66 5.06
N PRO A 73 9.05 11.63 6.21
CA PRO A 73 9.47 12.84 6.91
C PRO A 73 10.03 13.90 5.97
N GLU A 74 10.77 13.48 4.96
CA GLU A 74 11.35 14.41 3.99
C GLU A 74 10.35 14.82 2.92
N GLN A 75 9.53 13.87 2.46
CA GLN A 75 8.55 14.16 1.42
C GLN A 75 7.56 15.23 1.87
N GLU A 76 7.02 15.09 3.07
CA GLU A 76 6.06 16.06 3.60
C GLU A 76 6.68 17.45 3.66
N LYS A 77 7.99 17.50 3.86
CA LYS A 77 8.70 18.77 3.93
C LYS A 77 8.69 19.45 2.57
N ASP A 78 8.86 18.64 1.52
CA ASP A 78 8.85 19.15 0.16
C ASP A 78 7.42 19.42 -0.30
N LYS A 79 7.09 20.69 -0.53
CA LYS A 79 5.75 21.05 -0.96
C LYS A 79 5.63 21.07 -2.46
N SER A 80 6.73 20.81 -3.17
CA SER A 80 6.72 20.79 -4.62
C SER A 80 5.95 19.58 -5.16
N HIS A 81 6.12 18.45 -4.50
CA HIS A 81 5.46 17.21 -4.92
C HIS A 81 3.94 17.32 -4.83
N PHE A 82 3.43 17.95 -3.77
CA PHE A 82 1.99 18.10 -3.59
C PHE A 82 1.36 18.73 -4.82
N THR A 83 2.07 19.69 -5.43
CA THR A 83 1.59 20.36 -6.64
C THR A 83 1.76 19.48 -7.87
N ASP A 84 1.07 19.83 -8.95
CA ASP A 84 1.17 19.07 -10.18
C ASP A 84 1.30 20.00 -11.38
N LYS A 85 2.08 19.57 -12.37
CA LYS A 85 2.29 20.34 -13.58
C LYS A 85 1.08 20.24 -14.51
N GLU A 86 0.10 19.42 -14.11
CA GLU A 86 -1.12 19.23 -14.90
C GLU A 86 -2.27 20.04 -14.32
N THR A 87 -1.97 20.81 -13.27
CA THR A 87 -2.96 21.66 -12.63
C THR A 87 -2.32 23.01 -12.31
N GLY A 88 -1.04 22.99 -11.96
CA GLY A 88 -0.33 24.20 -11.66
C GLY A 88 -0.95 24.95 -10.50
N GLN A 89 -1.64 24.22 -9.64
CA GLN A 89 -2.29 24.82 -8.48
C GLN A 89 -1.73 24.21 -7.19
N GLU A 90 -1.78 24.97 -6.11
CA GLU A 90 -1.27 24.47 -4.83
C GLU A 90 -2.37 23.76 -4.06
N HIS A 91 -2.17 22.48 -3.81
CA HIS A 91 -3.15 21.69 -3.08
C HIS A 91 -3.20 22.14 -1.63
N GLU A 92 -4.25 21.73 -0.92
CA GLU A 92 -4.41 22.09 0.47
C GLU A 92 -4.79 20.87 1.28
N LEU A 93 -3.90 20.43 2.14
CA LEU A 93 -4.16 19.26 2.95
C LEU A 93 -5.45 19.42 3.74
N ILE A 94 -6.27 18.38 3.74
CA ILE A 94 -7.53 18.40 4.44
C ILE A 94 -7.47 17.58 5.72
N GLU A 95 -6.64 16.55 5.70
CA GLU A 95 -6.47 15.68 6.86
C GLU A 95 -5.18 14.88 6.77
N SER A 96 -4.72 14.43 7.92
CA SER A 96 -3.51 13.63 8.03
C SER A 96 -3.74 12.53 9.04
N MET A 97 -3.45 11.29 8.66
CA MET A 97 -3.65 10.17 9.56
C MET A 97 -2.48 9.20 9.55
N PRO A 98 -1.99 8.77 10.73
CA PRO A 98 -0.90 7.82 10.83
C PRO A 98 -1.29 6.50 10.17
N LEU A 99 -0.79 6.29 8.96
CA LEU A 99 -1.11 5.09 8.18
C LEU A 99 -0.97 3.81 9.01
N LEU A 100 0.17 3.63 9.67
CA LEU A 100 0.36 2.44 10.49
C LEU A 100 -0.74 2.32 11.52
N GLU A 101 -1.02 3.41 12.22
CA GLU A 101 -2.08 3.42 13.22
C GLU A 101 -3.41 3.11 12.54
N TRP A 102 -3.59 3.69 11.36
CA TRP A 102 -4.79 3.48 10.56
C TRP A 102 -4.93 2.01 10.15
N PHE A 103 -3.81 1.40 9.78
CA PHE A 103 -3.81 0.02 9.34
C PHE A 103 -4.38 -0.91 10.42
N ALA A 104 -4.03 -0.64 11.67
CA ALA A 104 -4.51 -1.45 12.78
C ALA A 104 -5.91 -1.04 13.22
N ASN A 105 -6.36 0.12 12.77
CA ASN A 105 -7.68 0.63 13.16
C ASN A 105 -8.83 -0.12 12.47
N ASN A 106 -8.70 -0.36 11.17
CA ASN A 106 -9.78 -1.03 10.43
C ASN A 106 -9.32 -2.21 9.59
N TYR A 107 -8.17 -2.80 9.91
CA TYR A 107 -7.68 -3.94 9.13
C TYR A 107 -8.70 -5.07 9.04
N LYS A 108 -9.71 -5.04 9.90
CA LYS A 108 -10.74 -6.07 9.88
C LYS A 108 -11.69 -5.85 8.71
N LYS A 109 -11.91 -4.58 8.37
CA LYS A 109 -12.79 -4.21 7.28
C LYS A 109 -12.26 -4.73 5.94
N PHE A 110 -10.95 -4.63 5.76
CA PHE A 110 -10.31 -5.09 4.52
C PHE A 110 -10.16 -6.60 4.51
N GLY A 111 -10.26 -7.22 5.69
CA GLY A 111 -10.11 -8.66 5.79
C GLY A 111 -8.66 -9.09 5.80
N ALA A 112 -7.77 -8.16 6.16
CA ALA A 112 -6.35 -8.43 6.21
C ALA A 112 -5.87 -8.51 7.66
N THR A 113 -4.93 -9.41 7.92
CA THR A 113 -4.38 -9.55 9.26
C THR A 113 -3.33 -8.49 9.48
N LEU A 114 -3.68 -7.46 10.25
CA LEU A 114 -2.73 -6.40 10.51
C LEU A 114 -1.66 -6.88 11.47
N GLU A 115 -0.50 -7.20 10.91
CA GLU A 115 0.62 -7.70 11.67
C GLU A 115 1.73 -6.67 11.72
N ILE A 116 2.21 -6.36 12.92
CA ILE A 116 3.27 -5.38 13.08
C ILE A 116 4.64 -6.06 13.16
N VAL A 117 5.64 -5.38 12.62
CA VAL A 117 7.00 -5.90 12.60
C VAL A 117 8.03 -4.78 12.69
N THR A 118 9.28 -5.15 12.98
CA THR A 118 10.35 -4.17 13.10
C THR A 118 11.57 -4.58 12.26
N ASP A 119 12.53 -3.66 12.14
CA ASP A 119 13.74 -3.92 11.36
C ASP A 119 14.84 -4.56 12.21
N LYS A 120 14.52 -4.88 13.46
CA LYS A 120 15.51 -5.49 14.36
C LYS A 120 16.01 -6.81 13.81
N SER A 121 15.10 -7.60 13.23
CA SER A 121 15.47 -8.90 12.66
C SER A 121 15.91 -8.76 11.21
N GLN A 122 16.64 -9.76 10.73
CA GLN A 122 17.13 -9.76 9.35
C GLN A 122 15.97 -9.69 8.36
N GLU A 123 14.91 -10.42 8.65
CA GLU A 123 13.74 -10.44 7.77
C GLU A 123 13.10 -9.07 7.65
N GLY A 124 13.04 -8.35 8.77
CA GLY A 124 12.46 -7.03 8.76
C GLY A 124 13.14 -6.08 7.80
N SER A 125 14.46 -6.09 7.80
CA SER A 125 15.23 -5.21 6.92
C SER A 125 14.90 -5.49 5.45
N GLN A 126 14.64 -6.75 5.14
CA GLN A 126 14.31 -7.15 3.78
C GLN A 126 13.10 -6.38 3.26
N PHE A 127 12.25 -5.94 4.18
CA PHE A 127 11.06 -5.17 3.84
C PHE A 127 11.37 -3.68 3.72
N VAL A 128 11.96 -3.13 4.77
CA VAL A 128 12.30 -1.71 4.81
C VAL A 128 13.35 -1.35 3.77
N LYS A 129 14.44 -2.12 3.73
CA LYS A 129 15.52 -1.86 2.78
C LYS A 129 15.11 -2.20 1.36
N GLY A 130 14.34 -3.27 1.19
CA GLY A 130 13.90 -3.68 -0.13
C GLY A 130 12.64 -2.97 -0.56
N PHE A 131 11.83 -2.55 0.41
CA PHE A 131 10.60 -1.86 0.12
C PHE A 131 10.48 -0.58 0.93
N GLY A 132 9.89 -0.66 2.13
CA GLY A 132 9.74 0.52 2.96
C GLY A 132 9.09 0.24 4.31
N GLY A 133 8.47 -0.94 4.46
CA GLY A 133 7.84 -1.29 5.71
C GLY A 133 6.34 -1.54 5.59
N ILE A 134 5.87 -1.76 4.36
CA ILE A 134 4.45 -2.01 4.12
C ILE A 134 4.29 -3.07 3.03
N GLY A 135 3.56 -4.15 3.34
CA GLY A 135 3.34 -5.20 2.36
C GLY A 135 1.94 -5.75 2.49
N GLY A 136 1.45 -6.42 1.46
CA GLY A 136 0.10 -6.97 1.53
C GLY A 136 -0.01 -8.38 0.97
N ILE A 137 0.28 -9.35 1.82
CA ILE A 137 0.20 -10.76 1.45
C ILE A 137 -1.24 -11.14 1.19
N LEU A 138 -1.50 -11.81 0.08
CA LEU A 138 -2.86 -12.22 -0.25
C LEU A 138 -3.11 -13.69 0.10
N ARG A 139 -4.38 -14.07 0.06
CA ARG A 139 -4.84 -15.41 0.46
C ARG A 139 -4.31 -16.58 -0.38
N TYR A 140 -4.08 -16.37 -1.68
CA TYR A 140 -3.61 -17.49 -2.53
C TYR A 140 -2.85 -17.03 -3.77
N ARG A 141 -3.58 -16.64 -4.81
CA ARG A 141 -2.96 -16.16 -6.05
C ARG A 141 -3.93 -15.34 -6.89
N VAL A 142 -3.50 -14.15 -7.29
CA VAL A 142 -4.32 -13.26 -8.11
C VAL A 142 -3.53 -12.81 -9.33
N ASP A 143 -4.24 -12.45 -10.40
CA ASP A 143 -3.61 -12.01 -11.62
C ASP A 143 -3.30 -10.53 -11.58
N PHE A 144 -4.34 -9.71 -11.51
CA PHE A 144 -4.17 -8.27 -11.47
C PHE A 144 -5.27 -7.62 -10.62
N GLN A 145 -5.03 -6.38 -10.20
CA GLN A 145 -5.99 -5.66 -9.38
C GLN A 145 -6.78 -4.66 -10.22
N GLY A 146 -8.10 -4.65 -10.04
CA GLY A 146 -8.95 -3.74 -10.78
C GLY A 146 -9.99 -3.08 -9.91
N MET A 147 -11.24 -3.51 -10.03
CA MET A 147 -12.33 -2.95 -9.24
C MET A 147 -12.34 -3.57 -7.84
N GLU A 148 -12.98 -2.89 -6.90
CA GLU A 148 -13.06 -3.38 -5.53
C GLU A 148 -14.09 -4.50 -5.41
N TYR A 149 -13.73 -5.57 -4.71
CA TYR A 149 -14.62 -6.69 -4.51
C TYR A 149 -14.98 -7.34 -5.85
N GLN A 150 -13.97 -7.70 -6.62
CA GLN A 150 -14.18 -8.34 -7.92
C GLN A 150 -14.95 -9.64 -7.78
N GLY A 151 -15.88 -9.90 -8.70
CA GLY A 151 -16.66 -11.11 -8.64
C GLY A 151 -18.02 -10.97 -9.32
N GLY A 152 -18.71 -9.87 -9.01
CA GLY A 152 -20.02 -9.64 -9.60
C GLY A 152 -19.98 -8.62 -10.71
N ASP A 153 -19.16 -7.60 -10.55
CA ASP A 153 -19.04 -6.55 -11.56
C ASP A 153 -18.50 -7.14 -12.87
N ASP A 154 -18.05 -8.38 -12.83
CA ASP A 154 -17.52 -9.05 -14.01
C ASP A 154 -16.30 -8.31 -14.55
N GLU A 155 -15.36 -8.02 -13.67
CA GLU A 155 -14.14 -7.32 -14.05
C GLU A 155 -13.37 -8.10 -15.11
N PHE A 156 -13.20 -9.40 -14.87
CA PHE A 156 -12.48 -10.27 -15.78
C PHE A 156 -13.44 -11.10 -16.63
N PHE A 157 -14.75 -10.93 -16.40
CA PHE A 157 -15.75 -11.68 -17.14
C PHE A 157 -16.28 -10.88 -18.32
N ASP A 158 -16.12 -11.43 -19.51
CA ASP A 158 -16.61 -10.78 -20.72
C ASP A 158 -18.14 -10.76 -20.71
N LEU A 159 -18.72 -11.56 -19.82
CA LEU A 159 -20.16 -11.65 -19.66
C LEU A 159 -20.79 -10.29 -19.36
N ASP A 160 -19.97 -9.33 -18.95
CA ASP A 160 -20.46 -7.99 -18.63
C ASP A 160 -21.29 -7.43 -19.77
N ASP A 161 -20.83 -7.68 -21.00
CA ASP A 161 -21.53 -7.20 -22.18
C ASP A 161 -22.85 -7.96 -22.37
N TYR A 162 -22.87 -9.22 -21.93
CA TYR A 162 -24.05 -10.05 -22.05
C TYR A 162 -25.23 -9.40 -21.32
N LEU A 163 -24.92 -8.74 -20.20
CA LEU A 163 -25.93 -8.08 -19.40
C LEU A 163 -26.66 -7.01 -20.22
N GLU A 164 -25.90 -6.23 -20.97
CA GLU A 164 -26.46 -5.16 -21.79
C GLU A 164 -27.44 -5.73 -22.82
N HIS A 165 -27.08 -6.88 -23.40
CA HIS A 165 -27.93 -7.53 -24.40
C HIS A 165 -27.54 -8.99 -24.56
N ASN A 2 6.62 -8.60 22.05
CA ASN A 2 6.85 -10.04 22.37
C ASN A 2 6.67 -10.90 21.13
N VAL A 3 5.44 -10.98 20.64
CA VAL A 3 5.14 -11.79 19.46
C VAL A 3 5.84 -11.24 18.23
N LYS A 4 6.05 -9.92 18.20
CA LYS A 4 6.71 -9.27 17.07
C LYS A 4 8.00 -9.98 16.68
N PHE A 5 8.77 -10.40 17.68
CA PHE A 5 10.04 -11.06 17.42
C PHE A 5 9.84 -12.32 16.56
N ILE A 6 8.89 -13.16 16.96
CA ILE A 6 8.60 -14.38 16.21
C ILE A 6 7.70 -14.09 15.02
N GLN A 7 6.83 -13.10 15.17
CA GLN A 7 5.90 -12.72 14.12
C GLN A 7 6.69 -12.30 12.89
N GLU A 8 7.73 -11.51 13.14
CA GLU A 8 8.57 -10.99 12.07
C GLU A 8 9.24 -12.10 11.28
N LYS A 9 9.68 -13.12 11.98
CA LYS A 9 10.37 -14.22 11.34
C LYS A 9 9.48 -15.00 10.37
N LYS A 10 8.38 -15.57 10.88
CA LYS A 10 7.50 -16.37 10.05
C LYS A 10 6.73 -15.54 9.02
N LEU A 11 6.13 -14.44 9.46
CA LEU A 11 5.33 -13.60 8.56
C LEU A 11 6.19 -12.97 7.47
N ILE A 12 7.10 -12.11 7.89
CA ILE A 12 7.97 -11.39 6.96
C ILE A 12 8.72 -12.37 6.06
N GLY A 13 9.19 -13.47 6.64
CA GLY A 13 9.91 -14.46 5.86
C GLY A 13 9.03 -15.11 4.80
N ARG A 14 7.79 -15.40 5.18
CA ARG A 14 6.82 -16.00 4.28
C ARG A 14 6.47 -15.08 3.13
N TYR A 15 6.72 -13.79 3.33
CA TYR A 15 6.44 -12.81 2.33
C TYR A 15 7.51 -12.83 1.25
N PHE A 16 8.74 -12.57 1.67
CA PHE A 16 9.87 -12.53 0.74
C PHE A 16 10.26 -13.92 0.24
N ASP A 17 9.90 -14.98 0.97
CA ASP A 17 10.27 -16.33 0.53
C ASP A 17 9.24 -16.86 -0.47
N GLU A 18 7.96 -16.70 -0.14
CA GLU A 18 6.90 -17.17 -1.02
C GLU A 18 7.01 -16.45 -2.36
N ILE A 19 7.35 -15.16 -2.31
CA ILE A 19 7.52 -14.37 -3.51
C ILE A 19 8.64 -14.94 -4.37
N SER A 20 9.66 -15.47 -3.69
CA SER A 20 10.81 -16.07 -4.37
C SER A 20 10.35 -17.21 -5.29
N GLN A 21 9.13 -17.69 -5.05
CA GLN A 21 8.56 -18.77 -5.84
C GLN A 21 7.79 -18.23 -7.05
N ASP A 22 7.86 -16.92 -7.28
CA ASP A 22 7.16 -16.31 -8.41
C ASP A 22 5.66 -16.55 -8.28
N THR A 23 5.18 -16.63 -7.05
CA THR A 23 3.77 -16.88 -6.78
C THR A 23 2.94 -15.60 -6.92
N GLY A 24 3.60 -14.44 -6.99
CA GLY A 24 2.88 -13.19 -7.14
C GLY A 24 1.71 -13.07 -6.18
N LYS A 25 1.80 -13.74 -5.04
CA LYS A 25 0.75 -13.71 -4.04
C LYS A 25 1.05 -12.68 -2.96
N TYR A 26 1.99 -11.78 -3.23
CA TYR A 26 2.37 -10.75 -2.26
C TYR A 26 2.63 -9.43 -2.95
N CYS A 27 2.62 -8.34 -2.18
CA CYS A 27 2.87 -7.01 -2.73
C CYS A 27 3.50 -6.11 -1.67
N PHE A 28 4.21 -5.06 -2.09
CA PHE A 28 4.86 -4.16 -1.13
C PHE A 28 4.49 -2.71 -1.38
N GLY A 29 4.63 -1.90 -0.33
CA GLY A 29 4.32 -0.49 -0.42
C GLY A 29 2.95 -0.15 0.13
N VAL A 30 2.68 1.14 0.22
CA VAL A 30 1.39 1.60 0.73
C VAL A 30 0.31 1.40 -0.31
N GLU A 31 0.46 2.08 -1.44
CA GLU A 31 -0.49 1.98 -2.54
C GLU A 31 -0.86 0.52 -2.83
N ASP A 32 0.15 -0.29 -3.14
CA ASP A 32 -0.08 -1.69 -3.45
C ASP A 32 -0.74 -2.43 -2.28
N THR A 33 -0.12 -2.36 -1.10
CA THR A 33 -0.65 -3.04 0.07
C THR A 33 -2.09 -2.60 0.34
N LEU A 34 -2.35 -1.30 0.18
CA LEU A 34 -3.70 -0.77 0.39
C LEU A 34 -4.66 -1.31 -0.67
N LYS A 35 -4.25 -1.24 -1.92
CA LYS A 35 -5.07 -1.70 -3.03
C LYS A 35 -5.44 -3.17 -2.86
N ALA A 36 -4.45 -4.00 -2.52
CA ALA A 36 -4.69 -5.42 -2.34
C ALA A 36 -5.63 -5.64 -1.15
N LEU A 37 -5.55 -4.76 -0.16
CA LEU A 37 -6.43 -4.86 1.00
C LEU A 37 -7.85 -4.54 0.55
N GLU A 38 -7.94 -3.54 -0.33
CA GLU A 38 -9.22 -3.13 -0.90
C GLU A 38 -9.75 -4.26 -1.78
N MET A 39 -8.82 -5.03 -2.33
CA MET A 39 -9.12 -6.15 -3.20
C MET A 39 -9.53 -7.39 -2.40
N GLY A 40 -9.31 -7.35 -1.10
CA GLY A 40 -9.64 -8.51 -0.28
C GLY A 40 -8.76 -9.70 -0.62
N ALA A 41 -7.79 -9.46 -1.52
CA ALA A 41 -6.86 -10.51 -1.94
C ALA A 41 -5.87 -10.81 -0.83
N VAL A 42 -5.57 -9.80 -0.02
CA VAL A 42 -4.63 -9.96 1.06
C VAL A 42 -5.11 -10.93 2.13
N GLU A 43 -4.24 -11.85 2.50
CA GLU A 43 -4.55 -12.83 3.53
C GLU A 43 -4.02 -12.33 4.86
N ILE A 44 -2.81 -11.76 4.82
CA ILE A 44 -2.16 -11.22 6.00
C ILE A 44 -1.44 -9.92 5.65
N LEU A 45 -1.82 -8.82 6.30
CA LEU A 45 -1.16 -7.54 6.05
C LEU A 45 0.08 -7.41 6.94
N ILE A 46 1.15 -6.89 6.37
CA ILE A 46 2.39 -6.72 7.11
C ILE A 46 2.83 -5.26 7.09
N VAL A 47 2.75 -4.62 8.26
CA VAL A 47 3.12 -3.23 8.42
C VAL A 47 4.00 -3.10 9.66
N TYR A 48 5.10 -2.33 9.60
CA TYR A 48 6.00 -2.25 10.74
C TYR A 48 5.62 -1.18 11.75
N GLU A 49 5.97 -1.45 13.00
CA GLU A 49 5.73 -0.53 14.10
C GLU A 49 6.43 0.79 13.85
N ASN A 50 7.65 0.71 13.34
CA ASN A 50 8.44 1.89 13.03
C ASN A 50 8.21 2.33 11.59
N LEU A 51 6.95 2.58 11.25
CA LEU A 51 6.58 3.01 9.92
C LEU A 51 6.65 4.53 9.79
N ASP A 52 7.51 5.01 8.91
CA ASP A 52 7.68 6.44 8.69
C ASP A 52 6.73 6.96 7.61
N ILE A 53 5.89 6.08 7.07
CA ILE A 53 4.97 6.46 6.02
C ILE A 53 3.60 6.85 6.58
N MET A 54 3.16 8.03 6.19
CA MET A 54 1.89 8.59 6.64
C MET A 54 1.00 8.96 5.47
N ARG A 55 -0.29 9.16 5.75
CA ARG A 55 -1.25 9.52 4.71
C ARG A 55 -1.70 10.97 4.85
N TYR A 56 -1.28 11.80 3.89
CA TYR A 56 -1.66 13.20 3.88
C TYR A 56 -2.54 13.49 2.67
N VAL A 57 -3.56 14.30 2.85
CA VAL A 57 -4.48 14.61 1.76
C VAL A 57 -4.26 16.01 1.19
N LEU A 58 -3.64 16.07 0.01
CA LEU A 58 -3.38 17.35 -0.66
C LEU A 58 -4.46 17.64 -1.71
N HIS A 59 -5.15 18.77 -1.57
CA HIS A 59 -6.19 19.13 -2.54
C HIS A 59 -5.90 20.47 -3.21
N CYS A 60 -6.19 20.56 -4.50
CA CYS A 60 -5.96 21.78 -5.27
C CYS A 60 -7.27 22.50 -5.58
N GLN A 61 -7.35 23.77 -5.20
CA GLN A 61 -8.54 24.57 -5.46
C GLN A 61 -9.78 23.94 -4.81
N GLY A 62 -9.55 23.09 -3.83
CA GLY A 62 -10.66 22.45 -3.15
C GLY A 62 -10.93 21.05 -3.64
N THR A 63 -11.23 20.90 -4.93
CA THR A 63 -11.51 19.59 -5.51
C THR A 63 -11.17 19.52 -6.99
N GLU A 64 -10.61 20.59 -7.56
CA GLU A 64 -10.25 20.60 -8.96
C GLU A 64 -9.24 19.50 -9.27
N GLU A 65 -8.34 19.26 -8.31
CA GLU A 65 -7.32 18.24 -8.45
C GLU A 65 -6.91 17.75 -7.08
N GLU A 66 -7.40 16.57 -6.71
CA GLU A 66 -7.10 16.00 -5.40
C GLU A 66 -5.92 15.04 -5.47
N LYS A 67 -4.95 15.29 -4.61
CA LYS A 67 -3.75 14.45 -4.54
C LYS A 67 -3.60 13.87 -3.14
N ILE A 68 -3.53 12.55 -3.06
CA ILE A 68 -3.36 11.86 -1.78
C ILE A 68 -2.27 10.81 -1.91
N LEU A 69 -1.13 11.01 -1.28
CA LEU A 69 -0.02 10.06 -1.38
C LEU A 69 0.79 9.94 -0.10
N TYR A 70 1.71 8.98 -0.10
CA TYR A 70 2.58 8.71 1.04
C TYR A 70 3.88 9.51 0.98
N LEU A 71 4.30 10.03 2.12
CA LEU A 71 5.52 10.81 2.18
C LEU A 71 6.41 10.40 3.36
N THR A 72 7.69 10.22 3.07
CA THR A 72 8.67 9.89 4.09
C THR A 72 9.23 11.19 4.67
N PRO A 73 10.11 11.16 5.68
CA PRO A 73 10.66 12.37 6.29
C PRO A 73 11.14 13.40 5.25
N GLU A 74 11.81 12.91 4.21
CA GLU A 74 12.34 13.80 3.17
C GLU A 74 11.27 14.16 2.13
N GLN A 75 10.41 13.21 1.79
CA GLN A 75 9.37 13.43 0.79
C GLN A 75 8.43 14.57 1.19
N GLU A 76 7.96 14.56 2.44
CA GLU A 76 7.07 15.61 2.92
C GLU A 76 7.68 16.99 2.70
N LYS A 77 9.01 17.04 2.60
CA LYS A 77 9.72 18.29 2.39
C LYS A 77 10.06 18.47 0.91
N ASP A 78 10.42 17.37 0.25
CA ASP A 78 10.78 17.40 -1.17
C ASP A 78 9.62 17.92 -2.01
N LYS A 79 8.40 17.50 -1.66
CA LYS A 79 7.21 17.92 -2.38
C LYS A 79 7.21 17.43 -3.82
N SER A 80 7.43 16.14 -4.00
CA SER A 80 7.47 15.54 -5.34
C SER A 80 6.07 15.42 -5.94
N HIS A 81 5.14 14.85 -5.17
CA HIS A 81 3.77 14.67 -5.65
C HIS A 81 2.88 15.84 -5.23
N PHE A 82 3.38 16.66 -4.32
CA PHE A 82 2.64 17.83 -3.84
C PHE A 82 2.46 18.85 -4.96
N THR A 83 3.36 18.82 -5.95
CA THR A 83 3.31 19.73 -7.08
C THR A 83 3.83 19.04 -8.35
N ASP A 84 3.50 19.61 -9.50
CA ASP A 84 3.94 19.05 -10.78
C ASP A 84 4.18 20.13 -11.83
N LYS A 85 5.03 19.82 -12.79
CA LYS A 85 5.34 20.74 -13.88
C LYS A 85 4.20 20.79 -14.90
N GLU A 86 3.21 19.91 -14.72
CA GLU A 86 2.06 19.83 -15.60
C GLU A 86 0.83 20.48 -14.97
N THR A 87 1.05 21.07 -13.81
CA THR A 87 0.00 21.76 -13.08
C THR A 87 0.55 23.06 -12.53
N GLY A 88 1.80 23.00 -12.08
CA GLY A 88 2.45 24.18 -11.52
C GLY A 88 1.68 24.76 -10.35
N GLN A 89 0.81 23.96 -9.76
CA GLN A 89 0.02 24.38 -8.63
C GLN A 89 0.46 23.66 -7.37
N GLU A 90 0.34 24.32 -6.22
CA GLU A 90 0.72 23.72 -4.96
C GLU A 90 -0.51 23.31 -4.17
N HIS A 91 -0.69 22.01 -3.98
CA HIS A 91 -1.82 21.51 -3.24
C HIS A 91 -1.80 22.05 -1.81
N GLU A 92 -2.91 21.92 -1.10
CA GLU A 92 -3.00 22.40 0.25
C GLU A 92 -3.50 21.27 1.14
N LEU A 93 -2.62 20.76 1.99
CA LEU A 93 -2.97 19.67 2.87
C LEU A 93 -4.13 20.06 3.79
N ILE A 94 -5.12 19.17 3.89
CA ILE A 94 -6.28 19.42 4.73
C ILE A 94 -6.21 18.64 6.03
N GLU A 95 -5.78 17.40 5.94
CA GLU A 95 -5.66 16.53 7.11
C GLU A 95 -4.52 15.54 6.93
N SER A 96 -4.11 14.94 8.04
CA SER A 96 -3.04 13.94 8.03
C SER A 96 -3.41 12.80 8.96
N MET A 97 -3.04 11.58 8.58
CA MET A 97 -3.35 10.42 9.41
C MET A 97 -2.20 9.41 9.42
N PRO A 98 -1.75 8.99 10.62
CA PRO A 98 -0.68 8.00 10.74
C PRO A 98 -1.08 6.70 10.06
N LEU A 99 -0.53 6.49 8.87
CA LEU A 99 -0.83 5.32 8.07
C LEU A 99 -0.74 4.01 8.86
N LEU A 100 0.42 3.76 9.48
CA LEU A 100 0.58 2.54 10.27
C LEU A 100 -0.57 2.40 11.26
N GLU A 101 -0.89 3.50 11.93
CA GLU A 101 -1.99 3.52 12.89
C GLU A 101 -3.29 3.18 12.17
N TRP A 102 -3.45 3.75 10.97
CA TRP A 102 -4.64 3.51 10.17
C TRP A 102 -4.76 2.03 9.82
N PHE A 103 -3.64 1.41 9.45
CA PHE A 103 -3.62 0.01 9.08
C PHE A 103 -4.20 -0.86 10.19
N ALA A 104 -3.83 -0.57 11.42
CA ALA A 104 -4.30 -1.34 12.57
C ALA A 104 -5.69 -0.88 13.02
N ASN A 105 -6.12 0.27 12.54
CA ASN A 105 -7.41 0.81 12.92
C ASN A 105 -8.59 0.03 12.33
N ASN A 106 -8.53 -0.27 11.04
CA ASN A 106 -9.63 -0.98 10.38
C ASN A 106 -9.20 -2.19 9.55
N TYR A 107 -8.03 -2.78 9.83
CA TYR A 107 -7.57 -3.93 9.07
C TYR A 107 -8.60 -5.07 9.07
N LYS A 108 -9.56 -5.02 9.99
CA LYS A 108 -10.59 -6.03 10.05
C LYS A 108 -11.61 -5.83 8.93
N LYS A 109 -11.84 -4.57 8.58
CA LYS A 109 -12.79 -4.22 7.53
C LYS A 109 -12.32 -4.74 6.17
N PHE A 110 -11.02 -4.64 5.93
CA PHE A 110 -10.43 -5.11 4.66
C PHE A 110 -10.33 -6.62 4.64
N GLY A 111 -10.39 -7.25 5.80
CA GLY A 111 -10.29 -8.69 5.89
C GLY A 111 -8.85 -9.17 5.82
N ALA A 112 -7.92 -8.28 6.17
CA ALA A 112 -6.50 -8.61 6.17
C ALA A 112 -5.96 -8.67 7.59
N THR A 113 -4.97 -9.51 7.82
CA THR A 113 -4.39 -9.65 9.14
C THR A 113 -3.29 -8.61 9.32
N LEU A 114 -3.60 -7.55 10.04
CA LEU A 114 -2.62 -6.49 10.27
C LEU A 114 -1.61 -6.97 11.29
N GLU A 115 -0.43 -7.34 10.81
CA GLU A 115 0.62 -7.82 11.68
C GLU A 115 1.75 -6.80 11.75
N ILE A 116 2.04 -6.34 12.96
CA ILE A 116 3.09 -5.35 13.14
C ILE A 116 4.45 -6.03 13.23
N VAL A 117 5.46 -5.34 12.71
CA VAL A 117 6.83 -5.85 12.72
C VAL A 117 7.85 -4.72 12.78
N THR A 118 9.10 -5.07 13.09
CA THR A 118 10.16 -4.08 13.18
C THR A 118 11.40 -4.51 12.39
N ASP A 119 12.27 -3.57 12.11
CA ASP A 119 13.49 -3.84 11.34
C ASP A 119 14.59 -4.43 12.23
N LYS A 120 14.26 -4.72 13.48
CA LYS A 120 15.24 -5.29 14.41
C LYS A 120 15.75 -6.63 13.91
N SER A 121 14.86 -7.44 13.35
CA SER A 121 15.23 -8.75 12.83
C SER A 121 15.71 -8.65 11.38
N GLN A 122 16.44 -9.67 10.93
CA GLN A 122 16.97 -9.70 9.57
C GLN A 122 15.84 -9.64 8.54
N GLU A 123 14.76 -10.38 8.82
CA GLU A 123 13.61 -10.42 7.93
C GLU A 123 13.02 -9.02 7.75
N GLY A 124 12.92 -8.30 8.85
CA GLY A 124 12.37 -6.95 8.80
C GLY A 124 13.05 -6.08 7.76
N SER A 125 14.36 -6.22 7.66
CA SER A 125 15.14 -5.43 6.70
C SER A 125 14.66 -5.72 5.28
N GLN A 126 14.36 -6.99 5.01
CA GLN A 126 13.90 -7.40 3.69
C GLN A 126 12.71 -6.55 3.23
N PHE A 127 11.91 -6.09 4.18
CA PHE A 127 10.75 -5.24 3.87
C PHE A 127 11.15 -3.78 3.80
N VAL A 128 11.73 -3.27 4.88
CA VAL A 128 12.14 -1.87 4.95
C VAL A 128 13.12 -1.55 3.83
N LYS A 129 14.10 -2.41 3.65
CA LYS A 129 15.10 -2.22 2.60
C LYS A 129 14.52 -2.62 1.24
N GLY A 130 13.62 -3.61 1.25
CA GLY A 130 13.01 -4.03 0.02
C GLY A 130 12.04 -2.98 -0.49
N PHE A 131 11.39 -2.32 0.45
CA PHE A 131 10.45 -1.25 0.12
C PHE A 131 10.45 -0.15 1.17
N GLY A 132 9.77 -0.37 2.30
CA GLY A 132 9.73 0.64 3.33
C GLY A 132 9.05 0.22 4.62
N GLY A 133 8.42 -0.97 4.63
CA GLY A 133 7.76 -1.43 5.85
C GLY A 133 6.25 -1.57 5.69
N ILE A 134 5.79 -1.74 4.46
CA ILE A 134 4.36 -1.91 4.17
C ILE A 134 4.19 -2.96 3.10
N GLY A 135 3.58 -4.10 3.44
CA GLY A 135 3.38 -5.14 2.45
C GLY A 135 2.00 -5.75 2.58
N GLY A 136 1.57 -6.50 1.57
CA GLY A 136 0.25 -7.10 1.64
C GLY A 136 0.19 -8.47 1.02
N ILE A 137 0.29 -9.49 1.86
CA ILE A 137 0.24 -10.88 1.43
C ILE A 137 -1.15 -11.20 0.89
N LEU A 138 -1.21 -11.82 -0.28
CA LEU A 138 -2.49 -12.20 -0.88
C LEU A 138 -2.73 -13.69 -0.73
N ARG A 139 -4.00 -14.10 -0.80
CA ARG A 139 -4.35 -15.51 -0.67
C ARG A 139 -3.92 -16.31 -1.90
N TYR A 140 -4.12 -15.72 -3.07
CA TYR A 140 -3.76 -16.39 -4.32
C TYR A 140 -3.29 -15.38 -5.37
N ARG A 141 -2.74 -15.90 -6.47
CA ARG A 141 -2.26 -15.05 -7.55
C ARG A 141 -3.37 -14.13 -8.07
N VAL A 142 -3.04 -12.85 -8.20
CA VAL A 142 -4.00 -11.87 -8.70
C VAL A 142 -3.39 -11.03 -9.82
N ASP A 143 -4.26 -10.43 -10.63
CA ASP A 143 -3.80 -9.60 -11.74
C ASP A 143 -3.63 -8.15 -11.31
N PHE A 144 -4.74 -7.43 -11.24
CA PHE A 144 -4.73 -6.02 -10.84
C PHE A 144 -6.09 -5.60 -10.30
N GLN A 145 -6.14 -4.40 -9.72
CA GLN A 145 -7.38 -3.88 -9.17
C GLN A 145 -8.44 -3.71 -10.26
N GLY A 146 -9.67 -4.13 -9.96
CA GLY A 146 -10.75 -4.02 -10.92
C GLY A 146 -12.11 -4.18 -10.27
N MET A 147 -12.71 -5.36 -10.45
CA MET A 147 -14.03 -5.65 -9.89
C MET A 147 -13.96 -6.90 -9.01
N GLU A 148 -14.90 -7.01 -8.07
CA GLU A 148 -14.94 -8.16 -7.18
C GLU A 148 -15.21 -9.45 -7.97
N TYR A 149 -14.57 -10.53 -7.55
CA TYR A 149 -14.72 -11.83 -8.20
C TYR A 149 -14.24 -11.78 -9.64
N GLN A 150 -13.00 -11.32 -9.84
CA GLN A 150 -12.43 -11.25 -11.19
C GLN A 150 -12.28 -12.63 -11.80
N GLY A 151 -12.59 -12.72 -13.09
CA GLY A 151 -12.48 -13.99 -13.79
C GLY A 151 -12.97 -13.90 -15.22
N GLY A 152 -14.20 -13.46 -15.41
CA GLY A 152 -14.75 -13.33 -16.74
C GLY A 152 -15.63 -12.12 -16.91
N ASP A 153 -15.47 -11.15 -16.01
CA ASP A 153 -16.25 -9.91 -16.08
C ASP A 153 -15.62 -8.93 -17.06
N ASP A 154 -14.58 -9.39 -17.76
CA ASP A 154 -13.89 -8.56 -18.74
C ASP A 154 -13.30 -7.31 -18.09
N GLU A 155 -12.69 -7.46 -16.92
CA GLU A 155 -12.08 -6.35 -16.22
C GLU A 155 -10.99 -5.70 -17.07
N PHE A 156 -10.15 -6.53 -17.67
CA PHE A 156 -9.05 -6.06 -18.50
C PHE A 156 -9.44 -6.04 -19.98
N PHE A 157 -10.57 -6.66 -20.31
CA PHE A 157 -11.04 -6.72 -21.68
C PHE A 157 -12.02 -5.60 -22.00
N ASP A 158 -11.65 -4.77 -22.97
CA ASP A 158 -12.51 -3.67 -23.39
C ASP A 158 -13.77 -4.22 -24.05
N LEU A 159 -13.71 -5.51 -24.41
CA LEU A 159 -14.83 -6.20 -25.04
C LEU A 159 -16.09 -6.15 -24.18
N ASP A 160 -15.94 -5.78 -22.91
CA ASP A 160 -17.08 -5.71 -22.00
C ASP A 160 -18.17 -4.81 -22.58
N ASP A 161 -17.76 -3.71 -23.20
CA ASP A 161 -18.69 -2.78 -23.81
C ASP A 161 -19.34 -3.40 -25.05
N TYR A 162 -18.59 -4.26 -25.74
CA TYR A 162 -19.09 -4.93 -26.92
C TYR A 162 -20.33 -5.75 -26.59
N LEU A 163 -20.35 -6.30 -25.39
CA LEU A 163 -21.47 -7.11 -24.93
C LEU A 163 -22.76 -6.29 -24.91
N GLU A 164 -22.66 -5.05 -24.47
CA GLU A 164 -23.82 -4.17 -24.39
C GLU A 164 -24.42 -3.96 -25.78
N HIS A 165 -23.57 -3.81 -26.78
CA HIS A 165 -24.02 -3.61 -28.16
C HIS A 165 -22.91 -3.94 -29.14
N ASN A 2 6.56 -9.93 22.93
CA ASN A 2 5.42 -9.73 22.00
C ASN A 2 5.52 -10.66 20.78
N VAL A 3 4.37 -11.11 20.30
CA VAL A 3 4.33 -12.01 19.15
C VAL A 3 4.95 -11.36 17.92
N LYS A 4 4.98 -10.02 17.91
CA LYS A 4 5.55 -9.29 16.79
C LYS A 4 6.98 -9.75 16.51
N PHE A 5 7.75 -9.94 17.58
CA PHE A 5 9.14 -10.34 17.46
C PHE A 5 9.28 -11.67 16.72
N ILE A 6 8.43 -12.63 17.07
CA ILE A 6 8.46 -13.94 16.45
C ILE A 6 7.67 -13.96 15.15
N GLN A 7 6.47 -13.39 15.21
CA GLN A 7 5.59 -13.35 14.07
C GLN A 7 6.25 -12.67 12.90
N GLU A 8 7.02 -11.64 13.19
CA GLU A 8 7.73 -10.90 12.15
C GLU A 8 8.73 -11.83 11.46
N LYS A 9 9.23 -12.80 12.21
CA LYS A 9 10.19 -13.75 11.67
C LYS A 9 9.52 -14.69 10.68
N LYS A 10 8.49 -15.41 11.13
CA LYS A 10 7.79 -16.34 10.27
C LYS A 10 6.96 -15.62 9.21
N LEU A 11 6.31 -14.53 9.59
CA LEU A 11 5.48 -13.76 8.67
C LEU A 11 6.30 -13.09 7.57
N ILE A 12 7.19 -12.20 7.98
CA ILE A 12 8.02 -11.46 7.04
C ILE A 12 8.80 -12.38 6.11
N GLY A 13 9.35 -13.46 6.65
CA GLY A 13 10.10 -14.39 5.82
C GLY A 13 9.19 -15.09 4.84
N ARG A 14 7.97 -15.39 5.28
CA ARG A 14 6.98 -16.07 4.45
C ARG A 14 6.52 -15.17 3.31
N TYR A 15 6.68 -13.88 3.47
CA TYR A 15 6.29 -12.94 2.44
C TYR A 15 7.32 -12.94 1.31
N PHE A 16 8.55 -12.63 1.67
CA PHE A 16 9.63 -12.56 0.71
C PHE A 16 9.94 -13.93 0.09
N ASP A 17 9.63 -15.01 0.80
CA ASP A 17 9.91 -16.34 0.28
C ASP A 17 8.85 -16.77 -0.72
N GLU A 18 7.58 -16.56 -0.37
CA GLU A 18 6.48 -16.93 -1.26
C GLU A 18 6.60 -16.17 -2.57
N ILE A 19 6.98 -14.89 -2.48
CA ILE A 19 7.15 -14.06 -3.66
C ILE A 19 8.29 -14.61 -4.52
N SER A 20 9.32 -15.14 -3.85
CA SER A 20 10.47 -15.71 -4.53
C SER A 20 10.05 -16.85 -5.45
N GLN A 21 8.82 -17.33 -5.25
CA GLN A 21 8.28 -18.42 -6.06
C GLN A 21 7.54 -17.90 -7.30
N ASP A 22 7.57 -16.59 -7.51
CA ASP A 22 6.90 -15.98 -8.66
C ASP A 22 5.40 -16.26 -8.61
N THR A 23 4.88 -16.41 -7.39
CA THR A 23 3.46 -16.69 -7.19
C THR A 23 2.62 -15.44 -7.37
N GLY A 24 3.22 -14.26 -7.26
CA GLY A 24 2.47 -13.03 -7.43
C GLY A 24 1.30 -12.93 -6.48
N LYS A 25 1.39 -13.59 -5.33
CA LYS A 25 0.32 -13.57 -4.34
C LYS A 25 0.65 -12.62 -3.19
N TYR A 26 1.64 -11.76 -3.39
CA TYR A 26 2.05 -10.80 -2.35
C TYR A 26 2.63 -9.56 -3.00
N CYS A 27 2.62 -8.44 -2.29
CA CYS A 27 3.17 -7.20 -2.83
C CYS A 27 3.73 -6.32 -1.71
N PHE A 28 4.54 -5.33 -2.07
CA PHE A 28 5.13 -4.44 -1.08
C PHE A 28 4.78 -2.99 -1.37
N GLY A 29 4.84 -2.17 -0.32
CA GLY A 29 4.53 -0.77 -0.46
C GLY A 29 3.15 -0.42 0.08
N VAL A 30 2.90 0.87 0.21
CA VAL A 30 1.60 1.33 0.71
C VAL A 30 0.54 1.14 -0.35
N GLU A 31 0.74 1.76 -1.50
CA GLU A 31 -0.19 1.65 -2.62
C GLU A 31 -0.59 0.19 -2.87
N ASP A 32 0.41 -0.65 -3.13
CA ASP A 32 0.17 -2.06 -3.39
C ASP A 32 -0.51 -2.73 -2.21
N THR A 33 0.07 -2.58 -1.03
CA THR A 33 -0.50 -3.18 0.17
C THR A 33 -1.92 -2.70 0.42
N LEU A 34 -2.16 -1.41 0.19
CA LEU A 34 -3.50 -0.85 0.38
C LEU A 34 -4.46 -1.39 -0.66
N LYS A 35 -4.05 -1.32 -1.93
CA LYS A 35 -4.88 -1.79 -3.03
C LYS A 35 -5.26 -3.24 -2.83
N ALA A 36 -4.27 -4.08 -2.54
CA ALA A 36 -4.53 -5.50 -2.33
C ALA A 36 -5.46 -5.70 -1.14
N LEU A 37 -5.39 -4.79 -0.17
CA LEU A 37 -6.27 -4.86 0.99
C LEU A 37 -7.68 -4.52 0.55
N GLU A 38 -7.78 -3.54 -0.33
CA GLU A 38 -9.04 -3.12 -0.90
C GLU A 38 -9.57 -4.22 -1.81
N MET A 39 -8.63 -5.00 -2.36
CA MET A 39 -8.94 -6.10 -3.24
C MET A 39 -9.40 -7.33 -2.47
N GLY A 40 -9.24 -7.30 -1.15
CA GLY A 40 -9.61 -8.45 -0.35
C GLY A 40 -8.78 -9.66 -0.70
N ALA A 41 -7.70 -9.43 -1.45
CA ALA A 41 -6.80 -10.48 -1.87
C ALA A 41 -5.81 -10.81 -0.77
N VAL A 42 -5.51 -9.82 0.07
CA VAL A 42 -4.57 -9.99 1.16
C VAL A 42 -5.06 -10.95 2.23
N GLU A 43 -4.20 -11.86 2.62
CA GLU A 43 -4.52 -12.82 3.67
C GLU A 43 -3.97 -12.31 4.99
N ILE A 44 -2.76 -11.72 4.92
CA ILE A 44 -2.11 -11.16 6.09
C ILE A 44 -1.37 -9.86 5.73
N LEU A 45 -1.78 -8.77 6.34
CA LEU A 45 -1.12 -7.49 6.09
C LEU A 45 0.12 -7.35 6.96
N ILE A 46 1.22 -6.91 6.37
CA ILE A 46 2.47 -6.75 7.11
C ILE A 46 2.92 -5.29 7.07
N VAL A 47 2.83 -4.64 8.23
CA VAL A 47 3.19 -3.24 8.38
C VAL A 47 4.03 -3.05 9.64
N TYR A 48 5.11 -2.24 9.58
CA TYR A 48 5.98 -2.07 10.74
C TYR A 48 5.52 -0.97 11.69
N GLU A 49 5.88 -1.14 12.96
CA GLU A 49 5.55 -0.17 13.99
C GLU A 49 6.30 1.15 13.78
N ASN A 50 7.45 1.05 13.10
CA ASN A 50 8.27 2.23 12.84
C ASN A 50 7.88 2.89 11.52
N LEU A 51 6.89 2.34 10.83
CA LEU A 51 6.45 2.89 9.54
C LEU A 51 6.34 4.41 9.60
N ASP A 52 7.09 5.08 8.72
CA ASP A 52 7.08 6.54 8.65
C ASP A 52 6.16 7.05 7.55
N ILE A 53 5.37 6.16 6.96
CA ILE A 53 4.47 6.53 5.89
C ILE A 53 3.08 6.87 6.42
N MET A 54 2.58 8.01 5.99
CA MET A 54 1.27 8.50 6.41
C MET A 54 0.36 8.77 5.21
N ARG A 55 -0.93 8.89 5.48
CA ARG A 55 -1.91 9.14 4.43
C ARG A 55 -2.45 10.55 4.51
N TYR A 56 -2.09 11.35 3.51
CA TYR A 56 -2.56 12.73 3.44
C TYR A 56 -3.33 12.93 2.15
N VAL A 57 -4.44 13.66 2.23
CA VAL A 57 -5.27 13.89 1.06
C VAL A 57 -5.10 15.31 0.54
N LEU A 58 -4.61 15.42 -0.70
CA LEU A 58 -4.40 16.72 -1.33
C LEU A 58 -5.42 16.97 -2.43
N HIS A 59 -6.17 18.06 -2.31
CA HIS A 59 -7.18 18.41 -3.30
C HIS A 59 -7.08 19.87 -3.72
N CYS A 60 -7.56 20.17 -4.93
CA CYS A 60 -7.54 21.53 -5.45
C CYS A 60 -8.96 22.02 -5.71
N GLN A 61 -9.23 23.27 -5.36
CA GLN A 61 -10.56 23.85 -5.55
C GLN A 61 -11.09 23.59 -6.95
N GLY A 62 -10.17 23.50 -7.91
CA GLY A 62 -10.57 23.26 -9.29
C GLY A 62 -11.31 21.94 -9.47
N THR A 63 -11.21 21.07 -8.46
CA THR A 63 -11.88 19.76 -8.50
C THR A 63 -11.66 19.07 -9.85
N GLU A 64 -10.52 19.37 -10.48
CA GLU A 64 -10.21 18.78 -11.78
C GLU A 64 -8.91 17.97 -11.72
N GLU A 65 -8.17 18.08 -10.61
CA GLU A 65 -6.92 17.35 -10.45
C GLU A 65 -6.63 17.06 -8.99
N GLU A 66 -7.18 15.97 -8.49
CA GLU A 66 -6.97 15.57 -7.09
C GLU A 66 -5.80 14.60 -6.99
N LYS A 67 -4.94 14.84 -6.02
CA LYS A 67 -3.77 13.99 -5.81
C LYS A 67 -3.67 13.55 -4.36
N ILE A 68 -3.71 12.24 -4.13
CA ILE A 68 -3.59 11.68 -2.79
C ILE A 68 -2.47 10.64 -2.77
N LEU A 69 -1.36 10.95 -2.10
CA LEU A 69 -0.25 10.00 -2.06
C LEU A 69 0.50 10.04 -0.74
N TYR A 70 1.42 9.10 -0.60
CA TYR A 70 2.25 8.97 0.61
C TYR A 70 3.51 9.82 0.53
N LEU A 71 3.85 10.46 1.65
CA LEU A 71 5.06 11.28 1.71
C LEU A 71 5.89 10.95 2.96
N THR A 72 7.18 10.78 2.76
CA THR A 72 8.09 10.48 3.86
C THR A 72 8.59 11.78 4.49
N PRO A 73 9.31 11.69 5.64
CA PRO A 73 9.82 12.89 6.32
C PRO A 73 10.46 13.90 5.37
N GLU A 74 11.24 13.41 4.42
CA GLU A 74 11.89 14.30 3.45
C GLU A 74 10.91 14.79 2.39
N GLN A 75 9.99 13.92 1.97
CA GLN A 75 9.01 14.28 0.96
C GLN A 75 8.16 15.47 1.43
N GLU A 76 7.52 15.30 2.59
CA GLU A 76 6.69 16.36 3.17
C GLU A 76 7.48 17.64 3.38
N LYS A 77 8.76 17.48 3.75
CA LYS A 77 9.62 18.62 3.99
C LYS A 77 9.80 19.47 2.74
N ASP A 78 10.03 18.80 1.61
CA ASP A 78 10.21 19.49 0.34
C ASP A 78 8.98 20.30 -0.03
N LYS A 79 7.82 19.66 0.06
CA LYS A 79 6.53 20.30 -0.25
C LYS A 79 6.35 20.62 -1.74
N SER A 80 7.43 20.55 -2.51
CA SER A 80 7.36 20.85 -3.94
C SER A 80 6.53 19.79 -4.68
N HIS A 81 6.65 18.54 -4.23
CA HIS A 81 5.93 17.44 -4.85
C HIS A 81 4.42 17.50 -4.60
N PHE A 82 3.99 18.23 -3.58
CA PHE A 82 2.56 18.34 -3.29
C PHE A 82 1.83 19.04 -4.43
N THR A 83 2.46 20.07 -4.99
CA THR A 83 1.89 20.82 -6.11
C THR A 83 2.05 20.05 -7.41
N ASP A 84 1.33 20.49 -8.45
CA ASP A 84 1.42 19.81 -9.75
C ASP A 84 1.55 20.81 -10.89
N LYS A 85 2.30 20.41 -11.91
CA LYS A 85 2.51 21.25 -13.09
C LYS A 85 1.27 21.24 -13.98
N GLU A 86 0.28 20.42 -13.60
CA GLU A 86 -0.96 20.31 -14.36
C GLU A 86 -2.08 21.12 -13.72
N THR A 87 -1.73 21.82 -12.64
CA THR A 87 -2.67 22.65 -11.92
C THR A 87 -1.97 23.96 -11.57
N GLY A 88 -0.69 23.86 -11.22
CA GLY A 88 0.08 25.04 -10.87
C GLY A 88 -0.54 25.80 -9.72
N GLN A 89 -1.24 25.08 -8.86
CA GLN A 89 -1.89 25.71 -7.71
C GLN A 89 -1.50 25.00 -6.42
N GLU A 90 -1.70 25.67 -5.30
CA GLU A 90 -1.38 25.10 -4.00
C GLU A 90 -2.43 24.07 -3.63
N HIS A 91 -1.97 22.92 -3.14
CA HIS A 91 -2.86 21.85 -2.74
C HIS A 91 -3.64 22.23 -1.49
N GLU A 92 -4.76 21.54 -1.27
CA GLU A 92 -5.58 21.79 -0.10
C GLU A 92 -5.76 20.49 0.67
N LEU A 93 -4.97 20.29 1.71
CA LEU A 93 -5.05 19.08 2.49
C LEU A 93 -6.44 18.91 3.08
N ILE A 94 -7.04 17.77 2.81
CA ILE A 94 -8.37 17.47 3.31
C ILE A 94 -8.29 16.85 4.70
N GLU A 95 -7.41 15.87 4.85
CA GLU A 95 -7.23 15.19 6.12
C GLU A 95 -5.86 14.51 6.19
N SER A 96 -5.41 14.23 7.39
CA SER A 96 -4.12 13.58 7.60
C SER A 96 -4.26 12.50 8.67
N MET A 97 -3.71 11.32 8.41
CA MET A 97 -3.81 10.22 9.37
C MET A 97 -2.59 9.31 9.33
N PRO A 98 -2.09 8.87 10.51
CA PRO A 98 -0.96 7.96 10.57
C PRO A 98 -1.33 6.62 9.95
N LEU A 99 -0.81 6.37 8.75
CA LEU A 99 -1.10 5.15 8.02
C LEU A 99 -0.94 3.90 8.87
N LEU A 100 0.22 3.75 9.49
CA LEU A 100 0.45 2.57 10.34
C LEU A 100 -0.65 2.45 11.37
N GLU A 101 -0.92 3.55 12.08
CA GLU A 101 -1.97 3.56 13.08
C GLU A 101 -3.31 3.23 12.43
N TRP A 102 -3.51 3.77 11.22
CA TRP A 102 -4.73 3.54 10.47
C TRP A 102 -4.85 2.07 10.08
N PHE A 103 -3.73 1.47 9.67
CA PHE A 103 -3.72 0.07 9.26
C PHE A 103 -4.31 -0.84 10.33
N ALA A 104 -3.94 -0.60 11.57
CA ALA A 104 -4.44 -1.40 12.69
C ALA A 104 -5.83 -0.94 13.13
N ASN A 105 -6.27 0.20 12.61
CA ASN A 105 -7.58 0.75 12.97
C ASN A 105 -8.74 -0.01 12.32
N ASN A 106 -8.63 -0.29 11.03
CA ASN A 106 -9.71 -0.97 10.31
C ASN A 106 -9.27 -2.18 9.50
N TYR A 107 -8.09 -2.76 9.81
CA TYR A 107 -7.62 -3.92 9.07
C TYR A 107 -8.63 -5.06 9.09
N LYS A 108 -9.59 -5.01 10.00
CA LYS A 108 -10.61 -6.03 10.10
C LYS A 108 -11.61 -5.89 8.96
N LYS A 109 -11.85 -4.64 8.57
CA LYS A 109 -12.80 -4.34 7.49
C LYS A 109 -12.28 -4.86 6.15
N PHE A 110 -10.99 -4.72 5.93
CA PHE A 110 -10.36 -5.18 4.68
C PHE A 110 -10.18 -6.69 4.67
N GLY A 111 -10.33 -7.31 5.84
CA GLY A 111 -10.18 -8.75 5.94
C GLY A 111 -8.73 -9.18 5.88
N ALA A 112 -7.82 -8.26 6.22
CA ALA A 112 -6.40 -8.54 6.21
C ALA A 112 -5.85 -8.60 7.63
N THR A 113 -4.89 -9.48 7.86
CA THR A 113 -4.30 -9.62 9.19
C THR A 113 -3.21 -8.58 9.36
N LEU A 114 -3.53 -7.53 10.10
CA LEU A 114 -2.56 -6.47 10.34
C LEU A 114 -1.53 -6.92 11.36
N GLU A 115 -0.35 -7.28 10.87
CA GLU A 115 0.71 -7.74 11.75
C GLU A 115 1.84 -6.72 11.80
N ILE A 116 2.10 -6.21 12.99
CA ILE A 116 3.16 -5.21 13.16
C ILE A 116 4.52 -5.89 13.27
N VAL A 117 5.54 -5.20 12.75
CA VAL A 117 6.89 -5.73 12.77
C VAL A 117 7.94 -4.62 12.82
N THR A 118 9.19 -5.01 13.07
CA THR A 118 10.29 -4.06 13.15
C THR A 118 11.48 -4.51 12.31
N ASP A 119 12.42 -3.61 12.07
CA ASP A 119 13.61 -3.92 11.29
C ASP A 119 14.71 -4.53 12.15
N LYS A 120 14.42 -4.74 13.44
CA LYS A 120 15.39 -5.31 14.36
C LYS A 120 15.82 -6.71 13.90
N SER A 121 14.87 -7.48 13.40
CA SER A 121 15.14 -8.83 12.92
C SER A 121 15.74 -8.79 11.52
N GLN A 122 16.45 -9.86 11.15
CA GLN A 122 17.08 -9.94 9.84
C GLN A 122 16.03 -9.87 8.74
N GLU A 123 14.91 -10.55 8.93
CA GLU A 123 13.83 -10.55 7.96
C GLU A 123 13.22 -9.17 7.83
N GLY A 124 13.08 -8.48 8.96
CA GLY A 124 12.50 -7.15 8.95
C GLY A 124 13.20 -6.21 7.99
N SER A 125 14.52 -6.21 8.01
CA SER A 125 15.30 -5.35 7.13
C SER A 125 15.00 -5.65 5.66
N GLN A 126 14.80 -6.92 5.35
CA GLN A 126 14.50 -7.35 4.00
C GLN A 126 13.27 -6.64 3.46
N PHE A 127 12.39 -6.23 4.37
CA PHE A 127 11.16 -5.53 4.01
C PHE A 127 11.39 -4.04 3.85
N VAL A 128 11.96 -3.43 4.88
CA VAL A 128 12.22 -1.99 4.88
C VAL A 128 13.26 -1.62 3.83
N LYS A 129 14.38 -2.33 3.84
CA LYS A 129 15.47 -2.08 2.89
C LYS A 129 15.08 -2.49 1.47
N GLY A 130 14.29 -3.55 1.36
CA GLY A 130 13.87 -4.02 0.05
C GLY A 130 12.63 -3.32 -0.43
N PHE A 131 11.82 -2.83 0.51
CA PHE A 131 10.58 -2.14 0.17
C PHE A 131 10.50 -0.81 0.90
N GLY A 132 9.91 -0.80 2.11
CA GLY A 132 9.79 0.44 2.85
C GLY A 132 9.15 0.26 4.23
N GLY A 133 8.47 -0.87 4.44
CA GLY A 133 7.84 -1.12 5.72
C GLY A 133 6.35 -1.42 5.62
N ILE A 134 5.89 -1.73 4.40
CA ILE A 134 4.48 -2.05 4.17
C ILE A 134 4.36 -3.11 3.10
N GLY A 135 3.61 -4.18 3.39
CA GLY A 135 3.42 -5.24 2.43
C GLY A 135 2.04 -5.83 2.57
N GLY A 136 1.57 -6.55 1.55
CA GLY A 136 0.24 -7.13 1.65
C GLY A 136 0.14 -8.52 1.07
N ILE A 137 0.42 -9.52 1.91
CA ILE A 137 0.34 -10.91 1.51
C ILE A 137 -1.07 -11.25 1.05
N LEU A 138 -1.19 -11.87 -0.11
CA LEU A 138 -2.50 -12.25 -0.64
C LEU A 138 -2.75 -13.73 -0.41
N ARG A 139 -4.01 -14.13 -0.44
CA ARG A 139 -4.39 -15.53 -0.22
C ARG A 139 -3.98 -16.38 -1.42
N TYR A 140 -4.22 -15.87 -2.62
CA TYR A 140 -3.89 -16.57 -3.85
C TYR A 140 -3.64 -15.59 -4.98
N ARG A 141 -3.13 -16.10 -6.10
CA ARG A 141 -2.84 -15.26 -7.26
C ARG A 141 -4.05 -14.42 -7.63
N VAL A 142 -3.82 -13.15 -7.91
CA VAL A 142 -4.89 -12.22 -8.26
C VAL A 142 -4.57 -11.46 -9.55
N ASP A 143 -5.61 -10.93 -10.18
CA ASP A 143 -5.46 -10.18 -11.41
C ASP A 143 -4.74 -8.87 -11.19
N PHE A 144 -3.74 -8.61 -12.01
CA PHE A 144 -2.96 -7.39 -11.92
C PHE A 144 -3.65 -6.26 -12.69
N GLN A 145 -3.79 -5.11 -12.05
CA GLN A 145 -4.45 -3.97 -12.67
C GLN A 145 -3.71 -3.53 -13.93
N GLY A 146 -2.39 -3.48 -13.86
CA GLY A 146 -1.60 -3.07 -15.00
C GLY A 146 -1.41 -1.57 -15.08
N MET A 147 -2.48 -0.86 -15.40
CA MET A 147 -2.43 0.60 -15.50
C MET A 147 -3.47 1.23 -14.59
N GLU A 148 -3.49 2.56 -14.55
CA GLU A 148 -4.44 3.30 -13.73
C GLU A 148 -5.87 2.98 -14.14
N TYR A 149 -6.10 2.87 -15.45
CA TYR A 149 -7.43 2.57 -15.96
C TYR A 149 -7.42 1.25 -16.72
N GLN A 150 -8.48 0.46 -16.54
CA GLN A 150 -8.59 -0.83 -17.21
C GLN A 150 -9.88 -0.94 -18.00
N GLY A 151 -9.84 -1.72 -19.07
CA GLY A 151 -11.02 -1.90 -19.91
C GLY A 151 -11.02 -0.95 -21.10
N GLY A 152 -9.96 -0.98 -21.89
CA GLY A 152 -9.88 -0.12 -23.04
C GLY A 152 -8.45 0.18 -23.44
N ASP A 153 -7.68 0.69 -22.48
CA ASP A 153 -6.27 1.02 -22.73
C ASP A 153 -5.46 -0.25 -22.97
N ASP A 154 -6.06 -1.40 -22.71
CA ASP A 154 -5.37 -2.68 -22.89
C ASP A 154 -4.13 -2.75 -22.00
N GLU A 155 -4.29 -2.32 -20.76
CA GLU A 155 -3.20 -2.33 -19.80
C GLU A 155 -2.67 -3.75 -19.59
N PHE A 156 -3.57 -4.72 -19.61
CA PHE A 156 -3.20 -6.12 -19.42
C PHE A 156 -3.93 -7.00 -20.43
N PHE A 157 -3.19 -7.54 -21.38
CA PHE A 157 -3.76 -8.41 -22.41
C PHE A 157 -2.85 -9.58 -22.72
N ASP A 158 -3.40 -10.79 -22.61
CA ASP A 158 -2.64 -12.00 -22.91
C ASP A 158 -2.37 -12.06 -24.41
N LEU A 159 -3.09 -11.21 -25.15
CA LEU A 159 -2.96 -11.12 -26.59
C LEU A 159 -1.54 -10.77 -27.02
N ASP A 160 -0.71 -10.35 -26.07
CA ASP A 160 0.68 -10.00 -26.37
C ASP A 160 1.37 -11.11 -27.16
N ASP A 161 1.13 -12.35 -26.75
CA ASP A 161 1.72 -13.50 -27.43
C ASP A 161 1.20 -13.59 -28.86
N TYR A 162 -0.08 -13.29 -29.04
CA TYR A 162 -0.70 -13.33 -30.35
C TYR A 162 0.02 -12.39 -31.31
N LEU A 163 0.54 -11.29 -30.77
CA LEU A 163 1.26 -10.31 -31.55
C LEU A 163 2.48 -10.93 -32.21
N GLU A 164 3.20 -11.75 -31.44
CA GLU A 164 4.40 -12.40 -31.96
C GLU A 164 4.07 -13.30 -33.15
N HIS A 165 2.94 -13.98 -33.07
CA HIS A 165 2.51 -14.87 -34.15
C HIS A 165 3.53 -15.97 -34.40
N ASN A 2 6.02 -10.00 23.23
CA ASN A 2 7.32 -10.30 22.55
C ASN A 2 7.11 -11.16 21.31
N VAL A 3 5.92 -11.06 20.71
CA VAL A 3 5.60 -11.84 19.52
C VAL A 3 6.44 -11.41 18.32
N LYS A 4 6.98 -10.19 18.38
CA LYS A 4 7.79 -9.65 17.29
C LYS A 4 8.82 -10.69 16.82
N PHE A 5 9.46 -11.37 17.76
CA PHE A 5 10.46 -12.36 17.41
C PHE A 5 9.88 -13.44 16.50
N ILE A 6 8.66 -13.87 16.80
CA ILE A 6 7.98 -14.88 15.99
C ILE A 6 7.32 -14.21 14.80
N GLN A 7 6.49 -13.21 15.09
CA GLN A 7 5.77 -12.47 14.08
C GLN A 7 6.72 -11.97 12.99
N GLU A 8 7.67 -11.13 13.39
CA GLU A 8 8.65 -10.57 12.48
C GLU A 8 9.41 -11.66 11.72
N LYS A 9 9.54 -12.83 12.35
CA LYS A 9 10.27 -13.93 11.74
C LYS A 9 9.41 -14.74 10.76
N LYS A 10 8.33 -15.33 11.27
CA LYS A 10 7.45 -16.17 10.45
C LYS A 10 6.68 -15.39 9.39
N LEU A 11 6.08 -14.28 9.79
CA LEU A 11 5.28 -13.47 8.86
C LEU A 11 6.13 -12.90 7.74
N ILE A 12 7.07 -12.04 8.11
CA ILE A 12 7.93 -11.38 7.14
C ILE A 12 8.58 -12.38 6.19
N GLY A 13 9.03 -13.51 6.73
CA GLY A 13 9.66 -14.51 5.90
C GLY A 13 8.68 -15.13 4.91
N ARG A 14 7.46 -15.35 5.36
CA ARG A 14 6.42 -15.94 4.52
C ARG A 14 6.05 -15.04 3.35
N TYR A 15 6.28 -13.76 3.50
CA TYR A 15 5.97 -12.82 2.44
C TYR A 15 7.06 -12.87 1.38
N PHE A 16 8.29 -12.64 1.81
CA PHE A 16 9.43 -12.65 0.90
C PHE A 16 9.81 -14.05 0.45
N ASP A 17 9.45 -15.09 1.21
CA ASP A 17 9.78 -16.45 0.81
C ASP A 17 8.83 -16.92 -0.28
N GLU A 18 7.54 -16.62 -0.10
CA GLU A 18 6.55 -16.99 -1.08
C GLU A 18 6.86 -16.33 -2.42
N ILE A 19 7.37 -15.09 -2.35
CA ILE A 19 7.76 -14.36 -3.54
C ILE A 19 8.84 -15.13 -4.28
N SER A 20 9.71 -15.77 -3.51
CA SER A 20 10.81 -16.56 -4.06
C SER A 20 10.28 -17.59 -5.06
N GLN A 21 9.01 -17.96 -4.88
CA GLN A 21 8.37 -18.94 -5.75
C GLN A 21 7.58 -18.27 -6.86
N ASP A 22 7.58 -16.95 -6.89
CA ASP A 22 6.84 -16.21 -7.92
C ASP A 22 5.36 -16.60 -7.87
N THR A 23 4.89 -16.95 -6.68
CA THR A 23 3.51 -17.36 -6.48
C THR A 23 2.58 -16.16 -6.40
N GLY A 24 3.15 -14.96 -6.29
CA GLY A 24 2.32 -13.77 -6.18
C GLY A 24 1.57 -13.76 -4.88
N LYS A 25 0.57 -12.91 -4.78
CA LYS A 25 -0.21 -12.80 -3.56
C LYS A 25 0.56 -12.06 -2.49
N TYR A 26 1.23 -10.99 -2.88
CA TYR A 26 2.00 -10.17 -1.95
C TYR A 26 2.57 -8.95 -2.65
N CYS A 27 2.48 -7.79 -2.01
CA CYS A 27 3.00 -6.57 -2.62
C CYS A 27 3.76 -5.74 -1.60
N PHE A 28 4.43 -4.70 -2.06
CA PHE A 28 5.20 -3.83 -1.18
C PHE A 28 4.83 -2.38 -1.42
N GLY A 29 4.91 -1.60 -0.35
CA GLY A 29 4.58 -0.19 -0.43
C GLY A 29 3.20 0.09 0.13
N VAL A 30 2.83 1.36 0.13
CA VAL A 30 1.52 1.75 0.65
C VAL A 30 0.43 1.51 -0.37
N GLU A 31 0.50 2.22 -1.50
CA GLU A 31 -0.52 2.08 -2.54
C GLU A 31 -0.84 0.62 -2.84
N ASP A 32 0.16 -0.17 -3.20
CA ASP A 32 -0.04 -1.58 -3.52
C ASP A 32 -0.63 -2.33 -2.33
N THR A 33 0.05 -2.24 -1.18
CA THR A 33 -0.41 -2.95 0.02
C THR A 33 -1.83 -2.53 0.37
N LEU A 34 -2.15 -1.26 0.19
CA LEU A 34 -3.49 -0.75 0.48
C LEU A 34 -4.49 -1.24 -0.55
N LYS A 35 -4.17 -1.03 -1.83
CA LYS A 35 -5.05 -1.43 -2.92
C LYS A 35 -5.47 -2.89 -2.79
N ALA A 36 -4.51 -3.78 -2.59
CA ALA A 36 -4.80 -5.20 -2.46
C ALA A 36 -5.69 -5.45 -1.24
N LEU A 37 -5.58 -4.61 -0.23
CA LEU A 37 -6.42 -4.75 0.96
C LEU A 37 -7.85 -4.39 0.59
N GLU A 38 -7.96 -3.35 -0.22
CA GLU A 38 -9.24 -2.89 -0.72
C GLU A 38 -9.83 -3.95 -1.63
N MET A 39 -8.93 -4.68 -2.30
CA MET A 39 -9.28 -5.75 -3.21
C MET A 39 -9.72 -7.00 -2.47
N GLY A 40 -9.52 -7.03 -1.15
CA GLY A 40 -9.88 -8.20 -0.38
C GLY A 40 -9.04 -9.40 -0.76
N ALA A 41 -8.05 -9.16 -1.61
CA ALA A 41 -7.15 -10.21 -2.06
C ALA A 41 -6.15 -10.56 -0.97
N VAL A 42 -5.84 -9.58 -0.15
CA VAL A 42 -4.87 -9.75 0.93
C VAL A 42 -5.28 -10.79 1.96
N GLU A 43 -4.39 -11.72 2.22
CA GLU A 43 -4.61 -12.75 3.21
C GLU A 43 -4.03 -12.27 4.52
N ILE A 44 -2.83 -11.70 4.44
CA ILE A 44 -2.13 -11.16 5.60
C ILE A 44 -1.45 -9.85 5.24
N LEU A 45 -1.45 -8.90 6.17
CA LEU A 45 -0.81 -7.61 5.94
C LEU A 45 0.45 -7.45 6.79
N ILE A 46 1.55 -7.07 6.16
CA ILE A 46 2.82 -6.86 6.87
C ILE A 46 3.16 -5.37 6.90
N VAL A 47 3.00 -4.77 8.07
CA VAL A 47 3.29 -3.36 8.29
C VAL A 47 4.12 -3.20 9.56
N TYR A 48 5.18 -2.40 9.53
CA TYR A 48 6.04 -2.26 10.72
C TYR A 48 5.56 -1.19 11.69
N GLU A 49 5.86 -1.42 12.96
CA GLU A 49 5.50 -0.48 14.03
C GLU A 49 6.15 0.87 13.78
N ASN A 50 7.36 0.84 13.24
CA ASN A 50 8.08 2.06 12.93
C ASN A 50 7.83 2.47 11.49
N LEU A 51 6.56 2.68 11.17
CA LEU A 51 6.17 3.08 9.83
C LEU A 51 6.13 4.60 9.73
N ASP A 52 6.96 5.13 8.83
CA ASP A 52 7.06 6.57 8.64
C ASP A 52 6.07 7.08 7.59
N ILE A 53 5.28 6.19 7.02
CA ILE A 53 4.31 6.58 5.99
C ILE A 53 2.95 6.86 6.58
N MET A 54 2.41 8.02 6.22
CA MET A 54 1.10 8.45 6.71
C MET A 54 0.13 8.71 5.56
N ARG A 55 -1.15 8.81 5.89
CA ARG A 55 -2.17 9.03 4.88
C ARG A 55 -2.71 10.46 4.90
N TYR A 56 -2.30 11.26 3.92
CA TYR A 56 -2.75 12.64 3.80
C TYR A 56 -3.49 12.80 2.48
N VAL A 57 -4.60 13.52 2.50
CA VAL A 57 -5.39 13.72 1.28
C VAL A 57 -5.29 15.17 0.79
N LEU A 58 -4.79 15.32 -0.44
CA LEU A 58 -4.64 16.65 -1.05
C LEU A 58 -5.74 16.89 -2.07
N HIS A 59 -6.60 17.86 -1.79
CA HIS A 59 -7.71 18.18 -2.70
C HIS A 59 -7.89 19.69 -2.87
N CYS A 60 -8.64 20.06 -3.90
CA CYS A 60 -8.93 21.46 -4.17
C CYS A 60 -10.45 21.67 -4.18
N GLN A 61 -10.89 22.88 -3.84
CA GLN A 61 -12.33 23.18 -3.81
C GLN A 61 -12.99 22.86 -5.15
N GLY A 62 -12.29 23.15 -6.23
CA GLY A 62 -12.84 22.89 -7.55
C GLY A 62 -13.18 21.42 -7.76
N THR A 63 -12.68 20.56 -6.89
CA THR A 63 -12.95 19.13 -6.99
C THR A 63 -12.72 18.61 -8.41
N GLU A 64 -11.83 19.26 -9.15
CA GLU A 64 -11.54 18.85 -10.52
C GLU A 64 -10.21 18.10 -10.61
N GLU A 65 -9.57 17.88 -9.47
CA GLU A 65 -8.29 17.18 -9.45
C GLU A 65 -7.91 16.76 -8.03
N GLU A 66 -8.37 15.59 -7.61
CA GLU A 66 -8.07 15.08 -6.29
C GLU A 66 -6.80 14.24 -6.31
N LYS A 67 -5.84 14.59 -5.46
CA LYS A 67 -4.59 13.86 -5.38
C LYS A 67 -4.32 13.34 -3.98
N ILE A 68 -3.89 12.09 -3.90
CA ILE A 68 -3.57 11.46 -2.63
C ILE A 68 -2.11 11.00 -2.66
N LEU A 69 -1.38 11.28 -1.60
CA LEU A 69 0.03 10.91 -1.55
C LEU A 69 0.48 10.53 -0.14
N TYR A 70 1.58 9.77 -0.08
CA TYR A 70 2.16 9.35 1.18
C TYR A 70 3.47 10.08 1.43
N LEU A 71 3.59 10.73 2.58
CA LEU A 71 4.79 11.47 2.91
C LEU A 71 5.33 11.12 4.29
N THR A 72 6.62 10.82 4.36
CA THR A 72 7.26 10.49 5.62
C THR A 72 7.46 11.79 6.42
N PRO A 73 7.92 11.71 7.68
CA PRO A 73 8.12 12.90 8.50
C PRO A 73 8.86 14.00 7.75
N GLU A 74 9.85 13.61 6.96
CA GLU A 74 10.63 14.57 6.17
C GLU A 74 9.85 15.05 4.95
N GLN A 75 9.19 14.13 4.25
CA GLN A 75 8.42 14.48 3.05
C GLN A 75 7.32 15.48 3.37
N GLU A 76 6.63 15.28 4.49
CA GLU A 76 5.55 16.18 4.89
C GLU A 76 6.07 17.59 5.09
N LYS A 77 7.35 17.70 5.46
CA LYS A 77 7.96 19.00 5.66
C LYS A 77 8.05 19.73 4.32
N ASP A 78 8.28 18.97 3.27
CA ASP A 78 8.39 19.51 1.92
C ASP A 78 7.02 19.51 1.24
N LYS A 79 6.43 20.70 1.09
CA LYS A 79 5.14 20.83 0.47
C LYS A 79 5.25 21.16 -1.03
N SER A 80 6.48 21.26 -1.53
CA SER A 80 6.70 21.57 -2.93
C SER A 80 6.17 20.44 -3.82
N HIS A 81 6.38 19.20 -3.39
CA HIS A 81 5.92 18.05 -4.15
C HIS A 81 4.40 17.91 -4.09
N PHE A 82 3.77 18.54 -3.10
CA PHE A 82 2.32 18.48 -2.94
C PHE A 82 1.63 19.04 -4.18
N THR A 83 2.19 20.11 -4.74
CA THR A 83 1.64 20.74 -5.94
C THR A 83 1.90 19.88 -7.17
N ASP A 84 1.22 20.21 -8.27
CA ASP A 84 1.40 19.45 -9.52
C ASP A 84 1.47 20.39 -10.72
N LYS A 85 2.28 20.00 -11.70
CA LYS A 85 2.46 20.78 -12.92
C LYS A 85 1.25 20.63 -13.85
N GLU A 86 0.32 19.75 -13.47
CA GLU A 86 -0.87 19.50 -14.27
C GLU A 86 -2.07 20.25 -13.70
N THR A 87 -1.82 21.01 -12.65
CA THR A 87 -2.85 21.81 -12.00
C THR A 87 -2.28 23.18 -11.64
N GLY A 88 -1.01 23.20 -11.29
CA GLY A 88 -0.35 24.44 -10.93
C GLY A 88 -1.04 25.15 -9.78
N GLN A 89 -1.74 24.37 -8.96
CA GLN A 89 -2.46 24.91 -7.82
C GLN A 89 -2.02 24.21 -6.54
N GLU A 90 -2.21 24.87 -5.40
CA GLU A 90 -1.83 24.29 -4.13
C GLU A 90 -2.99 23.49 -3.55
N HIS A 91 -2.77 22.20 -3.35
CA HIS A 91 -3.79 21.33 -2.80
C HIS A 91 -4.14 21.77 -1.38
N GLU A 92 -5.29 21.31 -0.88
CA GLU A 92 -5.72 21.66 0.46
C GLU A 92 -5.92 20.41 1.28
N LEU A 93 -4.96 20.12 2.14
CA LEU A 93 -5.04 18.92 2.96
C LEU A 93 -6.34 18.91 3.75
N ILE A 94 -7.18 17.93 3.44
CA ILE A 94 -8.48 17.80 4.09
C ILE A 94 -8.35 17.09 5.43
N GLU A 95 -7.58 16.02 5.45
CA GLU A 95 -7.38 15.25 6.67
C GLU A 95 -6.04 14.54 6.65
N SER A 96 -5.56 14.19 7.84
CA SER A 96 -4.30 13.49 8.00
C SER A 96 -4.47 12.36 9.00
N MET A 97 -4.10 11.17 8.60
CA MET A 97 -4.24 10.01 9.49
C MET A 97 -3.00 9.12 9.47
N PRO A 98 -2.49 8.73 10.65
CA PRO A 98 -1.33 7.85 10.73
C PRO A 98 -1.64 6.51 10.08
N LEU A 99 -1.09 6.30 8.89
CA LEU A 99 -1.31 5.09 8.13
C LEU A 99 -1.15 3.82 8.97
N LEU A 100 0.02 3.65 9.58
CA LEU A 100 0.25 2.46 10.40
C LEU A 100 -0.87 2.30 11.42
N GLU A 101 -1.19 3.38 12.11
CA GLU A 101 -2.27 3.37 13.09
C GLU A 101 -3.57 3.00 12.40
N TRP A 102 -3.77 3.54 11.20
CA TRP A 102 -4.97 3.26 10.41
C TRP A 102 -5.05 1.79 10.04
N PHE A 103 -3.92 1.22 9.63
CA PHE A 103 -3.87 -0.19 9.24
C PHE A 103 -4.46 -1.08 10.32
N ALA A 104 -4.11 -0.80 11.58
CA ALA A 104 -4.59 -1.59 12.70
C ALA A 104 -5.98 -1.15 13.15
N ASN A 105 -6.45 -0.02 12.65
CA ASN A 105 -7.76 0.50 13.03
C ASN A 105 -8.91 -0.25 12.38
N ASN A 106 -8.81 -0.53 11.08
CA ASN A 106 -9.89 -1.21 10.37
C ASN A 106 -9.44 -2.41 9.54
N TYR A 107 -8.29 -2.99 9.85
CA TYR A 107 -7.80 -4.14 9.09
C TYR A 107 -8.81 -5.28 9.05
N LYS A 108 -9.81 -5.24 9.93
CA LYS A 108 -10.83 -6.26 9.95
C LYS A 108 -11.81 -6.06 8.81
N LYS A 109 -12.03 -4.80 8.46
CA LYS A 109 -12.95 -4.44 7.38
C LYS A 109 -12.44 -4.94 6.04
N PHE A 110 -11.13 -4.84 5.84
CA PHE A 110 -10.50 -5.26 4.59
C PHE A 110 -10.29 -6.78 4.57
N GLY A 111 -10.51 -7.43 5.72
CA GLY A 111 -10.33 -8.87 5.81
C GLY A 111 -8.87 -9.29 5.71
N ALA A 112 -7.97 -8.37 6.07
CA ALA A 112 -6.55 -8.64 6.04
C ALA A 112 -6.00 -8.75 7.44
N THR A 113 -4.99 -9.60 7.63
CA THR A 113 -4.38 -9.76 8.93
C THR A 113 -3.34 -8.68 9.15
N LEU A 114 -3.70 -7.66 9.91
CA LEU A 114 -2.77 -6.57 10.18
C LEU A 114 -1.77 -6.98 11.24
N GLU A 115 -0.57 -7.29 10.79
CA GLU A 115 0.49 -7.71 11.69
C GLU A 115 1.61 -6.67 11.71
N ILE A 116 2.09 -6.37 12.91
CA ILE A 116 3.16 -5.39 13.06
C ILE A 116 4.53 -6.07 13.16
N VAL A 117 5.56 -5.37 12.71
CA VAL A 117 6.92 -5.91 12.73
C VAL A 117 7.97 -4.79 12.76
N THR A 118 9.22 -5.17 12.98
CA THR A 118 10.32 -4.21 13.03
C THR A 118 11.48 -4.64 12.14
N ASP A 119 12.42 -3.72 11.93
CA ASP A 119 13.60 -4.00 11.09
C ASP A 119 14.78 -4.46 11.94
N LYS A 120 14.54 -4.68 13.23
CA LYS A 120 15.59 -5.11 14.14
C LYS A 120 16.19 -6.44 13.70
N SER A 121 15.34 -7.36 13.24
CA SER A 121 15.81 -8.66 12.79
C SER A 121 16.31 -8.59 11.35
N GLN A 122 17.08 -9.61 10.95
CA GLN A 122 17.62 -9.67 9.60
C GLN A 122 16.50 -9.69 8.56
N GLU A 123 15.44 -10.44 8.86
CA GLU A 123 14.31 -10.54 7.96
C GLU A 123 13.68 -9.18 7.70
N GLY A 124 13.59 -8.37 8.76
CA GLY A 124 13.01 -7.05 8.63
C GLY A 124 13.79 -6.18 7.67
N SER A 125 15.12 -6.28 7.73
CA SER A 125 15.98 -5.49 6.86
C SER A 125 15.70 -5.83 5.39
N GLN A 126 15.47 -7.10 5.11
CA GLN A 126 15.19 -7.57 3.77
C GLN A 126 13.97 -6.86 3.20
N PHE A 127 13.08 -6.43 4.09
CA PHE A 127 11.86 -5.73 3.67
C PHE A 127 12.11 -4.23 3.54
N VAL A 128 12.71 -3.65 4.56
CA VAL A 128 12.99 -2.22 4.56
C VAL A 128 14.00 -1.86 3.48
N LYS A 129 15.03 -2.69 3.33
CA LYS A 129 16.06 -2.45 2.33
C LYS A 129 15.55 -2.70 0.91
N GLY A 130 14.75 -3.75 0.73
CA GLY A 130 14.23 -4.07 -0.59
C GLY A 130 12.94 -3.35 -0.88
N PHE A 131 12.16 -3.11 0.17
CA PHE A 131 10.87 -2.44 0.01
C PHE A 131 10.88 -1.10 0.75
N GLY A 132 10.47 -1.09 2.02
CA GLY A 132 10.44 0.15 2.77
C GLY A 132 9.66 0.03 4.08
N GLY A 133 8.86 -1.03 4.21
CA GLY A 133 8.08 -1.22 5.43
C GLY A 133 6.75 -1.89 5.16
N ILE A 134 5.90 -1.23 4.40
CA ILE A 134 4.57 -1.75 4.07
C ILE A 134 4.67 -2.78 2.95
N GLY A 135 4.03 -3.93 3.17
CA GLY A 135 4.04 -4.99 2.18
C GLY A 135 3.07 -6.08 2.55
N GLY A 136 1.96 -6.19 1.81
CA GLY A 136 0.94 -7.16 2.15
C GLY A 136 1.07 -8.48 1.40
N ILE A 137 0.22 -9.41 1.80
CA ILE A 137 0.15 -10.74 1.21
C ILE A 137 -1.31 -11.05 0.86
N LEU A 138 -1.53 -11.63 -0.32
CA LEU A 138 -2.87 -11.98 -0.76
C LEU A 138 -3.15 -13.46 -0.48
N ARG A 139 -4.41 -13.86 -0.60
CA ARG A 139 -4.80 -15.25 -0.36
C ARG A 139 -5.05 -16.00 -1.66
N TYR A 140 -5.05 -15.27 -2.78
CA TYR A 140 -5.27 -15.88 -4.08
C TYR A 140 -4.52 -15.12 -5.17
N ARG A 141 -3.79 -15.86 -6.00
CA ARG A 141 -3.04 -15.24 -7.10
C ARG A 141 -3.93 -14.31 -7.91
N VAL A 142 -3.53 -13.04 -8.00
CA VAL A 142 -4.30 -12.05 -8.74
C VAL A 142 -3.42 -11.34 -9.77
N ASP A 143 -4.05 -10.81 -10.81
CA ASP A 143 -3.34 -10.10 -11.86
C ASP A 143 -3.25 -8.60 -11.55
N PHE A 144 -4.36 -7.90 -11.71
CA PHE A 144 -4.41 -6.47 -11.43
C PHE A 144 -5.85 -6.02 -11.19
N GLN A 145 -6.01 -4.78 -10.72
CA GLN A 145 -7.34 -4.23 -10.45
C GLN A 145 -8.17 -4.15 -11.72
N GLY A 146 -9.42 -4.62 -11.63
CA GLY A 146 -10.31 -4.60 -12.78
C GLY A 146 -11.09 -5.90 -12.92
N MET A 147 -10.64 -6.76 -13.82
CA MET A 147 -11.31 -8.03 -14.05
C MET A 147 -10.27 -9.14 -14.19
N GLU A 148 -10.73 -10.39 -14.23
CA GLU A 148 -9.84 -11.54 -14.34
C GLU A 148 -9.03 -11.46 -15.63
N TYR A 149 -9.68 -11.04 -16.72
CA TYR A 149 -9.00 -10.94 -18.01
C TYR A 149 -8.66 -9.48 -18.34
N GLN A 150 -7.39 -9.24 -18.65
CA GLN A 150 -6.94 -7.88 -18.97
C GLN A 150 -6.16 -7.87 -20.28
N GLY A 151 -6.28 -6.78 -21.01
CA GLY A 151 -5.59 -6.64 -22.29
C GLY A 151 -5.21 -5.21 -22.59
N GLY A 152 -5.69 -4.69 -23.71
CA GLY A 152 -5.40 -3.32 -24.08
C GLY A 152 -6.59 -2.41 -23.94
N ASP A 153 -7.59 -2.85 -23.20
CA ASP A 153 -8.79 -2.06 -22.97
C ASP A 153 -8.61 -1.13 -21.78
N ASP A 154 -7.37 -1.01 -21.32
CA ASP A 154 -7.05 -0.15 -20.17
C ASP A 154 -7.82 -0.61 -18.93
N GLU A 155 -7.91 -1.93 -18.75
CA GLU A 155 -8.63 -2.48 -17.60
C GLU A 155 -7.94 -2.12 -16.29
N PHE A 156 -6.61 -2.20 -16.27
CA PHE A 156 -5.85 -1.88 -15.06
C PHE A 156 -5.18 -0.52 -15.17
N PHE A 157 -5.60 0.28 -16.16
CA PHE A 157 -5.05 1.60 -16.36
C PHE A 157 -5.95 2.68 -15.77
N ASP A 158 -5.47 3.35 -14.74
CA ASP A 158 -6.21 4.42 -14.10
C ASP A 158 -5.98 5.74 -14.83
N LEU A 159 -5.39 5.64 -16.02
CA LEU A 159 -5.09 6.79 -16.85
C LEU A 159 -6.35 7.39 -17.47
N ASP A 160 -7.50 6.76 -17.24
CA ASP A 160 -8.75 7.26 -17.79
C ASP A 160 -9.04 8.66 -17.29
N ASP A 161 -8.80 8.89 -16.00
CA ASP A 161 -9.02 10.19 -15.39
C ASP A 161 -8.15 11.24 -16.08
N TYR A 162 -6.91 10.86 -16.38
CA TYR A 162 -5.96 11.76 -17.04
C TYR A 162 -6.54 12.31 -18.34
N LEU A 163 -7.38 11.50 -18.98
CA LEU A 163 -8.00 11.91 -20.24
C LEU A 163 -8.84 13.16 -20.06
N GLU A 164 -9.65 13.18 -19.01
CA GLU A 164 -10.51 14.33 -18.73
C GLU A 164 -9.96 15.15 -17.56
N HIS A 165 -9.85 16.45 -17.76
CA HIS A 165 -9.33 17.35 -16.72
C HIS A 165 -10.47 18.08 -16.02
N ASN A 2 4.07 -9.82 22.78
CA ASN A 2 5.35 -9.62 22.04
C ASN A 2 5.46 -10.57 20.85
N VAL A 3 4.36 -10.70 20.11
CA VAL A 3 4.33 -11.57 18.93
C VAL A 3 5.37 -11.15 17.91
N LYS A 4 5.67 -9.85 17.88
CA LYS A 4 6.64 -9.30 16.93
C LYS A 4 7.88 -10.17 16.83
N PHE A 5 8.38 -10.68 17.95
CA PHE A 5 9.58 -11.50 17.96
C PHE A 5 9.48 -12.64 16.93
N ILE A 6 8.47 -13.49 17.06
CA ILE A 6 8.28 -14.58 16.12
C ILE A 6 7.54 -14.11 14.88
N GLN A 7 6.59 -13.22 15.09
CA GLN A 7 5.78 -12.67 14.00
C GLN A 7 6.68 -12.16 12.88
N GLU A 8 7.68 -11.38 13.26
CA GLU A 8 8.60 -10.80 12.29
C GLU A 8 9.32 -11.87 11.49
N LYS A 9 9.71 -12.93 12.18
CA LYS A 9 10.44 -14.01 11.54
C LYS A 9 9.59 -14.81 10.56
N LYS A 10 8.52 -15.42 11.07
CA LYS A 10 7.65 -16.25 10.24
C LYS A 10 6.88 -15.46 9.20
N LEU A 11 6.16 -14.42 9.63
CA LEU A 11 5.36 -13.63 8.70
C LEU A 11 6.22 -12.96 7.63
N ILE A 12 7.10 -12.08 8.06
CA ILE A 12 7.97 -11.35 7.14
C ILE A 12 8.71 -12.30 6.21
N GLY A 13 9.24 -13.39 6.76
CA GLY A 13 9.96 -14.36 5.95
C GLY A 13 9.03 -15.04 4.96
N ARG A 14 7.82 -15.33 5.41
CA ARG A 14 6.82 -15.98 4.58
C ARG A 14 6.37 -15.06 3.45
N TYR A 15 6.55 -13.76 3.65
CA TYR A 15 6.17 -12.80 2.64
C TYR A 15 7.21 -12.78 1.52
N PHE A 16 8.44 -12.49 1.88
CA PHE A 16 9.52 -12.42 0.91
C PHE A 16 9.84 -13.78 0.30
N ASP A 17 9.55 -14.86 1.02
CA ASP A 17 9.84 -16.19 0.50
C ASP A 17 8.79 -16.60 -0.53
N GLU A 18 7.53 -16.40 -0.19
CA GLU A 18 6.44 -16.74 -1.09
C GLU A 18 6.58 -15.97 -2.40
N ILE A 19 6.96 -14.70 -2.28
CA ILE A 19 7.16 -13.87 -3.45
C ILE A 19 8.30 -14.42 -4.29
N SER A 20 9.32 -14.93 -3.61
CA SER A 20 10.48 -15.51 -4.27
C SER A 20 10.06 -16.67 -5.18
N GLN A 21 8.84 -17.15 -4.97
CA GLN A 21 8.29 -18.27 -5.74
C GLN A 21 7.58 -17.78 -7.01
N ASP A 22 7.73 -16.49 -7.33
CA ASP A 22 7.07 -15.93 -8.50
C ASP A 22 5.57 -16.20 -8.44
N THR A 23 5.05 -16.29 -7.22
CA THR A 23 3.64 -16.56 -6.99
C THR A 23 2.77 -15.33 -7.21
N GLY A 24 3.37 -14.14 -7.15
CA GLY A 24 2.61 -12.92 -7.36
C GLY A 24 1.39 -12.82 -6.45
N LYS A 25 1.43 -13.51 -5.32
CA LYS A 25 0.33 -13.50 -4.37
C LYS A 25 0.62 -12.53 -3.21
N TYR A 26 1.62 -11.67 -3.39
CA TYR A 26 2.00 -10.72 -2.36
C TYR A 26 2.61 -9.47 -3.00
N CYS A 27 2.63 -8.35 -2.28
CA CYS A 27 3.18 -7.11 -2.84
C CYS A 27 3.75 -6.23 -1.73
N PHE A 28 4.51 -5.20 -2.09
CA PHE A 28 5.10 -4.30 -1.11
C PHE A 28 4.74 -2.85 -1.38
N GLY A 29 4.84 -2.03 -0.33
CA GLY A 29 4.54 -0.61 -0.45
C GLY A 29 3.14 -0.27 0.05
N VAL A 30 2.87 1.02 0.14
CA VAL A 30 1.56 1.47 0.61
C VAL A 30 0.50 1.22 -0.46
N GLU A 31 0.71 1.85 -1.62
CA GLU A 31 -0.22 1.70 -2.74
C GLU A 31 -0.60 0.24 -2.97
N ASP A 32 0.39 -0.61 -3.23
CA ASP A 32 0.15 -2.01 -3.47
C ASP A 32 -0.52 -2.69 -2.27
N THR A 33 0.09 -2.53 -1.10
CA THR A 33 -0.44 -3.14 0.12
C THR A 33 -1.87 -2.68 0.37
N LEU A 34 -2.15 -1.40 0.14
CA LEU A 34 -3.49 -0.86 0.34
C LEU A 34 -4.46 -1.42 -0.69
N LYS A 35 -4.08 -1.35 -1.96
CA LYS A 35 -4.93 -1.84 -3.05
C LYS A 35 -5.33 -3.29 -2.85
N ALA A 36 -4.36 -4.14 -2.57
CA ALA A 36 -4.64 -5.56 -2.35
C ALA A 36 -5.50 -5.75 -1.11
N LEU A 37 -5.41 -4.82 -0.16
CA LEU A 37 -6.23 -4.89 1.04
C LEU A 37 -7.66 -4.56 0.68
N GLU A 38 -7.80 -3.59 -0.21
CA GLU A 38 -9.11 -3.17 -0.70
C GLU A 38 -9.68 -4.29 -1.57
N MET A 39 -8.79 -5.08 -2.14
CA MET A 39 -9.15 -6.19 -3.01
C MET A 39 -9.54 -7.42 -2.20
N GLY A 40 -9.31 -7.38 -0.89
CA GLY A 40 -9.64 -8.52 -0.06
C GLY A 40 -8.80 -9.74 -0.43
N ALA A 41 -7.81 -9.51 -1.30
CA ALA A 41 -6.92 -10.57 -1.75
C ALA A 41 -5.87 -10.87 -0.69
N VAL A 42 -5.57 -9.87 0.13
CA VAL A 42 -4.57 -10.02 1.18
C VAL A 42 -5.02 -10.97 2.28
N GLU A 43 -4.12 -11.88 2.64
CA GLU A 43 -4.39 -12.84 3.70
C GLU A 43 -3.84 -12.29 5.01
N ILE A 44 -2.65 -11.70 4.93
CA ILE A 44 -1.99 -11.11 6.09
C ILE A 44 -1.31 -9.79 5.69
N LEU A 45 -1.55 -8.73 6.45
CA LEU A 45 -0.93 -7.45 6.16
C LEU A 45 0.39 -7.30 6.91
N ILE A 46 1.44 -6.89 6.20
CA ILE A 46 2.75 -6.70 6.82
C ILE A 46 3.10 -5.22 6.91
N VAL A 47 2.95 -4.65 8.10
CA VAL A 47 3.24 -3.25 8.34
C VAL A 47 4.08 -3.11 9.60
N TYR A 48 5.16 -2.33 9.58
CA TYR A 48 6.03 -2.21 10.76
C TYR A 48 5.56 -1.13 11.74
N GLU A 49 5.87 -1.36 13.00
CA GLU A 49 5.52 -0.43 14.08
C GLU A 49 6.18 0.92 13.82
N ASN A 50 7.40 0.89 13.31
CA ASN A 50 8.15 2.10 13.01
C ASN A 50 7.94 2.49 11.55
N LEU A 51 6.68 2.71 11.18
CA LEU A 51 6.35 3.10 9.83
C LEU A 51 6.37 4.62 9.67
N ASP A 52 7.23 5.11 8.77
CA ASP A 52 7.36 6.53 8.53
C ASP A 52 6.39 7.02 7.46
N ILE A 53 5.57 6.10 6.93
CA ILE A 53 4.63 6.45 5.88
C ILE A 53 3.25 6.78 6.45
N MET A 54 2.76 7.94 6.05
CA MET A 54 1.46 8.43 6.51
C MET A 54 0.52 8.71 5.33
N ARG A 55 -0.77 8.82 5.63
CA ARG A 55 -1.77 9.08 4.60
C ARG A 55 -2.35 10.48 4.72
N TYR A 56 -2.16 11.28 3.69
CA TYR A 56 -2.66 12.64 3.65
C TYR A 56 -3.60 12.79 2.46
N VAL A 57 -4.73 13.47 2.66
CA VAL A 57 -5.69 13.67 1.59
C VAL A 57 -5.68 15.11 1.09
N LEU A 58 -5.32 15.28 -0.18
CA LEU A 58 -5.23 16.60 -0.80
C LEU A 58 -6.29 16.76 -1.88
N HIS A 59 -6.98 17.91 -1.86
CA HIS A 59 -8.03 18.17 -2.86
C HIS A 59 -7.81 19.51 -3.57
N CYS A 60 -8.18 19.55 -4.85
CA CYS A 60 -8.04 20.76 -5.65
C CYS A 60 -9.41 21.29 -6.07
N GLN A 61 -9.63 22.58 -5.86
CA GLN A 61 -10.90 23.21 -6.22
C GLN A 61 -12.06 22.51 -5.54
N GLY A 62 -11.79 21.81 -4.45
CA GLY A 62 -12.83 21.10 -3.73
C GLY A 62 -12.93 19.65 -4.14
N THR A 63 -13.15 19.39 -5.43
CA THR A 63 -13.27 18.03 -5.93
C THR A 63 -12.85 17.92 -7.39
N GLU A 64 -12.33 18.99 -7.96
CA GLU A 64 -11.90 18.98 -9.37
C GLU A 64 -10.80 17.95 -9.58
N GLU A 65 -9.92 17.81 -8.60
CA GLU A 65 -8.82 16.85 -8.70
C GLU A 65 -8.30 16.52 -7.30
N GLU A 66 -8.67 15.35 -6.80
CA GLU A 66 -8.25 14.93 -5.48
C GLU A 66 -7.00 14.07 -5.55
N LYS A 67 -5.96 14.54 -4.88
CA LYS A 67 -4.69 13.82 -4.83
C LYS A 67 -4.44 13.30 -3.43
N ILE A 68 -4.28 12.00 -3.31
CA ILE A 68 -4.05 11.37 -2.02
C ILE A 68 -2.98 10.30 -2.13
N LEU A 69 -1.81 10.57 -1.59
CA LEU A 69 -0.69 9.63 -1.68
C LEU A 69 0.20 9.67 -0.44
N TYR A 70 1.16 8.75 -0.42
CA TYR A 70 2.11 8.64 0.69
C TYR A 70 3.30 9.58 0.52
N LEU A 71 3.67 10.24 1.61
CA LEU A 71 4.81 11.15 1.61
C LEU A 71 5.73 10.87 2.80
N THR A 72 7.03 10.78 2.51
CA THR A 72 8.03 10.54 3.55
C THR A 72 8.57 11.88 4.05
N PRO A 73 9.43 11.89 5.08
CA PRO A 73 9.97 13.14 5.63
C PRO A 73 10.45 14.11 4.54
N GLU A 74 11.10 13.57 3.51
CA GLU A 74 11.60 14.40 2.41
C GLU A 74 10.49 14.80 1.44
N GLN A 75 9.49 13.94 1.27
CA GLN A 75 8.39 14.21 0.35
C GLN A 75 7.52 15.38 0.84
N GLU A 76 7.06 15.30 2.09
CA GLU A 76 6.21 16.34 2.65
C GLU A 76 6.91 17.70 2.66
N LYS A 77 8.23 17.69 2.84
CA LYS A 77 9.00 18.93 2.87
C LYS A 77 9.25 19.45 1.46
N ASP A 78 9.55 18.55 0.53
CA ASP A 78 9.81 18.93 -0.85
C ASP A 78 8.60 19.62 -1.45
N LYS A 79 7.42 19.09 -1.14
CA LYS A 79 6.14 19.64 -1.61
C LYS A 79 5.96 19.45 -3.12
N SER A 80 6.98 18.94 -3.80
CA SER A 80 6.91 18.73 -5.24
C SER A 80 5.91 17.62 -5.57
N HIS A 81 5.91 16.56 -4.78
CA HIS A 81 5.02 15.43 -5.01
C HIS A 81 3.55 15.84 -4.94
N PHE A 82 3.21 16.72 -3.99
CA PHE A 82 1.83 17.18 -3.84
C PHE A 82 1.36 17.87 -5.12
N THR A 83 2.26 18.65 -5.72
CA THR A 83 1.95 19.39 -6.95
C THR A 83 2.23 18.53 -8.19
N ASP A 84 1.65 18.93 -9.32
CA ASP A 84 1.85 18.21 -10.57
C ASP A 84 2.05 19.16 -11.74
N LYS A 85 2.82 18.72 -12.73
CA LYS A 85 3.09 19.52 -13.92
C LYS A 85 1.88 19.51 -14.85
N GLU A 86 0.87 18.71 -14.51
CA GLU A 86 -0.34 18.59 -15.31
C GLU A 86 -1.48 19.40 -14.70
N THR A 87 -1.16 20.11 -13.63
CA THR A 87 -2.12 20.95 -12.94
C THR A 87 -1.46 22.28 -12.58
N GLY A 88 -0.17 22.19 -12.23
CA GLY A 88 0.59 23.39 -11.88
C GLY A 88 -0.04 24.14 -10.73
N GLN A 89 -0.82 23.45 -9.93
CA GLN A 89 -1.47 24.06 -8.77
C GLN A 89 -1.12 23.31 -7.50
N GLU A 90 -1.29 23.98 -6.36
CA GLU A 90 -1.01 23.36 -5.07
C GLU A 90 -2.29 22.88 -4.42
N HIS A 91 -2.41 21.56 -4.26
CA HIS A 91 -3.58 20.96 -3.65
C HIS A 91 -3.81 21.54 -2.25
N GLU A 92 -4.91 21.14 -1.62
CA GLU A 92 -5.23 21.61 -0.29
C GLU A 92 -5.53 20.42 0.60
N LEU A 93 -4.60 20.11 1.50
CA LEU A 93 -4.78 18.97 2.39
C LEU A 93 -6.03 19.15 3.22
N ILE A 94 -6.81 18.07 3.34
CA ILE A 94 -8.05 18.10 4.09
C ILE A 94 -7.87 17.45 5.46
N GLU A 95 -7.09 16.38 5.50
CA GLU A 95 -6.84 15.67 6.74
C GLU A 95 -5.56 14.85 6.66
N SER A 96 -5.07 14.43 7.82
CA SER A 96 -3.86 13.63 7.93
C SER A 96 -4.11 12.46 8.87
N MET A 97 -3.59 11.29 8.52
CA MET A 97 -3.79 10.12 9.37
C MET A 97 -2.60 9.17 9.34
N PRO A 98 -2.12 8.75 10.53
CA PRO A 98 -1.01 7.81 10.63
C PRO A 98 -1.36 6.50 9.95
N LEU A 99 -0.80 6.29 8.76
CA LEU A 99 -1.07 5.10 7.98
C LEU A 99 -0.95 3.82 8.81
N LEU A 100 0.20 3.61 9.43
CA LEU A 100 0.40 2.42 10.25
C LEU A 100 -0.73 2.30 11.27
N GLU A 101 -1.03 3.41 11.93
CA GLU A 101 -2.09 3.45 12.91
C GLU A 101 -3.42 3.13 12.23
N TRP A 102 -3.59 3.66 11.03
CA TRP A 102 -4.80 3.44 10.24
C TRP A 102 -4.92 1.96 9.87
N PHE A 103 -3.79 1.35 9.51
CA PHE A 103 -3.79 -0.05 9.12
C PHE A 103 -4.37 -0.93 10.22
N ALA A 104 -4.01 -0.62 11.46
CA ALA A 104 -4.50 -1.39 12.60
C ALA A 104 -5.89 -0.96 13.04
N ASN A 105 -6.34 0.20 12.55
CA ASN A 105 -7.64 0.72 12.91
C ASN A 105 -8.80 -0.03 12.25
N ASN A 106 -8.67 -0.34 10.97
CA ASN A 106 -9.76 -1.01 10.25
C ASN A 106 -9.32 -2.25 9.46
N TYR A 107 -8.16 -2.82 9.78
CA TYR A 107 -7.69 -4.00 9.05
C TYR A 107 -8.72 -5.12 9.05
N LYS A 108 -9.68 -5.06 9.97
CA LYS A 108 -10.72 -6.08 10.05
C LYS A 108 -11.72 -5.92 8.91
N LYS A 109 -11.94 -4.66 8.53
CA LYS A 109 -12.88 -4.34 7.46
C LYS A 109 -12.37 -4.84 6.11
N PHE A 110 -11.07 -4.69 5.89
CA PHE A 110 -10.46 -5.13 4.64
C PHE A 110 -10.28 -6.64 4.59
N GLY A 111 -10.36 -7.28 5.75
CA GLY A 111 -10.22 -8.72 5.83
C GLY A 111 -8.76 -9.17 5.80
N ALA A 112 -7.87 -8.27 6.17
CA ALA A 112 -6.44 -8.57 6.20
C ALA A 112 -5.93 -8.60 7.64
N THR A 113 -4.96 -9.46 7.91
CA THR A 113 -4.41 -9.55 9.25
C THR A 113 -3.34 -8.50 9.44
N LEU A 114 -3.67 -7.46 10.19
CA LEU A 114 -2.71 -6.39 10.44
C LEU A 114 -1.66 -6.87 11.42
N GLU A 115 -0.50 -7.20 10.90
CA GLU A 115 0.60 -7.68 11.70
C GLU A 115 1.72 -6.66 11.75
N ILE A 116 2.13 -6.28 12.96
CA ILE A 116 3.19 -5.30 13.11
C ILE A 116 4.55 -5.98 13.19
N VAL A 117 5.57 -5.30 12.68
CA VAL A 117 6.93 -5.84 12.67
C VAL A 117 7.98 -4.73 12.76
N THR A 118 9.22 -5.14 13.02
CA THR A 118 10.33 -4.19 13.14
C THR A 118 11.52 -4.64 12.29
N ASP A 119 12.48 -3.74 12.11
CA ASP A 119 13.67 -4.03 11.32
C ASP A 119 14.77 -4.67 12.17
N LYS A 120 14.48 -4.90 13.45
CA LYS A 120 15.46 -5.51 14.35
C LYS A 120 15.90 -6.88 13.84
N SER A 121 14.94 -7.65 13.33
CA SER A 121 15.23 -8.98 12.81
C SER A 121 15.79 -8.91 11.39
N GLN A 122 16.45 -9.97 10.96
CA GLN A 122 17.03 -10.02 9.63
C GLN A 122 15.94 -9.87 8.56
N GLU A 123 14.80 -10.52 8.81
CA GLU A 123 13.68 -10.45 7.87
C GLU A 123 13.17 -9.03 7.73
N GLY A 124 13.13 -8.31 8.85
CA GLY A 124 12.65 -6.94 8.83
C GLY A 124 13.36 -6.09 7.79
N SER A 125 14.68 -6.22 7.73
CA SER A 125 15.48 -5.46 6.77
C SER A 125 15.05 -5.77 5.34
N GLN A 126 14.76 -7.03 5.08
CA GLN A 126 14.33 -7.47 3.75
C GLN A 126 13.11 -6.68 3.29
N PHE A 127 12.32 -6.22 4.24
CA PHE A 127 11.12 -5.45 3.94
C PHE A 127 11.43 -3.96 3.79
N VAL A 128 12.04 -3.38 4.81
CA VAL A 128 12.38 -1.96 4.81
C VAL A 128 13.39 -1.62 3.71
N LYS A 129 14.47 -2.39 3.66
CA LYS A 129 15.52 -2.16 2.67
C LYS A 129 15.07 -2.52 1.26
N GLY A 130 14.23 -3.55 1.15
CA GLY A 130 13.75 -3.97 -0.15
C GLY A 130 12.51 -3.21 -0.56
N PHE A 131 11.76 -2.73 0.43
CA PHE A 131 10.55 -1.98 0.17
C PHE A 131 10.52 -0.69 0.99
N GLY A 132 9.97 -0.74 2.21
CA GLY A 132 9.90 0.45 3.04
C GLY A 132 9.24 0.19 4.39
N GLY A 133 8.57 -0.96 4.54
CA GLY A 133 7.92 -1.27 5.80
C GLY A 133 6.43 -1.51 5.65
N ILE A 134 5.97 -1.75 4.42
CA ILE A 134 4.56 -2.00 4.14
C ILE A 134 4.43 -3.07 3.06
N GLY A 135 3.67 -4.13 3.35
CA GLY A 135 3.48 -5.19 2.37
C GLY A 135 2.09 -5.76 2.50
N GLY A 136 1.61 -6.47 1.48
CA GLY A 136 0.28 -7.02 1.56
C GLY A 136 0.17 -8.43 1.01
N ILE A 137 0.41 -9.41 1.87
CA ILE A 137 0.33 -10.82 1.49
C ILE A 137 -1.08 -11.16 1.05
N LEU A 138 -1.21 -11.81 -0.11
CA LEU A 138 -2.51 -12.22 -0.63
C LEU A 138 -2.70 -13.71 -0.43
N ARG A 139 -3.96 -14.15 -0.39
CA ARG A 139 -4.28 -15.56 -0.21
C ARG A 139 -3.91 -16.38 -1.44
N TYR A 140 -4.20 -15.81 -2.62
CA TYR A 140 -3.91 -16.49 -3.87
C TYR A 140 -3.62 -15.49 -4.99
N ARG A 141 -3.15 -15.99 -6.12
CA ARG A 141 -2.82 -15.15 -7.25
C ARG A 141 -4.04 -14.38 -7.73
N VAL A 142 -3.86 -13.09 -7.99
CA VAL A 142 -4.96 -12.24 -8.44
C VAL A 142 -4.59 -11.52 -9.74
N ASP A 143 -5.60 -11.14 -10.51
CA ASP A 143 -5.38 -10.44 -11.77
C ASP A 143 -5.34 -8.94 -11.56
N PHE A 144 -6.52 -8.33 -11.41
CA PHE A 144 -6.62 -6.89 -11.21
C PHE A 144 -7.98 -6.51 -10.61
N GLN A 145 -8.13 -5.24 -10.26
CA GLN A 145 -9.38 -4.75 -9.69
C GLN A 145 -10.40 -4.44 -10.79
N GLY A 146 -11.68 -4.58 -10.44
CA GLY A 146 -12.74 -4.31 -11.40
C GLY A 146 -14.04 -3.92 -10.73
N MET A 147 -14.78 -4.92 -10.27
CA MET A 147 -16.06 -4.69 -9.60
C MET A 147 -16.07 -5.36 -8.23
N GLU A 148 -17.03 -4.98 -7.39
CA GLU A 148 -17.14 -5.55 -6.06
C GLU A 148 -17.78 -6.94 -6.12
N TYR A 149 -17.29 -7.84 -5.27
CA TYR A 149 -17.82 -9.20 -5.22
C TYR A 149 -17.60 -9.92 -6.55
N GLN A 150 -16.37 -9.91 -7.04
CA GLN A 150 -16.04 -10.57 -8.30
C GLN A 150 -16.26 -12.07 -8.20
N GLY A 151 -16.81 -12.65 -9.26
CA GLY A 151 -17.07 -14.08 -9.29
C GLY A 151 -17.67 -14.52 -10.61
N GLY A 152 -18.65 -13.75 -11.10
CA GLY A 152 -19.29 -14.07 -12.35
C GLY A 152 -20.10 -12.92 -12.90
N ASP A 153 -19.72 -11.70 -12.57
CA ASP A 153 -20.41 -10.52 -13.05
C ASP A 153 -19.81 -10.05 -14.38
N ASP A 154 -18.97 -10.89 -14.97
CA ASP A 154 -18.32 -10.57 -16.24
C ASP A 154 -17.47 -9.32 -16.13
N GLU A 155 -16.75 -9.18 -15.01
CA GLU A 155 -15.89 -8.02 -14.79
C GLU A 155 -14.82 -7.91 -15.88
N PHE A 156 -14.18 -9.04 -16.17
CA PHE A 156 -13.13 -9.07 -17.18
C PHE A 156 -13.65 -9.53 -18.53
N PHE A 157 -14.95 -9.82 -18.61
CA PHE A 157 -15.56 -10.27 -19.85
C PHE A 157 -16.20 -9.11 -20.60
N ASP A 158 -15.70 -8.85 -21.80
CA ASP A 158 -16.23 -7.79 -22.64
C ASP A 158 -17.64 -8.14 -23.11
N LEU A 159 -18.01 -9.41 -22.90
CA LEU A 159 -19.33 -9.91 -23.28
C LEU A 159 -20.46 -9.13 -22.59
N ASP A 160 -20.10 -8.34 -21.58
CA ASP A 160 -21.10 -7.55 -20.85
C ASP A 160 -21.91 -6.68 -21.81
N ASP A 161 -21.24 -6.10 -22.80
CA ASP A 161 -21.90 -5.25 -23.78
C ASP A 161 -22.82 -6.09 -24.67
N TYR A 162 -22.43 -7.33 -24.92
CA TYR A 162 -23.22 -8.23 -25.75
C TYR A 162 -24.61 -8.42 -25.16
N LEU A 163 -24.68 -8.42 -23.82
CA LEU A 163 -25.93 -8.57 -23.11
C LEU A 163 -26.91 -7.46 -23.47
N GLU A 164 -26.42 -6.22 -23.46
CA GLU A 164 -27.25 -5.07 -23.78
C GLU A 164 -27.81 -5.17 -25.20
N HIS A 165 -26.98 -5.65 -26.12
CA HIS A 165 -27.40 -5.80 -27.51
C HIS A 165 -26.34 -6.57 -28.31
N ASN A 2 7.44 -9.49 23.01
CA ASN A 2 6.15 -9.38 22.27
C ASN A 2 6.13 -10.32 21.07
N VAL A 3 4.93 -10.61 20.58
CA VAL A 3 4.77 -11.50 19.43
C VAL A 3 5.48 -10.94 18.20
N LYS A 4 5.57 -9.62 18.12
CA LYS A 4 6.21 -8.95 17.00
C LYS A 4 7.58 -9.57 16.68
N PHE A 5 8.36 -9.86 17.72
CA PHE A 5 9.69 -10.43 17.53
C PHE A 5 9.64 -11.71 16.69
N ILE A 6 8.75 -12.63 17.07
CA ILE A 6 8.61 -13.88 16.33
C ILE A 6 7.69 -13.72 15.14
N GLN A 7 6.72 -12.83 15.27
CA GLN A 7 5.74 -12.56 14.22
C GLN A 7 6.45 -12.08 12.97
N GLU A 8 7.42 -11.20 13.15
CA GLU A 8 8.18 -10.65 12.04
C GLU A 8 9.04 -11.71 11.36
N LYS A 9 9.32 -12.79 12.07
CA LYS A 9 10.15 -13.85 11.51
C LYS A 9 9.38 -14.71 10.49
N LYS A 10 8.28 -15.32 10.93
CA LYS A 10 7.49 -16.18 10.06
C LYS A 10 6.73 -15.40 8.97
N LEU A 11 6.08 -14.31 9.36
CA LEU A 11 5.30 -13.52 8.40
C LEU A 11 6.17 -12.93 7.30
N ILE A 12 7.11 -12.08 7.71
CA ILE A 12 8.00 -11.41 6.76
C ILE A 12 8.69 -12.40 5.85
N GLY A 13 9.17 -13.51 6.44
CA GLY A 13 9.82 -14.53 5.65
C GLY A 13 8.86 -15.21 4.70
N ARG A 14 7.66 -15.50 5.18
CA ARG A 14 6.64 -16.16 4.39
C ARG A 14 6.21 -15.29 3.21
N TYR A 15 6.44 -14.00 3.32
CA TYR A 15 6.10 -13.08 2.26
C TYR A 15 7.15 -13.14 1.17
N PHE A 16 8.38 -12.84 1.56
CA PHE A 16 9.50 -12.82 0.64
C PHE A 16 9.89 -14.22 0.17
N ASP A 17 9.54 -15.26 0.95
CA ASP A 17 9.88 -16.62 0.56
C ASP A 17 8.92 -17.12 -0.51
N GLU A 18 7.64 -16.81 -0.35
CA GLU A 18 6.65 -17.21 -1.32
C GLU A 18 6.93 -16.53 -2.66
N ILE A 19 7.42 -15.29 -2.57
CA ILE A 19 7.77 -14.52 -3.76
C ILE A 19 8.88 -15.24 -4.51
N SER A 20 9.77 -15.86 -3.76
CA SER A 20 10.90 -16.58 -4.34
C SER A 20 10.41 -17.65 -5.34
N GLN A 21 9.15 -18.04 -5.20
CA GLN A 21 8.56 -19.03 -6.09
C GLN A 21 7.76 -18.37 -7.21
N ASP A 22 7.72 -17.03 -7.22
CA ASP A 22 6.98 -16.29 -8.23
C ASP A 22 5.53 -16.75 -8.27
N THR A 23 5.03 -17.19 -7.11
CA THR A 23 3.65 -17.66 -7.01
C THR A 23 2.66 -16.52 -6.89
N GLY A 24 3.12 -15.35 -6.49
CA GLY A 24 2.22 -14.23 -6.33
C GLY A 24 1.51 -14.27 -4.99
N LYS A 25 0.58 -13.35 -4.80
CA LYS A 25 -0.17 -13.26 -3.54
C LYS A 25 0.58 -12.43 -2.52
N TYR A 26 1.20 -11.35 -2.96
CA TYR A 26 1.95 -10.48 -2.07
C TYR A 26 2.44 -9.26 -2.80
N CYS A 27 2.45 -8.12 -2.11
CA CYS A 27 2.91 -6.87 -2.71
C CYS A 27 3.61 -6.02 -1.67
N PHE A 28 4.33 -5.00 -2.11
CA PHE A 28 5.04 -4.13 -1.18
C PHE A 28 4.71 -2.66 -1.41
N GLY A 29 4.81 -1.87 -0.34
CA GLY A 29 4.52 -0.45 -0.43
C GLY A 29 3.14 -0.12 0.10
N VAL A 30 2.87 1.16 0.26
CA VAL A 30 1.57 1.59 0.75
C VAL A 30 0.48 1.37 -0.28
N GLU A 31 0.58 2.09 -1.39
CA GLU A 31 -0.40 1.99 -2.47
C GLU A 31 -0.75 0.53 -2.77
N ASP A 32 0.26 -0.26 -3.13
CA ASP A 32 0.05 -1.67 -3.45
C ASP A 32 -0.56 -2.43 -2.28
N THR A 33 0.13 -2.40 -1.15
CA THR A 33 -0.33 -3.11 0.04
C THR A 33 -1.76 -2.70 0.40
N LEU A 34 -2.11 -1.44 0.14
CA LEU A 34 -3.45 -0.94 0.43
C LEU A 34 -4.45 -1.43 -0.62
N LYS A 35 -4.09 -1.25 -1.89
CA LYS A 35 -4.96 -1.65 -2.99
C LYS A 35 -5.42 -3.09 -2.85
N ALA A 36 -4.47 -4.00 -2.64
CA ALA A 36 -4.80 -5.41 -2.50
C ALA A 36 -5.72 -5.64 -1.30
N LEU A 37 -5.62 -4.76 -0.29
CA LEU A 37 -6.48 -4.86 0.88
C LEU A 37 -7.89 -4.51 0.47
N GLU A 38 -7.99 -3.49 -0.39
CA GLU A 38 -9.27 -3.04 -0.91
C GLU A 38 -9.84 -4.13 -1.81
N MET A 39 -8.93 -4.88 -2.43
CA MET A 39 -9.29 -5.98 -3.32
C MET A 39 -9.77 -7.20 -2.54
N GLY A 40 -9.59 -7.17 -1.22
CA GLY A 40 -9.99 -8.31 -0.41
C GLY A 40 -9.20 -9.55 -0.77
N ALA A 41 -8.10 -9.34 -1.50
CA ALA A 41 -7.23 -10.41 -1.93
C ALA A 41 -6.19 -10.72 -0.87
N VAL A 42 -5.88 -9.72 -0.05
CA VAL A 42 -4.88 -9.86 1.00
C VAL A 42 -5.29 -10.87 2.07
N GLU A 43 -4.38 -11.80 2.35
CA GLU A 43 -4.60 -12.80 3.37
C GLU A 43 -4.00 -12.29 4.69
N ILE A 44 -2.80 -11.72 4.58
CA ILE A 44 -2.10 -11.17 5.73
C ILE A 44 -1.41 -9.86 5.36
N LEU A 45 -1.45 -8.88 6.27
CA LEU A 45 -0.83 -7.59 6.02
C LEU A 45 0.47 -7.46 6.81
N ILE A 46 1.54 -7.02 6.15
CA ILE A 46 2.84 -6.83 6.81
C ILE A 46 3.16 -5.34 6.88
N VAL A 47 3.03 -4.76 8.07
CA VAL A 47 3.30 -3.34 8.29
C VAL A 47 4.19 -3.19 9.53
N TYR A 48 5.25 -2.38 9.46
CA TYR A 48 6.16 -2.25 10.59
C TYR A 48 5.72 -1.18 11.58
N GLU A 49 6.10 -1.41 12.83
CA GLU A 49 5.79 -0.48 13.92
C GLU A 49 6.47 0.85 13.73
N ASN A 50 7.72 0.80 13.25
CA ASN A 50 8.51 2.01 13.03
C ASN A 50 8.09 2.73 11.74
N LEU A 51 7.09 2.19 11.04
CA LEU A 51 6.60 2.79 9.79
C LEU A 51 6.47 4.31 9.92
N ASP A 52 7.29 5.03 9.14
CA ASP A 52 7.26 6.49 9.16
C ASP A 52 6.34 7.03 8.07
N ILE A 53 5.56 6.16 7.46
CA ILE A 53 4.65 6.56 6.40
C ILE A 53 3.25 6.83 6.94
N MET A 54 2.66 7.93 6.47
CA MET A 54 1.34 8.36 6.91
C MET A 54 0.36 8.52 5.76
N ARG A 55 -0.93 8.55 6.09
CA ARG A 55 -1.98 8.70 5.07
C ARG A 55 -2.62 10.08 5.14
N TYR A 56 -2.47 10.84 4.07
CA TYR A 56 -3.04 12.16 3.99
C TYR A 56 -4.04 12.22 2.85
N VAL A 57 -5.18 12.83 3.10
CA VAL A 57 -6.22 12.92 2.08
C VAL A 57 -6.29 14.31 1.46
N LEU A 58 -6.09 14.36 0.14
CA LEU A 58 -6.12 15.62 -0.60
C LEU A 58 -7.32 15.68 -1.53
N HIS A 59 -8.12 16.74 -1.41
CA HIS A 59 -9.29 16.90 -2.26
C HIS A 59 -9.24 18.21 -3.04
N CYS A 60 -9.70 18.17 -4.29
CA CYS A 60 -9.71 19.34 -5.15
C CYS A 60 -11.13 19.75 -5.53
N GLN A 61 -11.43 21.03 -5.38
CA GLN A 61 -12.76 21.55 -5.71
C GLN A 61 -13.86 20.76 -5.00
N GLY A 62 -13.53 20.23 -3.83
CA GLY A 62 -14.50 19.46 -3.08
C GLY A 62 -14.42 17.97 -3.35
N THR A 63 -14.61 17.59 -4.62
CA THR A 63 -14.56 16.17 -5.00
C THR A 63 -14.27 16.01 -6.49
N GLU A 64 -13.79 17.06 -7.13
CA GLU A 64 -13.48 17.00 -8.56
C GLU A 64 -12.27 16.11 -8.82
N GLU A 65 -11.29 16.19 -7.93
CA GLU A 65 -10.09 15.38 -8.05
C GLU A 65 -9.51 15.06 -6.68
N GLU A 66 -9.83 13.87 -6.18
CA GLU A 66 -9.36 13.45 -4.87
C GLU A 66 -8.09 12.60 -4.98
N LYS A 67 -7.07 13.01 -4.24
CA LYS A 67 -5.80 12.30 -4.24
C LYS A 67 -5.40 11.93 -2.81
N ILE A 68 -5.21 10.64 -2.56
CA ILE A 68 -4.81 10.17 -1.24
C ILE A 68 -3.58 9.29 -1.37
N LEU A 69 -2.43 9.76 -0.93
CA LEU A 69 -1.21 8.98 -1.05
C LEU A 69 -0.27 9.22 0.15
N TYR A 70 0.81 8.45 0.16
CA TYR A 70 1.81 8.53 1.23
C TYR A 70 2.84 9.63 0.97
N LEU A 71 3.37 10.19 2.04
CA LEU A 71 4.39 11.23 1.97
C LEU A 71 5.35 11.11 3.15
N THR A 72 6.65 11.14 2.86
CA THR A 72 7.66 11.05 3.91
C THR A 72 8.03 12.44 4.41
N PRO A 73 8.79 12.54 5.51
CA PRO A 73 9.20 13.83 6.07
C PRO A 73 9.68 14.82 5.01
N GLU A 74 10.43 14.32 4.03
CA GLU A 74 10.95 15.17 2.96
C GLU A 74 9.87 15.47 1.91
N GLN A 75 9.01 14.48 1.64
CA GLN A 75 7.96 14.63 0.65
C GLN A 75 6.95 15.70 1.09
N GLU A 76 6.34 15.49 2.25
CA GLU A 76 5.35 16.42 2.78
C GLU A 76 5.97 17.80 3.00
N LYS A 77 7.25 17.82 3.35
CA LYS A 77 7.96 19.07 3.58
C LYS A 77 8.03 19.89 2.30
N ASP A 78 8.37 19.22 1.21
CA ASP A 78 8.48 19.87 -0.10
C ASP A 78 7.12 20.41 -0.54
N LYS A 79 6.08 19.61 -0.33
CA LYS A 79 4.71 19.97 -0.72
C LYS A 79 4.53 20.02 -2.24
N SER A 80 5.60 19.76 -2.98
CA SER A 80 5.52 19.78 -4.44
C SER A 80 4.78 18.55 -4.95
N HIS A 81 4.96 17.43 -4.27
CA HIS A 81 4.32 16.18 -4.64
C HIS A 81 2.79 16.30 -4.56
N PHE A 82 2.30 17.00 -3.54
CA PHE A 82 0.86 17.19 -3.37
C PHE A 82 0.23 17.76 -4.64
N THR A 83 0.93 18.72 -5.24
CA THR A 83 0.46 19.37 -6.46
C THR A 83 0.73 18.51 -7.70
N ASP A 84 0.09 18.88 -8.81
CA ASP A 84 0.27 18.14 -10.06
C ASP A 84 0.33 19.09 -11.25
N LYS A 85 1.09 18.69 -12.27
CA LYS A 85 1.23 19.49 -13.49
C LYS A 85 0.00 19.36 -14.37
N GLU A 86 -0.93 18.49 -13.97
CA GLU A 86 -2.16 18.27 -14.73
C GLU A 86 -3.33 19.03 -14.12
N THR A 87 -3.04 19.77 -13.06
CA THR A 87 -4.03 20.57 -12.37
C THR A 87 -3.43 21.93 -12.02
N GLY A 88 -2.15 21.92 -11.68
CA GLY A 88 -1.45 23.14 -11.32
C GLY A 88 -2.12 23.86 -10.17
N GLN A 89 -2.85 23.10 -9.35
CA GLN A 89 -3.53 23.66 -8.20
C GLN A 89 -3.09 22.97 -6.91
N GLU A 90 -3.27 23.65 -5.79
CA GLU A 90 -2.90 23.08 -4.50
C GLU A 90 -4.09 22.38 -3.87
N HIS A 91 -3.94 21.08 -3.62
CA HIS A 91 -5.01 20.29 -3.02
C HIS A 91 -5.36 20.83 -1.64
N GLU A 92 -6.49 20.37 -1.10
CA GLU A 92 -6.94 20.78 0.21
C GLU A 92 -6.99 19.57 1.13
N LEU A 93 -5.95 19.41 1.95
CA LEU A 93 -5.89 18.27 2.84
C LEU A 93 -7.08 18.26 3.78
N ILE A 94 -7.77 17.13 3.85
CA ILE A 94 -8.94 16.98 4.70
C ILE A 94 -8.57 16.40 6.07
N GLU A 95 -7.61 15.49 6.07
CA GLU A 95 -7.16 14.85 7.30
C GLU A 95 -5.79 14.21 7.11
N SER A 96 -5.12 13.92 8.22
CA SER A 96 -3.80 13.31 8.18
C SER A 96 -3.57 12.45 9.42
N MET A 97 -3.32 11.16 9.21
CA MET A 97 -3.09 10.26 10.34
C MET A 97 -1.98 9.24 10.08
N PRO A 98 -1.36 8.73 11.16
CA PRO A 98 -0.30 7.72 11.07
C PRO A 98 -0.80 6.46 10.38
N LEU A 99 -0.38 6.29 9.14
CA LEU A 99 -0.78 5.15 8.33
C LEU A 99 -0.72 3.84 9.10
N LEU A 100 0.43 3.57 9.73
CA LEU A 100 0.58 2.35 10.51
C LEU A 100 -0.58 2.23 11.49
N GLU A 101 -0.91 3.34 12.15
CA GLU A 101 -2.01 3.37 13.08
C GLU A 101 -3.31 3.11 12.33
N TRP A 102 -3.41 3.70 11.14
CA TRP A 102 -4.59 3.54 10.31
C TRP A 102 -4.78 2.06 9.94
N PHE A 103 -3.68 1.39 9.61
CA PHE A 103 -3.71 -0.01 9.23
C PHE A 103 -4.36 -0.87 10.32
N ALA A 104 -4.04 -0.57 11.57
CA ALA A 104 -4.59 -1.33 12.69
C ALA A 104 -5.97 -0.84 13.08
N ASN A 105 -6.40 0.27 12.49
CA ASN A 105 -7.70 0.85 12.80
C ASN A 105 -8.86 0.01 12.28
N ASN A 106 -8.81 -0.35 10.99
CA ASN A 106 -9.91 -1.10 10.39
C ASN A 106 -9.45 -2.31 9.57
N TYR A 107 -8.27 -2.86 9.84
CA TYR A 107 -7.77 -4.01 9.09
C TYR A 107 -8.74 -5.18 9.17
N LYS A 108 -9.66 -5.14 10.13
CA LYS A 108 -10.64 -6.20 10.28
C LYS A 108 -11.70 -6.10 9.19
N LYS A 109 -12.00 -4.88 8.78
CA LYS A 109 -12.99 -4.62 7.74
C LYS A 109 -12.52 -5.14 6.39
N PHE A 110 -11.24 -4.96 6.11
CA PHE A 110 -10.65 -5.40 4.85
C PHE A 110 -10.44 -6.92 4.83
N GLY A 111 -10.48 -7.53 6.01
CA GLY A 111 -10.29 -8.97 6.10
C GLY A 111 -8.83 -9.36 5.99
N ALA A 112 -7.94 -8.40 6.24
CA ALA A 112 -6.51 -8.65 6.17
C ALA A 112 -5.94 -8.73 7.58
N THR A 113 -4.97 -9.63 7.78
CA THR A 113 -4.34 -9.78 9.07
C THR A 113 -3.30 -8.70 9.27
N LEU A 114 -3.64 -7.67 10.02
CA LEU A 114 -2.70 -6.59 10.26
C LEU A 114 -1.68 -7.00 11.30
N GLU A 115 -0.49 -7.33 10.82
CA GLU A 115 0.58 -7.75 11.70
C GLU A 115 1.67 -6.70 11.75
N ILE A 116 2.23 -6.48 12.94
CA ILE A 116 3.27 -5.49 13.11
C ILE A 116 4.64 -6.14 13.19
N VAL A 117 5.64 -5.44 12.66
CA VAL A 117 7.02 -5.93 12.66
C VAL A 117 8.01 -4.77 12.69
N THR A 118 9.27 -5.07 13.00
CA THR A 118 10.30 -4.04 13.08
C THR A 118 11.55 -4.45 12.30
N ASP A 119 12.46 -3.48 12.13
CA ASP A 119 13.70 -3.73 11.42
C ASP A 119 14.78 -4.35 12.32
N LYS A 120 14.40 -4.63 13.56
CA LYS A 120 15.34 -5.23 14.51
C LYS A 120 15.86 -6.57 14.01
N SER A 121 14.95 -7.35 13.40
CA SER A 121 15.31 -8.66 12.88
C SER A 121 15.86 -8.53 11.46
N GLN A 122 16.67 -9.50 11.05
CA GLN A 122 17.27 -9.50 9.73
C GLN A 122 16.19 -9.51 8.64
N GLU A 123 15.18 -10.35 8.83
CA GLU A 123 14.09 -10.46 7.88
C GLU A 123 13.37 -9.13 7.70
N GLY A 124 13.19 -8.41 8.79
CA GLY A 124 12.52 -7.13 8.74
C GLY A 124 13.18 -6.16 7.78
N SER A 125 14.51 -6.14 7.77
CA SER A 125 15.26 -5.26 6.89
C SER A 125 14.92 -5.56 5.43
N GLN A 126 14.78 -6.84 5.12
CA GLN A 126 14.46 -7.28 3.77
C GLN A 126 13.19 -6.59 3.26
N PHE A 127 12.33 -6.18 4.18
CA PHE A 127 11.10 -5.50 3.84
C PHE A 127 11.31 -4.00 3.67
N VAL A 128 11.89 -3.37 4.70
CA VAL A 128 12.14 -1.94 4.68
C VAL A 128 13.15 -1.55 3.60
N LYS A 129 14.26 -2.28 3.56
CA LYS A 129 15.31 -2.00 2.57
C LYS A 129 14.85 -2.38 1.17
N GLY A 130 14.07 -3.46 1.08
CA GLY A 130 13.59 -3.91 -0.21
C GLY A 130 12.28 -3.26 -0.60
N PHE A 131 11.54 -2.77 0.40
CA PHE A 131 10.26 -2.12 0.15
C PHE A 131 10.15 -0.80 0.91
N GLY A 132 9.60 -0.83 2.13
CA GLY A 132 9.45 0.39 2.91
C GLY A 132 8.53 0.21 4.10
N GLY A 133 8.76 -0.86 4.85
CA GLY A 133 7.98 -1.13 6.05
C GLY A 133 6.50 -1.35 5.78
N ILE A 134 6.13 -1.58 4.52
CA ILE A 134 4.74 -1.82 4.16
C ILE A 134 4.66 -2.90 3.09
N GLY A 135 4.00 -4.00 3.39
CA GLY A 135 3.86 -5.07 2.43
C GLY A 135 2.58 -5.83 2.66
N GLY A 136 2.22 -6.70 1.73
CA GLY A 136 1.01 -7.45 1.89
C GLY A 136 1.07 -8.80 1.22
N ILE A 137 0.23 -9.71 1.69
CA ILE A 137 0.15 -11.06 1.15
C ILE A 137 -1.32 -11.37 0.82
N LEU A 138 -1.57 -11.95 -0.34
CA LEU A 138 -2.93 -12.27 -0.76
C LEU A 138 -3.25 -13.73 -0.47
N ARG A 139 -4.52 -14.07 -0.57
CA ARG A 139 -4.98 -15.45 -0.31
C ARG A 139 -4.81 -16.32 -1.55
N TYR A 140 -5.13 -15.76 -2.72
CA TYR A 140 -5.02 -16.50 -3.97
C TYR A 140 -4.30 -15.68 -5.04
N ARG A 141 -3.66 -16.37 -5.97
CA ARG A 141 -2.93 -15.70 -7.05
C ARG A 141 -3.86 -14.76 -7.82
N VAL A 142 -3.44 -13.49 -7.92
CA VAL A 142 -4.25 -12.49 -8.63
C VAL A 142 -3.41 -11.76 -9.68
N ASP A 143 -4.08 -11.16 -10.64
CA ASP A 143 -3.40 -10.42 -11.70
C ASP A 143 -3.41 -8.92 -11.41
N PHE A 144 -2.30 -8.42 -10.89
CA PHE A 144 -2.18 -7.01 -10.57
C PHE A 144 -1.57 -6.23 -11.73
N GLN A 145 -1.22 -6.92 -12.80
CA GLN A 145 -0.62 -6.28 -13.97
C GLN A 145 -1.57 -5.25 -14.57
N GLY A 146 -2.86 -5.58 -14.61
CA GLY A 146 -3.84 -4.67 -15.17
C GLY A 146 -4.87 -4.23 -14.14
N MET A 147 -6.04 -3.81 -14.63
CA MET A 147 -7.12 -3.36 -13.76
C MET A 147 -8.09 -4.49 -13.47
N GLU A 148 -9.02 -4.25 -12.55
CA GLU A 148 -10.01 -5.26 -12.18
C GLU A 148 -10.85 -5.68 -13.38
N TYR A 149 -11.31 -6.93 -13.37
CA TYR A 149 -12.13 -7.45 -14.45
C TYR A 149 -11.36 -7.48 -15.77
N GLN A 150 -10.15 -8.03 -15.73
CA GLN A 150 -9.31 -8.14 -16.92
C GLN A 150 -9.95 -9.03 -17.97
N GLY A 151 -9.84 -8.63 -19.23
CA GLY A 151 -10.42 -9.42 -20.31
C GLY A 151 -11.69 -8.80 -20.88
N GLY A 152 -11.62 -8.39 -22.14
CA GLY A 152 -12.78 -7.78 -22.78
C GLY A 152 -12.77 -6.27 -22.70
N ASP A 153 -12.20 -5.75 -21.62
CA ASP A 153 -12.11 -4.31 -21.43
C ASP A 153 -10.89 -3.74 -22.15
N ASP A 154 -10.33 -4.54 -23.06
CA ASP A 154 -9.15 -4.13 -23.82
C ASP A 154 -7.98 -3.85 -22.89
N GLU A 155 -7.93 -4.60 -21.78
CA GLU A 155 -6.86 -4.44 -20.81
C GLU A 155 -5.49 -4.70 -21.43
N PHE A 156 -5.40 -5.77 -22.20
CA PHE A 156 -4.15 -6.13 -22.87
C PHE A 156 -4.02 -5.47 -24.23
N PHE A 157 -5.07 -4.77 -24.65
CA PHE A 157 -5.08 -4.09 -25.93
C PHE A 157 -4.63 -2.63 -25.80
N ASP A 158 -3.46 -2.33 -26.33
CA ASP A 158 -2.93 -0.97 -26.29
C ASP A 158 -3.72 -0.06 -27.21
N LEU A 159 -4.60 -0.66 -28.01
CA LEU A 159 -5.44 0.07 -28.94
C LEU A 159 -6.27 1.15 -28.24
N ASP A 160 -6.36 1.08 -26.92
CA ASP A 160 -7.14 2.04 -26.15
C ASP A 160 -6.66 3.46 -26.45
N ASP A 161 -5.35 3.63 -26.58
CA ASP A 161 -4.77 4.94 -26.87
C ASP A 161 -5.10 5.36 -28.30
N TYR A 162 -5.22 4.38 -29.19
CA TYR A 162 -5.55 4.64 -30.58
C TYR A 162 -6.88 5.38 -30.70
N LEU A 163 -7.79 5.06 -29.78
CA LEU A 163 -9.10 5.69 -29.77
C LEU A 163 -8.98 7.20 -29.58
N GLU A 164 -8.16 7.61 -28.62
CA GLU A 164 -7.95 9.03 -28.34
C GLU A 164 -6.97 9.64 -29.33
N HIS A 165 -7.36 10.75 -29.92
CA HIS A 165 -6.51 11.44 -30.89
C HIS A 165 -6.99 12.87 -31.13
N ASN A 2 4.62 -10.12 22.98
CA ASN A 2 5.97 -10.14 22.34
C ASN A 2 5.98 -11.02 21.09
N VAL A 3 4.81 -11.20 20.48
CA VAL A 3 4.70 -12.02 19.28
C VAL A 3 5.46 -11.40 18.12
N LYS A 4 5.52 -10.07 18.11
CA LYS A 4 6.21 -9.34 17.04
C LYS A 4 7.57 -9.95 16.72
N PHE A 5 8.36 -10.21 17.76
CA PHE A 5 9.69 -10.78 17.58
C PHE A 5 9.67 -11.99 16.66
N ILE A 6 8.83 -12.97 16.99
CA ILE A 6 8.72 -14.18 16.18
C ILE A 6 7.84 -13.94 14.96
N GLN A 7 6.89 -13.02 15.11
CA GLN A 7 5.98 -12.68 14.03
C GLN A 7 6.76 -12.21 12.81
N GLU A 8 7.77 -11.40 13.06
CA GLU A 8 8.61 -10.85 12.00
C GLU A 8 9.28 -11.94 11.19
N LYS A 9 9.74 -12.97 11.88
CA LYS A 9 10.44 -14.05 11.22
C LYS A 9 9.54 -14.86 10.27
N LYS A 10 8.48 -15.44 10.81
CA LYS A 10 7.57 -16.26 10.01
C LYS A 10 6.80 -15.46 8.95
N LEU A 11 6.14 -14.40 9.37
CA LEU A 11 5.35 -13.59 8.44
C LEU A 11 6.21 -12.97 7.35
N ILE A 12 7.10 -12.09 7.76
CA ILE A 12 7.99 -11.38 6.83
C ILE A 12 8.71 -12.36 5.92
N GLY A 13 9.16 -13.48 6.47
CA GLY A 13 9.86 -14.47 5.68
C GLY A 13 8.95 -15.14 4.66
N ARG A 14 7.72 -15.40 5.06
CA ARG A 14 6.73 -16.04 4.18
C ARG A 14 6.38 -15.14 3.00
N TYR A 15 6.63 -13.86 3.17
CA TYR A 15 6.35 -12.91 2.12
C TYR A 15 7.43 -12.97 1.04
N PHE A 16 8.66 -12.71 1.46
CA PHE A 16 9.78 -12.69 0.55
C PHE A 16 10.19 -14.10 0.09
N ASP A 17 9.85 -15.14 0.85
CA ASP A 17 10.21 -16.50 0.47
C ASP A 17 9.21 -17.07 -0.53
N GLU A 18 7.94 -16.91 -0.23
CA GLU A 18 6.89 -17.41 -1.11
C GLU A 18 7.00 -16.74 -2.47
N ILE A 19 7.31 -15.44 -2.47
CA ILE A 19 7.49 -14.69 -3.70
C ILE A 19 8.66 -15.26 -4.50
N SER A 20 9.68 -15.73 -3.77
CA SER A 20 10.86 -16.32 -4.39
C SER A 20 10.48 -17.52 -5.25
N GLN A 21 9.28 -18.05 -5.01
CA GLN A 21 8.78 -19.20 -5.76
C GLN A 21 8.01 -18.77 -7.01
N ASP A 22 7.99 -17.46 -7.28
CA ASP A 22 7.27 -16.95 -8.44
C ASP A 22 5.79 -17.29 -8.33
N THR A 23 5.31 -17.43 -7.10
CA THR A 23 3.91 -17.75 -6.84
C THR A 23 3.10 -16.52 -6.47
N GLY A 24 3.72 -15.34 -6.59
CA GLY A 24 3.02 -14.11 -6.25
C GLY A 24 2.33 -14.21 -4.92
N LYS A 25 1.15 -13.60 -4.81
CA LYS A 25 0.38 -13.61 -3.56
C LYS A 25 1.01 -12.68 -2.54
N TYR A 26 1.75 -11.67 -3.00
CA TYR A 26 2.39 -10.72 -2.10
C TYR A 26 2.65 -9.40 -2.81
N CYS A 27 2.64 -8.32 -2.04
CA CYS A 27 2.90 -6.99 -2.60
C CYS A 27 3.53 -6.09 -1.55
N PHE A 28 4.27 -5.07 -1.98
CA PHE A 28 4.92 -4.17 -1.03
C PHE A 28 4.58 -2.72 -1.30
N GLY A 29 4.66 -1.90 -0.26
CA GLY A 29 4.35 -0.49 -0.39
C GLY A 29 2.99 -0.15 0.18
N VAL A 30 2.71 1.13 0.27
CA VAL A 30 1.43 1.59 0.80
C VAL A 30 0.33 1.37 -0.22
N GLU A 31 0.46 2.05 -1.36
CA GLU A 31 -0.52 1.96 -2.43
C GLU A 31 -0.91 0.51 -2.70
N ASP A 32 0.08 -0.32 -3.04
CA ASP A 32 -0.17 -1.72 -3.34
C ASP A 32 -0.80 -2.45 -2.14
N THR A 33 -0.13 -2.37 -0.99
CA THR A 33 -0.63 -3.04 0.21
C THR A 33 -2.05 -2.59 0.53
N LEU A 34 -2.32 -1.31 0.34
CA LEU A 34 -3.65 -0.77 0.60
C LEU A 34 -4.65 -1.28 -0.44
N LYS A 35 -4.30 -1.13 -1.71
CA LYS A 35 -5.18 -1.57 -2.80
C LYS A 35 -5.56 -3.03 -2.64
N ALA A 36 -4.56 -3.88 -2.41
CA ALA A 36 -4.80 -5.31 -2.23
C ALA A 36 -5.71 -5.54 -1.04
N LEU A 37 -5.63 -4.66 -0.04
CA LEU A 37 -6.48 -4.76 1.13
C LEU A 37 -7.92 -4.46 0.73
N GLU A 38 -8.05 -3.47 -0.14
CA GLU A 38 -9.35 -3.08 -0.66
C GLU A 38 -9.88 -4.16 -1.58
N MET A 39 -8.93 -4.90 -2.17
CA MET A 39 -9.22 -5.99 -3.09
C MET A 39 -9.65 -7.26 -2.37
N GLY A 40 -9.41 -7.31 -1.06
CA GLY A 40 -9.75 -8.50 -0.31
C GLY A 40 -8.83 -9.67 -0.68
N ALA A 41 -7.89 -9.40 -1.59
CA ALA A 41 -6.93 -10.39 -2.04
C ALA A 41 -5.95 -10.72 -0.93
N VAL A 42 -5.70 -9.74 -0.07
CA VAL A 42 -4.77 -9.90 1.04
C VAL A 42 -5.25 -10.89 2.09
N GLU A 43 -4.37 -11.81 2.45
CA GLU A 43 -4.68 -12.80 3.47
C GLU A 43 -4.09 -12.33 4.80
N ILE A 44 -2.88 -11.78 4.72
CA ILE A 44 -2.18 -11.26 5.89
C ILE A 44 -1.48 -9.94 5.54
N LEU A 45 -1.74 -8.89 6.30
CA LEU A 45 -1.11 -7.60 6.07
C LEU A 45 0.16 -7.47 6.90
N ILE A 46 1.20 -6.90 6.30
CA ILE A 46 2.46 -6.71 6.99
C ILE A 46 2.86 -5.24 6.98
N VAL A 47 2.79 -4.62 8.16
CA VAL A 47 3.11 -3.20 8.32
C VAL A 47 4.01 -3.04 9.55
N TYR A 48 5.09 -2.28 9.45
CA TYR A 48 6.02 -2.16 10.57
C TYR A 48 5.64 -1.07 11.56
N GLU A 49 6.00 -1.32 12.81
CA GLU A 49 5.75 -0.39 13.92
C GLU A 49 6.47 0.93 13.68
N ASN A 50 7.70 0.84 13.17
CA ASN A 50 8.52 2.02 12.92
C ASN A 50 8.09 2.73 11.64
N LEU A 51 7.07 2.21 10.96
CA LEU A 51 6.59 2.81 9.71
C LEU A 51 6.48 4.33 9.83
N ASP A 52 7.25 5.02 9.00
CA ASP A 52 7.24 6.48 8.99
C ASP A 52 6.35 7.02 7.87
N ILE A 53 5.57 6.13 7.27
CA ILE A 53 4.68 6.51 6.17
C ILE A 53 3.29 6.87 6.69
N MET A 54 2.81 8.02 6.24
CA MET A 54 1.50 8.52 6.67
C MET A 54 0.59 8.79 5.47
N ARG A 55 -0.71 8.94 5.76
CA ARG A 55 -1.68 9.19 4.72
C ARG A 55 -2.22 10.61 4.80
N TYR A 56 -1.92 11.40 3.78
CA TYR A 56 -2.38 12.77 3.72
C TYR A 56 -3.25 12.95 2.48
N VAL A 57 -4.35 13.66 2.61
CA VAL A 57 -5.24 13.86 1.48
C VAL A 57 -5.13 15.28 0.91
N LEU A 58 -4.75 15.36 -0.36
CA LEU A 58 -4.57 16.64 -1.04
C LEU A 58 -5.63 16.86 -2.11
N HIS A 59 -6.28 18.02 -2.08
CA HIS A 59 -7.31 18.36 -3.07
C HIS A 59 -6.93 19.62 -3.83
N CYS A 60 -7.18 19.61 -5.13
CA CYS A 60 -6.86 20.75 -5.98
C CYS A 60 -8.13 21.50 -6.39
N GLN A 61 -8.15 22.81 -6.12
CA GLN A 61 -9.29 23.65 -6.46
C GLN A 61 -10.61 23.03 -6.01
N GLY A 62 -10.56 22.27 -4.93
CA GLY A 62 -11.77 21.64 -4.41
C GLY A 62 -11.78 20.14 -4.61
N THR A 63 -12.07 19.69 -5.84
CA THR A 63 -12.11 18.26 -6.13
C THR A 63 -11.84 17.96 -7.61
N GLU A 64 -11.41 18.97 -8.37
CA GLU A 64 -11.13 18.77 -9.79
C GLU A 64 -9.96 17.80 -9.98
N GLU A 65 -9.13 17.68 -8.95
CA GLU A 65 -7.99 16.79 -9.00
C GLU A 65 -7.54 16.41 -7.59
N GLU A 66 -8.00 15.27 -7.11
CA GLU A 66 -7.67 14.81 -5.77
C GLU A 66 -6.47 13.88 -5.79
N LYS A 67 -5.47 14.20 -4.98
CA LYS A 67 -4.26 13.40 -4.88
C LYS A 67 -4.02 12.94 -3.45
N ILE A 68 -4.00 11.63 -3.24
CA ILE A 68 -3.75 11.08 -1.92
C ILE A 68 -2.61 10.07 -2.00
N LEU A 69 -1.46 10.40 -1.44
CA LEU A 69 -0.32 9.50 -1.51
C LEU A 69 0.53 9.57 -0.24
N TYR A 70 1.50 8.69 -0.16
CA TYR A 70 2.42 8.62 0.98
C TYR A 70 3.63 9.53 0.81
N LEU A 71 4.02 10.17 1.89
CA LEU A 71 5.18 11.05 1.88
C LEU A 71 6.07 10.76 3.09
N THR A 72 7.38 10.62 2.83
CA THR A 72 8.35 10.37 3.89
C THR A 72 8.88 11.69 4.42
N PRO A 73 9.70 11.68 5.49
CA PRO A 73 10.24 12.91 6.06
C PRO A 73 10.75 13.88 4.99
N GLU A 74 11.47 13.34 4.01
CA GLU A 74 12.01 14.16 2.93
C GLU A 74 10.91 14.67 2.00
N GLN A 75 9.94 13.80 1.70
CA GLN A 75 8.85 14.17 0.81
C GLN A 75 8.01 15.31 1.40
N GLU A 76 7.50 15.13 2.61
CA GLU A 76 6.68 16.15 3.26
C GLU A 76 7.43 17.46 3.44
N LYS A 77 8.70 17.40 3.79
CA LYS A 77 9.49 18.60 4.00
C LYS A 77 9.83 19.28 2.67
N ASP A 78 10.08 18.47 1.64
CA ASP A 78 10.40 19.01 0.32
C ASP A 78 9.25 19.86 -0.20
N LYS A 79 8.03 19.36 -0.02
CA LYS A 79 6.81 20.05 -0.46
C LYS A 79 6.65 20.06 -1.98
N SER A 80 7.71 19.73 -2.71
CA SER A 80 7.66 19.71 -4.16
C SER A 80 6.79 18.56 -4.66
N HIS A 81 6.86 17.42 -3.97
CA HIS A 81 6.08 16.25 -4.36
C HIS A 81 4.58 16.54 -4.34
N PHE A 82 4.13 17.29 -3.34
CA PHE A 82 2.71 17.64 -3.23
C PHE A 82 2.25 18.41 -4.47
N THR A 83 3.15 19.26 -4.99
CA THR A 83 2.85 20.05 -6.17
C THR A 83 3.21 19.29 -7.45
N ASP A 84 2.71 19.76 -8.59
CA ASP A 84 3.00 19.12 -9.87
C ASP A 84 3.20 20.13 -10.98
N LYS A 85 4.03 19.77 -11.95
CA LYS A 85 4.30 20.64 -13.09
C LYS A 85 3.14 20.62 -14.08
N GLU A 86 2.15 19.76 -13.82
CA GLU A 86 0.98 19.63 -14.68
C GLU A 86 -0.22 20.35 -14.07
N THR A 87 0.02 21.02 -12.96
CA THR A 87 -1.00 21.79 -12.26
C THR A 87 -0.41 23.11 -11.82
N GLY A 88 0.85 23.06 -11.41
CA GLY A 88 1.54 24.26 -10.96
C GLY A 88 0.80 24.96 -9.84
N GLN A 89 0.01 24.19 -9.11
CA GLN A 89 -0.76 24.74 -8.00
C GLN A 89 -0.39 24.03 -6.70
N GLU A 90 -0.58 24.71 -5.58
CA GLU A 90 -0.29 24.11 -4.28
C GLU A 90 -1.49 23.33 -3.79
N HIS A 91 -1.31 22.04 -3.57
CA HIS A 91 -2.39 21.19 -3.10
C HIS A 91 -2.89 21.68 -1.74
N GLU A 92 -4.13 21.33 -1.41
CA GLU A 92 -4.72 21.74 -0.15
C GLU A 92 -5.06 20.52 0.68
N LEU A 93 -4.18 20.19 1.61
CA LEU A 93 -4.40 19.03 2.45
C LEU A 93 -5.70 19.16 3.23
N ILE A 94 -6.49 18.10 3.21
CA ILE A 94 -7.78 18.09 3.90
C ILE A 94 -7.67 17.48 5.29
N GLU A 95 -6.82 16.47 5.42
CA GLU A 95 -6.62 15.79 6.68
C GLU A 95 -5.34 14.96 6.66
N SER A 96 -4.90 14.54 7.83
CA SER A 96 -3.70 13.73 7.97
C SER A 96 -3.96 12.59 8.94
N MET A 97 -3.53 11.38 8.56
CA MET A 97 -3.75 10.22 9.43
C MET A 97 -2.54 9.28 9.43
N PRO A 98 -2.09 8.86 10.63
CA PRO A 98 -0.97 7.93 10.76
C PRO A 98 -1.30 6.61 10.07
N LEU A 99 -0.70 6.39 8.92
CA LEU A 99 -0.94 5.19 8.13
C LEU A 99 -0.80 3.91 8.95
N LEU A 100 0.37 3.68 9.54
CA LEU A 100 0.57 2.47 10.34
C LEU A 100 -0.56 2.35 11.35
N GLU A 101 -0.88 3.46 12.00
CA GLU A 101 -1.95 3.49 12.97
C GLU A 101 -3.27 3.16 12.28
N TRP A 102 -3.43 3.69 11.07
CA TRP A 102 -4.63 3.45 10.27
C TRP A 102 -4.75 1.97 9.91
N PHE A 103 -3.64 1.36 9.53
CA PHE A 103 -3.63 -0.04 9.15
C PHE A 103 -4.22 -0.92 10.25
N ALA A 104 -3.85 -0.64 11.49
CA ALA A 104 -4.34 -1.40 12.64
C ALA A 104 -5.73 -0.94 13.08
N ASN A 105 -6.17 0.20 12.58
CA ASN A 105 -7.46 0.75 12.95
C ASN A 105 -8.63 -0.01 12.31
N ASN A 106 -8.53 -0.30 11.02
CA ASN A 106 -9.63 -0.98 10.33
C ASN A 106 -9.20 -2.20 9.52
N TYR A 107 -8.02 -2.76 9.80
CA TYR A 107 -7.55 -3.93 9.06
C TYR A 107 -8.58 -5.07 9.05
N LYS A 108 -9.53 -5.01 9.97
CA LYS A 108 -10.57 -6.03 10.04
C LYS A 108 -11.58 -5.85 8.91
N LYS A 109 -11.78 -4.59 8.53
CA LYS A 109 -12.72 -4.25 7.47
C LYS A 109 -12.25 -4.78 6.13
N PHE A 110 -10.94 -4.68 5.89
CA PHE A 110 -10.35 -5.15 4.64
C PHE A 110 -10.15 -6.66 4.64
N GLY A 111 -10.29 -7.28 5.80
CA GLY A 111 -10.12 -8.72 5.90
C GLY A 111 -8.67 -9.14 5.84
N ALA A 112 -7.77 -8.22 6.16
CA ALA A 112 -6.35 -8.49 6.15
C ALA A 112 -5.80 -8.58 7.57
N THR A 113 -4.90 -9.52 7.80
CA THR A 113 -4.30 -9.68 9.12
C THR A 113 -3.22 -8.64 9.31
N LEU A 114 -3.54 -7.58 10.03
CA LEU A 114 -2.58 -6.52 10.26
C LEU A 114 -1.54 -6.98 11.26
N GLU A 115 -0.37 -7.34 10.76
CA GLU A 115 0.71 -7.80 11.62
C GLU A 115 1.81 -6.77 11.68
N ILE A 116 2.10 -6.29 12.90
CA ILE A 116 3.14 -5.29 13.08
C ILE A 116 4.52 -5.94 13.16
N VAL A 117 5.49 -5.27 12.58
CA VAL A 117 6.87 -5.76 12.56
C VAL A 117 7.87 -4.61 12.64
N THR A 118 9.12 -4.94 12.98
CA THR A 118 10.17 -3.93 13.09
C THR A 118 11.43 -4.38 12.36
N ASP A 119 12.38 -3.45 12.22
CA ASP A 119 13.63 -3.74 11.53
C ASP A 119 14.64 -4.45 12.43
N LYS A 120 14.24 -4.74 13.66
CA LYS A 120 15.13 -5.43 14.60
C LYS A 120 15.54 -6.79 14.08
N SER A 121 14.60 -7.50 13.46
CA SER A 121 14.88 -8.83 12.92
C SER A 121 15.53 -8.72 11.54
N GLN A 122 16.27 -9.76 11.16
CA GLN A 122 16.94 -9.78 9.87
C GLN A 122 15.93 -9.70 8.73
N GLU A 123 14.84 -10.45 8.85
CA GLU A 123 13.79 -10.45 7.83
C GLU A 123 13.17 -9.07 7.72
N GLY A 124 12.98 -8.43 8.87
CA GLY A 124 12.37 -7.11 8.88
C GLY A 124 13.04 -6.15 7.93
N SER A 125 14.37 -6.16 7.92
CA SER A 125 15.15 -5.29 7.04
C SER A 125 14.82 -5.56 5.57
N GLN A 126 14.66 -6.83 5.23
CA GLN A 126 14.36 -7.23 3.86
C GLN A 126 13.13 -6.50 3.32
N PHE A 127 12.26 -6.06 4.22
CA PHE A 127 11.06 -5.33 3.84
C PHE A 127 11.34 -3.84 3.70
N VAL A 128 11.95 -3.28 4.74
CA VAL A 128 12.27 -1.86 4.77
C VAL A 128 13.30 -1.50 3.71
N LYS A 129 14.41 -2.25 3.66
CA LYS A 129 15.46 -2.00 2.70
C LYS A 129 15.02 -2.34 1.28
N GLY A 130 14.20 -3.38 1.16
CA GLY A 130 13.71 -3.79 -0.15
C GLY A 130 12.46 -3.06 -0.55
N PHE A 131 11.69 -2.61 0.44
CA PHE A 131 10.46 -1.89 0.19
C PHE A 131 10.41 -0.58 0.99
N GLY A 132 9.86 -0.62 2.20
CA GLY A 132 9.79 0.58 3.01
C GLY A 132 9.13 0.36 4.37
N GLY A 133 8.44 -0.77 4.54
CA GLY A 133 7.79 -1.07 5.80
C GLY A 133 6.30 -1.33 5.66
N ILE A 134 5.85 -1.59 4.44
CA ILE A 134 4.45 -1.88 4.17
C ILE A 134 4.34 -2.99 3.14
N GLY A 135 3.66 -4.08 3.48
CA GLY A 135 3.51 -5.17 2.54
C GLY A 135 2.11 -5.76 2.62
N GLY A 136 1.72 -6.51 1.60
CA GLY A 136 0.39 -7.11 1.60
C GLY A 136 0.35 -8.48 0.99
N ILE A 137 0.20 -9.49 1.83
CA ILE A 137 0.13 -10.87 1.39
C ILE A 137 -1.25 -11.18 0.83
N LEU A 138 -1.32 -11.77 -0.36
CA LEU A 138 -2.60 -12.12 -0.97
C LEU A 138 -2.84 -13.62 -0.89
N ARG A 139 -4.10 -14.03 -1.06
CA ARG A 139 -4.45 -15.44 -0.98
C ARG A 139 -3.97 -16.22 -2.22
N TYR A 140 -4.10 -15.60 -3.39
CA TYR A 140 -3.68 -16.25 -4.63
C TYR A 140 -3.04 -15.24 -5.59
N ARG A 141 -2.41 -15.75 -6.63
CA ARG A 141 -1.75 -14.90 -7.61
C ARG A 141 -2.74 -13.94 -8.26
N VAL A 142 -2.43 -12.64 -8.20
CA VAL A 142 -3.29 -11.62 -8.79
C VAL A 142 -2.51 -10.80 -9.82
N ASP A 143 -3.18 -10.41 -10.89
CA ASP A 143 -2.55 -9.64 -11.96
C ASP A 143 -2.46 -8.16 -11.59
N PHE A 144 -3.60 -7.57 -11.24
CA PHE A 144 -3.66 -6.17 -10.86
C PHE A 144 -4.82 -5.91 -9.91
N GLN A 145 -4.70 -4.88 -9.09
CA GLN A 145 -5.73 -4.54 -8.12
C GLN A 145 -6.61 -3.40 -8.62
N GLY A 146 -7.90 -3.70 -8.81
CA GLY A 146 -8.84 -2.70 -9.28
C GLY A 146 -10.07 -2.59 -8.40
N MET A 147 -10.95 -3.57 -8.48
CA MET A 147 -12.18 -3.58 -7.69
C MET A 147 -12.28 -4.86 -6.85
N GLU A 148 -13.18 -4.85 -5.88
CA GLU A 148 -13.36 -6.02 -5.02
C GLU A 148 -14.26 -7.05 -5.71
N TYR A 149 -13.84 -8.31 -5.65
CA TYR A 149 -14.60 -9.40 -6.27
C TYR A 149 -14.69 -9.22 -7.78
N GLN A 150 -13.55 -8.95 -8.42
CA GLN A 150 -13.50 -8.76 -9.87
C GLN A 150 -13.98 -10.02 -10.59
N GLY A 151 -14.74 -9.83 -11.66
CA GLY A 151 -15.24 -10.97 -12.42
C GLY A 151 -16.38 -10.61 -13.34
N GLY A 152 -17.43 -10.02 -12.78
CA GLY A 152 -18.59 -9.63 -13.58
C GLY A 152 -18.54 -8.18 -14.00
N ASP A 153 -17.97 -7.34 -13.13
CA ASP A 153 -17.87 -5.92 -13.43
C ASP A 153 -16.98 -5.69 -14.66
N ASP A 154 -16.32 -6.75 -15.12
CA ASP A 154 -15.46 -6.66 -16.29
C ASP A 154 -14.32 -5.65 -16.08
N GLU A 155 -13.69 -5.71 -14.92
CA GLU A 155 -12.59 -4.81 -14.61
C GLU A 155 -11.45 -4.99 -15.61
N PHE A 156 -11.13 -6.24 -15.95
CA PHE A 156 -10.06 -6.53 -16.88
C PHE A 156 -10.60 -6.86 -18.26
N PHE A 157 -11.92 -6.94 -18.39
CA PHE A 157 -12.54 -7.26 -19.67
C PHE A 157 -12.99 -6.01 -20.40
N ASP A 158 -12.30 -5.70 -21.50
CA ASP A 158 -12.64 -4.54 -22.31
C ASP A 158 -13.96 -4.78 -23.05
N LEU A 159 -14.42 -6.03 -23.00
CA LEU A 159 -15.67 -6.43 -23.65
C LEU A 159 -16.85 -5.55 -23.22
N ASP A 160 -16.67 -4.78 -22.14
CA ASP A 160 -17.74 -3.91 -21.65
C ASP A 160 -18.29 -3.04 -22.77
N ASP A 161 -17.41 -2.54 -23.62
CA ASP A 161 -17.81 -1.70 -24.74
C ASP A 161 -18.65 -2.50 -25.73
N TYR A 162 -18.29 -3.76 -25.91
CA TYR A 162 -19.00 -4.65 -26.83
C TYR A 162 -20.47 -4.74 -26.45
N LEU A 163 -20.74 -4.65 -25.14
CA LEU A 163 -22.11 -4.72 -24.63
C LEU A 163 -22.96 -3.59 -25.21
N GLU A 164 -22.45 -2.37 -25.14
CA GLU A 164 -23.16 -1.21 -25.66
C GLU A 164 -23.43 -1.36 -27.15
N HIS A 165 -22.44 -1.89 -27.87
CA HIS A 165 -22.58 -2.09 -29.31
C HIS A 165 -22.83 -0.76 -30.03
N ASN A 2 6.36 -9.61 22.60
CA ASN A 2 5.01 -9.95 22.05
C ASN A 2 5.12 -10.83 20.81
N VAL A 3 3.97 -11.23 20.26
CA VAL A 3 3.94 -12.07 19.08
C VAL A 3 4.69 -11.42 17.91
N LYS A 4 4.70 -10.10 17.90
CA LYS A 4 5.38 -9.37 16.83
C LYS A 4 6.79 -9.91 16.58
N PHE A 5 7.52 -10.18 17.65
CA PHE A 5 8.89 -10.68 17.55
C PHE A 5 8.95 -11.99 16.75
N ILE A 6 8.11 -12.95 17.12
CA ILE A 6 8.08 -14.23 16.44
C ILE A 6 7.34 -14.14 15.13
N GLN A 7 6.18 -13.49 15.18
CA GLN A 7 5.34 -13.33 14.02
C GLN A 7 6.11 -12.63 12.91
N GLU A 8 6.94 -11.68 13.33
CA GLU A 8 7.77 -10.94 12.40
C GLU A 8 8.67 -11.90 11.61
N LYS A 9 9.13 -12.94 12.30
CA LYS A 9 10.00 -13.92 11.68
C LYS A 9 9.24 -14.82 10.69
N LYS A 10 8.21 -15.52 11.18
CA LYS A 10 7.44 -16.42 10.32
C LYS A 10 6.64 -15.68 9.24
N LEU A 11 6.05 -14.56 9.62
CA LEU A 11 5.23 -13.78 8.68
C LEU A 11 6.07 -13.16 7.57
N ILE A 12 7.00 -12.30 7.96
CA ILE A 12 7.86 -11.62 7.00
C ILE A 12 8.59 -12.59 6.08
N GLY A 13 9.06 -13.69 6.65
CA GLY A 13 9.76 -14.67 5.85
C GLY A 13 8.86 -15.28 4.79
N ARG A 14 7.61 -15.53 5.16
CA ARG A 14 6.63 -16.10 4.25
C ARG A 14 6.30 -15.12 3.13
N TYR A 15 6.50 -13.85 3.40
CA TYR A 15 6.24 -12.83 2.41
C TYR A 15 7.33 -12.83 1.36
N PHE A 16 8.56 -12.59 1.79
CA PHE A 16 9.69 -12.55 0.88
C PHE A 16 10.09 -13.93 0.33
N ASP A 17 9.77 -15.00 1.05
CA ASP A 17 10.12 -16.34 0.59
C ASP A 17 9.12 -16.86 -0.43
N GLU A 18 7.84 -16.76 -0.10
CA GLU A 18 6.80 -17.22 -1.00
C GLU A 18 6.89 -16.46 -2.32
N ILE A 19 7.22 -15.17 -2.24
CA ILE A 19 7.38 -14.34 -3.43
C ILE A 19 8.50 -14.91 -4.30
N SER A 20 9.53 -15.43 -3.64
CA SER A 20 10.67 -16.02 -4.34
C SER A 20 10.21 -17.14 -5.27
N GLN A 21 8.99 -17.62 -5.05
CA GLN A 21 8.42 -18.70 -5.85
C GLN A 21 7.63 -18.15 -7.05
N ASP A 22 7.71 -16.84 -7.27
CA ASP A 22 6.98 -16.21 -8.37
C ASP A 22 5.49 -16.49 -8.25
N THR A 23 5.03 -16.62 -7.01
CA THR A 23 3.63 -16.90 -6.73
C THR A 23 2.78 -15.64 -6.81
N GLY A 24 3.41 -14.47 -6.86
CA GLY A 24 2.67 -13.22 -6.95
C GLY A 24 1.53 -13.13 -5.96
N LYS A 25 1.80 -13.53 -4.72
CA LYS A 25 0.80 -13.48 -3.66
C LYS A 25 1.20 -12.49 -2.58
N TYR A 26 1.87 -11.41 -2.98
CA TYR A 26 2.32 -10.41 -2.03
C TYR A 26 2.52 -9.06 -2.69
N CYS A 27 2.41 -7.98 -1.92
CA CYS A 27 2.62 -6.64 -2.48
C CYS A 27 3.45 -5.80 -1.52
N PHE A 28 4.14 -4.78 -2.03
CA PHE A 28 4.96 -3.92 -1.16
C PHE A 28 4.64 -2.44 -1.40
N GLY A 29 4.76 -1.65 -0.34
CA GLY A 29 4.48 -0.23 -0.44
C GLY A 29 3.12 0.12 0.11
N VAL A 30 2.83 1.40 0.20
CA VAL A 30 1.53 1.84 0.71
C VAL A 30 0.45 1.64 -0.33
N GLU A 31 0.69 2.15 -1.53
CA GLU A 31 -0.27 2.03 -2.61
C GLU A 31 -0.65 0.58 -2.91
N ASP A 32 0.34 -0.24 -3.26
CA ASP A 32 0.09 -1.64 -3.58
C ASP A 32 -0.50 -2.39 -2.39
N THR A 33 0.18 -2.35 -1.25
CA THR A 33 -0.29 -3.05 -0.06
C THR A 33 -1.73 -2.66 0.28
N LEU A 34 -2.06 -1.38 0.08
CA LEU A 34 -3.41 -0.89 0.35
C LEU A 34 -4.39 -1.42 -0.69
N LYS A 35 -4.04 -1.24 -1.96
CA LYS A 35 -4.89 -1.67 -3.06
C LYS A 35 -5.29 -3.13 -2.90
N ALA A 36 -4.31 -3.98 -2.62
CA ALA A 36 -4.58 -5.40 -2.44
C ALA A 36 -5.55 -5.62 -1.29
N LEU A 37 -5.46 -4.78 -0.25
CA LEU A 37 -6.37 -4.89 0.88
C LEU A 37 -7.78 -4.56 0.39
N GLU A 38 -7.84 -3.56 -0.48
CA GLU A 38 -9.09 -3.14 -1.08
C GLU A 38 -9.60 -4.25 -2.00
N MET A 39 -8.64 -4.99 -2.56
CA MET A 39 -8.92 -6.09 -3.46
C MET A 39 -9.40 -7.33 -2.72
N GLY A 40 -9.23 -7.34 -1.40
CA GLY A 40 -9.62 -8.48 -0.62
C GLY A 40 -8.72 -9.68 -0.88
N ALA A 41 -7.69 -9.45 -1.70
CA ALA A 41 -6.74 -10.49 -2.05
C ALA A 41 -5.79 -10.78 -0.90
N VAL A 42 -5.59 -9.77 -0.06
CA VAL A 42 -4.68 -9.88 1.08
C VAL A 42 -5.16 -10.88 2.12
N GLU A 43 -4.27 -11.81 2.47
CA GLU A 43 -4.56 -12.79 3.49
C GLU A 43 -3.98 -12.30 4.80
N ILE A 44 -2.79 -11.69 4.71
CA ILE A 44 -2.10 -11.13 5.87
C ILE A 44 -1.37 -9.85 5.49
N LEU A 45 -1.55 -8.80 6.27
CA LEU A 45 -0.89 -7.53 6.00
C LEU A 45 0.40 -7.40 6.80
N ILE A 46 1.47 -6.99 6.12
CA ILE A 46 2.77 -6.82 6.77
C ILE A 46 3.13 -5.34 6.82
N VAL A 47 3.02 -4.75 8.01
CA VAL A 47 3.33 -3.35 8.21
C VAL A 47 4.20 -3.21 9.47
N TYR A 48 5.28 -2.43 9.42
CA TYR A 48 6.17 -2.32 10.57
C TYR A 48 5.74 -1.26 11.58
N GLU A 49 6.13 -1.51 12.84
CA GLU A 49 5.83 -0.59 13.93
C GLU A 49 6.45 0.77 13.64
N ASN A 50 7.66 0.75 13.10
CA ASN A 50 8.37 1.97 12.76
C ASN A 50 8.00 2.40 11.35
N LEU A 51 6.71 2.59 11.12
CA LEU A 51 6.22 3.02 9.82
C LEU A 51 6.14 4.54 9.77
N ASP A 52 6.95 5.12 8.91
CA ASP A 52 7.00 6.57 8.76
C ASP A 52 6.02 7.06 7.70
N ILE A 53 5.23 6.16 7.13
CA ILE A 53 4.28 6.53 6.09
C ILE A 53 2.90 6.81 6.65
N MET A 54 2.35 7.93 6.22
CA MET A 54 1.03 8.38 6.67
C MET A 54 0.08 8.66 5.50
N ARG A 55 -1.21 8.75 5.82
CA ARG A 55 -2.23 9.00 4.82
C ARG A 55 -2.71 10.45 4.85
N TYR A 56 -2.20 11.25 3.92
CA TYR A 56 -2.59 12.65 3.82
C TYR A 56 -3.38 12.88 2.53
N VAL A 57 -4.45 13.63 2.62
CA VAL A 57 -5.28 13.89 1.44
C VAL A 57 -5.10 15.31 0.91
N LEU A 58 -4.61 15.42 -0.32
CA LEU A 58 -4.38 16.70 -0.97
C LEU A 58 -5.44 16.99 -2.03
N HIS A 59 -6.30 17.97 -1.77
CA HIS A 59 -7.35 18.33 -2.73
C HIS A 59 -7.28 19.79 -3.13
N CYS A 60 -7.81 20.09 -4.31
CA CYS A 60 -7.83 21.45 -4.82
C CYS A 60 -9.27 21.92 -5.01
N GLN A 61 -9.54 23.18 -4.65
CA GLN A 61 -10.89 23.72 -4.78
C GLN A 61 -11.48 23.43 -6.16
N GLY A 62 -12.69 22.87 -6.18
CA GLY A 62 -13.33 22.54 -7.43
C GLY A 62 -13.45 21.04 -7.66
N THR A 63 -12.76 20.26 -6.82
CA THR A 63 -12.79 18.80 -6.93
C THR A 63 -12.46 18.34 -8.34
N GLU A 64 -11.76 19.20 -9.09
CA GLU A 64 -11.38 18.88 -10.47
C GLU A 64 -10.32 17.79 -10.51
N GLU A 65 -9.51 17.69 -9.45
CA GLU A 65 -8.45 16.70 -9.38
C GLU A 65 -7.92 16.57 -7.97
N GLU A 66 -8.25 15.45 -7.33
CA GLU A 66 -7.82 15.20 -5.96
C GLU A 66 -6.53 14.38 -5.94
N LYS A 67 -5.58 14.84 -5.14
CA LYS A 67 -4.28 14.15 -5.02
C LYS A 67 -4.07 13.60 -3.62
N ILE A 68 -3.82 12.29 -3.55
CA ILE A 68 -3.56 11.63 -2.29
C ILE A 68 -2.10 11.20 -2.26
N LEU A 69 -1.40 11.50 -1.18
CA LEU A 69 0.01 11.16 -1.08
C LEU A 69 0.42 10.77 0.32
N TYR A 70 1.47 9.95 0.39
CA TYR A 70 2.00 9.49 1.67
C TYR A 70 3.34 10.19 1.94
N LEU A 71 3.46 10.81 3.10
CA LEU A 71 4.69 11.52 3.44
C LEU A 71 5.22 11.13 4.80
N THR A 72 6.51 10.80 4.85
CA THR A 72 7.16 10.44 6.10
C THR A 72 7.44 11.71 6.91
N PRO A 73 7.94 11.58 8.16
CA PRO A 73 8.22 12.75 8.99
C PRO A 73 9.01 13.81 8.24
N GLU A 74 9.98 13.38 7.45
CA GLU A 74 10.80 14.31 6.67
C GLU A 74 10.11 14.74 5.38
N GLN A 75 9.47 13.80 4.71
CA GLN A 75 8.77 14.09 3.45
C GLN A 75 7.57 14.99 3.69
N GLU A 76 6.82 14.71 4.74
CA GLU A 76 5.64 15.50 5.09
C GLU A 76 6.07 16.89 5.56
N LYS A 77 7.26 16.95 6.16
CA LYS A 77 7.81 18.21 6.63
C LYS A 77 7.95 19.18 5.47
N ASP A 78 8.30 18.63 4.31
CA ASP A 78 8.47 19.41 3.09
C ASP A 78 7.16 19.53 2.34
N LYS A 79 6.58 20.72 2.35
CA LYS A 79 5.30 20.96 1.68
C LYS A 79 5.53 21.42 0.23
N SER A 80 6.79 21.60 -0.16
CA SER A 80 7.12 22.04 -1.50
C SER A 80 6.60 21.02 -2.53
N HIS A 81 6.73 19.75 -2.22
CA HIS A 81 6.28 18.68 -3.10
C HIS A 81 4.77 18.73 -3.32
N PHE A 82 4.05 19.30 -2.36
CA PHE A 82 2.60 19.40 -2.45
C PHE A 82 2.20 20.20 -3.68
N THR A 83 2.94 21.27 -3.94
CA THR A 83 2.67 22.14 -5.10
C THR A 83 3.06 21.45 -6.40
N ASP A 84 2.53 21.95 -7.51
CA ASP A 84 2.83 21.39 -8.82
C ASP A 84 2.97 22.49 -9.88
N LYS A 85 3.78 22.20 -10.90
CA LYS A 85 4.00 23.15 -11.99
C LYS A 85 2.80 23.16 -12.94
N GLU A 86 1.84 22.27 -12.70
CA GLU A 86 0.65 22.18 -13.53
C GLU A 86 -0.55 22.80 -12.82
N THR A 87 -0.29 23.39 -11.67
CA THR A 87 -1.32 24.05 -10.88
C THR A 87 -0.76 25.38 -10.37
N GLY A 88 0.52 25.35 -10.00
CA GLY A 88 1.17 26.56 -9.52
C GLY A 88 0.62 27.05 -8.19
N GLN A 89 -0.16 26.22 -7.54
CA GLN A 89 -0.76 26.59 -6.25
C GLN A 89 -0.66 25.43 -5.27
N GLU A 90 -0.80 25.75 -3.99
CA GLU A 90 -0.72 24.73 -2.95
C GLU A 90 -2.09 24.11 -2.70
N HIS A 91 -2.12 22.78 -2.66
CA HIS A 91 -3.37 22.06 -2.42
C HIS A 91 -3.96 22.45 -1.07
N GLU A 92 -5.11 21.88 -0.75
CA GLU A 92 -5.76 22.16 0.52
C GLU A 92 -5.92 20.87 1.30
N LEU A 93 -4.99 20.63 2.23
CA LEU A 93 -5.04 19.42 3.02
C LEU A 93 -6.36 19.32 3.76
N ILE A 94 -7.01 18.18 3.63
CA ILE A 94 -8.30 17.94 4.27
C ILE A 94 -8.13 17.26 5.62
N GLU A 95 -7.25 16.27 5.66
CA GLU A 95 -7.00 15.53 6.89
C GLU A 95 -5.66 14.79 6.80
N SER A 96 -5.14 14.42 7.95
CA SER A 96 -3.90 13.67 8.04
C SER A 96 -4.04 12.58 9.09
N MET A 97 -3.73 11.35 8.71
CA MET A 97 -3.86 10.23 9.63
C MET A 97 -2.68 9.27 9.55
N PRO A 98 -2.11 8.89 10.72
CA PRO A 98 -0.99 7.94 10.76
C PRO A 98 -1.41 6.60 10.16
N LEU A 99 -0.92 6.35 8.96
CA LEU A 99 -1.25 5.13 8.22
C LEU A 99 -1.06 3.88 9.06
N LEU A 100 0.11 3.71 9.67
CA LEU A 100 0.35 2.54 10.50
C LEU A 100 -0.75 2.39 11.54
N GLU A 101 -1.04 3.49 12.22
CA GLU A 101 -2.08 3.50 13.23
C GLU A 101 -3.42 3.17 12.59
N TRP A 102 -3.63 3.72 11.39
CA TRP A 102 -4.88 3.49 10.65
C TRP A 102 -5.00 2.04 10.22
N PHE A 103 -3.88 1.44 9.79
CA PHE A 103 -3.88 0.06 9.34
C PHE A 103 -4.48 -0.87 10.40
N ALA A 104 -4.09 -0.65 11.65
CA ALA A 104 -4.58 -1.47 12.75
C ALA A 104 -5.97 -1.02 13.20
N ASN A 105 -6.41 0.14 12.70
CA ASN A 105 -7.71 0.68 13.07
C ASN A 105 -8.88 -0.10 12.48
N ASN A 106 -8.82 -0.38 11.18
CA ASN A 106 -9.91 -1.09 10.52
C ASN A 106 -9.47 -2.29 9.67
N TYR A 107 -8.27 -2.83 9.93
CA TYR A 107 -7.78 -3.96 9.14
C TYR A 107 -8.77 -5.12 9.15
N LYS A 108 -9.72 -5.11 10.10
CA LYS A 108 -10.71 -6.16 10.17
C LYS A 108 -11.75 -5.99 9.06
N LYS A 109 -12.01 -4.75 8.70
CA LYS A 109 -12.97 -4.42 7.66
C LYS A 109 -12.50 -4.93 6.30
N PHE A 110 -11.19 -4.79 6.05
CA PHE A 110 -10.60 -5.23 4.79
C PHE A 110 -10.41 -6.75 4.76
N GLY A 111 -10.47 -7.37 5.93
CA GLY A 111 -10.30 -8.81 6.01
C GLY A 111 -8.83 -9.23 5.92
N ALA A 112 -7.94 -8.30 6.23
CA ALA A 112 -6.51 -8.57 6.19
C ALA A 112 -5.96 -8.65 7.60
N THR A 113 -4.96 -9.51 7.81
CA THR A 113 -4.36 -9.67 9.12
C THR A 113 -3.29 -8.60 9.31
N LEU A 114 -3.63 -7.56 10.07
CA LEU A 114 -2.69 -6.48 10.32
C LEU A 114 -1.67 -6.89 11.37
N GLU A 115 -0.47 -7.19 10.90
CA GLU A 115 0.60 -7.60 11.79
C GLU A 115 1.72 -6.57 11.78
N ILE A 116 2.29 -6.29 12.94
CA ILE A 116 3.36 -5.32 13.04
C ILE A 116 4.72 -5.99 13.13
N VAL A 117 5.73 -5.31 12.60
CA VAL A 117 7.09 -5.82 12.60
C VAL A 117 8.11 -4.69 12.65
N THR A 118 9.36 -5.04 12.94
CA THR A 118 10.43 -4.04 13.02
C THR A 118 11.66 -4.47 12.23
N ASP A 119 12.61 -3.55 12.07
CA ASP A 119 13.84 -3.83 11.33
C ASP A 119 14.89 -4.51 12.19
N LYS A 120 14.55 -4.78 13.46
CA LYS A 120 15.48 -5.43 14.37
C LYS A 120 15.90 -6.81 13.85
N SER A 121 14.95 -7.54 13.29
CA SER A 121 15.21 -8.87 12.76
C SER A 121 15.76 -8.79 11.34
N GLN A 122 16.51 -9.81 10.93
CA GLN A 122 17.08 -9.85 9.58
C GLN A 122 15.99 -9.81 8.53
N GLU A 123 14.91 -10.55 8.79
CA GLU A 123 13.78 -10.60 7.87
C GLU A 123 13.16 -9.22 7.71
N GLY A 124 13.07 -8.50 8.82
CA GLY A 124 12.50 -7.17 8.81
C GLY A 124 13.16 -6.25 7.80
N SER A 125 14.48 -6.30 7.73
CA SER A 125 15.25 -5.47 6.82
C SER A 125 14.85 -5.74 5.37
N GLN A 126 14.57 -7.01 5.07
CA GLN A 126 14.18 -7.42 3.73
C GLN A 126 13.00 -6.60 3.21
N PHE A 127 12.19 -6.08 4.13
CA PHE A 127 11.04 -5.27 3.76
C PHE A 127 11.43 -3.81 3.56
N VAL A 128 12.04 -3.24 4.59
CA VAL A 128 12.45 -1.84 4.58
C VAL A 128 13.46 -1.56 3.46
N LYS A 129 14.51 -2.37 3.37
CA LYS A 129 15.54 -2.18 2.37
C LYS A 129 15.03 -2.51 0.96
N GLY A 130 14.17 -3.52 0.85
CA GLY A 130 13.65 -3.91 -0.44
C GLY A 130 12.40 -3.14 -0.82
N PHE A 131 11.69 -2.63 0.18
CA PHE A 131 10.47 -1.88 -0.05
C PHE A 131 10.48 -0.56 0.72
N GLY A 132 9.99 -0.58 1.96
CA GLY A 132 9.97 0.64 2.75
C GLY A 132 9.32 0.49 4.11
N GLY A 133 8.61 -0.62 4.33
CA GLY A 133 7.96 -0.85 5.62
C GLY A 133 6.48 -1.20 5.48
N ILE A 134 6.07 -1.54 4.25
CA ILE A 134 4.68 -1.89 3.98
C ILE A 134 4.64 -2.94 2.88
N GLY A 135 3.90 -4.02 3.09
CA GLY A 135 3.81 -5.05 2.07
C GLY A 135 2.83 -6.12 2.46
N GLY A 136 1.73 -6.24 1.70
CA GLY A 136 0.72 -7.19 2.04
C GLY A 136 0.92 -8.55 1.41
N ILE A 137 0.20 -9.51 1.96
CA ILE A 137 0.22 -10.89 1.50
C ILE A 137 -1.13 -11.21 0.86
N LEU A 138 -1.12 -11.81 -0.34
CA LEU A 138 -2.37 -12.16 -1.01
C LEU A 138 -2.60 -13.66 -0.92
N ARG A 139 -3.85 -14.09 -1.10
CA ARG A 139 -4.20 -15.51 -1.04
C ARG A 139 -3.62 -16.27 -2.23
N TYR A 140 -3.69 -15.66 -3.41
CA TYR A 140 -3.19 -16.28 -4.63
C TYR A 140 -2.91 -15.24 -5.71
N ARG A 141 -2.42 -15.70 -6.86
CA ARG A 141 -2.11 -14.80 -7.97
C ARG A 141 -3.33 -13.98 -8.36
N VAL A 142 -3.13 -12.67 -8.49
CA VAL A 142 -4.22 -11.77 -8.86
C VAL A 142 -3.81 -10.86 -10.01
N ASP A 143 -4.80 -10.29 -10.68
CA ASP A 143 -4.56 -9.40 -11.81
C ASP A 143 -3.93 -8.10 -11.33
N PHE A 144 -3.04 -7.56 -12.15
CA PHE A 144 -2.36 -6.32 -11.81
C PHE A 144 -3.26 -5.13 -12.03
N GLN A 145 -2.85 -4.00 -11.47
CA GLN A 145 -3.60 -2.76 -11.59
C GLN A 145 -3.48 -2.19 -13.01
N GLY A 146 -4.60 -1.67 -13.51
CA GLY A 146 -4.64 -1.09 -14.84
C GLY A 146 -4.95 0.39 -14.81
N MET A 147 -6.22 0.73 -14.93
CA MET A 147 -6.65 2.11 -14.90
C MET A 147 -6.59 2.67 -13.49
N GLU A 148 -6.55 3.99 -13.36
CA GLU A 148 -6.48 4.62 -12.05
C GLU A 148 -7.82 4.51 -11.33
N TYR A 149 -7.78 4.14 -10.07
CA TYR A 149 -8.98 3.99 -9.25
C TYR A 149 -9.90 2.90 -9.80
N GLN A 150 -9.35 1.70 -10.00
CA GLN A 150 -10.13 0.57 -10.50
C GLN A 150 -11.29 0.25 -9.55
N GLY A 151 -12.41 -0.16 -10.11
CA GLY A 151 -13.57 -0.49 -9.30
C GLY A 151 -14.72 -1.02 -10.13
N GLY A 152 -15.52 -0.10 -10.66
CA GLY A 152 -16.65 -0.50 -11.49
C GLY A 152 -16.80 0.39 -12.70
N ASP A 153 -15.67 0.86 -13.21
CA ASP A 153 -15.67 1.71 -14.39
C ASP A 153 -15.56 0.88 -15.67
N ASP A 154 -15.85 -0.41 -15.56
CA ASP A 154 -15.79 -1.30 -16.71
C ASP A 154 -14.38 -1.35 -17.32
N GLU A 155 -13.38 -1.59 -16.48
CA GLU A 155 -12.00 -1.67 -16.94
C GLU A 155 -11.80 -2.81 -17.93
N PHE A 156 -12.32 -3.98 -17.59
CA PHE A 156 -12.19 -5.16 -18.43
C PHE A 156 -13.50 -5.49 -19.15
N PHE A 157 -14.45 -4.57 -19.13
CA PHE A 157 -15.73 -4.78 -19.77
C PHE A 157 -15.77 -4.13 -21.15
N ASP A 158 -16.00 -4.95 -22.18
CA ASP A 158 -16.07 -4.46 -23.55
C ASP A 158 -17.36 -3.65 -23.74
N LEU A 159 -18.24 -3.71 -22.75
CA LEU A 159 -19.51 -3.00 -22.78
C LEU A 159 -19.33 -1.50 -23.02
N ASP A 160 -18.09 -1.01 -22.89
CA ASP A 160 -17.81 0.40 -23.10
C ASP A 160 -18.23 0.84 -24.49
N ASP A 161 -17.99 -0.01 -25.48
CA ASP A 161 -18.36 0.29 -26.86
C ASP A 161 -19.87 0.30 -27.02
N TYR A 162 -20.56 -0.49 -26.21
CA TYR A 162 -22.02 -0.57 -26.27
C TYR A 162 -22.63 0.80 -26.04
N LEU A 163 -22.00 1.59 -25.18
CA LEU A 163 -22.48 2.93 -24.87
C LEU A 163 -22.52 3.80 -26.13
N GLU A 164 -21.43 3.76 -26.90
CA GLU A 164 -21.35 4.55 -28.12
C GLU A 164 -22.46 4.17 -29.10
N HIS A 165 -22.74 2.88 -29.19
CA HIS A 165 -23.78 2.39 -30.09
C HIS A 165 -25.15 2.48 -29.43
N ASN A 2 6.25 -11.29 23.74
CA ASN A 2 6.44 -10.49 22.50
C ASN A 2 6.47 -11.39 21.26
N VAL A 3 5.34 -11.45 20.56
CA VAL A 3 5.24 -12.28 19.36
C VAL A 3 6.11 -11.73 18.24
N LYS A 4 6.45 -10.46 18.32
CA LYS A 4 7.27 -9.81 17.30
C LYS A 4 8.44 -10.69 16.86
N PHE A 5 9.14 -11.28 17.82
CA PHE A 5 10.28 -12.15 17.51
C PHE A 5 9.88 -13.26 16.54
N ILE A 6 8.70 -13.84 16.78
CA ILE A 6 8.19 -14.90 15.90
C ILE A 6 7.50 -14.29 14.69
N GLN A 7 6.58 -13.38 14.98
CA GLN A 7 5.82 -12.67 13.96
C GLN A 7 6.75 -12.08 12.92
N GLU A 8 7.63 -11.19 13.37
CA GLU A 8 8.59 -10.52 12.51
C GLU A 8 9.46 -11.52 11.76
N LYS A 9 9.72 -12.66 12.39
CA LYS A 9 10.57 -13.69 11.79
C LYS A 9 9.83 -14.56 10.78
N LYS A 10 8.78 -15.23 11.23
CA LYS A 10 8.01 -16.14 10.36
C LYS A 10 7.21 -15.41 9.29
N LEU A 11 6.42 -14.43 9.69
CA LEU A 11 5.57 -13.70 8.76
C LEU A 11 6.37 -13.01 7.65
N ILE A 12 7.26 -12.12 8.06
CA ILE A 12 8.08 -11.37 7.12
C ILE A 12 8.82 -12.29 6.14
N GLY A 13 9.38 -13.37 6.66
CA GLY A 13 10.09 -14.30 5.80
C GLY A 13 9.15 -15.02 4.86
N ARG A 14 7.96 -15.34 5.34
CA ARG A 14 6.95 -16.03 4.54
C ARG A 14 6.45 -15.19 3.38
N TYR A 15 6.66 -13.89 3.48
CA TYR A 15 6.23 -13.00 2.42
C TYR A 15 7.26 -12.98 1.30
N PHE A 16 8.50 -12.67 1.65
CA PHE A 16 9.58 -12.60 0.68
C PHE A 16 9.91 -13.97 0.10
N ASP A 17 9.61 -15.04 0.84
CA ASP A 17 9.90 -16.38 0.35
C ASP A 17 8.84 -16.86 -0.63
N GLU A 18 7.58 -16.66 -0.27
CA GLU A 18 6.48 -17.07 -1.13
C GLU A 18 6.57 -16.33 -2.46
N ILE A 19 6.93 -15.06 -2.41
CA ILE A 19 7.08 -14.25 -3.61
C ILE A 19 8.19 -14.82 -4.47
N SER A 20 9.21 -15.36 -3.82
CA SER A 20 10.35 -15.96 -4.51
C SER A 20 9.88 -17.12 -5.39
N GLN A 21 8.66 -17.59 -5.14
CA GLN A 21 8.09 -18.70 -5.89
C GLN A 21 7.33 -18.21 -7.12
N ASP A 22 7.39 -16.91 -7.38
CA ASP A 22 6.70 -16.32 -8.53
C ASP A 22 5.20 -16.58 -8.43
N THR A 23 4.70 -16.66 -7.20
CA THR A 23 3.27 -16.89 -6.97
C THR A 23 2.45 -15.63 -7.20
N GLY A 24 3.09 -14.47 -7.15
CA GLY A 24 2.36 -13.23 -7.36
C GLY A 24 1.17 -13.08 -6.43
N LYS A 25 1.30 -13.62 -5.21
CA LYS A 25 0.22 -13.54 -4.23
C LYS A 25 0.58 -12.60 -3.09
N TYR A 26 1.54 -11.71 -3.33
CA TYR A 26 1.98 -10.75 -2.32
C TYR A 26 2.50 -9.49 -2.99
N CYS A 27 2.48 -8.38 -2.27
CA CYS A 27 2.96 -7.12 -2.81
C CYS A 27 3.61 -6.28 -1.73
N PHE A 28 4.29 -5.20 -2.12
CA PHE A 28 4.96 -4.34 -1.15
C PHE A 28 4.64 -2.88 -1.38
N GLY A 29 4.89 -2.08 -0.36
CA GLY A 29 4.64 -0.65 -0.43
C GLY A 29 3.27 -0.30 0.10
N VAL A 30 2.99 1.00 0.14
CA VAL A 30 1.70 1.46 0.63
C VAL A 30 0.62 1.21 -0.41
N GLU A 31 0.79 1.84 -1.57
CA GLU A 31 -0.16 1.70 -2.67
C GLU A 31 -0.59 0.25 -2.89
N ASP A 32 0.38 -0.62 -3.16
CA ASP A 32 0.10 -2.03 -3.40
C ASP A 32 -0.55 -2.68 -2.19
N THR A 33 0.06 -2.53 -1.02
CA THR A 33 -0.47 -3.13 0.20
C THR A 33 -1.89 -2.61 0.45
N LEU A 34 -2.11 -1.32 0.20
CA LEU A 34 -3.42 -0.73 0.39
C LEU A 34 -4.41 -1.30 -0.63
N LYS A 35 -4.01 -1.27 -1.90
CA LYS A 35 -4.85 -1.77 -2.98
C LYS A 35 -5.21 -3.23 -2.76
N ALA A 36 -4.23 -4.06 -2.46
CA ALA A 36 -4.48 -5.47 -2.23
C ALA A 36 -5.44 -5.66 -1.07
N LEU A 37 -5.40 -4.74 -0.10
CA LEU A 37 -6.32 -4.80 1.03
C LEU A 37 -7.71 -4.45 0.54
N GLU A 38 -7.76 -3.47 -0.35
CA GLU A 38 -9.01 -3.05 -0.97
C GLU A 38 -9.51 -4.17 -1.87
N MET A 39 -8.55 -4.92 -2.43
CA MET A 39 -8.83 -6.04 -3.30
C MET A 39 -9.33 -7.26 -2.52
N GLY A 40 -9.16 -7.23 -1.21
CA GLY A 40 -9.58 -8.36 -0.40
C GLY A 40 -8.74 -9.60 -0.72
N ALA A 41 -7.68 -9.39 -1.51
CA ALA A 41 -6.78 -10.45 -1.91
C ALA A 41 -5.82 -10.80 -0.78
N VAL A 42 -5.48 -9.78 0.00
CA VAL A 42 -4.56 -9.95 1.11
C VAL A 42 -5.06 -10.93 2.15
N GLU A 43 -4.21 -11.87 2.52
CA GLU A 43 -4.54 -12.85 3.54
C GLU A 43 -4.00 -12.36 4.88
N ILE A 44 -2.79 -11.79 4.83
CA ILE A 44 -2.13 -11.24 6.01
C ILE A 44 -1.42 -9.94 5.67
N LEU A 45 -1.78 -8.85 6.34
CA LEU A 45 -1.13 -7.58 6.11
C LEU A 45 0.09 -7.43 7.00
N ILE A 46 1.20 -6.98 6.42
CA ILE A 46 2.43 -6.81 7.19
C ILE A 46 2.89 -5.35 7.15
N VAL A 47 2.81 -4.70 8.30
CA VAL A 47 3.19 -3.29 8.45
C VAL A 47 4.06 -3.15 9.69
N TYR A 48 5.13 -2.35 9.63
CA TYR A 48 6.03 -2.23 10.78
C TYR A 48 5.58 -1.19 11.79
N GLU A 49 5.95 -1.44 13.04
CA GLU A 49 5.64 -0.53 14.15
C GLU A 49 6.26 0.83 13.89
N ASN A 50 7.48 0.81 13.37
CA ASN A 50 8.19 2.05 13.05
C ASN A 50 8.00 2.42 11.59
N LEU A 51 6.73 2.64 11.21
CA LEU A 51 6.40 3.01 9.85
C LEU A 51 6.45 4.52 9.67
N ASP A 52 7.31 4.97 8.76
CA ASP A 52 7.47 6.40 8.50
C ASP A 52 6.50 6.89 7.43
N ILE A 53 5.67 5.98 6.91
CA ILE A 53 4.71 6.34 5.86
C ILE A 53 3.35 6.70 6.46
N MET A 54 2.88 7.86 6.07
CA MET A 54 1.61 8.39 6.55
C MET A 54 0.70 8.80 5.39
N ARG A 55 -0.58 9.00 5.70
CA ARG A 55 -1.55 9.38 4.68
C ARG A 55 -1.98 10.83 4.83
N TYR A 56 -1.59 11.67 3.88
CA TYR A 56 -1.94 13.09 3.88
C TYR A 56 -2.75 13.41 2.64
N VAL A 57 -3.77 14.25 2.79
CA VAL A 57 -4.62 14.62 1.66
C VAL A 57 -4.33 16.04 1.18
N LEU A 58 -3.70 16.14 0.02
CA LEU A 58 -3.37 17.44 -0.58
C LEU A 58 -4.42 17.84 -1.61
N HIS A 59 -5.08 18.98 -1.41
CA HIS A 59 -6.11 19.43 -2.36
C HIS A 59 -5.94 20.90 -2.70
N CYS A 60 -6.39 21.26 -3.90
CA CYS A 60 -6.33 22.64 -4.36
C CYS A 60 -7.73 23.23 -4.47
N GLN A 61 -7.91 24.45 -3.94
CA GLN A 61 -9.21 25.11 -3.97
C GLN A 61 -9.85 25.02 -5.36
N GLY A 62 -9.02 24.93 -6.39
CA GLY A 62 -9.52 24.83 -7.75
C GLY A 62 -10.32 23.56 -7.98
N THR A 63 -10.21 22.59 -7.07
CA THR A 63 -10.92 21.32 -7.20
C THR A 63 -10.76 20.71 -8.58
N GLU A 64 -9.67 21.05 -9.26
CA GLU A 64 -9.40 20.52 -10.60
C GLU A 64 -8.31 19.47 -10.59
N GLU A 65 -7.66 19.27 -9.45
CA GLU A 65 -6.58 18.30 -9.34
C GLU A 65 -6.26 17.96 -7.89
N GLU A 66 -6.83 16.87 -7.40
CA GLU A 66 -6.61 16.44 -6.02
C GLU A 66 -5.48 15.41 -5.97
N LYS A 67 -4.55 15.63 -5.06
CA LYS A 67 -3.40 14.73 -4.92
C LYS A 67 -3.35 14.15 -3.51
N ILE A 68 -3.41 12.83 -3.40
CA ILE A 68 -3.35 12.15 -2.12
C ILE A 68 -2.31 11.05 -2.15
N LEU A 69 -1.20 11.23 -1.45
CA LEU A 69 -0.15 10.22 -1.44
C LEU A 69 0.54 10.13 -0.08
N TYR A 70 1.41 9.14 0.05
CA TYR A 70 2.16 8.89 1.28
C TYR A 70 3.47 9.68 1.31
N LEU A 71 3.79 10.26 2.45
CA LEU A 71 5.02 11.03 2.58
C LEU A 71 5.78 10.67 3.86
N THR A 72 7.09 10.45 3.71
CA THR A 72 7.94 10.14 4.84
C THR A 72 8.36 11.46 5.51
N PRO A 73 9.09 11.40 6.63
CA PRO A 73 9.52 12.62 7.34
C PRO A 73 10.09 13.68 6.40
N GLU A 74 10.83 13.24 5.38
CA GLU A 74 11.45 14.16 4.43
C GLU A 74 10.46 14.61 3.36
N GLN A 75 9.65 13.67 2.89
CA GLN A 75 8.67 13.97 1.84
C GLN A 75 7.67 15.04 2.29
N GLU A 76 7.17 14.91 3.51
CA GLU A 76 6.22 15.89 4.04
C GLU A 76 6.83 17.29 4.07
N LYS A 77 8.15 17.34 4.20
CA LYS A 77 8.86 18.61 4.22
C LYS A 77 8.83 19.23 2.83
N ASP A 78 8.85 18.37 1.81
CA ASP A 78 8.82 18.80 0.43
C ASP A 78 7.39 18.92 -0.07
N LYS A 79 6.94 20.15 -0.29
CA LYS A 79 5.58 20.40 -0.76
C LYS A 79 5.52 20.45 -2.30
N SER A 80 6.65 20.19 -2.95
CA SER A 80 6.72 20.20 -4.40
C SER A 80 5.95 19.01 -4.98
N HIS A 81 6.09 17.86 -4.35
CA HIS A 81 5.41 16.65 -4.80
C HIS A 81 3.90 16.84 -4.80
N PHE A 82 3.40 17.54 -3.80
CA PHE A 82 1.97 17.81 -3.66
C PHE A 82 1.44 18.57 -4.88
N THR A 83 2.30 19.39 -5.47
CA THR A 83 1.92 20.16 -6.66
C THR A 83 2.08 19.31 -7.92
N ASP A 84 1.43 19.72 -9.00
CA ASP A 84 1.50 18.97 -10.25
C ASP A 84 1.64 19.90 -11.46
N LYS A 85 2.28 19.41 -12.50
CA LYS A 85 2.47 20.16 -13.73
C LYS A 85 1.17 20.20 -14.53
N GLU A 86 0.17 19.45 -14.06
CA GLU A 86 -1.13 19.38 -14.72
C GLU A 86 -2.15 20.25 -13.99
N THR A 87 -1.68 20.98 -12.98
CA THR A 87 -2.51 21.87 -12.21
C THR A 87 -1.75 23.17 -11.98
N GLY A 88 -0.44 23.04 -11.79
CA GLY A 88 0.40 24.20 -11.58
C GLY A 88 -0.04 25.04 -10.39
N GLN A 89 -0.77 24.41 -9.48
CA GLN A 89 -1.25 25.10 -8.29
C GLN A 89 -0.63 24.47 -7.04
N GLU A 90 -0.65 25.22 -5.94
CA GLU A 90 -0.10 24.72 -4.69
C GLU A 90 -1.19 24.03 -3.88
N HIS A 91 -0.99 22.75 -3.60
CA HIS A 91 -1.97 22.00 -2.83
C HIS A 91 -2.01 22.50 -1.39
N GLU A 92 -3.10 22.20 -0.70
CA GLU A 92 -3.27 22.61 0.68
C GLU A 92 -3.74 21.44 1.51
N LEU A 93 -2.87 20.95 2.38
CA LEU A 93 -3.22 19.81 3.22
C LEU A 93 -4.44 20.13 4.08
N ILE A 94 -5.40 19.22 4.04
CA ILE A 94 -6.64 19.38 4.81
C ILE A 94 -6.61 18.54 6.07
N GLU A 95 -6.28 17.27 5.89
CA GLU A 95 -6.20 16.33 7.00
C GLU A 95 -5.03 15.36 6.82
N SER A 96 -4.63 14.75 7.92
CA SER A 96 -3.53 13.79 7.92
C SER A 96 -3.87 12.63 8.85
N MET A 97 -3.36 11.45 8.53
CA MET A 97 -3.62 10.27 9.35
C MET A 97 -2.46 9.28 9.31
N PRO A 98 -1.94 8.89 10.49
CA PRO A 98 -0.83 7.93 10.56
C PRO A 98 -1.23 6.61 9.91
N LEU A 99 -0.72 6.38 8.71
CA LEU A 99 -1.03 5.17 7.96
C LEU A 99 -0.89 3.90 8.80
N LEU A 100 0.26 3.70 9.42
CA LEU A 100 0.46 2.51 10.25
C LEU A 100 -0.67 2.39 11.27
N GLU A 101 -0.98 3.51 11.92
CA GLU A 101 -2.05 3.54 12.90
C GLU A 101 -3.36 3.18 12.22
N TRP A 102 -3.54 3.69 11.01
CA TRP A 102 -4.74 3.44 10.22
C TRP A 102 -4.83 1.96 9.85
N PHE A 103 -3.70 1.38 9.45
CA PHE A 103 -3.66 -0.01 9.05
C PHE A 103 -4.26 -0.92 10.12
N ALA A 104 -3.88 -0.70 11.36
CA ALA A 104 -4.38 -1.50 12.48
C ALA A 104 -5.75 -1.00 12.95
N ASN A 105 -6.16 0.17 12.45
CA ASN A 105 -7.43 0.74 12.84
C ASN A 105 -8.63 -0.03 12.27
N ASN A 106 -8.60 -0.31 10.98
CA ASN A 106 -9.71 -1.02 10.34
C ASN A 106 -9.29 -2.22 9.50
N TYR A 107 -8.11 -2.80 9.76
CA TYR A 107 -7.65 -3.95 9.00
C TYR A 107 -8.66 -5.08 8.99
N LYS A 108 -9.62 -5.05 9.92
CA LYS A 108 -10.65 -6.07 9.98
C LYS A 108 -11.67 -5.86 8.86
N LYS A 109 -11.88 -4.60 8.50
CA LYS A 109 -12.83 -4.25 7.46
C LYS A 109 -12.35 -4.75 6.09
N PHE A 110 -11.05 -4.64 5.86
CA PHE A 110 -10.45 -5.08 4.60
C PHE A 110 -10.33 -6.59 4.55
N GLY A 111 -10.33 -7.23 5.72
CA GLY A 111 -10.21 -8.67 5.79
C GLY A 111 -8.77 -9.13 5.74
N ALA A 112 -7.85 -8.25 6.13
CA ALA A 112 -6.43 -8.57 6.13
C ALA A 112 -5.90 -8.63 7.56
N THR A 113 -4.91 -9.49 7.79
CA THR A 113 -4.34 -9.62 9.12
C THR A 113 -3.25 -8.58 9.31
N LEU A 114 -3.58 -7.51 10.01
CA LEU A 114 -2.61 -6.44 10.25
C LEU A 114 -1.57 -6.92 11.24
N GLU A 115 -0.39 -7.26 10.73
CA GLU A 115 0.69 -7.75 11.56
C GLU A 115 1.80 -6.72 11.66
N ILE A 116 2.11 -6.30 12.90
CA ILE A 116 3.15 -5.32 13.12
C ILE A 116 4.52 -5.98 13.25
N VAL A 117 5.55 -5.27 12.80
CA VAL A 117 6.92 -5.78 12.85
C VAL A 117 7.94 -4.65 12.89
N THR A 118 9.19 -4.99 13.17
CA THR A 118 10.26 -4.00 13.24
C THR A 118 11.49 -4.43 12.45
N ASP A 119 12.44 -3.51 12.29
CA ASP A 119 13.67 -3.80 11.54
C ASP A 119 14.76 -4.38 12.44
N LYS A 120 14.39 -4.75 13.67
CA LYS A 120 15.36 -5.31 14.61
C LYS A 120 15.98 -6.59 14.06
N SER A 121 15.15 -7.42 13.42
CA SER A 121 15.61 -8.68 12.86
C SER A 121 16.13 -8.48 11.44
N GLN A 122 16.84 -9.49 10.92
CA GLN A 122 17.39 -9.43 9.57
C GLN A 122 16.27 -9.45 8.54
N GLU A 123 15.18 -10.14 8.86
CA GLU A 123 14.04 -10.23 7.95
C GLU A 123 13.37 -8.88 7.80
N GLY A 124 13.27 -8.15 8.91
CA GLY A 124 12.65 -6.84 8.88
C GLY A 124 13.26 -5.92 7.85
N SER A 125 14.58 -5.96 7.73
CA SER A 125 15.30 -5.13 6.78
C SER A 125 14.83 -5.44 5.35
N GLN A 126 14.63 -6.72 5.08
CA GLN A 126 14.19 -7.16 3.76
C GLN A 126 12.93 -6.41 3.33
N PHE A 127 12.12 -6.01 4.30
CA PHE A 127 10.90 -5.27 4.03
C PHE A 127 11.15 -3.77 3.93
N VAL A 128 11.61 -3.18 5.03
CA VAL A 128 11.88 -1.76 5.07
C VAL A 128 12.92 -1.33 4.04
N LYS A 129 14.00 -2.09 3.96
CA LYS A 129 15.08 -1.77 3.03
C LYS A 129 14.86 -2.41 1.66
N GLY A 130 14.24 -3.58 1.65
CA GLY A 130 13.98 -4.26 0.40
C GLY A 130 12.66 -3.87 -0.23
N PHE A 131 11.74 -3.38 0.59
CA PHE A 131 10.43 -2.97 0.11
C PHE A 131 10.07 -1.57 0.61
N GLY A 132 9.39 -1.48 1.75
CA GLY A 132 9.02 -0.17 2.28
C GLY A 132 8.25 -0.26 3.58
N GLY A 133 8.61 -1.24 4.42
CA GLY A 133 7.96 -1.40 5.72
C GLY A 133 6.45 -1.64 5.62
N ILE A 134 5.97 -1.88 4.41
CA ILE A 134 4.54 -2.12 4.19
C ILE A 134 4.35 -3.17 3.11
N GLY A 135 3.70 -4.28 3.45
CA GLY A 135 3.46 -5.32 2.48
C GLY A 135 2.07 -5.88 2.65
N GLY A 136 1.55 -6.55 1.62
CA GLY A 136 0.21 -7.09 1.73
C GLY A 136 0.09 -8.49 1.14
N ILE A 137 0.38 -9.49 1.96
CA ILE A 137 0.29 -10.88 1.55
C ILE A 137 -1.12 -11.22 1.11
N LEU A 138 -1.24 -11.86 -0.04
CA LEU A 138 -2.54 -12.27 -0.57
C LEU A 138 -2.78 -13.75 -0.29
N ARG A 139 -4.03 -14.14 -0.22
CA ARG A 139 -4.38 -15.54 0.03
C ARG A 139 -4.21 -16.39 -1.22
N TYR A 140 -4.60 -15.84 -2.37
CA TYR A 140 -4.47 -16.56 -3.64
C TYR A 140 -4.02 -15.62 -4.75
N ARG A 141 -3.59 -16.21 -5.86
CA ARG A 141 -3.13 -15.42 -7.01
C ARG A 141 -4.23 -14.52 -7.53
N VAL A 142 -3.93 -13.23 -7.62
CA VAL A 142 -4.89 -12.25 -8.10
C VAL A 142 -4.27 -11.37 -9.18
N ASP A 143 -5.13 -10.80 -10.02
CA ASP A 143 -4.67 -9.93 -11.10
C ASP A 143 -4.93 -8.46 -10.79
N PHE A 144 -5.62 -8.19 -9.68
CA PHE A 144 -5.94 -6.82 -9.29
C PHE A 144 -6.76 -6.12 -10.36
N GLN A 145 -7.37 -6.90 -11.25
CA GLN A 145 -8.20 -6.34 -12.33
C GLN A 145 -9.50 -5.77 -11.78
N GLY A 146 -9.99 -6.35 -10.69
CA GLY A 146 -11.22 -5.86 -10.09
C GLY A 146 -11.57 -6.61 -8.82
N MET A 147 -12.24 -7.75 -8.96
CA MET A 147 -12.65 -8.56 -7.82
C MET A 147 -11.89 -9.89 -7.81
N GLU A 148 -12.19 -10.73 -6.83
CA GLU A 148 -11.54 -12.03 -6.71
C GLU A 148 -12.28 -13.07 -7.57
N TYR A 149 -11.52 -14.05 -8.07
CA TYR A 149 -12.09 -15.11 -8.90
C TYR A 149 -12.70 -14.54 -10.18
N GLN A 150 -11.93 -13.71 -10.88
CA GLN A 150 -12.39 -13.11 -12.12
C GLN A 150 -12.34 -14.11 -13.27
N GLY A 151 -13.28 -13.98 -14.21
CA GLY A 151 -13.32 -14.88 -15.35
C GLY A 151 -14.71 -15.43 -15.59
N GLY A 152 -15.38 -14.91 -16.62
CA GLY A 152 -16.72 -15.38 -16.94
C GLY A 152 -17.79 -14.51 -16.32
N ASP A 153 -17.55 -14.08 -15.08
CA ASP A 153 -18.49 -13.23 -14.38
C ASP A 153 -18.52 -11.82 -14.98
N ASP A 154 -17.65 -11.59 -15.96
CA ASP A 154 -17.58 -10.29 -16.62
C ASP A 154 -17.19 -9.20 -15.62
N GLU A 155 -16.42 -9.57 -14.61
CA GLU A 155 -15.97 -8.63 -13.59
C GLU A 155 -15.17 -7.50 -14.22
N PHE A 156 -14.18 -7.86 -15.04
CA PHE A 156 -13.35 -6.88 -15.71
C PHE A 156 -14.17 -6.17 -16.79
N PHE A 157 -15.05 -6.93 -17.43
CA PHE A 157 -15.90 -6.40 -18.48
C PHE A 157 -16.90 -5.39 -17.92
N ASP A 158 -16.80 -4.16 -18.39
CA ASP A 158 -17.70 -3.09 -17.96
C ASP A 158 -19.13 -3.40 -18.39
N LEU A 159 -19.25 -4.37 -19.31
CA LEU A 159 -20.55 -4.78 -19.83
C LEU A 159 -21.49 -5.22 -18.71
N ASP A 160 -20.93 -5.50 -17.53
CA ASP A 160 -21.75 -5.93 -16.39
C ASP A 160 -22.82 -4.90 -16.08
N ASP A 161 -22.47 -3.63 -16.17
CA ASP A 161 -23.40 -2.54 -15.92
C ASP A 161 -24.44 -2.46 -17.03
N TYR A 162 -24.04 -2.86 -18.23
CA TYR A 162 -24.94 -2.83 -19.38
C TYR A 162 -26.15 -3.72 -19.12
N LEU A 163 -25.93 -4.81 -18.40
CA LEU A 163 -27.00 -5.75 -18.07
C LEU A 163 -28.10 -5.07 -17.27
N GLU A 164 -27.70 -4.21 -16.34
CA GLU A 164 -28.66 -3.49 -15.50
C GLU A 164 -28.95 -2.11 -16.08
N HIS A 165 -30.22 -1.72 -16.04
CA HIS A 165 -30.65 -0.42 -16.55
C HIS A 165 -32.12 -0.17 -16.27
N ASN A 2 4.03 -11.18 23.17
CA ASN A 2 5.23 -10.86 22.35
C ASN A 2 5.24 -11.65 21.05
N VAL A 3 4.06 -11.79 20.44
CA VAL A 3 3.94 -12.51 19.18
C VAL A 3 4.70 -11.81 18.06
N LYS A 4 4.81 -10.50 18.15
CA LYS A 4 5.51 -9.72 17.13
C LYS A 4 6.88 -10.31 16.82
N PHE A 5 7.62 -10.66 17.87
CA PHE A 5 8.97 -11.20 17.72
C PHE A 5 8.98 -12.44 16.82
N ILE A 6 8.09 -13.38 17.11
CA ILE A 6 8.01 -14.61 16.33
C ILE A 6 7.24 -14.39 15.04
N GLN A 7 6.11 -13.69 15.16
CA GLN A 7 5.25 -13.43 14.02
C GLN A 7 6.05 -12.69 12.95
N GLU A 8 6.90 -11.79 13.39
CA GLU A 8 7.74 -11.02 12.50
C GLU A 8 8.62 -11.95 11.68
N LYS A 9 9.13 -12.99 12.33
CA LYS A 9 9.99 -13.96 11.67
C LYS A 9 9.22 -14.82 10.67
N LYS A 10 8.20 -15.53 11.16
CA LYS A 10 7.42 -16.41 10.30
C LYS A 10 6.65 -15.65 9.21
N LEU A 11 5.91 -14.63 9.61
CA LEU A 11 5.10 -13.84 8.67
C LEU A 11 5.94 -13.19 7.56
N ILE A 12 6.87 -12.35 7.97
CA ILE A 12 7.73 -11.63 7.02
C ILE A 12 8.35 -12.58 5.99
N GLY A 13 8.79 -13.74 6.44
CA GLY A 13 9.39 -14.70 5.53
C GLY A 13 8.38 -15.25 4.52
N ARG A 14 7.17 -15.50 5.00
CA ARG A 14 6.09 -16.02 4.15
C ARG A 14 5.69 -14.99 3.10
N TYR A 15 5.90 -13.74 3.44
CA TYR A 15 5.60 -12.63 2.55
C TYR A 15 6.57 -12.62 1.40
N PHE A 16 7.84 -12.38 1.68
CA PHE A 16 8.82 -12.32 0.62
C PHE A 16 9.12 -13.67 -0.04
N ASP A 17 8.81 -14.79 0.64
CA ASP A 17 9.11 -16.11 0.07
C ASP A 17 8.23 -16.45 -1.13
N GLU A 18 6.99 -15.98 -1.11
CA GLU A 18 6.04 -16.27 -2.18
C GLU A 18 6.49 -15.76 -3.55
N ILE A 19 7.17 -14.61 -3.58
CA ILE A 19 7.65 -14.04 -4.84
C ILE A 19 8.95 -14.70 -5.25
N SER A 20 9.68 -15.21 -4.27
CA SER A 20 10.92 -15.90 -4.52
C SER A 20 10.64 -17.12 -5.41
N GLN A 21 9.42 -17.62 -5.30
CA GLN A 21 8.96 -18.75 -6.08
C GLN A 21 8.10 -18.31 -7.27
N ASP A 22 8.09 -17.00 -7.53
CA ASP A 22 7.29 -16.44 -8.62
C ASP A 22 5.82 -16.74 -8.43
N THR A 23 5.39 -16.82 -7.17
CA THR A 23 4.00 -17.10 -6.85
C THR A 23 3.17 -15.82 -6.75
N GLY A 24 3.83 -14.68 -6.56
CA GLY A 24 3.11 -13.42 -6.48
C GLY A 24 1.92 -13.47 -5.55
N LYS A 25 2.10 -14.01 -4.35
CA LYS A 25 1.03 -14.11 -3.39
C LYS A 25 1.13 -12.99 -2.36
N TYR A 26 1.71 -11.85 -2.79
CA TYR A 26 1.87 -10.71 -1.90
C TYR A 26 2.47 -9.52 -2.69
N CYS A 27 2.30 -8.32 -2.16
CA CYS A 27 2.82 -7.11 -2.80
C CYS A 27 3.50 -6.23 -1.76
N PHE A 28 4.26 -5.22 -2.19
CA PHE A 28 4.95 -4.35 -1.27
C PHE A 28 4.65 -2.87 -1.52
N GLY A 29 4.84 -2.06 -0.47
CA GLY A 29 4.60 -0.63 -0.58
C GLY A 29 3.23 -0.23 -0.06
N VAL A 30 2.99 1.06 0.00
CA VAL A 30 1.71 1.57 0.49
C VAL A 30 0.62 1.32 -0.55
N GLU A 31 0.81 1.89 -1.72
CA GLU A 31 -0.16 1.75 -2.82
C GLU A 31 -0.59 0.30 -3.00
N ASP A 32 0.37 -0.59 -3.26
CA ASP A 32 0.06 -2.00 -3.47
C ASP A 32 -0.59 -2.62 -2.24
N THR A 33 0.02 -2.44 -1.08
CA THR A 33 -0.50 -3.01 0.15
C THR A 33 -1.91 -2.48 0.44
N LEU A 34 -2.12 -1.19 0.17
CA LEU A 34 -3.42 -0.57 0.40
C LEU A 34 -4.44 -1.08 -0.61
N LYS A 35 -4.10 -0.97 -1.89
CA LYS A 35 -4.99 -1.40 -2.96
C LYS A 35 -5.36 -2.87 -2.81
N ALA A 36 -4.36 -3.72 -2.63
CA ALA A 36 -4.61 -5.14 -2.47
C ALA A 36 -5.49 -5.40 -1.26
N LEU A 37 -5.37 -4.54 -0.24
CA LEU A 37 -6.21 -4.67 0.95
C LEU A 37 -7.63 -4.31 0.58
N GLU A 38 -7.75 -3.25 -0.22
CA GLU A 38 -9.04 -2.80 -0.70
C GLU A 38 -9.61 -3.86 -1.63
N MET A 39 -8.71 -4.59 -2.27
CA MET A 39 -9.05 -5.67 -3.19
C MET A 39 -9.47 -6.93 -2.44
N GLY A 40 -9.20 -6.97 -1.14
CA GLY A 40 -9.53 -8.15 -0.36
C GLY A 40 -8.68 -9.34 -0.78
N ALA A 41 -7.69 -9.08 -1.63
CA ALA A 41 -6.79 -10.11 -2.12
C ALA A 41 -5.77 -10.48 -1.05
N VAL A 42 -5.54 -9.56 -0.12
CA VAL A 42 -4.57 -9.78 0.95
C VAL A 42 -5.06 -10.76 2.01
N GLU A 43 -4.18 -11.68 2.37
CA GLU A 43 -4.47 -12.67 3.40
C GLU A 43 -3.94 -12.17 4.74
N ILE A 44 -2.72 -11.65 4.71
CA ILE A 44 -2.07 -11.12 5.91
C ILE A 44 -1.35 -9.82 5.56
N LEU A 45 -1.58 -8.78 6.36
CA LEU A 45 -0.93 -7.49 6.12
C LEU A 45 0.36 -7.37 6.92
N ILE A 46 1.42 -6.90 6.28
CA ILE A 46 2.70 -6.71 6.95
C ILE A 46 3.07 -5.23 7.00
N VAL A 47 2.98 -4.66 8.19
CA VAL A 47 3.28 -3.25 8.40
C VAL A 47 4.14 -3.12 9.66
N TYR A 48 5.21 -2.32 9.63
CA TYR A 48 6.09 -2.21 10.79
C TYR A 48 5.63 -1.16 11.80
N GLU A 49 5.97 -1.41 13.06
CA GLU A 49 5.62 -0.51 14.15
C GLU A 49 6.26 0.85 13.91
N ASN A 50 7.46 0.83 13.33
CA ASN A 50 8.18 2.05 13.03
C ASN A 50 7.99 2.42 11.56
N LEU A 51 6.74 2.62 11.17
CA LEU A 51 6.42 2.96 9.80
C LEU A 51 6.46 4.48 9.61
N ASP A 52 7.31 4.92 8.69
CA ASP A 52 7.46 6.35 8.42
C ASP A 52 6.44 6.85 7.40
N ILE A 53 5.60 5.95 6.88
CA ILE A 53 4.61 6.32 5.90
C ILE A 53 3.26 6.61 6.52
N MET A 54 2.73 7.78 6.20
CA MET A 54 1.45 8.25 6.70
C MET A 54 0.49 8.59 5.58
N ARG A 55 -0.81 8.71 5.90
CA ARG A 55 -1.81 9.02 4.90
C ARG A 55 -2.33 10.44 5.03
N TYR A 56 -2.01 11.26 4.02
CA TYR A 56 -2.45 12.65 4.00
C TYR A 56 -3.25 12.90 2.72
N VAL A 57 -4.35 13.63 2.85
CA VAL A 57 -5.18 13.91 1.69
C VAL A 57 -5.02 15.35 1.21
N LEU A 58 -4.52 15.50 -0.02
CA LEU A 58 -4.31 16.81 -0.61
C LEU A 58 -5.43 17.14 -1.59
N HIS A 59 -6.12 18.26 -1.36
CA HIS A 59 -7.22 18.65 -2.26
C HIS A 59 -6.97 20.03 -2.86
N CYS A 60 -7.37 20.18 -4.12
CA CYS A 60 -7.20 21.45 -4.83
C CYS A 60 -8.54 22.12 -5.09
N GLN A 61 -8.65 23.39 -4.70
CA GLN A 61 -9.87 24.15 -4.89
C GLN A 61 -11.05 23.51 -4.17
N GLY A 62 -10.75 22.65 -3.19
CA GLY A 62 -11.79 21.99 -2.44
C GLY A 62 -11.98 20.54 -2.85
N THR A 63 -12.31 20.32 -4.12
CA THR A 63 -12.53 18.96 -4.62
C THR A 63 -12.34 18.86 -6.14
N GLU A 64 -11.95 19.97 -6.77
CA GLU A 64 -11.75 19.98 -8.22
C GLU A 64 -10.67 18.97 -8.63
N GLU A 65 -9.72 18.75 -7.72
CA GLU A 65 -8.62 17.81 -7.98
C GLU A 65 -8.08 17.28 -6.66
N GLU A 66 -8.49 16.06 -6.31
CA GLU A 66 -8.06 15.46 -5.06
C GLU A 66 -6.85 14.55 -5.27
N LYS A 67 -5.80 14.84 -4.52
CA LYS A 67 -4.57 14.07 -4.59
C LYS A 67 -4.26 13.43 -3.25
N ILE A 68 -3.88 12.16 -3.28
CA ILE A 68 -3.52 11.43 -2.07
C ILE A 68 -2.07 10.97 -2.21
N LEU A 69 -1.26 11.23 -1.20
CA LEU A 69 0.15 10.85 -1.26
C LEU A 69 0.70 10.48 0.11
N TYR A 70 1.79 9.71 0.10
CA TYR A 70 2.44 9.28 1.33
C TYR A 70 3.79 9.98 1.49
N LEU A 71 4.04 10.53 2.67
CA LEU A 71 5.29 11.23 2.91
C LEU A 71 5.95 10.80 4.22
N THR A 72 7.24 10.50 4.14
CA THR A 72 8.00 10.09 5.31
C THR A 72 8.44 11.34 6.08
N PRO A 73 9.05 11.17 7.27
CA PRO A 73 9.50 12.32 8.07
C PRO A 73 10.22 13.36 7.23
N GLU A 74 11.04 12.90 6.29
CA GLU A 74 11.79 13.80 5.42
C GLU A 74 10.94 14.32 4.26
N GLN A 75 10.16 13.42 3.65
CA GLN A 75 9.31 13.79 2.52
C GLN A 75 8.31 14.87 2.94
N GLU A 76 7.66 14.67 4.08
CA GLU A 76 6.69 15.64 4.60
C GLU A 76 7.31 17.03 4.68
N LYS A 77 8.62 17.07 4.86
CA LYS A 77 9.34 18.33 4.94
C LYS A 77 9.35 19.00 3.56
N ASP A 78 9.47 18.17 2.53
CA ASP A 78 9.48 18.64 1.15
C ASP A 78 8.06 18.86 0.66
N LYS A 79 7.73 20.11 0.32
CA LYS A 79 6.39 20.44 -0.15
C LYS A 79 6.30 20.34 -1.68
N SER A 80 7.39 19.94 -2.33
CA SER A 80 7.42 19.81 -3.78
C SER A 80 6.53 18.65 -4.26
N HIS A 81 6.56 17.54 -3.54
CA HIS A 81 5.76 16.37 -3.91
C HIS A 81 4.27 16.68 -3.93
N PHE A 82 3.81 17.47 -2.96
CA PHE A 82 2.40 17.84 -2.87
C PHE A 82 1.96 18.62 -4.11
N THR A 83 2.84 19.50 -4.60
CA THR A 83 2.54 20.31 -5.78
C THR A 83 2.82 19.52 -7.06
N ASP A 84 2.31 20.03 -8.18
CA ASP A 84 2.52 19.37 -9.47
C ASP A 84 2.67 20.39 -10.60
N LYS A 85 3.39 20.00 -11.64
CA LYS A 85 3.60 20.86 -12.80
C LYS A 85 2.35 20.88 -13.68
N GLU A 86 1.37 20.04 -13.33
CA GLU A 86 0.12 19.96 -14.09
C GLU A 86 -0.98 20.73 -13.38
N THR A 87 -0.61 21.40 -12.30
CA THR A 87 -1.54 22.20 -11.52
C THR A 87 -0.86 23.51 -11.14
N GLY A 88 0.44 23.40 -10.84
CA GLY A 88 1.21 24.57 -10.47
C GLY A 88 0.64 25.28 -9.26
N GLN A 89 -0.14 24.56 -8.48
CA GLN A 89 -0.76 25.12 -7.29
C GLN A 89 -0.39 24.30 -6.06
N GLU A 90 -0.52 24.91 -4.88
CA GLU A 90 -0.21 24.21 -3.64
C GLU A 90 -1.47 23.63 -3.03
N HIS A 91 -1.54 22.31 -2.97
CA HIS A 91 -2.69 21.63 -2.40
C HIS A 91 -2.95 22.10 -0.98
N GLU A 92 -4.12 21.75 -0.45
CA GLU A 92 -4.48 22.12 0.90
C GLU A 92 -4.88 20.87 1.67
N LEU A 93 -4.00 20.41 2.54
CA LEU A 93 -4.28 19.22 3.31
C LEU A 93 -5.53 19.40 4.16
N ILE A 94 -6.40 18.40 4.11
CA ILE A 94 -7.65 18.44 4.86
C ILE A 94 -7.51 17.66 6.16
N GLU A 95 -6.95 16.46 6.05
CA GLU A 95 -6.75 15.60 7.20
C GLU A 95 -5.47 14.78 7.05
N SER A 96 -4.96 14.31 8.17
CA SER A 96 -3.75 13.50 8.18
C SER A 96 -3.91 12.35 9.17
N MET A 97 -3.68 11.13 8.70
CA MET A 97 -3.83 9.96 9.56
C MET A 97 -2.62 9.04 9.49
N PRO A 98 -2.06 8.67 10.65
CA PRO A 98 -0.92 7.76 10.70
C PRO A 98 -1.28 6.43 10.04
N LEU A 99 -0.77 6.22 8.84
CA LEU A 99 -1.05 5.01 8.08
C LEU A 99 -0.92 3.76 8.92
N LEU A 100 0.24 3.56 9.54
CA LEU A 100 0.46 2.39 10.36
C LEU A 100 -0.64 2.28 11.42
N GLU A 101 -0.91 3.38 12.10
CA GLU A 101 -1.94 3.43 13.11
C GLU A 101 -3.28 3.09 12.47
N TRP A 102 -3.48 3.61 11.26
CA TRP A 102 -4.71 3.38 10.51
C TRP A 102 -4.83 1.91 10.10
N PHE A 103 -3.71 1.33 9.69
CA PHE A 103 -3.70 -0.06 9.24
C PHE A 103 -4.27 -0.98 10.30
N ALA A 104 -3.87 -0.79 11.55
CA ALA A 104 -4.35 -1.61 12.65
C ALA A 104 -5.71 -1.13 13.16
N ASN A 105 -6.15 0.02 12.65
CA ASN A 105 -7.42 0.60 13.08
C ASN A 105 -8.62 -0.16 12.52
N ASN A 106 -8.61 -0.44 11.22
CA ASN A 106 -9.74 -1.13 10.58
C ASN A 106 -9.33 -2.33 9.73
N TYR A 107 -8.15 -2.88 9.93
CA TYR A 107 -7.70 -4.03 9.14
C TYR A 107 -8.72 -5.17 9.16
N LYS A 108 -9.62 -5.16 10.13
CA LYS A 108 -10.63 -6.20 10.23
C LYS A 108 -11.69 -6.01 9.16
N LYS A 109 -11.94 -4.75 8.80
CA LYS A 109 -12.93 -4.42 7.78
C LYS A 109 -12.48 -4.89 6.39
N PHE A 110 -11.20 -4.72 6.11
CA PHE A 110 -10.65 -5.13 4.81
C PHE A 110 -10.49 -6.65 4.73
N GLY A 111 -10.38 -7.29 5.89
CA GLY A 111 -10.22 -8.74 5.93
C GLY A 111 -8.77 -9.17 5.85
N ALA A 112 -7.86 -8.25 6.18
CA ALA A 112 -6.43 -8.55 6.16
C ALA A 112 -5.90 -8.61 7.58
N THR A 113 -4.95 -9.50 7.83
CA THR A 113 -4.36 -9.64 9.16
C THR A 113 -3.27 -8.58 9.35
N LEU A 114 -3.60 -7.56 10.11
CA LEU A 114 -2.64 -6.50 10.37
C LEU A 114 -1.62 -6.94 11.40
N GLU A 115 -0.43 -7.25 10.93
CA GLU A 115 0.65 -7.69 11.81
C GLU A 115 1.76 -6.66 11.83
N ILE A 116 2.24 -6.34 13.01
CA ILE A 116 3.31 -5.36 13.17
C ILE A 116 4.68 -6.04 13.22
N VAL A 117 5.70 -5.34 12.73
CA VAL A 117 7.06 -5.86 12.71
C VAL A 117 8.09 -4.74 12.75
N THR A 118 9.35 -5.10 12.97
CA THR A 118 10.43 -4.14 13.04
C THR A 118 11.59 -4.52 12.13
N ASP A 119 12.46 -3.55 11.84
CA ASP A 119 13.61 -3.79 10.98
C ASP A 119 14.82 -4.27 11.77
N LYS A 120 14.64 -4.45 13.08
CA LYS A 120 15.73 -4.90 13.95
C LYS A 120 16.24 -6.26 13.49
N SER A 121 15.31 -7.14 13.09
CA SER A 121 15.67 -8.47 12.62
C SER A 121 16.10 -8.43 11.16
N GLN A 122 16.87 -9.42 10.73
CA GLN A 122 17.34 -9.49 9.36
C GLN A 122 16.19 -9.55 8.38
N GLU A 123 15.14 -10.30 8.72
CA GLU A 123 13.98 -10.44 7.86
C GLU A 123 13.21 -9.14 7.74
N GLY A 124 13.08 -8.43 8.85
CA GLY A 124 12.36 -7.17 8.84
C GLY A 124 12.99 -6.14 7.94
N SER A 125 14.31 -6.08 7.94
CA SER A 125 15.04 -5.13 7.10
C SER A 125 14.77 -5.38 5.63
N GLN A 126 14.64 -6.65 5.28
CA GLN A 126 14.38 -7.05 3.90
C GLN A 126 13.13 -6.35 3.34
N PHE A 127 12.25 -5.93 4.23
CA PHE A 127 11.02 -5.25 3.81
C PHE A 127 11.22 -3.75 3.66
N VAL A 128 11.76 -3.12 4.69
CA VAL A 128 11.98 -1.68 4.69
C VAL A 128 13.00 -1.27 3.63
N LYS A 129 14.06 -2.05 3.51
CA LYS A 129 15.11 -1.75 2.53
C LYS A 129 14.70 -2.20 1.13
N GLY A 130 13.91 -3.26 1.07
CA GLY A 130 13.45 -3.77 -0.21
C GLY A 130 12.14 -3.15 -0.64
N PHE A 131 11.38 -2.63 0.32
CA PHE A 131 10.10 -2.01 0.03
C PHE A 131 9.94 -0.68 0.77
N GLY A 132 9.36 -0.70 1.97
CA GLY A 132 9.17 0.52 2.72
C GLY A 132 8.33 0.32 3.97
N GLY A 133 8.59 -0.77 4.68
CA GLY A 133 7.85 -1.06 5.91
C GLY A 133 6.38 -1.32 5.70
N ILE A 134 5.97 -1.60 4.48
CA ILE A 134 4.57 -1.87 4.17
C ILE A 134 4.43 -2.89 3.05
N GLY A 135 3.73 -3.99 3.32
CA GLY A 135 3.52 -5.00 2.31
C GLY A 135 2.16 -5.61 2.47
N GLY A 136 1.66 -6.30 1.46
CA GLY A 136 0.37 -6.92 1.57
C GLY A 136 0.30 -8.27 0.89
N ILE A 137 0.36 -9.33 1.68
CA ILE A 137 0.30 -10.67 1.17
C ILE A 137 -1.08 -10.97 0.65
N LEU A 138 -1.16 -11.54 -0.54
CA LEU A 138 -2.44 -11.88 -1.15
C LEU A 138 -2.66 -13.39 -1.15
N ARG A 139 -3.91 -13.80 -1.30
CA ARG A 139 -4.25 -15.22 -1.31
C ARG A 139 -4.16 -15.81 -2.72
N TYR A 140 -4.27 -14.95 -3.72
CA TYR A 140 -4.22 -15.38 -5.12
C TYR A 140 -3.04 -14.75 -5.85
N ARG A 141 -2.75 -15.24 -7.05
CA ARG A 141 -1.65 -14.71 -7.86
C ARG A 141 -1.94 -13.32 -8.41
N VAL A 142 -2.83 -12.58 -7.72
CA VAL A 142 -3.20 -11.23 -8.16
C VAL A 142 -2.01 -10.27 -8.05
N ASP A 143 -1.12 -10.35 -9.02
CA ASP A 143 0.06 -9.48 -9.04
C ASP A 143 -0.31 -8.09 -9.54
N PHE A 144 -1.13 -8.05 -10.59
CA PHE A 144 -1.56 -6.78 -11.18
C PHE A 144 -2.99 -6.89 -11.69
N GLN A 145 -3.61 -5.75 -11.93
CA GLN A 145 -4.99 -5.71 -12.42
C GLN A 145 -5.16 -4.62 -13.47
N GLY A 146 -6.21 -4.74 -14.27
CA GLY A 146 -6.48 -3.76 -15.32
C GLY A 146 -7.87 -3.18 -15.22
N MET A 147 -8.88 -4.01 -15.52
CA MET A 147 -10.27 -3.57 -15.48
C MET A 147 -11.06 -4.42 -14.47
N GLU A 148 -12.27 -3.96 -14.16
CA GLU A 148 -13.13 -4.67 -13.20
C GLU A 148 -13.43 -6.08 -13.70
N TYR A 149 -13.66 -6.20 -15.01
CA TYR A 149 -13.96 -7.49 -15.60
C TYR A 149 -12.82 -7.94 -16.51
N GLN A 150 -12.25 -9.11 -16.21
CA GLN A 150 -11.14 -9.65 -16.99
C GLN A 150 -11.40 -11.09 -17.38
N GLY A 151 -10.79 -11.53 -18.47
CA GLY A 151 -10.97 -12.89 -18.94
C GLY A 151 -12.07 -13.00 -19.98
N GLY A 152 -12.21 -11.96 -20.79
CA GLY A 152 -13.23 -11.96 -21.83
C GLY A 152 -13.26 -10.66 -22.62
N ASP A 153 -12.90 -9.56 -21.97
CA ASP A 153 -12.88 -8.27 -22.64
C ASP A 153 -11.65 -8.13 -23.53
N ASP A 154 -10.91 -9.22 -23.69
CA ASP A 154 -9.70 -9.22 -24.51
C ASP A 154 -8.65 -8.25 -23.98
N GLU A 155 -8.35 -8.36 -22.69
CA GLU A 155 -7.37 -7.49 -22.06
C GLU A 155 -5.98 -7.69 -22.67
N PHE A 156 -5.56 -8.95 -22.77
CA PHE A 156 -4.24 -9.27 -23.32
C PHE A 156 -4.34 -9.76 -24.77
N PHE A 157 -5.52 -9.64 -25.36
CA PHE A 157 -5.72 -10.08 -26.73
C PHE A 157 -5.61 -8.90 -27.70
N ASP A 158 -4.57 -8.93 -28.53
CA ASP A 158 -4.34 -7.89 -29.51
C ASP A 158 -5.42 -7.95 -30.60
N LEU A 159 -6.19 -9.04 -30.60
CA LEU A 159 -7.25 -9.25 -31.56
C LEU A 159 -8.26 -8.10 -31.55
N ASP A 160 -8.24 -7.28 -30.50
CA ASP A 160 -9.17 -6.16 -30.40
C ASP A 160 -9.07 -5.27 -31.64
N ASP A 161 -7.85 -5.05 -32.10
CA ASP A 161 -7.62 -4.23 -33.29
C ASP A 161 -8.08 -4.96 -34.55
N TYR A 162 -8.03 -6.29 -34.51
CA TYR A 162 -8.45 -7.09 -35.65
C TYR A 162 -9.89 -6.80 -36.01
N LEU A 163 -10.71 -6.57 -34.99
CA LEU A 163 -12.12 -6.27 -35.17
C LEU A 163 -12.30 -5.01 -36.01
N GLU A 164 -11.51 -3.98 -35.71
CA GLU A 164 -11.60 -2.72 -36.44
C GLU A 164 -11.31 -2.91 -37.92
N HIS A 165 -10.34 -3.76 -38.23
CA HIS A 165 -9.98 -4.04 -39.61
C HIS A 165 -10.27 -5.49 -39.98
N ASN A 2 7.03 -11.10 23.58
CA ASN A 2 6.51 -10.19 22.52
C ASN A 2 6.29 -10.92 21.21
N VAL A 3 5.07 -10.87 20.70
CA VAL A 3 4.75 -11.53 19.43
C VAL A 3 5.54 -10.92 18.29
N LYS A 4 5.93 -9.66 18.44
CA LYS A 4 6.69 -8.96 17.42
C LYS A 4 7.88 -9.80 16.94
N PHE A 5 8.65 -10.32 17.88
CA PHE A 5 9.83 -11.11 17.56
C PHE A 5 9.49 -12.34 16.72
N ILE A 6 8.51 -13.11 17.16
CA ILE A 6 8.11 -14.31 16.43
C ILE A 6 7.27 -13.99 15.20
N GLN A 7 6.35 -13.04 15.37
CA GLN A 7 5.49 -12.62 14.29
C GLN A 7 6.33 -12.09 13.13
N GLU A 8 7.27 -11.24 13.48
CA GLU A 8 8.17 -10.61 12.52
C GLU A 8 8.97 -11.65 11.74
N LYS A 9 9.43 -12.68 12.44
CA LYS A 9 10.24 -13.73 11.83
C LYS A 9 9.45 -14.58 10.83
N LYS A 10 8.37 -15.20 11.29
CA LYS A 10 7.58 -16.08 10.44
C LYS A 10 6.81 -15.32 9.36
N LEU A 11 6.25 -14.17 9.71
CA LEU A 11 5.46 -13.39 8.75
C LEU A 11 6.31 -12.81 7.62
N ILE A 12 7.25 -11.95 7.98
CA ILE A 12 8.11 -11.31 6.99
C ILE A 12 8.74 -12.33 6.04
N GLY A 13 9.14 -13.48 6.59
CA GLY A 13 9.72 -14.51 5.75
C GLY A 13 8.71 -15.11 4.80
N ARG A 14 7.49 -15.32 5.30
CA ARG A 14 6.42 -15.90 4.51
C ARG A 14 6.04 -15.02 3.33
N TYR A 15 6.26 -13.72 3.47
CA TYR A 15 5.94 -12.79 2.40
C TYR A 15 7.01 -12.88 1.31
N PHE A 16 8.25 -12.65 1.72
CA PHE A 16 9.37 -12.66 0.81
C PHE A 16 9.69 -14.07 0.30
N ASP A 17 9.33 -15.11 1.07
CA ASP A 17 9.61 -16.48 0.64
C ASP A 17 8.61 -16.93 -0.41
N GLU A 18 7.34 -16.59 -0.19
CA GLU A 18 6.31 -16.96 -1.14
C GLU A 18 6.63 -16.34 -2.50
N ILE A 19 7.21 -15.14 -2.45
CA ILE A 19 7.61 -14.43 -3.67
C ILE A 19 8.63 -15.26 -4.43
N SER A 20 9.49 -15.96 -3.69
CA SER A 20 10.51 -16.79 -4.29
C SER A 20 9.88 -17.83 -5.21
N GLN A 21 8.64 -18.19 -4.93
CA GLN A 21 7.91 -19.16 -5.73
C GLN A 21 7.13 -18.48 -6.85
N ASP A 22 7.22 -17.16 -6.92
CA ASP A 22 6.50 -16.40 -7.94
C ASP A 22 5.01 -16.63 -7.81
N THR A 23 4.55 -16.83 -6.57
CA THR A 23 3.14 -17.07 -6.33
C THR A 23 2.32 -15.81 -6.59
N GLY A 24 2.98 -14.65 -6.65
CA GLY A 24 2.27 -13.41 -6.94
C GLY A 24 1.09 -13.14 -6.04
N LYS A 25 1.32 -13.20 -4.74
CA LYS A 25 0.27 -12.94 -3.76
C LYS A 25 0.84 -12.10 -2.64
N TYR A 26 1.37 -10.94 -3.00
CA TYR A 26 1.99 -10.04 -2.03
C TYR A 26 2.45 -8.77 -2.74
N CYS A 27 2.43 -7.65 -2.03
CA CYS A 27 2.86 -6.39 -2.63
C CYS A 27 3.69 -5.59 -1.63
N PHE A 28 4.38 -4.56 -2.11
CA PHE A 28 5.20 -3.72 -1.25
C PHE A 28 4.89 -2.25 -1.48
N GLY A 29 4.96 -1.49 -0.41
CA GLY A 29 4.67 -0.07 -0.48
C GLY A 29 3.30 0.27 0.06
N VAL A 30 3.04 1.54 0.25
CA VAL A 30 1.75 1.98 0.77
C VAL A 30 0.66 1.80 -0.27
N GLU A 31 0.87 2.39 -1.45
CA GLU A 31 -0.12 2.30 -2.52
C GLU A 31 -0.50 0.85 -2.84
N ASP A 32 0.48 0.06 -3.23
CA ASP A 32 0.23 -1.33 -3.59
C ASP A 32 -0.33 -2.15 -2.43
N THR A 33 0.40 -2.18 -1.32
CA THR A 33 -0.03 -2.95 -0.14
C THR A 33 -1.47 -2.61 0.23
N LEU A 34 -1.89 -1.39 -0.04
CA LEU A 34 -3.26 -0.96 0.26
C LEU A 34 -4.23 -1.42 -0.82
N LYS A 35 -3.85 -1.23 -2.07
CA LYS A 35 -4.69 -1.61 -3.20
C LYS A 35 -5.13 -3.06 -3.09
N ALA A 36 -4.20 -3.95 -2.82
CA ALA A 36 -4.51 -5.37 -2.69
C ALA A 36 -5.44 -5.61 -1.50
N LEU A 37 -5.30 -4.79 -0.46
CA LEU A 37 -6.16 -4.92 0.71
C LEU A 37 -7.58 -4.53 0.32
N GLU A 38 -7.66 -3.49 -0.49
CA GLU A 38 -8.93 -3.01 -1.00
C GLU A 38 -9.53 -4.09 -1.89
N MET A 39 -8.64 -4.87 -2.49
CA MET A 39 -9.02 -5.96 -3.39
C MET A 39 -9.45 -7.20 -2.62
N GLY A 40 -9.24 -7.19 -1.30
CA GLY A 40 -9.59 -8.34 -0.50
C GLY A 40 -8.74 -9.55 -0.82
N ALA A 41 -7.76 -9.34 -1.71
CA ALA A 41 -6.84 -10.39 -2.13
C ALA A 41 -5.85 -10.71 -1.03
N VAL A 42 -5.63 -9.73 -0.14
CA VAL A 42 -4.69 -9.86 0.95
C VAL A 42 -5.10 -10.89 1.99
N GLU A 43 -4.20 -11.82 2.26
CA GLU A 43 -4.45 -12.84 3.27
C GLU A 43 -3.87 -12.34 4.59
N ILE A 44 -2.67 -11.75 4.51
CA ILE A 44 -1.99 -11.20 5.67
C ILE A 44 -1.29 -9.89 5.29
N LEU A 45 -1.35 -8.90 6.17
CA LEU A 45 -0.69 -7.62 5.91
C LEU A 45 0.56 -7.46 6.76
N ILE A 46 1.66 -7.05 6.13
CA ILE A 46 2.93 -6.85 6.82
C ILE A 46 3.27 -5.37 6.86
N VAL A 47 3.11 -4.76 8.03
CA VAL A 47 3.39 -3.34 8.22
C VAL A 47 4.21 -3.14 9.49
N TYR A 48 5.25 -2.31 9.47
CA TYR A 48 6.10 -2.13 10.64
C TYR A 48 5.58 -1.06 11.59
N GLU A 49 5.89 -1.27 12.88
CA GLU A 49 5.48 -0.33 13.93
C GLU A 49 6.17 1.02 13.74
N ASN A 50 7.37 0.97 13.17
CA ASN A 50 8.15 2.18 12.94
C ASN A 50 7.70 2.88 11.65
N LEU A 51 6.66 2.33 11.00
CA LEU A 51 6.16 2.92 9.77
C LEU A 51 6.00 4.43 9.90
N ASP A 52 6.78 5.16 9.13
CA ASP A 52 6.74 6.62 9.17
C ASP A 52 5.84 7.17 8.06
N ILE A 53 5.05 6.28 7.45
CA ILE A 53 4.15 6.69 6.38
C ILE A 53 2.75 6.97 6.91
N MET A 54 2.21 8.10 6.49
CA MET A 54 0.89 8.53 6.93
C MET A 54 -0.06 8.78 5.75
N ARG A 55 -1.35 8.84 6.06
CA ARG A 55 -2.36 9.06 5.04
C ARG A 55 -2.89 10.48 5.06
N TYR A 56 -2.48 11.26 4.08
CA TYR A 56 -2.94 12.65 3.95
C TYR A 56 -3.74 12.80 2.68
N VAL A 57 -4.86 13.50 2.76
CA VAL A 57 -5.72 13.69 1.60
C VAL A 57 -5.66 15.12 1.08
N LEU A 58 -5.12 15.28 -0.12
CA LEU A 58 -5.00 16.61 -0.74
C LEU A 58 -6.11 16.82 -1.76
N HIS A 59 -6.96 17.83 -1.55
CA HIS A 59 -8.05 18.12 -2.49
C HIS A 59 -8.20 19.61 -2.72
N CYS A 60 -8.92 19.96 -3.77
CA CYS A 60 -9.20 21.35 -4.11
C CYS A 60 -10.70 21.59 -4.13
N GLN A 61 -11.12 22.82 -3.76
CA GLN A 61 -12.54 23.15 -3.72
C GLN A 61 -13.24 22.76 -5.02
N GLY A 62 -12.53 22.91 -6.14
CA GLY A 62 -13.10 22.57 -7.43
C GLY A 62 -13.49 21.11 -7.54
N THR A 63 -13.02 20.29 -6.59
CA THR A 63 -13.34 18.86 -6.58
C THR A 63 -13.20 18.24 -7.98
N GLU A 64 -12.34 18.82 -8.80
CA GLU A 64 -12.11 18.32 -10.16
C GLU A 64 -10.81 17.52 -10.24
N GLU A 65 -10.12 17.37 -9.13
CA GLU A 65 -8.86 16.63 -9.10
C GLU A 65 -8.44 16.29 -7.68
N GLU A 66 -8.88 15.14 -7.19
CA GLU A 66 -8.54 14.70 -5.84
C GLU A 66 -7.24 13.93 -5.84
N LYS A 67 -6.35 14.32 -4.95
CA LYS A 67 -5.04 13.67 -4.83
C LYS A 67 -4.79 13.17 -3.42
N ILE A 68 -4.39 11.91 -3.33
CA ILE A 68 -4.07 11.29 -2.05
C ILE A 68 -2.62 10.82 -2.09
N LEU A 69 -1.85 11.13 -1.06
CA LEU A 69 -0.44 10.74 -1.06
C LEU A 69 0.08 10.39 0.34
N TYR A 70 1.17 9.64 0.37
CA TYR A 70 1.82 9.23 1.61
C TYR A 70 3.15 9.96 1.75
N LEU A 71 3.39 10.57 2.92
CA LEU A 71 4.63 11.31 3.13
C LEU A 71 5.24 11.02 4.49
N THR A 72 6.55 10.77 4.50
CA THR A 72 7.27 10.52 5.74
C THR A 72 7.58 11.86 6.42
N PRO A 73 8.23 11.84 7.60
CA PRO A 73 8.55 13.08 8.32
C PRO A 73 9.22 14.13 7.42
N GLU A 74 10.10 13.67 6.54
CA GLU A 74 10.81 14.58 5.64
C GLU A 74 9.94 14.96 4.44
N GLN A 75 9.19 13.99 3.91
CA GLN A 75 8.34 14.22 2.75
C GLN A 75 7.29 15.29 3.06
N GLU A 76 6.62 15.17 4.21
CA GLU A 76 5.61 16.13 4.61
C GLU A 76 6.20 17.52 4.74
N LYS A 77 7.49 17.58 5.08
CA LYS A 77 8.19 18.85 5.23
C LYS A 77 8.43 19.51 3.88
N ASP A 78 8.79 18.71 2.89
CA ASP A 78 9.06 19.21 1.54
C ASP A 78 7.82 19.90 0.95
N LYS A 79 6.68 19.20 1.02
CA LYS A 79 5.42 19.73 0.49
C LYS A 79 5.43 19.86 -1.04
N SER A 80 6.59 19.69 -1.66
CA SER A 80 6.70 19.80 -3.11
C SER A 80 5.90 18.72 -3.82
N HIS A 81 5.88 17.51 -3.25
CA HIS A 81 5.16 16.39 -3.84
C HIS A 81 3.67 16.69 -3.94
N PHE A 82 3.12 17.34 -2.93
CA PHE A 82 1.70 17.67 -2.91
C PHE A 82 1.32 18.49 -4.16
N THR A 83 2.19 19.43 -4.54
CA THR A 83 1.94 20.26 -5.71
C THR A 83 2.42 19.56 -6.98
N ASP A 84 1.97 20.04 -8.13
CA ASP A 84 2.36 19.45 -9.41
C ASP A 84 2.55 20.52 -10.48
N LYS A 85 3.42 20.25 -11.44
CA LYS A 85 3.69 21.16 -12.54
C LYS A 85 2.55 21.12 -13.57
N GLU A 86 1.62 20.19 -13.38
CA GLU A 86 0.48 20.03 -14.28
C GLU A 86 -0.77 20.68 -13.70
N THR A 87 -0.60 21.34 -12.55
CA THR A 87 -1.67 22.03 -11.87
C THR A 87 -1.16 23.36 -11.36
N GLY A 88 0.09 23.35 -10.90
CA GLY A 88 0.71 24.55 -10.38
C GLY A 88 -0.08 25.16 -9.24
N GLN A 89 -0.88 24.32 -8.59
CA GLN A 89 -1.71 24.77 -7.48
C GLN A 89 -1.44 23.93 -6.24
N GLU A 90 -1.69 24.51 -5.07
CA GLU A 90 -1.48 23.81 -3.82
C GLU A 90 -2.79 23.24 -3.30
N HIS A 91 -2.89 21.92 -3.27
CA HIS A 91 -4.10 21.26 -2.78
C HIS A 91 -4.44 21.72 -1.37
N GLU A 92 -5.54 21.20 -0.82
CA GLU A 92 -5.95 21.56 0.52
C GLU A 92 -6.19 20.31 1.34
N LEU A 93 -5.28 20.04 2.26
CA LEU A 93 -5.39 18.85 3.09
C LEU A 93 -6.70 18.85 3.86
N ILE A 94 -7.46 17.77 3.73
CA ILE A 94 -8.74 17.64 4.41
C ILE A 94 -8.57 16.97 5.76
N GLU A 95 -7.67 15.99 5.81
CA GLU A 95 -7.41 15.26 7.04
C GLU A 95 -6.08 14.53 6.96
N SER A 96 -5.56 14.17 8.12
CA SER A 96 -4.29 13.46 8.22
C SER A 96 -4.43 12.35 9.26
N MET A 97 -4.20 11.14 8.83
CA MET A 97 -4.32 9.99 9.74
C MET A 97 -3.09 9.10 9.69
N PRO A 98 -2.55 8.72 10.87
CA PRO A 98 -1.39 7.83 10.92
C PRO A 98 -1.72 6.50 10.27
N LEU A 99 -1.17 6.30 9.08
CA LEU A 99 -1.42 5.09 8.30
C LEU A 99 -1.26 3.82 9.13
N LEU A 100 -0.10 3.63 9.74
CA LEU A 100 0.13 2.43 10.54
C LEU A 100 -0.96 2.29 11.59
N GLU A 101 -1.24 3.37 12.30
CA GLU A 101 -2.29 3.37 13.30
C GLU A 101 -3.63 3.03 12.66
N TRP A 102 -3.84 3.58 11.46
CA TRP A 102 -5.06 3.35 10.71
C TRP A 102 -5.16 1.89 10.29
N PHE A 103 -4.04 1.31 9.88
CA PHE A 103 -4.01 -0.08 9.43
C PHE A 103 -4.53 -1.01 10.51
N ALA A 104 -4.13 -0.79 11.74
CA ALA A 104 -4.56 -1.62 12.85
C ALA A 104 -5.95 -1.23 13.34
N ASN A 105 -6.46 -0.11 12.84
CA ASN A 105 -7.77 0.38 13.25
C ASN A 105 -8.93 -0.42 12.65
N ASN A 106 -8.87 -0.70 11.35
CA ASN A 106 -9.96 -1.41 10.68
C ASN A 106 -9.50 -2.54 9.76
N TYR A 107 -8.31 -3.10 10.00
CA TYR A 107 -7.80 -4.18 9.15
C TYR A 107 -8.73 -5.38 9.14
N LYS A 108 -9.68 -5.42 10.06
CA LYS A 108 -10.62 -6.54 10.12
C LYS A 108 -11.68 -6.39 9.04
N LYS A 109 -11.98 -5.14 8.68
CA LYS A 109 -12.98 -4.84 7.67
C LYS A 109 -12.52 -5.34 6.29
N PHE A 110 -11.23 -5.18 6.02
CA PHE A 110 -10.65 -5.60 4.75
C PHE A 110 -10.38 -7.11 4.74
N GLY A 111 -10.45 -7.72 5.91
CA GLY A 111 -10.21 -9.15 6.02
C GLY A 111 -8.73 -9.50 5.92
N ALA A 112 -7.88 -8.50 6.11
CA ALA A 112 -6.43 -8.70 6.06
C ALA A 112 -5.87 -8.78 7.47
N THR A 113 -4.92 -9.68 7.68
CA THR A 113 -4.31 -9.83 8.98
C THR A 113 -3.27 -8.75 9.18
N LEU A 114 -3.63 -7.71 9.91
CA LEU A 114 -2.72 -6.61 10.15
C LEU A 114 -1.72 -6.98 11.22
N GLU A 115 -0.50 -7.27 10.78
CA GLU A 115 0.56 -7.65 11.68
C GLU A 115 1.65 -6.59 11.69
N ILE A 116 2.31 -6.45 12.83
CA ILE A 116 3.36 -5.46 12.96
C ILE A 116 4.74 -6.12 13.03
N VAL A 117 5.72 -5.48 12.41
CA VAL A 117 7.08 -6.00 12.37
C VAL A 117 8.12 -4.87 12.45
N THR A 118 9.36 -5.23 12.77
CA THR A 118 10.44 -4.23 12.88
C THR A 118 11.64 -4.61 12.03
N ASP A 119 12.54 -3.64 11.84
CA ASP A 119 13.74 -3.86 11.04
C ASP A 119 14.90 -4.39 11.88
N LYS A 120 14.66 -4.57 13.17
CA LYS A 120 15.70 -5.08 14.07
C LYS A 120 16.18 -6.45 13.63
N SER A 121 15.25 -7.29 13.20
CA SER A 121 15.59 -8.64 12.75
C SER A 121 16.10 -8.61 11.31
N GLN A 122 16.83 -9.66 10.93
CA GLN A 122 17.39 -9.76 9.59
C GLN A 122 16.28 -9.75 8.54
N GLU A 123 15.18 -10.44 8.83
CA GLU A 123 14.04 -10.52 7.92
C GLU A 123 13.44 -9.13 7.68
N GLY A 124 13.36 -8.34 8.74
CA GLY A 124 12.80 -7.00 8.62
C GLY A 124 13.52 -6.14 7.61
N SER A 125 14.85 -6.26 7.59
CA SER A 125 15.68 -5.49 6.66
C SER A 125 15.29 -5.82 5.22
N GLN A 126 15.02 -7.10 4.98
CA GLN A 126 14.63 -7.57 3.65
C GLN A 126 13.43 -6.78 3.12
N PHE A 127 12.62 -6.27 4.04
CA PHE A 127 11.44 -5.49 3.68
C PHE A 127 11.78 -4.02 3.49
N VAL A 128 12.42 -3.45 4.50
CA VAL A 128 12.79 -2.03 4.47
C VAL A 128 13.78 -1.75 3.34
N LYS A 129 14.76 -2.64 3.17
CA LYS A 129 15.77 -2.47 2.13
C LYS A 129 15.20 -2.66 0.73
N GLY A 130 14.29 -3.63 0.59
CA GLY A 130 13.70 -3.89 -0.70
C GLY A 130 12.42 -3.10 -0.93
N PHE A 131 11.75 -2.76 0.15
CA PHE A 131 10.51 -2.00 0.06
C PHE A 131 10.60 -0.68 0.85
N GLY A 132 10.21 -0.70 2.12
CA GLY A 132 10.28 0.51 2.93
C GLY A 132 9.56 0.41 4.25
N GLY A 133 8.81 -0.67 4.48
CA GLY A 133 8.09 -0.83 5.73
C GLY A 133 6.62 -1.15 5.53
N ILE A 134 6.23 -1.48 4.30
CA ILE A 134 4.85 -1.83 4.00
C ILE A 134 4.83 -2.87 2.89
N GLY A 135 4.17 -3.99 3.12
CA GLY A 135 4.10 -5.03 2.10
C GLY A 135 3.06 -6.06 2.44
N GLY A 136 1.96 -6.06 1.70
CA GLY A 136 0.88 -6.99 1.97
C GLY A 136 1.04 -8.32 1.28
N ILE A 137 0.30 -9.30 1.79
CA ILE A 137 0.28 -10.64 1.25
C ILE A 137 -1.12 -11.00 0.78
N LEU A 138 -1.23 -11.63 -0.38
CA LEU A 138 -2.52 -12.04 -0.90
C LEU A 138 -2.72 -13.54 -0.72
N ARG A 139 -3.96 -14.00 -0.80
CA ARG A 139 -4.26 -15.41 -0.64
C ARG A 139 -3.59 -16.24 -1.73
N TYR A 140 -3.60 -15.73 -2.95
CA TYR A 140 -3.00 -16.43 -4.08
C TYR A 140 -2.87 -15.50 -5.29
N ARG A 141 -2.53 -16.09 -6.44
CA ARG A 141 -2.38 -15.32 -7.67
C ARG A 141 -3.63 -14.51 -7.98
N VAL A 142 -3.43 -13.24 -8.31
CA VAL A 142 -4.54 -12.36 -8.64
C VAL A 142 -4.29 -11.62 -9.96
N ASP A 143 -5.36 -11.12 -10.57
CA ASP A 143 -5.26 -10.41 -11.83
C ASP A 143 -4.77 -8.98 -11.61
N PHE A 144 -3.76 -8.60 -12.39
CA PHE A 144 -3.19 -7.26 -12.28
C PHE A 144 -4.17 -6.21 -12.80
N GLN A 145 -4.85 -6.54 -13.89
CA GLN A 145 -5.82 -5.64 -14.50
C GLN A 145 -6.97 -6.41 -15.14
N GLY A 146 -8.20 -6.01 -14.82
CA GLY A 146 -9.37 -6.68 -15.37
C GLY A 146 -9.34 -8.18 -15.17
N MET A 147 -9.33 -8.92 -16.28
CA MET A 147 -9.30 -10.38 -16.23
C MET A 147 -7.93 -10.91 -16.64
N GLU A 148 -7.66 -12.17 -16.30
CA GLU A 148 -6.40 -12.80 -16.63
C GLU A 148 -6.22 -12.92 -18.14
N TYR A 149 -7.29 -13.26 -18.84
CA TYR A 149 -7.24 -13.41 -20.30
C TYR A 149 -7.05 -12.07 -20.98
N GLN A 150 -7.73 -11.04 -20.48
CA GLN A 150 -7.63 -9.70 -21.06
C GLN A 150 -8.07 -9.71 -22.52
N GLY A 151 -9.14 -10.44 -22.80
CA GLY A 151 -9.64 -10.51 -24.17
C GLY A 151 -9.95 -9.14 -24.75
N GLY A 152 -10.87 -8.42 -24.11
CA GLY A 152 -11.22 -7.09 -24.58
C GLY A 152 -11.94 -6.27 -23.54
N ASP A 153 -11.44 -6.33 -22.30
CA ASP A 153 -12.02 -5.57 -21.21
C ASP A 153 -11.39 -4.19 -21.10
N ASP A 154 -10.58 -3.83 -22.10
CA ASP A 154 -9.91 -2.53 -22.11
C ASP A 154 -9.00 -2.35 -20.90
N GLU A 155 -8.26 -3.40 -20.56
CA GLU A 155 -7.35 -3.36 -19.42
C GLU A 155 -6.29 -2.27 -19.60
N PHE A 156 -5.70 -2.21 -20.79
CA PHE A 156 -4.68 -1.24 -21.09
C PHE A 156 -5.19 -0.11 -21.99
N PHE A 157 -6.49 -0.13 -22.27
CA PHE A 157 -7.10 0.90 -23.11
C PHE A 157 -7.74 1.98 -22.28
N ASP A 158 -7.10 3.15 -22.25
CA ASP A 158 -7.60 4.29 -21.51
C ASP A 158 -8.51 5.14 -22.42
N LEU A 159 -8.93 4.52 -23.52
CA LEU A 159 -9.78 5.18 -24.50
C LEU A 159 -11.25 5.16 -24.06
N ASP A 160 -11.52 4.60 -22.88
CA ASP A 160 -12.88 4.53 -22.37
C ASP A 160 -13.47 5.92 -22.21
N ASP A 161 -12.65 6.86 -21.74
CA ASP A 161 -13.09 8.23 -21.54
C ASP A 161 -13.49 8.85 -22.88
N TYR A 162 -12.72 8.54 -23.92
CA TYR A 162 -13.00 9.06 -25.25
C TYR A 162 -14.40 8.66 -25.70
N LEU A 163 -14.85 7.49 -25.24
CA LEU A 163 -16.16 6.98 -25.58
C LEU A 163 -17.25 7.94 -25.13
N GLU A 164 -17.09 8.49 -23.93
CA GLU A 164 -18.07 9.42 -23.39
C GLU A 164 -18.23 10.65 -24.28
N HIS A 165 -17.12 11.12 -24.83
CA HIS A 165 -17.14 12.29 -25.70
C HIS A 165 -16.66 11.92 -27.10
N ASN A 2 6.90 -10.03 23.41
CA ASN A 2 6.36 -9.36 22.20
C ASN A 2 6.29 -10.32 21.02
N VAL A 3 5.08 -10.56 20.52
CA VAL A 3 4.89 -11.46 19.40
C VAL A 3 5.57 -10.92 18.14
N LYS A 4 5.68 -9.61 18.04
CA LYS A 4 6.29 -8.96 16.89
C LYS A 4 7.64 -9.58 16.53
N PHE A 5 8.43 -9.91 17.55
CA PHE A 5 9.75 -10.49 17.32
C PHE A 5 9.65 -11.79 16.51
N ILE A 6 8.78 -12.69 16.93
CA ILE A 6 8.60 -13.96 16.22
C ILE A 6 7.65 -13.79 15.04
N GLN A 7 6.68 -12.91 15.21
CA GLN A 7 5.68 -12.64 14.19
C GLN A 7 6.35 -12.17 12.91
N GLU A 8 7.32 -11.27 13.08
CA GLU A 8 8.04 -10.70 11.95
C GLU A 8 8.89 -11.75 11.24
N LYS A 9 9.31 -12.77 11.98
CA LYS A 9 10.14 -13.83 11.40
C LYS A 9 9.35 -14.69 10.41
N LYS A 10 8.28 -15.33 10.90
CA LYS A 10 7.47 -16.20 10.06
C LYS A 10 6.68 -15.43 9.00
N LEU A 11 6.14 -14.29 9.38
CA LEU A 11 5.33 -13.48 8.47
C LEU A 11 6.16 -12.89 7.34
N ILE A 12 7.14 -12.08 7.70
CA ILE A 12 7.99 -11.43 6.73
C ILE A 12 8.69 -12.43 5.82
N GLY A 13 9.17 -13.52 6.41
CA GLY A 13 9.84 -14.54 5.62
C GLY A 13 8.90 -15.16 4.61
N ARG A 14 7.67 -15.43 5.04
CA ARG A 14 6.66 -16.03 4.18
C ARG A 14 6.30 -15.12 3.02
N TYR A 15 6.52 -13.83 3.22
CA TYR A 15 6.23 -12.85 2.20
C TYR A 15 7.30 -12.91 1.12
N PHE A 16 8.53 -12.65 1.51
CA PHE A 16 9.66 -12.63 0.59
C PHE A 16 10.09 -14.03 0.14
N ASP A 17 9.78 -15.07 0.91
CA ASP A 17 10.18 -16.42 0.52
C ASP A 17 9.22 -16.98 -0.51
N GLU A 18 7.94 -16.85 -0.22
CA GLU A 18 6.91 -17.33 -1.12
C GLU A 18 7.04 -16.63 -2.48
N ILE A 19 7.34 -15.33 -2.43
CA ILE A 19 7.53 -14.55 -3.65
C ILE A 19 8.71 -15.10 -4.44
N SER A 20 9.73 -15.58 -3.71
CA SER A 20 10.90 -16.15 -4.33
C SER A 20 10.53 -17.32 -5.24
N GLN A 21 9.31 -17.83 -5.06
CA GLN A 21 8.81 -18.94 -5.85
C GLN A 21 8.05 -18.45 -7.09
N ASP A 22 8.10 -17.15 -7.34
CA ASP A 22 7.40 -16.57 -8.48
C ASP A 22 5.91 -16.87 -8.39
N THR A 23 5.42 -16.95 -7.15
CA THR A 23 4.02 -17.24 -6.91
C THR A 23 3.21 -15.98 -6.62
N GLY A 24 3.85 -14.82 -6.72
CA GLY A 24 3.16 -13.56 -6.47
C GLY A 24 2.45 -13.54 -5.13
N LYS A 25 1.12 -13.50 -5.17
CA LYS A 25 0.30 -13.47 -3.96
C LYS A 25 0.93 -12.63 -2.84
N TYR A 26 1.66 -11.58 -3.22
CA TYR A 26 2.30 -10.69 -2.25
C TYR A 26 2.55 -9.32 -2.86
N CYS A 27 2.54 -8.27 -2.05
CA CYS A 27 2.79 -6.91 -2.56
C CYS A 27 3.54 -6.08 -1.53
N PHE A 28 4.26 -5.04 -1.98
CA PHE A 28 5.01 -4.20 -1.05
C PHE A 28 4.71 -2.72 -1.27
N GLY A 29 4.82 -1.94 -0.19
CA GLY A 29 4.56 -0.52 -0.27
C GLY A 29 3.18 -0.15 0.22
N VAL A 30 2.93 1.13 0.33
CA VAL A 30 1.63 1.61 0.79
C VAL A 30 0.58 1.35 -0.27
N GLU A 31 0.75 1.98 -1.42
CA GLU A 31 -0.17 1.84 -2.54
C GLU A 31 -0.55 0.38 -2.78
N ASP A 32 0.45 -0.45 -3.05
CA ASP A 32 0.22 -1.87 -3.32
C ASP A 32 -0.44 -2.56 -2.12
N THR A 33 0.17 -2.42 -0.95
CA THR A 33 -0.37 -3.06 0.24
C THR A 33 -1.82 -2.61 0.49
N LEU A 34 -2.10 -1.34 0.24
CA LEU A 34 -3.44 -0.80 0.41
C LEU A 34 -4.38 -1.34 -0.65
N LYS A 35 -3.99 -1.19 -1.91
CA LYS A 35 -4.82 -1.64 -3.03
C LYS A 35 -5.21 -3.10 -2.86
N ALA A 36 -4.23 -3.95 -2.58
CA ALA A 36 -4.50 -5.38 -2.40
C ALA A 36 -5.46 -5.60 -1.25
N LEU A 37 -5.39 -4.76 -0.22
CA LEU A 37 -6.29 -4.87 0.91
C LEU A 37 -7.70 -4.55 0.43
N GLU A 38 -7.77 -3.56 -0.45
CA GLU A 38 -9.04 -3.14 -1.04
C GLU A 38 -9.53 -4.24 -1.97
N MET A 39 -8.57 -4.97 -2.55
CA MET A 39 -8.86 -6.06 -3.46
C MET A 39 -9.36 -7.30 -2.72
N GLY A 40 -9.22 -7.30 -1.40
CA GLY A 40 -9.64 -8.46 -0.62
C GLY A 40 -8.74 -9.65 -0.89
N ALA A 41 -7.70 -9.43 -1.69
CA ALA A 41 -6.74 -10.46 -2.04
C ALA A 41 -5.84 -10.77 -0.85
N VAL A 42 -5.58 -9.75 -0.04
CA VAL A 42 -4.71 -9.87 1.11
C VAL A 42 -5.21 -10.86 2.15
N GLU A 43 -4.33 -11.78 2.54
CA GLU A 43 -4.64 -12.76 3.56
C GLU A 43 -4.08 -12.28 4.89
N ILE A 44 -2.86 -11.73 4.82
CA ILE A 44 -2.17 -11.20 5.99
C ILE A 44 -1.44 -9.91 5.62
N LEU A 45 -1.49 -8.92 6.50
CA LEU A 45 -0.83 -7.64 6.26
C LEU A 45 0.48 -7.53 7.02
N ILE A 46 1.52 -7.02 6.34
CA ILE A 46 2.83 -6.84 6.96
C ILE A 46 3.19 -5.35 7.05
N VAL A 47 3.05 -4.78 8.24
CA VAL A 47 3.36 -3.36 8.46
C VAL A 47 4.19 -3.21 9.73
N TYR A 48 5.25 -2.40 9.70
CA TYR A 48 6.11 -2.25 10.87
C TYR A 48 5.63 -1.16 11.82
N GLU A 49 5.96 -1.36 13.11
CA GLU A 49 5.61 -0.41 14.15
C GLU A 49 6.30 0.92 13.88
N ASN A 50 7.52 0.84 13.38
CA ASN A 50 8.31 2.03 13.07
C ASN A 50 8.08 2.44 11.62
N LEU A 51 6.82 2.67 11.27
CA LEU A 51 6.46 3.08 9.92
C LEU A 51 6.50 4.60 9.78
N ASP A 52 7.34 5.08 8.88
CA ASP A 52 7.49 6.52 8.67
C ASP A 52 6.53 7.04 7.59
N ILE A 53 5.70 6.15 7.05
CA ILE A 53 4.76 6.53 6.00
C ILE A 53 3.39 6.89 6.58
N MET A 54 2.93 8.07 6.19
CA MET A 54 1.65 8.60 6.65
C MET A 54 0.74 8.92 5.47
N ARG A 55 -0.55 9.10 5.76
CA ARG A 55 -1.53 9.40 4.72
C ARG A 55 -2.00 10.85 4.80
N TYR A 56 -1.57 11.65 3.85
CA TYR A 56 -1.97 13.06 3.78
C TYR A 56 -2.76 13.30 2.50
N VAL A 57 -3.81 14.10 2.58
CA VAL A 57 -4.63 14.38 1.41
C VAL A 57 -4.45 15.82 0.91
N LEU A 58 -3.83 15.96 -0.25
CA LEU A 58 -3.60 17.27 -0.85
C LEU A 58 -4.67 17.56 -1.92
N HIS A 59 -5.46 18.61 -1.71
CA HIS A 59 -6.50 18.96 -2.68
C HIS A 59 -6.39 20.43 -3.08
N CYS A 60 -6.88 20.74 -4.28
CA CYS A 60 -6.86 22.11 -4.79
C CYS A 60 -8.28 22.58 -5.06
N GLN A 61 -8.57 23.85 -4.77
CA GLN A 61 -9.90 24.41 -4.98
C GLN A 61 -10.41 24.08 -6.38
N GLY A 62 -11.64 23.57 -6.44
CA GLY A 62 -12.23 23.20 -7.72
C GLY A 62 -12.29 21.70 -7.94
N THR A 63 -11.56 20.96 -7.11
CA THR A 63 -11.52 19.50 -7.21
C THR A 63 -11.18 19.04 -8.63
N GLU A 64 -10.55 19.93 -9.39
CA GLU A 64 -10.16 19.62 -10.77
C GLU A 64 -9.04 18.59 -10.81
N GLU A 65 -8.17 18.64 -9.81
CA GLU A 65 -7.05 17.71 -9.72
C GLU A 65 -6.61 17.52 -8.28
N GLU A 66 -7.01 16.41 -7.68
CA GLU A 66 -6.67 16.12 -6.31
C GLU A 66 -5.48 15.18 -6.22
N LYS A 67 -4.56 15.49 -5.32
CA LYS A 67 -3.36 14.68 -5.14
C LYS A 67 -3.31 14.10 -3.73
N ILE A 68 -3.24 12.76 -3.65
CA ILE A 68 -3.17 12.07 -2.36
C ILE A 68 -2.08 11.00 -2.42
N LEU A 69 -0.96 11.22 -1.73
CA LEU A 69 0.11 10.24 -1.75
C LEU A 69 0.86 10.18 -0.42
N TYR A 70 1.76 9.21 -0.31
CA TYR A 70 2.56 8.98 0.88
C TYR A 70 3.84 9.82 0.90
N LEU A 71 4.14 10.40 2.06
CA LEU A 71 5.35 11.20 2.20
C LEU A 71 6.10 10.84 3.49
N THR A 72 7.40 10.62 3.36
CA THR A 72 8.25 10.31 4.50
C THR A 72 8.63 11.61 5.22
N PRO A 73 9.27 11.53 6.39
CA PRO A 73 9.67 12.72 7.15
C PRO A 73 10.29 13.80 6.26
N GLU A 74 11.06 13.36 5.27
CA GLU A 74 11.70 14.29 4.35
C GLU A 74 10.75 14.75 3.25
N GLN A 75 9.94 13.81 2.74
CA GLN A 75 8.99 14.13 1.68
C GLN A 75 8.00 15.19 2.11
N GLU A 76 7.43 15.04 3.31
CA GLU A 76 6.47 16.01 3.83
C GLU A 76 7.11 17.38 3.95
N LYS A 77 8.41 17.39 4.24
CA LYS A 77 9.16 18.64 4.35
C LYS A 77 9.31 19.30 2.99
N ASP A 78 9.55 18.48 1.98
CA ASP A 78 9.71 18.97 0.61
C ASP A 78 8.35 19.30 0.00
N LYS A 79 8.12 20.58 -0.27
CA LYS A 79 6.86 21.03 -0.84
C LYS A 79 6.80 20.78 -2.34
N SER A 80 7.91 20.32 -2.92
CA SER A 80 7.96 20.05 -4.35
C SER A 80 7.07 18.87 -4.72
N HIS A 81 7.06 17.84 -3.86
CA HIS A 81 6.24 16.66 -4.10
C HIS A 81 4.75 17.00 -4.13
N PHE A 82 4.32 17.89 -3.25
CA PHE A 82 2.93 18.29 -3.18
C PHE A 82 2.53 19.04 -4.45
N THR A 83 3.45 19.86 -4.96
CA THR A 83 3.21 20.63 -6.19
C THR A 83 3.54 19.80 -7.43
N ASP A 84 3.01 20.22 -8.58
CA ASP A 84 3.26 19.51 -9.82
C ASP A 84 3.47 20.48 -10.98
N LYS A 85 4.25 20.05 -11.97
CA LYS A 85 4.51 20.86 -13.16
C LYS A 85 3.31 20.85 -14.09
N GLU A 86 2.30 20.03 -13.75
CA GLU A 86 1.09 19.93 -14.56
C GLU A 86 -0.06 20.67 -13.91
N THR A 87 0.25 21.38 -12.84
CA THR A 87 -0.72 22.18 -12.12
C THR A 87 -0.10 23.52 -11.77
N GLY A 88 1.20 23.49 -11.46
CA GLY A 88 1.93 24.71 -11.15
C GLY A 88 1.37 25.44 -9.94
N GLN A 89 0.61 24.75 -9.12
CA GLN A 89 0.03 25.35 -7.93
C GLN A 89 0.25 24.44 -6.72
N GLU A 90 0.10 25.00 -5.53
CA GLU A 90 0.27 24.23 -4.31
C GLU A 90 -1.08 23.76 -3.77
N HIS A 91 -1.15 22.48 -3.44
CA HIS A 91 -2.39 21.91 -2.92
C HIS A 91 -2.61 22.36 -1.48
N GLU A 92 -3.72 21.93 -0.89
CA GLU A 92 -4.05 22.29 0.48
C GLU A 92 -4.44 21.05 1.26
N LEU A 93 -3.57 20.65 2.17
CA LEU A 93 -3.84 19.46 2.97
C LEU A 93 -5.12 19.62 3.78
N ILE A 94 -5.99 18.61 3.68
CA ILE A 94 -7.26 18.63 4.39
C ILE A 94 -7.17 17.87 5.70
N GLU A 95 -6.48 16.74 5.67
CA GLU A 95 -6.32 15.91 6.84
C GLU A 95 -5.06 15.06 6.76
N SER A 96 -4.61 14.60 7.91
CA SER A 96 -3.43 13.76 8.01
C SER A 96 -3.70 12.62 8.99
N MET A 97 -3.42 11.40 8.57
CA MET A 97 -3.67 10.25 9.42
C MET A 97 -2.49 9.28 9.45
N PRO A 98 -2.06 8.87 10.65
CA PRO A 98 -0.97 7.92 10.81
C PRO A 98 -1.30 6.61 10.11
N LEU A 99 -0.71 6.40 8.94
CA LEU A 99 -0.96 5.21 8.14
C LEU A 99 -0.85 3.93 8.95
N LEU A 100 0.31 3.69 9.56
CA LEU A 100 0.49 2.49 10.37
C LEU A 100 -0.64 2.36 11.38
N GLU A 101 -0.96 3.48 12.03
CA GLU A 101 -2.03 3.51 12.99
C GLU A 101 -3.35 3.18 12.30
N TRP A 102 -3.51 3.69 11.09
CA TRP A 102 -4.70 3.45 10.30
C TRP A 102 -4.83 1.97 9.95
N PHE A 103 -3.70 1.35 9.61
CA PHE A 103 -3.70 -0.06 9.24
C PHE A 103 -4.30 -0.92 10.34
N ALA A 104 -3.97 -0.62 11.59
CA ALA A 104 -4.48 -1.38 12.72
C ALA A 104 -5.86 -0.88 13.15
N ASN A 105 -6.29 0.25 12.61
CA ASN A 105 -7.57 0.84 12.96
C ASN A 105 -8.75 0.03 12.43
N ASN A 106 -8.73 -0.30 11.15
CA ASN A 106 -9.84 -1.03 10.53
C ASN A 106 -9.40 -2.24 9.70
N TYR A 107 -8.24 -2.82 9.99
CA TYR A 107 -7.77 -3.98 9.23
C TYR A 107 -8.77 -5.12 9.25
N LYS A 108 -9.74 -5.08 10.17
CA LYS A 108 -10.75 -6.12 10.26
C LYS A 108 -11.76 -5.95 9.13
N LYS A 109 -12.02 -4.69 8.78
CA LYS A 109 -12.98 -4.37 7.73
C LYS A 109 -12.49 -4.88 6.37
N PHE A 110 -11.19 -4.74 6.13
CA PHE A 110 -10.60 -5.20 4.86
C PHE A 110 -10.42 -6.72 4.84
N GLY A 111 -10.51 -7.34 6.02
CA GLY A 111 -10.35 -8.78 6.10
C GLY A 111 -8.89 -9.20 6.03
N ALA A 112 -7.99 -8.27 6.33
CA ALA A 112 -6.57 -8.54 6.31
C ALA A 112 -6.03 -8.60 7.74
N THR A 113 -5.04 -9.46 7.97
CA THR A 113 -4.46 -9.59 9.29
C THR A 113 -3.39 -8.53 9.49
N LEU A 114 -3.72 -7.50 10.26
CA LEU A 114 -2.77 -6.45 10.52
C LEU A 114 -1.76 -6.88 11.56
N GLU A 115 -0.57 -7.21 11.09
CA GLU A 115 0.50 -7.65 11.96
C GLU A 115 1.63 -6.64 11.95
N ILE A 116 2.19 -6.38 13.13
CA ILE A 116 3.28 -5.43 13.23
C ILE A 116 4.63 -6.14 13.30
N VAL A 117 5.63 -5.54 12.68
CA VAL A 117 6.98 -6.11 12.65
C VAL A 117 8.05 -5.01 12.73
N THR A 118 9.29 -5.43 12.98
CA THR A 118 10.41 -4.50 13.07
C THR A 118 11.58 -4.93 12.19
N ASP A 119 12.47 -3.99 11.90
CA ASP A 119 13.63 -4.26 11.06
C ASP A 119 14.80 -4.83 11.87
N LYS A 120 14.54 -5.15 13.13
CA LYS A 120 15.59 -5.70 13.99
C LYS A 120 16.14 -7.00 13.42
N SER A 121 15.25 -7.83 12.88
CA SER A 121 15.65 -9.10 12.29
C SER A 121 16.08 -8.92 10.83
N GLN A 122 16.81 -9.90 10.32
CA GLN A 122 17.29 -9.85 8.93
C GLN A 122 16.11 -9.77 7.96
N GLU A 123 15.06 -10.55 8.25
CA GLU A 123 13.87 -10.56 7.42
C GLU A 123 13.25 -9.19 7.34
N GLY A 124 13.23 -8.49 8.47
CA GLY A 124 12.65 -7.16 8.51
C GLY A 124 13.22 -6.24 7.44
N SER A 125 14.54 -6.22 7.33
CA SER A 125 15.22 -5.38 6.33
C SER A 125 14.67 -5.63 4.94
N GLN A 126 14.22 -6.85 4.70
CA GLN A 126 13.66 -7.22 3.41
C GLN A 126 12.44 -6.36 3.09
N PHE A 127 11.70 -6.01 4.12
CA PHE A 127 10.51 -5.16 3.98
C PHE A 127 10.87 -3.68 4.01
N VAL A 128 11.46 -3.25 5.12
CA VAL A 128 11.83 -1.85 5.32
C VAL A 128 12.88 -1.38 4.31
N LYS A 129 13.97 -2.14 4.20
CA LYS A 129 15.04 -1.79 3.28
C LYS A 129 14.74 -2.24 1.86
N GLY A 130 13.99 -3.33 1.74
CA GLY A 130 13.64 -3.83 0.43
C GLY A 130 12.41 -3.14 -0.13
N PHE A 131 11.58 -2.62 0.77
CA PHE A 131 10.37 -1.93 0.36
C PHE A 131 10.18 -0.63 1.14
N GLY A 132 9.49 -0.68 2.28
CA GLY A 132 9.28 0.53 3.07
C GLY A 132 8.40 0.29 4.29
N GLY A 133 8.66 -0.79 5.01
CA GLY A 133 7.90 -1.09 6.22
C GLY A 133 6.41 -1.30 5.97
N ILE A 134 6.04 -1.52 4.71
CA ILE A 134 4.64 -1.75 4.37
C ILE A 134 4.57 -2.79 3.26
N GLY A 135 3.80 -3.85 3.49
CA GLY A 135 3.65 -4.87 2.48
C GLY A 135 2.34 -5.60 2.65
N GLY A 136 2.03 -6.48 1.72
CA GLY A 136 0.79 -7.22 1.81
C GLY A 136 0.91 -8.61 1.23
N ILE A 137 0.21 -9.53 1.84
CA ILE A 137 0.19 -10.92 1.41
C ILE A 137 -1.17 -11.23 0.79
N LEU A 138 -1.19 -11.81 -0.40
CA LEU A 138 -2.44 -12.15 -1.04
C LEU A 138 -2.69 -13.65 -0.97
N ARG A 139 -3.94 -14.05 -1.15
CA ARG A 139 -4.30 -15.46 -1.10
C ARG A 139 -3.75 -16.21 -2.32
N TYR A 140 -3.81 -15.57 -3.47
CA TYR A 140 -3.32 -16.18 -4.71
C TYR A 140 -2.84 -15.12 -5.70
N ARG A 141 -2.24 -15.57 -6.79
CA ARG A 141 -1.74 -14.67 -7.81
C ARG A 141 -2.85 -13.81 -8.39
N VAL A 142 -2.61 -12.51 -8.46
CA VAL A 142 -3.60 -11.59 -9.00
C VAL A 142 -2.98 -10.67 -10.05
N ASP A 143 -3.82 -10.13 -10.93
CA ASP A 143 -3.34 -9.24 -11.98
C ASP A 143 -2.89 -7.90 -11.40
N PHE A 144 -3.69 -7.36 -10.48
CA PHE A 144 -3.37 -6.08 -9.83
C PHE A 144 -3.48 -4.90 -10.78
N GLN A 145 -3.84 -5.16 -12.04
CA GLN A 145 -3.98 -4.07 -13.01
C GLN A 145 -5.18 -3.20 -12.70
N GLY A 146 -6.27 -3.83 -12.29
CA GLY A 146 -7.48 -3.09 -11.97
C GLY A 146 -8.59 -3.98 -11.44
N MET A 147 -9.23 -4.72 -12.34
CA MET A 147 -10.33 -5.61 -11.98
C MET A 147 -10.13 -6.98 -12.63
N GLU A 148 -10.97 -7.94 -12.24
CA GLU A 148 -10.90 -9.28 -12.81
C GLU A 148 -11.50 -9.31 -14.21
N TYR A 149 -11.08 -10.29 -15.01
CA TYR A 149 -11.57 -10.43 -16.38
C TYR A 149 -11.22 -9.19 -17.20
N GLN A 150 -9.95 -8.81 -17.17
CA GLN A 150 -9.47 -7.66 -17.92
C GLN A 150 -9.47 -7.92 -19.42
N GLY A 151 -9.50 -9.20 -19.80
CA GLY A 151 -9.52 -9.56 -21.20
C GLY A 151 -10.45 -8.72 -22.05
N GLY A 152 -11.52 -8.22 -21.44
CA GLY A 152 -12.47 -7.38 -22.17
C GLY A 152 -13.10 -6.30 -21.33
N ASP A 153 -12.50 -6.02 -20.17
CA ASP A 153 -13.01 -4.98 -19.29
C ASP A 153 -12.39 -3.64 -19.65
N ASP A 154 -11.75 -3.57 -20.82
CA ASP A 154 -11.12 -2.34 -21.28
C ASP A 154 -10.05 -1.88 -20.30
N GLU A 155 -9.35 -2.84 -19.70
CA GLU A 155 -8.29 -2.52 -18.74
C GLU A 155 -7.19 -1.69 -19.40
N PHE A 156 -6.63 -2.21 -20.48
CA PHE A 156 -5.58 -1.51 -21.21
C PHE A 156 -6.13 -0.30 -21.92
N PHE A 157 -7.40 -0.38 -22.31
CA PHE A 157 -8.07 0.71 -23.00
C PHE A 157 -8.22 1.92 -22.10
N ASP A 158 -7.56 3.01 -22.47
CA ASP A 158 -7.63 4.25 -21.71
C ASP A 158 -9.03 4.87 -21.83
N LEU A 159 -9.81 4.33 -22.76
CA LEU A 159 -11.18 4.79 -23.01
C LEU A 159 -12.03 4.73 -21.74
N ASP A 160 -11.55 4.04 -20.71
CA ASP A 160 -12.30 3.92 -19.46
C ASP A 160 -12.58 5.30 -18.86
N ASP A 161 -11.58 6.19 -18.95
CA ASP A 161 -11.73 7.54 -18.42
C ASP A 161 -12.70 8.34 -19.28
N TYR A 162 -12.78 8.01 -20.56
CA TYR A 162 -13.67 8.70 -21.48
C TYR A 162 -15.12 8.60 -20.99
N LEU A 163 -15.45 7.45 -20.41
CA LEU A 163 -16.79 7.23 -19.89
C LEU A 163 -17.14 8.25 -18.81
N GLU A 164 -16.19 8.52 -17.92
CA GLU A 164 -16.39 9.48 -16.84
C GLU A 164 -16.72 10.86 -17.40
N HIS A 165 -16.03 11.24 -18.47
CA HIS A 165 -16.24 12.54 -19.11
C HIS A 165 -15.95 13.67 -18.13
N ASN A 2 7.56 -10.25 23.18
CA ASN A 2 6.51 -9.71 22.28
C ASN A 2 6.34 -10.58 21.04
N VAL A 3 5.13 -10.61 20.50
CA VAL A 3 4.85 -11.40 19.31
C VAL A 3 5.64 -10.89 18.10
N LYS A 4 5.94 -9.59 18.10
CA LYS A 4 6.67 -8.98 17.00
C LYS A 4 7.94 -9.78 16.67
N PHE A 5 8.65 -10.23 17.70
CA PHE A 5 9.87 -11.00 17.51
C PHE A 5 9.65 -12.22 16.62
N ILE A 6 8.65 -13.03 16.96
CA ILE A 6 8.34 -14.22 16.19
C ILE A 6 7.47 -13.90 14.99
N GLN A 7 6.60 -12.92 15.16
CA GLN A 7 5.69 -12.51 14.09
C GLN A 7 6.48 -12.07 12.88
N GLU A 8 7.49 -11.24 13.13
CA GLU A 8 8.35 -10.73 12.08
C GLU A 8 9.06 -11.84 11.33
N LYS A 9 9.58 -12.80 12.08
CA LYS A 9 10.31 -13.91 11.49
C LYS A 9 9.46 -14.73 10.53
N LYS A 10 8.36 -15.31 11.03
CA LYS A 10 7.50 -16.15 10.21
C LYS A 10 6.81 -15.38 9.09
N LEU A 11 6.18 -14.27 9.43
CA LEU A 11 5.46 -13.47 8.44
C LEU A 11 6.38 -12.91 7.37
N ILE A 12 7.31 -12.06 7.81
CA ILE A 12 8.25 -11.43 6.89
C ILE A 12 8.95 -12.46 6.01
N GLY A 13 9.38 -13.56 6.61
CA GLY A 13 10.06 -14.59 5.85
C GLY A 13 9.12 -15.24 4.85
N ARG A 14 7.89 -15.47 5.27
CA ARG A 14 6.88 -16.08 4.43
C ARG A 14 6.48 -15.15 3.30
N TYR A 15 6.58 -13.86 3.57
CA TYR A 15 6.26 -12.86 2.57
C TYR A 15 7.30 -12.87 1.46
N PHE A 16 8.54 -12.61 1.84
CA PHE A 16 9.64 -12.57 0.89
C PHE A 16 9.85 -13.92 0.20
N ASP A 17 9.65 -15.01 0.92
CA ASP A 17 9.85 -16.34 0.34
C ASP A 17 8.77 -16.66 -0.69
N GLU A 18 7.52 -16.38 -0.33
CA GLU A 18 6.41 -16.63 -1.23
C GLU A 18 6.58 -15.84 -2.53
N ILE A 19 7.05 -14.60 -2.40
CA ILE A 19 7.28 -13.75 -3.55
C ILE A 19 8.42 -14.34 -4.38
N SER A 20 9.42 -14.85 -3.69
CA SER A 20 10.57 -15.47 -4.33
C SER A 20 10.14 -16.64 -5.19
N GLN A 21 8.93 -17.15 -4.93
CA GLN A 21 8.38 -18.28 -5.67
C GLN A 21 7.68 -17.84 -6.94
N ASP A 22 7.75 -16.55 -7.25
CA ASP A 22 7.08 -16.02 -8.44
C ASP A 22 5.59 -16.30 -8.37
N THR A 23 5.08 -16.33 -7.14
CA THR A 23 3.67 -16.59 -6.89
C THR A 23 2.80 -15.37 -7.16
N GLY A 24 3.41 -14.18 -7.18
CA GLY A 24 2.64 -12.97 -7.45
C GLY A 24 1.42 -12.84 -6.56
N LYS A 25 1.49 -13.42 -5.37
CA LYS A 25 0.38 -13.36 -4.42
C LYS A 25 0.72 -12.47 -3.22
N TYR A 26 1.75 -11.66 -3.37
CA TYR A 26 2.19 -10.77 -2.31
C TYR A 26 2.85 -9.53 -2.92
N CYS A 27 2.78 -8.39 -2.23
CA CYS A 27 3.36 -7.16 -2.76
C CYS A 27 3.89 -6.25 -1.65
N PHE A 28 4.62 -5.19 -2.03
CA PHE A 28 5.17 -4.27 -1.04
C PHE A 28 4.80 -2.83 -1.36
N GLY A 29 4.98 -1.97 -0.36
CA GLY A 29 4.66 -0.56 -0.49
C GLY A 29 3.26 -0.25 -0.01
N VAL A 30 2.94 1.04 0.04
CA VAL A 30 1.62 1.46 0.49
C VAL A 30 0.57 1.18 -0.58
N GLU A 31 0.75 1.80 -1.75
CA GLU A 31 -0.18 1.63 -2.87
C GLU A 31 -0.54 0.15 -3.08
N ASP A 32 0.46 -0.68 -3.33
CA ASP A 32 0.24 -2.10 -3.57
C ASP A 32 -0.42 -2.77 -2.37
N THR A 33 0.17 -2.56 -1.19
CA THR A 33 -0.36 -3.17 0.04
C THR A 33 -1.79 -2.70 0.30
N LEU A 34 -2.05 -1.42 0.05
CA LEU A 34 -3.39 -0.86 0.25
C LEU A 34 -4.38 -1.44 -0.76
N LYS A 35 -4.03 -1.33 -2.05
CA LYS A 35 -4.89 -1.82 -3.11
C LYS A 35 -5.28 -3.27 -2.87
N ALA A 36 -4.29 -4.10 -2.57
CA ALA A 36 -4.55 -5.51 -2.32
C ALA A 36 -5.45 -5.69 -1.10
N LEU A 37 -5.40 -4.75 -0.17
CA LEU A 37 -6.27 -4.80 1.01
C LEU A 37 -7.69 -4.49 0.57
N GLU A 38 -7.80 -3.53 -0.34
CA GLU A 38 -9.08 -3.15 -0.90
C GLU A 38 -9.61 -4.29 -1.74
N MET A 39 -8.69 -5.08 -2.28
CA MET A 39 -9.00 -6.23 -3.11
C MET A 39 -9.41 -7.44 -2.27
N GLY A 40 -9.23 -7.33 -0.95
CA GLY A 40 -9.57 -8.44 -0.09
C GLY A 40 -8.72 -9.66 -0.41
N ALA A 41 -7.70 -9.46 -1.24
CA ALA A 41 -6.81 -10.53 -1.64
C ALA A 41 -5.79 -10.81 -0.55
N VAL A 42 -5.47 -9.78 0.24
CA VAL A 42 -4.50 -9.90 1.31
C VAL A 42 -4.99 -10.79 2.44
N GLU A 43 -4.09 -11.62 2.95
CA GLU A 43 -4.40 -12.51 4.05
C GLU A 43 -3.74 -11.99 5.33
N ILE A 44 -2.56 -11.39 5.17
CA ILE A 44 -1.82 -10.83 6.29
C ILE A 44 -1.07 -9.57 5.87
N LEU A 45 -1.43 -8.43 6.47
CA LEU A 45 -0.76 -7.17 6.15
C LEU A 45 0.57 -7.06 6.88
N ILE A 46 1.62 -6.69 6.15
CA ILE A 46 2.93 -6.53 6.75
C ILE A 46 3.29 -5.05 6.87
N VAL A 47 3.15 -4.51 8.07
CA VAL A 47 3.45 -3.09 8.30
C VAL A 47 4.22 -2.90 9.60
N TYR A 48 5.22 -2.01 9.60
CA TYR A 48 6.01 -1.80 10.80
C TYR A 48 5.40 -0.73 11.70
N GLU A 49 5.64 -0.91 13.01
CA GLU A 49 5.15 0.00 14.04
C GLU A 49 5.75 1.39 13.88
N ASN A 50 6.96 1.45 13.34
CA ASN A 50 7.63 2.73 13.12
C ASN A 50 7.24 3.32 11.77
N LEU A 51 6.28 2.69 11.08
CA LEU A 51 5.83 3.15 9.78
C LEU A 51 5.71 4.67 9.73
N ASP A 52 6.60 5.29 8.96
CA ASP A 52 6.60 6.73 8.82
C ASP A 52 5.71 7.19 7.67
N ILE A 53 4.98 6.24 7.08
CA ILE A 53 4.10 6.54 5.95
C ILE A 53 2.68 6.81 6.41
N MET A 54 2.15 7.93 5.93
CA MET A 54 0.80 8.35 6.29
C MET A 54 -0.07 8.51 5.05
N ARG A 55 -1.39 8.56 5.27
CA ARG A 55 -2.33 8.70 4.16
C ARG A 55 -2.93 10.10 4.09
N TYR A 56 -2.50 10.86 3.10
CA TYR A 56 -3.01 12.21 2.88
C TYR A 56 -3.72 12.26 1.55
N VAL A 57 -4.88 12.89 1.52
CA VAL A 57 -5.65 12.99 0.28
C VAL A 57 -5.61 14.39 -0.29
N LEU A 58 -5.11 14.51 -1.53
CA LEU A 58 -4.99 15.79 -2.20
C LEU A 58 -6.04 15.95 -3.30
N HIS A 59 -6.91 16.95 -3.15
CA HIS A 59 -7.96 17.20 -4.13
C HIS A 59 -7.94 18.66 -4.59
N CYS A 60 -8.44 18.89 -5.80
CA CYS A 60 -8.50 20.24 -6.36
C CYS A 60 -9.95 20.60 -6.65
N GLN A 61 -10.30 21.87 -6.45
CA GLN A 61 -11.67 22.33 -6.69
C GLN A 61 -12.18 21.85 -8.05
N GLY A 62 -13.36 21.25 -8.04
CA GLY A 62 -13.96 20.75 -9.26
C GLY A 62 -13.99 19.22 -9.31
N THR A 63 -13.27 18.58 -8.39
CA THR A 63 -13.22 17.13 -8.33
C THR A 63 -12.91 16.52 -9.70
N GLU A 64 -12.28 17.31 -10.56
CA GLU A 64 -11.94 16.85 -11.91
C GLU A 64 -10.77 15.88 -11.89
N GLU A 65 -9.90 16.01 -10.89
CA GLU A 65 -8.74 15.13 -10.77
C GLU A 65 -8.26 15.06 -9.33
N GLU A 66 -8.57 13.96 -8.66
CA GLU A 66 -8.19 13.76 -7.27
C GLU A 66 -6.87 13.00 -7.19
N LYS A 67 -5.97 13.47 -6.34
CA LYS A 67 -4.67 12.83 -6.18
C LYS A 67 -4.39 12.44 -4.74
N ILE A 68 -3.95 11.20 -4.57
CA ILE A 68 -3.60 10.67 -3.25
C ILE A 68 -2.11 10.40 -3.20
N LEU A 69 -1.44 10.83 -2.14
CA LEU A 69 0.00 10.65 -2.03
C LEU A 69 0.45 10.14 -0.66
N TYR A 70 1.64 9.54 -0.66
CA TYR A 70 2.26 9.01 0.56
C TYR A 70 3.54 9.76 0.86
N LEU A 71 3.53 10.49 1.97
CA LEU A 71 4.71 11.27 2.36
C LEU A 71 5.16 10.96 3.78
N THR A 72 6.46 10.71 3.93
CA THR A 72 7.03 10.43 5.24
C THR A 72 7.26 11.75 5.97
N PRO A 73 7.68 11.72 7.25
CA PRO A 73 7.92 12.94 8.03
C PRO A 73 8.71 13.99 7.26
N GLU A 74 9.71 13.55 6.50
CA GLU A 74 10.54 14.46 5.72
C GLU A 74 9.79 14.94 4.48
N GLN A 75 9.08 14.03 3.83
CA GLN A 75 8.32 14.36 2.62
C GLN A 75 7.27 15.42 2.93
N GLU A 76 6.49 15.18 3.98
CA GLU A 76 5.45 16.11 4.39
C GLU A 76 6.04 17.48 4.74
N LYS A 77 7.26 17.45 5.29
CA LYS A 77 7.95 18.68 5.68
C LYS A 77 8.37 19.50 4.47
N ASP A 78 8.84 18.81 3.43
CA ASP A 78 9.28 19.48 2.21
C ASP A 78 8.13 20.28 1.59
N LYS A 79 6.97 19.64 1.48
CA LYS A 79 5.78 20.26 0.92
C LYS A 79 5.87 20.46 -0.60
N SER A 80 7.09 20.38 -1.14
CA SER A 80 7.29 20.55 -2.58
C SER A 80 6.58 19.47 -3.37
N HIS A 81 6.57 18.26 -2.84
CA HIS A 81 5.92 17.13 -3.50
C HIS A 81 4.44 17.38 -3.71
N PHE A 82 3.78 17.98 -2.72
CA PHE A 82 2.35 18.26 -2.81
C PHE A 82 2.05 19.17 -4.00
N THR A 83 2.93 20.13 -4.24
CA THR A 83 2.76 21.07 -5.36
C THR A 83 3.33 20.49 -6.65
N ASP A 84 2.96 21.09 -7.78
CA ASP A 84 3.44 20.62 -9.08
C ASP A 84 3.56 21.77 -10.08
N LYS A 85 4.39 21.57 -11.09
CA LYS A 85 4.59 22.57 -12.14
C LYS A 85 3.41 22.56 -13.12
N GLU A 86 2.53 21.56 -12.96
CA GLU A 86 1.36 21.42 -13.83
C GLU A 86 0.11 21.93 -13.14
N THR A 87 0.30 22.48 -11.94
CA THR A 87 -0.78 23.03 -11.15
C THR A 87 -0.32 24.37 -10.58
N GLY A 88 0.95 24.41 -10.18
CA GLY A 88 1.52 25.62 -9.64
C GLY A 88 0.77 26.12 -8.41
N GLN A 89 -0.03 25.25 -7.82
CA GLN A 89 -0.81 25.62 -6.66
C GLN A 89 -0.87 24.46 -5.66
N GLU A 90 -1.20 24.77 -4.41
CA GLU A 90 -1.28 23.76 -3.37
C GLU A 90 -2.65 23.11 -3.35
N HIS A 91 -2.69 21.80 -3.47
CA HIS A 91 -3.94 21.06 -3.46
C HIS A 91 -4.71 21.37 -2.18
N GLU A 92 -5.89 20.79 -2.03
CA GLU A 92 -6.69 21.01 -0.85
C GLU A 92 -6.82 19.70 -0.08
N LEU A 93 -5.96 19.51 0.89
CA LEU A 93 -5.96 18.29 1.67
C LEU A 93 -7.33 18.05 2.30
N ILE A 94 -7.91 16.90 2.01
CA ILE A 94 -9.22 16.55 2.54
C ILE A 94 -9.10 16.01 3.95
N GLU A 95 -8.03 15.25 4.19
CA GLU A 95 -7.80 14.66 5.49
C GLU A 95 -6.42 14.04 5.57
N SER A 96 -5.96 13.81 6.78
CA SER A 96 -4.67 13.19 7.04
C SER A 96 -4.82 12.17 8.14
N MET A 97 -4.43 10.94 7.86
CA MET A 97 -4.56 9.86 8.85
C MET A 97 -3.31 9.01 8.95
N PRO A 98 -2.84 8.72 10.19
CA PRO A 98 -1.69 7.87 10.40
C PRO A 98 -1.95 6.49 9.80
N LEU A 99 -1.35 6.24 8.65
CA LEU A 99 -1.55 4.98 7.93
C LEU A 99 -1.38 3.76 8.83
N LEU A 100 -0.23 3.64 9.50
CA LEU A 100 -0.01 2.50 10.38
C LEU A 100 -1.12 2.40 11.41
N GLU A 101 -1.45 3.54 12.01
CA GLU A 101 -2.53 3.59 12.98
C GLU A 101 -3.82 3.14 12.33
N TRP A 102 -4.00 3.58 11.09
CA TRP A 102 -5.18 3.24 10.30
C TRP A 102 -5.19 1.76 9.95
N PHE A 103 -4.02 1.22 9.61
CA PHE A 103 -3.90 -0.18 9.23
C PHE A 103 -4.37 -1.08 10.37
N ALA A 104 -3.97 -0.75 11.59
CA ALA A 104 -4.36 -1.53 12.76
C ALA A 104 -5.73 -1.13 13.27
N ASN A 105 -6.18 0.05 12.90
CA ASN A 105 -7.48 0.55 13.33
C ASN A 105 -8.64 -0.19 12.69
N ASN A 106 -8.55 -0.43 11.38
CA ASN A 106 -9.64 -1.09 10.66
C ASN A 106 -9.20 -2.29 9.82
N TYR A 107 -8.09 -2.92 10.16
CA TYR A 107 -7.61 -4.07 9.39
C TYR A 107 -8.66 -5.18 9.29
N LYS A 108 -9.70 -5.11 10.11
CA LYS A 108 -10.75 -6.10 10.09
C LYS A 108 -11.70 -5.85 8.92
N LYS A 109 -11.89 -4.58 8.59
CA LYS A 109 -12.76 -4.18 7.50
C LYS A 109 -12.22 -4.67 6.16
N PHE A 110 -10.90 -4.60 5.99
CA PHE A 110 -10.25 -5.05 4.76
C PHE A 110 -10.05 -6.56 4.76
N GLY A 111 -10.23 -7.18 5.92
CA GLY A 111 -10.06 -8.62 6.03
C GLY A 111 -8.59 -9.02 5.99
N ALA A 112 -7.71 -8.07 6.29
CA ALA A 112 -6.28 -8.32 6.30
C ALA A 112 -5.76 -8.36 7.73
N THR A 113 -4.86 -9.28 8.01
CA THR A 113 -4.28 -9.40 9.33
C THR A 113 -3.21 -8.35 9.51
N LEU A 114 -3.50 -7.35 10.33
CA LEU A 114 -2.53 -6.30 10.55
C LEU A 114 -1.43 -6.78 11.47
N GLU A 115 -0.30 -7.10 10.87
CA GLU A 115 0.85 -7.59 11.61
C GLU A 115 1.97 -6.55 11.57
N ILE A 116 2.50 -6.22 12.75
CA ILE A 116 3.57 -5.25 12.83
C ILE A 116 4.94 -5.92 12.78
N VAL A 117 5.85 -5.33 12.01
CA VAL A 117 7.19 -5.87 11.86
C VAL A 117 8.26 -4.78 11.90
N THR A 118 9.51 -5.21 12.08
CA THR A 118 10.64 -4.28 12.13
C THR A 118 11.88 -4.89 11.49
N ASP A 119 12.92 -4.08 11.32
CA ASP A 119 14.17 -4.54 10.72
C ASP A 119 15.12 -5.14 11.76
N LYS A 120 14.63 -5.34 12.98
CA LYS A 120 15.45 -5.90 14.04
C LYS A 120 15.95 -7.29 13.68
N SER A 121 15.09 -8.09 13.05
CA SER A 121 15.45 -9.45 12.65
C SER A 121 16.06 -9.47 11.26
N GLN A 122 16.65 -10.61 10.90
CA GLN A 122 17.28 -10.77 9.58
C GLN A 122 16.26 -10.56 8.47
N GLU A 123 15.07 -11.12 8.67
CA GLU A 123 13.98 -11.00 7.69
C GLU A 123 13.52 -9.56 7.59
N GLY A 124 13.44 -8.89 8.73
CA GLY A 124 13.00 -7.50 8.74
C GLY A 124 13.71 -6.66 7.69
N SER A 125 15.04 -6.77 7.66
CA SER A 125 15.83 -6.01 6.69
C SER A 125 15.31 -6.23 5.28
N GLN A 126 14.74 -7.41 5.04
CA GLN A 126 14.19 -7.73 3.74
C GLN A 126 12.98 -6.86 3.45
N PHE A 127 12.26 -6.52 4.52
CA PHE A 127 11.07 -5.68 4.40
C PHE A 127 11.41 -4.19 4.42
N VAL A 128 12.00 -3.74 5.52
CA VAL A 128 12.34 -2.34 5.67
C VAL A 128 13.41 -1.89 4.67
N LYS A 129 14.53 -2.61 4.61
CA LYS A 129 15.62 -2.28 3.70
C LYS A 129 15.38 -2.83 2.30
N GLY A 130 14.65 -3.93 2.21
CA GLY A 130 14.38 -4.53 0.92
C GLY A 130 13.17 -3.92 0.25
N PHE A 131 12.28 -3.34 1.04
CA PHE A 131 11.08 -2.73 0.50
C PHE A 131 10.86 -1.34 1.11
N GLY A 132 10.21 -1.28 2.27
CA GLY A 132 9.96 0.01 2.90
C GLY A 132 9.27 -0.11 4.24
N GLY A 133 8.58 -1.23 4.48
CA GLY A 133 7.89 -1.42 5.75
C GLY A 133 6.40 -1.64 5.57
N ILE A 134 5.96 -1.86 4.34
CA ILE A 134 4.55 -2.08 4.07
C ILE A 134 4.38 -3.14 3.00
N GLY A 135 3.70 -4.23 3.33
CA GLY A 135 3.47 -5.28 2.36
C GLY A 135 2.07 -5.83 2.51
N GLY A 136 1.57 -6.52 1.49
CA GLY A 136 0.23 -7.06 1.58
C GLY A 136 0.14 -8.46 1.02
N ILE A 137 0.41 -9.43 1.87
CA ILE A 137 0.35 -10.84 1.49
C ILE A 137 -1.06 -11.20 1.02
N LEU A 138 -1.16 -11.82 -0.14
CA LEU A 138 -2.46 -12.21 -0.68
C LEU A 138 -2.70 -13.70 -0.47
N ARG A 139 -3.94 -14.13 -0.66
CA ARG A 139 -4.31 -15.53 -0.48
C ARG A 139 -4.11 -16.33 -1.77
N TYR A 140 -4.51 -15.72 -2.89
CA TYR A 140 -4.37 -16.37 -4.19
C TYR A 140 -3.87 -15.40 -5.25
N ARG A 141 -3.33 -15.94 -6.34
CA ARG A 141 -2.80 -15.11 -7.42
C ARG A 141 -3.89 -14.20 -7.99
N VAL A 142 -3.55 -12.92 -8.11
CA VAL A 142 -4.48 -11.93 -8.64
C VAL A 142 -3.83 -11.15 -9.77
N ASP A 143 -4.66 -10.55 -10.63
CA ASP A 143 -4.17 -9.79 -11.77
C ASP A 143 -3.97 -8.33 -11.40
N PHE A 144 -5.07 -7.56 -11.39
CA PHE A 144 -5.00 -6.14 -11.07
C PHE A 144 -6.40 -5.52 -11.09
N GLN A 145 -6.52 -4.30 -10.57
CA GLN A 145 -7.81 -3.62 -10.56
C GLN A 145 -7.88 -2.57 -11.66
N GLY A 146 -8.90 -2.68 -12.52
CA GLY A 146 -9.06 -1.75 -13.60
C GLY A 146 -10.45 -1.13 -13.63
N MET A 147 -11.40 -1.84 -14.22
CA MET A 147 -12.77 -1.37 -14.30
C MET A 147 -13.68 -2.12 -13.34
N GLU A 148 -14.83 -1.54 -13.01
CA GLU A 148 -15.77 -2.16 -12.10
C GLU A 148 -16.28 -3.49 -12.64
N TYR A 149 -16.55 -3.54 -13.95
CA TYR A 149 -17.04 -4.75 -14.59
C TYR A 149 -15.89 -5.64 -15.04
N GLN A 150 -15.09 -6.11 -14.08
CA GLN A 150 -13.96 -6.98 -14.40
C GLN A 150 -14.43 -8.31 -14.95
N GLY A 151 -15.51 -8.84 -14.39
CA GLY A 151 -16.04 -10.12 -14.82
C GLY A 151 -15.49 -11.28 -14.00
N GLY A 152 -14.41 -11.02 -13.26
CA GLY A 152 -13.81 -12.06 -12.45
C GLY A 152 -12.30 -11.93 -12.39
N ASP A 153 -11.60 -13.04 -12.59
CA ASP A 153 -10.14 -13.04 -12.55
C ASP A 153 -9.56 -13.01 -13.97
N ASP A 154 -10.41 -12.78 -14.96
CA ASP A 154 -9.97 -12.72 -16.36
C ASP A 154 -9.99 -11.29 -16.88
N GLU A 155 -9.97 -10.33 -15.97
CA GLU A 155 -9.97 -8.92 -16.34
C GLU A 155 -8.75 -8.60 -17.18
N PHE A 156 -7.58 -9.00 -16.70
CA PHE A 156 -6.34 -8.76 -17.41
C PHE A 156 -6.27 -9.63 -18.67
N PHE A 157 -6.74 -10.87 -18.53
CA PHE A 157 -6.75 -11.81 -19.64
C PHE A 157 -7.76 -11.41 -20.70
N ASP A 158 -7.28 -11.16 -21.91
CA ASP A 158 -8.14 -10.80 -23.02
C ASP A 158 -9.09 -11.96 -23.35
N LEU A 159 -8.74 -13.13 -22.82
CA LEU A 159 -9.52 -14.34 -23.03
C LEU A 159 -10.94 -14.21 -22.47
N ASP A 160 -11.19 -13.16 -21.70
CA ASP A 160 -12.51 -12.94 -21.11
C ASP A 160 -13.59 -12.96 -22.20
N ASP A 161 -13.28 -12.35 -23.33
CA ASP A 161 -14.22 -12.31 -24.45
C ASP A 161 -14.48 -13.72 -24.97
N TYR A 162 -13.45 -14.55 -24.99
CA TYR A 162 -13.56 -15.92 -25.45
C TYR A 162 -14.63 -16.66 -24.66
N LEU A 163 -14.74 -16.31 -23.38
CA LEU A 163 -15.72 -16.93 -22.49
C LEU A 163 -17.13 -16.70 -22.99
N GLU A 164 -17.45 -15.45 -23.34
CA GLU A 164 -18.77 -15.11 -23.84
C GLU A 164 -19.11 -15.89 -25.10
N HIS A 165 -18.12 -16.04 -25.98
CA HIS A 165 -18.31 -16.76 -27.23
C HIS A 165 -18.02 -18.25 -27.05
N ASN A 2 6.00 -9.76 23.42
CA ASN A 2 6.30 -9.05 22.14
C ASN A 2 6.22 -10.02 20.95
N VAL A 3 5.00 -10.28 20.49
CA VAL A 3 4.80 -11.17 19.36
C VAL A 3 5.49 -10.63 18.11
N LYS A 4 5.61 -9.31 18.02
CA LYS A 4 6.24 -8.67 16.87
C LYS A 4 7.60 -9.30 16.54
N PHE A 5 8.38 -9.62 17.58
CA PHE A 5 9.70 -10.20 17.38
C PHE A 5 9.62 -11.51 16.61
N ILE A 6 8.73 -12.41 17.04
CA ILE A 6 8.59 -13.70 16.37
C ILE A 6 7.66 -13.58 15.17
N GLN A 7 6.67 -12.70 15.29
CA GLN A 7 5.71 -12.47 14.23
C GLN A 7 6.41 -12.00 12.97
N GLU A 8 7.38 -11.12 13.15
CA GLU A 8 8.14 -10.55 12.06
C GLU A 8 9.06 -11.59 11.43
N LYS A 9 9.41 -12.62 12.18
CA LYS A 9 10.29 -13.67 11.66
C LYS A 9 9.58 -14.55 10.63
N LYS A 10 8.50 -15.20 11.06
CA LYS A 10 7.75 -16.09 10.18
C LYS A 10 6.99 -15.35 9.07
N LEU A 11 6.26 -14.31 9.44
CA LEU A 11 5.46 -13.55 8.47
C LEU A 11 6.33 -12.91 7.39
N ILE A 12 7.24 -12.04 7.81
CA ILE A 12 8.11 -11.33 6.87
C ILE A 12 8.86 -12.32 5.97
N GLY A 13 9.37 -13.38 6.56
CA GLY A 13 10.09 -14.38 5.78
C GLY A 13 9.16 -15.09 4.82
N ARG A 14 7.95 -15.39 5.30
CA ARG A 14 6.94 -16.07 4.49
C ARG A 14 6.47 -15.20 3.34
N TYR A 15 6.66 -13.89 3.49
CA TYR A 15 6.26 -12.97 2.46
C TYR A 15 7.29 -12.96 1.34
N PHE A 16 8.52 -12.63 1.70
CA PHE A 16 9.60 -12.57 0.74
C PHE A 16 9.91 -13.94 0.13
N ASP A 17 9.61 -15.02 0.86
CA ASP A 17 9.87 -16.36 0.36
C ASP A 17 8.81 -16.80 -0.63
N GLU A 18 7.55 -16.60 -0.28
CA GLU A 18 6.45 -16.96 -1.16
C GLU A 18 6.57 -16.22 -2.48
N ILE A 19 6.96 -14.95 -2.40
CA ILE A 19 7.14 -14.14 -3.60
C ILE A 19 8.26 -14.70 -4.44
N SER A 20 9.29 -15.21 -3.76
CA SER A 20 10.44 -15.79 -4.43
C SER A 20 10.01 -16.98 -5.30
N GLN A 21 8.81 -17.47 -5.05
CA GLN A 21 8.26 -18.61 -5.78
C GLN A 21 7.53 -18.15 -7.05
N ASP A 22 7.65 -16.87 -7.40
CA ASP A 22 6.98 -16.33 -8.58
C ASP A 22 5.48 -16.57 -8.50
N THR A 23 4.97 -16.56 -7.27
CA THR A 23 3.56 -16.80 -7.03
C THR A 23 2.71 -15.55 -7.24
N GLY A 24 3.34 -14.38 -7.25
CA GLY A 24 2.59 -13.15 -7.45
C GLY A 24 1.38 -13.04 -6.54
N LYS A 25 1.46 -13.63 -5.36
CA LYS A 25 0.37 -13.59 -4.40
C LYS A 25 0.67 -12.65 -3.24
N TYR A 26 1.65 -11.78 -3.43
CA TYR A 26 2.05 -10.81 -2.40
C TYR A 26 2.62 -9.56 -3.07
N CYS A 27 2.56 -8.42 -2.38
CA CYS A 27 3.08 -7.18 -2.95
C CYS A 27 3.69 -6.31 -1.87
N PHE A 28 4.48 -5.31 -2.25
CA PHE A 28 5.13 -4.43 -1.27
C PHE A 28 4.82 -2.96 -1.54
N GLY A 29 4.95 -2.15 -0.47
CA GLY A 29 4.69 -0.73 -0.58
C GLY A 29 3.35 -0.35 -0.02
N VAL A 30 3.12 0.95 0.06
CA VAL A 30 1.85 1.47 0.58
C VAL A 30 0.73 1.27 -0.43
N GLU A 31 0.99 1.68 -1.66
CA GLU A 31 0.00 1.56 -2.72
C GLU A 31 -0.44 0.11 -2.91
N ASP A 32 0.52 -0.77 -3.17
CA ASP A 32 0.21 -2.18 -3.39
C ASP A 32 -0.44 -2.80 -2.16
N THR A 33 0.17 -2.59 -0.99
CA THR A 33 -0.36 -3.15 0.25
C THR A 33 -1.77 -2.63 0.53
N LEU A 34 -2.00 -1.35 0.26
CA LEU A 34 -3.32 -0.76 0.49
C LEU A 34 -4.33 -1.30 -0.52
N LYS A 35 -3.98 -1.21 -1.80
CA LYS A 35 -4.87 -1.67 -2.86
C LYS A 35 -5.22 -3.13 -2.67
N ALA A 36 -4.22 -3.96 -2.38
CA ALA A 36 -4.46 -5.37 -2.17
C ALA A 36 -5.41 -5.59 -1.01
N LEU A 37 -5.32 -4.73 0.00
CA LEU A 37 -6.23 -4.81 1.14
C LEU A 37 -7.62 -4.43 0.67
N GLU A 38 -7.67 -3.42 -0.18
CA GLU A 38 -8.90 -2.96 -0.76
C GLU A 38 -9.45 -4.06 -1.68
N MET A 39 -8.51 -4.80 -2.27
CA MET A 39 -8.82 -5.90 -3.17
C MET A 39 -9.28 -7.14 -2.41
N GLY A 40 -9.09 -7.14 -1.10
CA GLY A 40 -9.47 -8.30 -0.30
C GLY A 40 -8.63 -9.51 -0.65
N ALA A 41 -7.60 -9.29 -1.47
CA ALA A 41 -6.70 -10.35 -1.89
C ALA A 41 -5.73 -10.71 -0.77
N VAL A 42 -5.40 -9.72 0.05
CA VAL A 42 -4.47 -9.91 1.15
C VAL A 42 -4.97 -10.88 2.20
N GLU A 43 -4.12 -11.81 2.58
CA GLU A 43 -4.44 -12.78 3.61
C GLU A 43 -3.90 -12.28 4.94
N ILE A 44 -2.67 -11.74 4.89
CA ILE A 44 -2.01 -11.17 6.05
C ILE A 44 -1.29 -9.88 5.68
N LEU A 45 -1.51 -8.83 6.45
CA LEU A 45 -0.88 -7.55 6.16
C LEU A 45 0.45 -7.41 6.91
N ILE A 46 1.50 -7.02 6.19
CA ILE A 46 2.81 -6.83 6.80
C ILE A 46 3.15 -5.34 6.92
N VAL A 47 3.00 -4.80 8.13
CA VAL A 47 3.28 -3.40 8.38
C VAL A 47 4.10 -3.26 9.66
N TYR A 48 5.17 -2.44 9.65
CA TYR A 48 6.02 -2.31 10.84
C TYR A 48 5.52 -1.25 11.80
N GLU A 49 5.86 -1.47 13.08
CA GLU A 49 5.49 -0.54 14.15
C GLU A 49 6.18 0.80 13.92
N ASN A 50 7.39 0.73 13.38
CA ASN A 50 8.17 1.93 13.11
C ASN A 50 7.97 2.36 11.66
N LEU A 51 6.72 2.63 11.31
CA LEU A 51 6.37 3.05 9.95
C LEU A 51 6.27 4.56 9.86
N ASP A 52 7.09 5.16 9.00
CA ASP A 52 7.10 6.61 8.83
C ASP A 52 6.15 7.05 7.71
N ILE A 53 5.41 6.10 7.15
CA ILE A 53 4.47 6.39 6.07
C ILE A 53 3.06 6.64 6.61
N MET A 54 2.46 7.72 6.14
CA MET A 54 1.13 8.12 6.58
C MET A 54 0.13 8.23 5.42
N ARG A 55 -1.16 8.22 5.76
CA ARG A 55 -2.20 8.30 4.73
C ARG A 55 -2.81 9.68 4.64
N TYR A 56 -2.44 10.41 3.59
CA TYR A 56 -2.97 11.74 3.37
C TYR A 56 -3.90 11.71 2.16
N VAL A 57 -5.11 12.23 2.34
CA VAL A 57 -6.08 12.23 1.25
C VAL A 57 -6.21 13.62 0.65
N LEU A 58 -5.93 13.72 -0.65
CA LEU A 58 -5.99 14.99 -1.36
C LEU A 58 -7.15 15.02 -2.35
N HIS A 59 -7.93 16.09 -2.33
CA HIS A 59 -9.06 16.24 -3.25
C HIS A 59 -8.99 17.55 -4.02
N CYS A 60 -9.45 17.53 -5.27
CA CYS A 60 -9.43 18.72 -6.11
C CYS A 60 -10.84 19.16 -6.48
N GLN A 61 -11.13 20.44 -6.31
CA GLN A 61 -12.45 20.98 -6.63
C GLN A 61 -13.56 20.13 -6.00
N GLY A 62 -14.72 20.05 -6.66
CA GLY A 62 -15.81 19.25 -6.13
C GLY A 62 -15.54 17.77 -6.25
N THR A 63 -14.50 17.30 -5.57
CA THR A 63 -14.12 15.89 -5.59
C THR A 63 -14.02 15.37 -7.03
N GLU A 64 -13.67 16.27 -7.95
CA GLU A 64 -13.52 15.90 -9.35
C GLU A 64 -12.31 15.00 -9.57
N GLU A 65 -11.31 15.12 -8.70
CA GLU A 65 -10.10 14.33 -8.80
C GLU A 65 -9.49 14.10 -7.43
N GLU A 66 -9.74 12.92 -6.86
CA GLU A 66 -9.23 12.58 -5.56
C GLU A 66 -7.96 11.76 -5.67
N LYS A 67 -6.91 12.22 -5.00
CA LYS A 67 -5.63 11.52 -5.02
C LYS A 67 -5.08 11.33 -3.61
N ILE A 68 -4.69 10.09 -3.33
CA ILE A 68 -4.15 9.75 -2.02
C ILE A 68 -2.64 9.65 -2.12
N LEU A 69 -1.93 10.26 -1.16
CA LEU A 69 -0.48 10.23 -1.20
C LEU A 69 0.11 9.89 0.16
N TYR A 70 1.31 9.35 0.13
CA TYR A 70 2.01 8.97 1.36
C TYR A 70 3.27 9.81 1.52
N LEU A 71 3.33 10.57 2.58
CA LEU A 71 4.48 11.42 2.82
C LEU A 71 5.09 11.16 4.19
N THR A 72 6.41 10.96 4.21
CA THR A 72 7.13 10.73 5.45
C THR A 72 7.35 12.07 6.14
N PRO A 73 7.90 12.09 7.37
CA PRO A 73 8.14 13.35 8.10
C PRO A 73 8.82 14.39 7.22
N GLU A 74 9.78 13.97 6.41
CA GLU A 74 10.50 14.87 5.52
C GLU A 74 9.67 15.24 4.29
N GLN A 75 9.03 14.24 3.68
CA GLN A 75 8.23 14.47 2.48
C GLN A 75 7.09 15.45 2.75
N GLU A 76 6.35 15.21 3.82
CA GLU A 76 5.23 16.07 4.20
C GLU A 76 5.70 17.46 4.59
N LYS A 77 6.93 17.54 5.10
CA LYS A 77 7.50 18.82 5.50
C LYS A 77 7.71 19.72 4.29
N ASP A 78 8.23 19.14 3.21
CA ASP A 78 8.49 19.88 1.99
C ASP A 78 7.19 20.47 1.44
N LYS A 79 6.15 19.64 1.39
CA LYS A 79 4.84 20.04 0.89
C LYS A 79 4.84 20.26 -0.63
N SER A 80 6.00 20.13 -1.26
CA SER A 80 6.11 20.33 -2.71
C SER A 80 5.40 19.22 -3.46
N HIS A 81 5.51 18.00 -2.96
CA HIS A 81 4.88 16.84 -3.59
C HIS A 81 3.37 17.01 -3.67
N PHE A 82 2.80 17.61 -2.63
CA PHE A 82 1.36 17.83 -2.58
C PHE A 82 0.89 18.70 -3.75
N THR A 83 1.68 19.70 -4.10
CA THR A 83 1.34 20.60 -5.20
C THR A 83 1.76 19.98 -6.54
N ASP A 84 1.28 20.55 -7.64
CA ASP A 84 1.64 20.04 -8.97
C ASP A 84 1.76 21.16 -9.99
N LYS A 85 2.61 20.95 -10.99
CA LYS A 85 2.83 21.93 -12.05
C LYS A 85 1.65 21.94 -13.03
N GLU A 86 0.73 20.98 -12.86
CA GLU A 86 -0.44 20.87 -13.72
C GLU A 86 -1.67 21.47 -13.06
N THR A 87 -1.46 22.05 -11.89
CA THR A 87 -2.51 22.69 -11.14
C THR A 87 -1.98 23.99 -10.57
N GLY A 88 -0.73 23.94 -10.12
CA GLY A 88 -0.08 25.12 -9.56
C GLY A 88 -0.88 25.70 -8.41
N GLN A 89 -1.69 24.86 -7.78
CA GLN A 89 -2.51 25.30 -6.66
C GLN A 89 -2.50 24.28 -5.53
N GLU A 90 -2.89 24.73 -4.34
CA GLU A 90 -2.93 23.86 -3.17
C GLU A 90 -4.15 22.96 -3.22
N HIS A 91 -3.94 21.70 -2.92
CA HIS A 91 -5.01 20.72 -2.92
C HIS A 91 -5.97 20.95 -1.76
N GLU A 92 -6.95 20.08 -1.62
CA GLU A 92 -7.93 20.18 -0.54
C GLU A 92 -7.83 18.96 0.36
N LEU A 93 -6.86 18.98 1.27
CA LEU A 93 -6.65 17.86 2.18
C LEU A 93 -7.88 17.62 3.04
N ILE A 94 -8.31 16.37 3.08
CA ILE A 94 -9.49 16.00 3.87
C ILE A 94 -9.08 15.49 5.24
N GLU A 95 -8.04 14.68 5.27
CA GLU A 95 -7.53 14.11 6.51
C GLU A 95 -6.14 13.53 6.30
N SER A 96 -5.44 13.29 7.40
CA SER A 96 -4.10 12.72 7.35
C SER A 96 -3.78 12.07 8.68
N MET A 97 -3.57 10.75 8.65
CA MET A 97 -3.26 10.03 9.89
C MET A 97 -2.15 9.00 9.71
N PRO A 98 -1.51 8.60 10.82
CA PRO A 98 -0.45 7.60 10.80
C PRO A 98 -0.94 6.31 10.16
N LEU A 99 -0.54 6.11 8.91
CA LEU A 99 -0.94 4.94 8.14
C LEU A 99 -0.86 3.68 8.97
N LEU A 100 0.27 3.46 9.62
CA LEU A 100 0.45 2.28 10.45
C LEU A 100 -0.69 2.19 11.45
N GLU A 101 -1.02 3.32 12.07
CA GLU A 101 -2.11 3.37 13.02
C GLU A 101 -3.41 3.10 12.30
N TRP A 102 -3.54 3.66 11.09
CA TRP A 102 -4.73 3.47 10.27
C TRP A 102 -4.88 2.00 9.90
N PHE A 103 -3.75 1.36 9.56
CA PHE A 103 -3.75 -0.05 9.16
C PHE A 103 -4.37 -0.92 10.24
N ALA A 104 -4.01 -0.67 11.49
CA ALA A 104 -4.53 -1.45 12.61
C ALA A 104 -5.90 -0.94 13.05
N ASN A 105 -6.32 0.20 12.50
CA ASN A 105 -7.60 0.78 12.86
C ASN A 105 -8.78 -0.02 12.31
N ASN A 106 -8.74 -0.33 11.02
CA ASN A 106 -9.85 -1.05 10.38
C ASN A 106 -9.41 -2.26 9.57
N TYR A 107 -8.23 -2.82 9.83
CA TYR A 107 -7.75 -3.98 9.08
C TYR A 107 -8.76 -5.12 9.08
N LYS A 108 -9.71 -5.10 10.01
CA LYS A 108 -10.72 -6.13 10.09
C LYS A 108 -11.74 -5.96 8.96
N LYS A 109 -11.97 -4.71 8.58
CA LYS A 109 -12.91 -4.39 7.52
C LYS A 109 -12.42 -4.92 6.18
N PHE A 110 -11.13 -4.79 5.93
CA PHE A 110 -10.53 -5.25 4.68
C PHE A 110 -10.35 -6.77 4.67
N GLY A 111 -10.44 -7.38 5.85
CA GLY A 111 -10.28 -8.82 5.95
C GLY A 111 -8.83 -9.25 5.89
N ALA A 112 -7.93 -8.34 6.23
CA ALA A 112 -6.50 -8.63 6.24
C ALA A 112 -5.97 -8.68 7.66
N THR A 113 -5.02 -9.56 7.91
CA THR A 113 -4.44 -9.70 9.24
C THR A 113 -3.38 -8.62 9.44
N LEU A 114 -3.74 -7.57 10.17
CA LEU A 114 -2.80 -6.50 10.42
C LEU A 114 -1.78 -6.95 11.44
N GLU A 115 -0.60 -7.29 10.96
CA GLU A 115 0.48 -7.74 11.82
C GLU A 115 1.60 -6.74 11.83
N ILE A 116 2.11 -6.44 13.02
CA ILE A 116 3.19 -5.48 13.14
C ILE A 116 4.54 -6.17 13.23
N VAL A 117 5.57 -5.49 12.74
CA VAL A 117 6.92 -6.05 12.74
C VAL A 117 7.97 -4.94 12.81
N THR A 118 9.22 -5.32 13.08
CA THR A 118 10.31 -4.36 13.17
C THR A 118 11.50 -4.77 12.31
N ASP A 119 12.36 -3.81 11.99
CA ASP A 119 13.53 -4.05 11.16
C ASP A 119 14.71 -4.58 11.99
N LYS A 120 14.47 -4.82 13.28
CA LYS A 120 15.52 -5.32 14.15
C LYS A 120 16.04 -6.67 13.66
N SER A 121 15.12 -7.52 13.20
CA SER A 121 15.49 -8.84 12.70
C SER A 121 15.99 -8.75 11.27
N GLN A 122 16.71 -9.79 10.83
CA GLN A 122 17.25 -9.83 9.48
C GLN A 122 16.14 -9.74 8.45
N GLU A 123 15.06 -10.48 8.70
CA GLU A 123 13.91 -10.48 7.79
C GLU A 123 13.30 -9.09 7.68
N GLY A 124 13.23 -8.40 8.82
CA GLY A 124 12.66 -7.07 8.83
C GLY A 124 13.26 -6.14 7.79
N SER A 125 14.59 -6.16 7.67
CA SER A 125 15.27 -5.30 6.71
C SER A 125 14.81 -5.60 5.29
N GLN A 126 14.56 -6.88 5.00
CA GLN A 126 14.11 -7.29 3.68
C GLN A 126 12.85 -6.51 3.30
N PHE A 127 12.06 -6.15 4.30
CA PHE A 127 10.83 -5.41 4.08
C PHE A 127 11.06 -3.90 4.05
N VAL A 128 11.50 -3.35 5.18
CA VAL A 128 11.74 -1.92 5.30
C VAL A 128 12.79 -1.44 4.31
N LYS A 129 13.91 -2.16 4.23
CA LYS A 129 14.99 -1.80 3.33
C LYS A 129 14.81 -2.40 1.94
N GLY A 130 14.19 -3.58 1.88
CA GLY A 130 13.97 -4.23 0.61
C GLY A 130 12.70 -3.79 -0.07
N PHE A 131 11.75 -3.27 0.72
CA PHE A 131 10.48 -2.81 0.17
C PHE A 131 10.14 -1.41 0.68
N GLY A 132 9.43 -1.32 1.79
CA GLY A 132 9.06 -0.01 2.33
C GLY A 132 8.28 -0.10 3.62
N GLY A 133 8.62 -1.07 4.46
CA GLY A 133 7.95 -1.24 5.74
C GLY A 133 6.47 -1.52 5.61
N ILE A 134 6.03 -1.84 4.40
CA ILE A 134 4.61 -2.12 4.14
C ILE A 134 4.47 -3.14 3.02
N GLY A 135 3.71 -4.19 3.27
CA GLY A 135 3.49 -5.21 2.26
C GLY A 135 2.11 -5.80 2.42
N GLY A 136 1.62 -6.52 1.43
CA GLY A 136 0.29 -7.09 1.55
C GLY A 136 0.19 -8.50 1.00
N ILE A 137 0.46 -9.47 1.85
CA ILE A 137 0.38 -10.88 1.46
C ILE A 137 -1.03 -11.20 0.99
N LEU A 138 -1.13 -11.82 -0.17
CA LEU A 138 -2.43 -12.19 -0.72
C LEU A 138 -2.68 -13.69 -0.53
N ARG A 139 -3.94 -14.09 -0.63
CA ARG A 139 -4.31 -15.49 -0.48
C ARG A 139 -3.99 -16.29 -1.73
N TYR A 140 -4.31 -15.71 -2.88
CA TYR A 140 -4.07 -16.37 -4.16
C TYR A 140 -3.57 -15.38 -5.20
N ARG A 141 -3.12 -15.91 -6.35
CA ARG A 141 -2.63 -15.08 -7.42
C ARG A 141 -3.68 -14.09 -7.90
N VAL A 142 -3.30 -12.82 -8.00
CA VAL A 142 -4.21 -11.78 -8.43
C VAL A 142 -3.61 -10.94 -9.55
N ASP A 143 -4.46 -10.24 -10.30
CA ASP A 143 -4.02 -9.40 -11.39
C ASP A 143 -3.94 -7.94 -10.97
N PHE A 144 -2.75 -7.36 -11.08
CA PHE A 144 -2.54 -5.97 -10.70
C PHE A 144 -3.42 -5.05 -11.53
N GLN A 145 -3.38 -5.22 -12.85
CA GLN A 145 -4.18 -4.41 -13.76
C GLN A 145 -4.78 -5.25 -14.88
N GLY A 146 -6.04 -4.99 -15.21
CA GLY A 146 -6.70 -5.72 -16.27
C GLY A 146 -6.57 -7.23 -16.12
N MET A 147 -5.98 -7.87 -17.12
CA MET A 147 -5.78 -9.31 -17.11
C MET A 147 -4.31 -9.66 -17.24
N GLU A 148 -4.01 -10.96 -17.26
CA GLU A 148 -2.63 -11.43 -17.39
C GLU A 148 -2.02 -10.93 -18.70
N TYR A 149 -2.81 -10.94 -19.76
CA TYR A 149 -2.35 -10.47 -21.06
C TYR A 149 -3.04 -9.17 -21.44
N GLN A 150 -2.25 -8.17 -21.79
CA GLN A 150 -2.80 -6.86 -22.16
C GLN A 150 -2.70 -6.63 -23.66
N GLY A 151 -3.80 -6.18 -24.25
CA GLY A 151 -3.83 -5.92 -25.68
C GLY A 151 -5.23 -6.05 -26.25
N GLY A 152 -6.22 -5.50 -25.54
CA GLY A 152 -7.59 -5.56 -25.98
C GLY A 152 -8.40 -6.57 -25.21
N ASP A 153 -7.85 -7.09 -24.12
CA ASP A 153 -8.55 -8.06 -23.30
C ASP A 153 -9.35 -7.34 -22.21
N ASP A 154 -9.82 -6.14 -22.54
CA ASP A 154 -10.59 -5.34 -21.59
C ASP A 154 -9.74 -5.02 -20.37
N GLU A 155 -8.50 -4.62 -20.60
CA GLU A 155 -7.57 -4.28 -19.53
C GLU A 155 -8.13 -3.13 -18.69
N PHE A 156 -8.73 -2.15 -19.37
CA PHE A 156 -9.31 -0.99 -18.70
C PHE A 156 -10.77 -0.82 -19.07
N PHE A 157 -11.65 -1.16 -18.14
CA PHE A 157 -13.09 -1.06 -18.36
C PHE A 157 -13.75 -0.20 -17.28
N ASP A 158 -14.54 0.77 -17.72
CA ASP A 158 -15.26 1.63 -16.79
C ASP A 158 -16.32 0.82 -16.05
N LEU A 159 -16.58 -0.38 -16.58
CA LEU A 159 -17.56 -1.29 -16.00
C LEU A 159 -17.24 -1.59 -14.53
N ASP A 160 -16.03 -1.26 -14.08
CA ASP A 160 -15.65 -1.49 -12.70
C ASP A 160 -16.61 -0.79 -11.74
N ASP A 161 -17.02 0.42 -12.10
CA ASP A 161 -17.94 1.19 -11.28
C ASP A 161 -19.31 0.52 -11.25
N TYR A 162 -19.66 -0.13 -12.35
CA TYR A 162 -20.95 -0.82 -12.46
C TYR A 162 -21.07 -1.88 -11.37
N LEU A 163 -19.94 -2.49 -11.02
CA LEU A 163 -19.90 -3.52 -9.99
C LEU A 163 -20.40 -2.98 -8.65
N GLU A 164 -19.92 -1.80 -8.29
CA GLU A 164 -20.30 -1.17 -7.03
C GLU A 164 -21.81 -0.93 -6.99
N HIS A 165 -22.37 -0.50 -8.12
CA HIS A 165 -23.80 -0.23 -8.21
C HIS A 165 -24.58 -1.51 -8.52
#